data_2LZN
#
_entry.id   2LZN
#
_entity_poly.entity_id   1
_entity_poly.type   'polypeptide(L)'
_entity_poly.pdbx_seq_one_letter_code
;FDNLSRQEKAERAFLKHLMRDKDTFLNYYESVDKDNFTNQHFKYVFEVLHDFYAENDQYNISDAVQYVNSNELRETLISL
EQYNLNDEPYENEIDDYVNVINEKGQETIESLNHKLREATRIGDVELQKYYLQQIVAKNKERM
;
_entity_poly.pdbx_strand_id   A
#
# COMPACT_ATOMS: atom_id res chain seq x y z
N PHE A 1 -6.37 -24.02 -2.00
CA PHE A 1 -7.23 -22.86 -2.05
C PHE A 1 -6.48 -21.68 -2.59
N ASP A 2 -7.02 -21.07 -3.60
CA ASP A 2 -6.47 -19.87 -4.10
C ASP A 2 -7.13 -18.75 -3.40
N ASN A 3 -6.47 -18.20 -2.44
CA ASN A 3 -7.07 -17.19 -1.63
C ASN A 3 -6.38 -15.89 -1.86
N LEU A 4 -6.34 -15.48 -3.11
CA LEU A 4 -5.88 -14.15 -3.43
C LEU A 4 -6.88 -13.19 -2.86
N SER A 5 -6.55 -12.69 -1.74
CA SER A 5 -7.43 -11.90 -0.97
C SER A 5 -7.40 -10.43 -1.40
N ARG A 6 -8.28 -9.68 -0.78
CA ARG A 6 -8.41 -8.25 -0.94
C ARG A 6 -7.18 -7.54 -0.41
N GLN A 7 -6.47 -8.21 0.48
CA GLN A 7 -5.26 -7.69 1.06
C GLN A 7 -4.19 -7.61 -0.04
N GLU A 8 -4.24 -8.55 -0.95
CA GLU A 8 -3.36 -8.56 -2.10
C GLU A 8 -3.76 -7.53 -3.11
N LYS A 9 -5.02 -7.13 -3.06
CA LYS A 9 -5.47 -6.05 -3.91
C LYS A 9 -4.84 -4.78 -3.35
N ALA A 10 -4.68 -4.76 -2.03
CA ALA A 10 -4.01 -3.68 -1.35
C ALA A 10 -2.53 -3.68 -1.73
N GLU A 11 -1.90 -4.89 -1.77
CA GLU A 11 -0.51 -5.03 -2.28
C GLU A 11 -0.42 -4.38 -3.64
N ARG A 12 -1.22 -4.92 -4.55
CA ARG A 12 -1.27 -4.46 -5.94
C ARG A 12 -1.49 -2.95 -6.06
N ALA A 13 -2.44 -2.43 -5.30
CA ALA A 13 -2.73 -1.02 -5.35
C ALA A 13 -1.62 -0.17 -4.70
N PHE A 14 -1.01 -0.67 -3.62
CA PHE A 14 0.05 0.07 -2.91
C PHE A 14 1.23 0.30 -3.81
N LEU A 15 1.43 -0.62 -4.72
CA LEU A 15 2.52 -0.56 -5.68
C LEU A 15 2.29 0.51 -6.77
N LYS A 16 1.10 1.12 -6.80
CA LYS A 16 0.80 2.19 -7.75
C LYS A 16 1.46 3.48 -7.25
N HIS A 17 1.90 3.44 -6.00
CA HIS A 17 2.59 4.54 -5.35
C HIS A 17 3.86 4.80 -6.14
N LEU A 18 4.18 6.07 -6.36
CA LEU A 18 5.35 6.42 -7.18
C LEU A 18 6.60 5.72 -6.72
N MET A 19 7.17 5.01 -7.66
CA MET A 19 8.27 4.07 -7.48
C MET A 19 9.61 4.74 -7.18
N ARG A 20 9.60 6.05 -7.09
CA ARG A 20 10.76 6.78 -6.64
C ARG A 20 10.97 6.48 -5.17
N ASP A 21 9.85 6.51 -4.45
CA ASP A 21 9.75 6.39 -3.03
C ASP A 21 9.95 4.94 -2.58
N LYS A 22 11.10 4.42 -2.91
CA LYS A 22 11.49 3.08 -2.59
C LYS A 22 11.56 2.80 -1.08
N ASP A 23 11.64 3.86 -0.27
CA ASP A 23 11.53 3.71 1.18
C ASP A 23 10.22 3.04 1.50
N THR A 24 9.17 3.45 0.77
CA THR A 24 7.85 2.87 0.90
C THR A 24 7.84 1.36 0.60
N PHE A 25 8.67 0.92 -0.34
CA PHE A 25 8.83 -0.49 -0.61
C PHE A 25 9.29 -1.23 0.63
N LEU A 26 10.35 -0.72 1.23
CA LEU A 26 10.94 -1.35 2.38
C LEU A 26 10.03 -1.21 3.61
N ASN A 27 9.30 -0.11 3.67
CA ASN A 27 8.37 0.12 4.76
C ASN A 27 7.20 -0.83 4.69
N TYR A 28 6.67 -1.06 3.50
CA TYR A 28 5.53 -1.93 3.36
C TYR A 28 5.97 -3.38 3.46
N TYR A 29 7.19 -3.65 3.01
CA TYR A 29 7.78 -4.95 3.11
C TYR A 29 7.89 -5.43 4.59
N GLU A 30 8.46 -4.61 5.43
CA GLU A 30 8.66 -4.99 6.82
C GLU A 30 7.45 -4.75 7.75
N SER A 31 6.45 -4.00 7.30
CA SER A 31 5.29 -3.75 8.13
C SER A 31 4.27 -4.86 7.94
N VAL A 32 4.48 -5.62 6.90
CA VAL A 32 3.57 -6.64 6.53
C VAL A 32 4.12 -7.99 7.03
N ASP A 33 3.37 -9.07 6.84
CA ASP A 33 3.82 -10.38 7.28
C ASP A 33 4.70 -11.03 6.27
N LYS A 34 5.97 -10.95 6.52
CA LYS A 34 7.00 -11.54 5.69
C LYS A 34 6.86 -13.07 5.72
N ASP A 35 6.38 -13.57 6.85
CA ASP A 35 6.21 -15.01 7.09
C ASP A 35 5.10 -15.62 6.25
N ASN A 36 3.85 -15.32 6.57
CA ASN A 36 2.71 -15.93 5.89
C ASN A 36 2.21 -15.14 4.71
N PHE A 37 2.29 -13.83 4.78
CA PHE A 37 1.67 -12.99 3.76
C PHE A 37 2.50 -12.93 2.48
N THR A 38 3.70 -13.47 2.51
CA THR A 38 4.56 -13.45 1.35
C THR A 38 3.89 -14.19 0.13
N ASN A 39 3.49 -13.38 -0.80
CA ASN A 39 2.82 -13.79 -2.01
C ASN A 39 3.88 -13.98 -3.09
N GLN A 40 3.59 -14.76 -4.13
CA GLN A 40 4.51 -14.89 -5.27
C GLN A 40 4.67 -13.52 -5.95
N HIS A 41 3.58 -12.77 -5.93
CA HIS A 41 3.54 -11.39 -6.43
C HIS A 41 4.54 -10.56 -5.63
N PHE A 42 4.41 -10.66 -4.33
CA PHE A 42 5.26 -10.00 -3.36
C PHE A 42 6.74 -10.44 -3.52
N LYS A 43 6.94 -11.73 -3.83
CA LYS A 43 8.26 -12.32 -4.01
C LYS A 43 8.91 -11.67 -5.19
N TYR A 44 8.19 -11.63 -6.31
CA TYR A 44 8.72 -10.98 -7.49
C TYR A 44 8.97 -9.50 -7.33
N VAL A 45 8.04 -8.81 -6.69
CA VAL A 45 8.23 -7.39 -6.47
C VAL A 45 9.44 -7.15 -5.55
N PHE A 46 9.43 -7.76 -4.37
CA PHE A 46 10.55 -7.67 -3.45
C PHE A 46 11.90 -7.97 -4.10
N GLU A 47 11.97 -9.05 -4.84
CA GLU A 47 13.19 -9.51 -5.44
C GLU A 47 13.76 -8.50 -6.44
N VAL A 48 12.96 -8.10 -7.44
CA VAL A 48 13.41 -7.14 -8.46
C VAL A 48 13.76 -5.81 -7.81
N LEU A 49 12.90 -5.35 -6.95
CA LEU A 49 13.08 -4.06 -6.35
C LEU A 49 14.29 -4.00 -5.42
N HIS A 50 14.58 -5.12 -4.80
CA HIS A 50 15.75 -5.26 -3.95
C HIS A 50 17.02 -5.31 -4.81
N ASP A 51 16.91 -5.87 -5.99
CA ASP A 51 18.05 -6.00 -6.92
C ASP A 51 18.56 -4.62 -7.32
N PHE A 52 17.64 -3.71 -7.57
CA PHE A 52 17.99 -2.34 -7.88
C PHE A 52 18.41 -1.61 -6.62
N TYR A 53 17.75 -1.94 -5.52
CA TYR A 53 18.04 -1.38 -4.18
C TYR A 53 19.51 -1.56 -3.84
N ALA A 54 20.06 -2.66 -4.32
CA ALA A 54 21.44 -3.00 -4.10
C ALA A 54 22.42 -2.11 -4.92
N GLU A 55 21.94 -1.44 -5.97
CA GLU A 55 22.90 -0.64 -6.74
C GLU A 55 22.38 0.79 -7.08
N ASN A 56 21.26 0.89 -7.75
CA ASN A 56 20.67 2.18 -8.16
C ASN A 56 19.19 1.96 -8.23
N ASP A 57 18.50 2.49 -7.29
CA ASP A 57 17.18 2.02 -7.10
C ASP A 57 16.05 2.93 -7.50
N GLN A 58 15.57 2.70 -8.71
CA GLN A 58 14.29 3.15 -9.19
C GLN A 58 13.70 2.05 -10.05
N TYR A 59 12.52 1.62 -9.77
CA TYR A 59 11.90 0.56 -10.49
C TYR A 59 10.93 1.15 -11.50
N ASN A 60 10.97 0.69 -12.73
CA ASN A 60 10.10 1.23 -13.73
C ASN A 60 9.16 0.24 -14.37
N ILE A 61 8.28 0.82 -15.16
CA ILE A 61 7.36 0.15 -16.06
C ILE A 61 8.11 -0.83 -16.95
N SER A 62 9.22 -0.33 -17.49
CA SER A 62 10.07 -1.02 -18.41
C SER A 62 10.47 -2.40 -17.88
N ASP A 63 10.69 -2.48 -16.59
CA ASP A 63 11.08 -3.71 -15.93
C ASP A 63 9.96 -4.72 -16.02
N ALA A 64 8.75 -4.29 -15.63
CA ALA A 64 7.58 -5.17 -15.70
C ALA A 64 7.23 -5.53 -17.16
N VAL A 65 7.55 -4.63 -18.06
CA VAL A 65 7.40 -4.79 -19.49
C VAL A 65 8.36 -5.85 -20.04
N GLN A 66 9.55 -5.93 -19.46
CA GLN A 66 10.50 -6.99 -19.84
C GLN A 66 9.91 -8.32 -19.42
N TYR A 67 9.15 -8.27 -18.36
CA TYR A 67 8.43 -9.41 -17.86
C TYR A 67 7.16 -9.76 -18.66
N VAL A 68 6.92 -9.14 -19.85
CA VAL A 68 5.64 -9.44 -20.60
C VAL A 68 5.54 -10.81 -21.28
N ASN A 69 6.43 -11.69 -20.98
CA ASN A 69 6.29 -13.06 -21.43
C ASN A 69 5.94 -13.90 -20.23
N SER A 70 6.65 -13.58 -19.20
CA SER A 70 6.62 -14.18 -17.90
C SER A 70 5.35 -13.73 -17.07
N ASN A 71 5.65 -13.59 -15.75
CA ASN A 71 4.99 -13.21 -14.49
C ASN A 71 3.84 -12.30 -14.56
N GLU A 72 3.10 -12.37 -15.64
CA GLU A 72 1.93 -11.55 -16.10
C GLU A 72 1.03 -10.94 -14.99
N LEU A 73 1.27 -11.27 -13.76
CA LEU A 73 0.69 -10.45 -12.69
C LEU A 73 1.41 -9.05 -12.73
N ARG A 74 2.51 -9.03 -13.51
CA ARG A 74 3.27 -7.86 -13.92
C ARG A 74 2.43 -6.98 -14.85
N GLU A 75 1.51 -7.62 -15.58
CA GLU A 75 0.63 -6.92 -16.48
C GLU A 75 -0.41 -6.28 -15.63
N THR A 76 -0.87 -7.03 -14.65
CA THR A 76 -1.77 -6.51 -13.66
C THR A 76 -1.12 -5.27 -12.99
N LEU A 77 0.13 -5.40 -12.58
CA LEU A 77 0.89 -4.29 -12.01
C LEU A 77 0.96 -3.09 -12.98
N ILE A 78 1.26 -3.36 -14.25
CA ILE A 78 1.27 -2.33 -15.29
C ILE A 78 -0.12 -1.70 -15.42
N SER A 79 -1.13 -2.53 -15.34
CA SER A 79 -2.53 -2.12 -15.32
C SER A 79 -2.77 -1.13 -14.14
N LEU A 80 -2.18 -1.43 -12.96
CA LEU A 80 -2.26 -0.50 -11.83
C LEU A 80 -1.57 0.80 -12.15
N GLU A 81 -0.46 0.74 -12.88
CA GLU A 81 0.25 1.96 -13.26
C GLU A 81 -0.57 2.76 -14.29
N GLN A 82 -1.31 2.04 -15.10
CA GLN A 82 -2.21 2.61 -16.09
C GLN A 82 -3.36 3.32 -15.37
N TYR A 83 -3.77 2.75 -14.26
CA TYR A 83 -4.71 3.39 -13.40
C TYR A 83 -4.09 4.57 -12.72
N ASN A 84 -4.81 5.64 -12.66
CA ASN A 84 -4.21 6.88 -12.22
C ASN A 84 -4.54 7.27 -10.83
N LEU A 85 -3.54 7.81 -10.17
CA LEU A 85 -3.67 8.41 -8.86
C LEU A 85 -4.18 9.85 -9.02
N ASN A 86 -4.48 10.20 -10.25
CA ASN A 86 -5.08 11.46 -10.61
C ASN A 86 -6.53 11.45 -10.18
N ASP A 87 -7.26 10.49 -10.68
CA ASP A 87 -8.68 10.33 -10.38
C ASP A 87 -8.92 9.76 -8.99
N GLU A 88 -7.85 9.39 -8.33
CA GLU A 88 -7.93 8.88 -6.99
C GLU A 88 -7.36 9.88 -6.00
N PRO A 89 -8.00 10.05 -4.84
CA PRO A 89 -7.40 10.79 -3.73
C PRO A 89 -6.27 9.92 -3.18
N TYR A 90 -5.24 10.50 -2.58
CA TYR A 90 -4.12 9.67 -2.12
C TYR A 90 -4.44 8.91 -0.86
N GLU A 91 -5.60 9.16 -0.36
CA GLU A 91 -6.11 8.45 0.75
C GLU A 91 -6.55 7.07 0.34
N ASN A 92 -6.65 6.87 -0.96
CA ASN A 92 -6.90 5.56 -1.51
C ASN A 92 -5.70 4.68 -1.29
N GLU A 93 -4.56 5.32 -1.10
CA GLU A 93 -3.35 4.59 -0.89
C GLU A 93 -3.29 4.09 0.57
N ILE A 94 -2.67 4.88 1.44
CA ILE A 94 -2.42 4.48 2.85
C ILE A 94 -3.70 4.17 3.65
N ASP A 95 -4.73 5.01 3.54
CA ASP A 95 -5.99 4.81 4.32
C ASP A 95 -6.62 3.49 3.96
N ASP A 96 -6.96 3.32 2.70
CA ASP A 96 -7.62 2.11 2.22
C ASP A 96 -6.73 0.87 2.41
N TYR A 97 -5.45 1.02 2.12
CA TYR A 97 -4.44 -0.04 2.28
C TYR A 97 -4.45 -0.58 3.70
N VAL A 98 -4.33 0.31 4.66
CA VAL A 98 -4.33 -0.07 6.06
C VAL A 98 -5.68 -0.66 6.43
N ASN A 99 -6.73 0.01 6.02
CA ASN A 99 -8.10 -0.41 6.26
C ASN A 99 -8.37 -1.81 5.76
N VAL A 100 -7.95 -2.10 4.55
CA VAL A 100 -8.16 -3.41 3.93
C VAL A 100 -7.38 -4.53 4.62
N ILE A 101 -6.19 -4.25 5.01
CA ILE A 101 -5.38 -5.29 5.57
C ILE A 101 -5.69 -5.49 7.06
N ASN A 102 -6.03 -4.40 7.70
CA ASN A 102 -6.29 -4.40 9.13
C ASN A 102 -7.77 -4.70 9.39
N GLU A 103 -8.59 -4.74 8.34
CA GLU A 103 -10.00 -5.08 8.56
C GLU A 103 -10.07 -6.58 8.76
N LYS A 104 -9.01 -7.24 8.30
CA LYS A 104 -8.83 -8.67 8.39
C LYS A 104 -8.40 -9.06 9.84
N GLY A 105 -9.16 -8.61 10.78
CA GLY A 105 -8.97 -8.93 12.14
C GLY A 105 -10.29 -9.29 12.73
N GLN A 106 -10.62 -8.66 13.80
CA GLN A 106 -11.89 -8.88 14.50
C GLN A 106 -12.75 -7.65 14.35
N GLU A 107 -12.32 -6.80 13.43
CA GLU A 107 -12.94 -5.54 13.15
C GLU A 107 -14.27 -5.72 12.45
N THR A 108 -15.31 -5.31 13.11
CA THR A 108 -16.63 -5.37 12.58
C THR A 108 -16.95 -3.97 11.99
N ILE A 109 -18.17 -3.78 11.44
CA ILE A 109 -18.62 -2.51 10.82
C ILE A 109 -18.25 -1.26 11.58
N GLU A 110 -18.45 -1.28 12.86
CA GLU A 110 -18.15 -0.14 13.64
C GLU A 110 -16.69 -0.05 14.02
N SER A 111 -16.03 -1.15 14.14
CA SER A 111 -14.62 -1.16 14.49
C SER A 111 -13.81 -0.51 13.36
N LEU A 112 -14.41 -0.52 12.18
CA LEU A 112 -13.90 0.15 11.03
C LEU A 112 -13.81 1.65 11.35
N ASN A 113 -14.72 2.13 12.22
CA ASN A 113 -14.76 3.52 12.69
C ASN A 113 -13.46 3.84 13.38
N HIS A 114 -13.05 2.92 14.28
CA HIS A 114 -11.83 3.12 15.08
C HIS A 114 -10.67 3.33 14.17
N LYS A 115 -10.47 2.42 13.24
CA LYS A 115 -9.30 2.49 12.39
C LYS A 115 -9.35 3.67 11.42
N LEU A 116 -10.55 4.01 10.91
CA LEU A 116 -10.69 5.13 9.97
C LEU A 116 -10.24 6.42 10.69
N ARG A 117 -10.81 6.66 11.87
CA ARG A 117 -10.47 7.80 12.70
C ARG A 117 -8.99 7.79 13.12
N GLU A 118 -8.48 6.61 13.40
CA GLU A 118 -7.11 6.45 13.84
C GLU A 118 -6.13 6.76 12.70
N ALA A 119 -6.38 6.24 11.51
CA ALA A 119 -5.52 6.52 10.35
C ALA A 119 -5.47 8.02 10.01
N THR A 120 -6.63 8.65 10.03
CA THR A 120 -6.78 10.07 9.72
C THR A 120 -6.16 10.98 10.80
N ARG A 121 -6.08 10.46 12.01
CA ARG A 121 -5.56 11.13 13.24
C ARG A 121 -4.10 11.73 13.09
N ILE A 122 -3.52 11.61 11.92
CA ILE A 122 -2.18 12.11 11.62
C ILE A 122 -2.18 13.64 11.35
N GLY A 123 -3.36 14.18 11.22
CA GLY A 123 -3.52 15.62 10.97
C GLY A 123 -4.41 15.88 9.76
N ASP A 124 -5.54 15.24 9.80
CA ASP A 124 -6.60 15.30 8.80
C ASP A 124 -7.65 16.31 9.23
N VAL A 125 -8.58 16.65 8.33
CA VAL A 125 -9.82 17.47 8.52
C VAL A 125 -10.68 17.08 9.78
N GLU A 126 -10.06 16.46 10.77
CA GLU A 126 -10.56 15.87 12.03
C GLU A 126 -11.61 16.69 12.79
N LEU A 127 -11.94 17.85 12.33
CA LEU A 127 -13.10 18.58 12.81
C LEU A 127 -14.32 17.82 12.23
N GLN A 128 -14.29 17.67 10.89
CA GLN A 128 -15.20 16.84 10.13
C GLN A 128 -15.18 15.46 10.74
N LYS A 129 -13.99 14.93 10.86
CA LYS A 129 -13.85 13.61 11.38
C LYS A 129 -14.08 13.47 12.89
N TYR A 130 -14.20 14.57 13.60
CA TYR A 130 -14.64 14.53 14.99
C TYR A 130 -16.10 14.10 14.98
N TYR A 131 -16.85 14.65 14.02
CA TYR A 131 -18.23 14.19 13.81
C TYR A 131 -18.23 12.68 13.44
N LEU A 132 -17.30 12.29 12.57
CA LEU A 132 -17.12 10.89 12.21
C LEU A 132 -16.80 10.09 13.47
N GLN A 133 -16.04 10.72 14.34
CA GLN A 133 -15.64 10.15 15.60
C GLN A 133 -16.85 10.00 16.57
N GLN A 134 -17.93 10.72 16.31
CA GLN A 134 -19.19 10.46 17.00
C GLN A 134 -19.71 9.10 16.53
N ILE A 135 -19.62 8.87 15.24
CA ILE A 135 -19.91 7.54 14.70
C ILE A 135 -18.95 6.48 15.34
N VAL A 136 -17.67 6.89 15.49
CA VAL A 136 -16.64 6.08 16.17
C VAL A 136 -17.02 5.87 17.65
N ALA A 137 -17.73 6.83 18.19
CA ALA A 137 -18.19 6.75 19.55
C ALA A 137 -19.12 5.57 19.71
N LYS A 138 -19.97 5.36 18.70
CA LYS A 138 -20.86 4.19 18.67
C LYS A 138 -20.02 2.90 18.68
N ASN A 139 -18.94 2.94 17.92
CA ASN A 139 -17.98 1.82 17.84
C ASN A 139 -17.44 1.46 19.20
N LYS A 140 -16.92 2.41 19.87
CA LYS A 140 -16.37 2.15 21.16
C LYS A 140 -17.46 1.93 22.22
N GLU A 141 -18.67 2.34 21.90
CA GLU A 141 -19.83 2.03 22.72
C GLU A 141 -20.35 0.61 22.49
N ARG A 142 -19.81 -0.11 21.48
CA ARG A 142 -20.24 -1.53 21.22
C ARG A 142 -20.01 -2.42 22.45
N MET A 143 -19.12 -2.01 23.30
CA MET A 143 -18.80 -2.74 24.48
C MET A 143 -19.64 -2.24 25.64
N PHE A 1 -7.54 -23.94 4.84
CA PHE A 1 -7.72 -23.27 3.57
C PHE A 1 -7.38 -21.80 3.72
N ASP A 2 -6.51 -21.31 2.86
CA ASP A 2 -6.16 -19.90 2.85
C ASP A 2 -6.95 -19.15 1.81
N ASN A 3 -7.38 -17.98 2.17
CA ASN A 3 -8.14 -17.09 1.40
C ASN A 3 -7.47 -15.80 1.70
N LEU A 4 -6.82 -15.29 0.74
CA LEU A 4 -5.99 -14.11 0.83
C LEU A 4 -6.62 -12.88 1.50
N SER A 5 -5.75 -11.99 1.90
CA SER A 5 -6.15 -10.80 2.58
C SER A 5 -6.42 -9.69 1.57
N ARG A 6 -7.51 -8.95 1.82
CA ARG A 6 -7.89 -7.78 0.99
C ARG A 6 -6.80 -6.70 1.02
N GLN A 7 -6.00 -6.77 2.07
CA GLN A 7 -4.87 -5.89 2.27
C GLN A 7 -3.91 -5.98 1.10
N GLU A 8 -3.72 -7.19 0.55
CA GLU A 8 -2.72 -7.34 -0.50
C GLU A 8 -3.16 -6.69 -1.79
N LYS A 9 -4.46 -6.50 -1.94
CA LYS A 9 -4.97 -5.84 -3.12
C LYS A 9 -4.63 -4.35 -2.96
N ALA A 10 -4.77 -3.84 -1.74
CA ALA A 10 -4.40 -2.47 -1.44
C ALA A 10 -2.91 -2.27 -1.71
N GLU A 11 -2.10 -3.26 -1.33
CA GLU A 11 -0.65 -3.23 -1.60
C GLU A 11 -0.38 -3.18 -3.11
N ARG A 12 -1.22 -3.86 -3.91
CA ARG A 12 -1.08 -3.86 -5.39
C ARG A 12 -1.17 -2.43 -5.89
N ALA A 13 -2.12 -1.69 -5.32
CA ALA A 13 -2.35 -0.30 -5.68
C ALA A 13 -1.23 0.61 -5.17
N PHE A 14 -0.86 0.44 -3.90
CA PHE A 14 0.17 1.25 -3.25
C PHE A 14 1.50 1.16 -4.01
N LEU A 15 1.72 -0.03 -4.55
CA LEU A 15 2.89 -0.40 -5.35
C LEU A 15 2.99 0.46 -6.65
N LYS A 16 1.95 1.21 -6.97
CA LYS A 16 1.92 2.01 -8.18
C LYS A 16 2.63 3.33 -8.06
N HIS A 17 2.98 3.73 -6.86
CA HIS A 17 3.71 4.98 -6.69
C HIS A 17 5.12 4.82 -7.19
N LEU A 18 5.61 5.83 -7.89
CA LEU A 18 6.90 5.76 -8.52
C LEU A 18 8.01 5.66 -7.50
N MET A 19 8.95 4.81 -7.80
CA MET A 19 10.05 4.45 -6.93
C MET A 19 11.04 5.58 -6.66
N ARG A 20 10.75 6.78 -7.20
CA ARG A 20 11.53 7.96 -6.87
C ARG A 20 11.27 8.24 -5.43
N ASP A 21 10.05 7.98 -5.03
CA ASP A 21 9.66 8.03 -3.67
C ASP A 21 10.16 6.78 -2.94
N LYS A 22 11.48 6.60 -2.95
CA LYS A 22 12.21 5.50 -2.28
C LYS A 22 11.68 5.26 -0.86
N ASP A 23 11.19 6.33 -0.22
CA ASP A 23 10.56 6.27 1.09
C ASP A 23 9.42 5.31 1.05
N THR A 24 8.45 5.57 0.16
CA THR A 24 7.25 4.74 0.03
C THR A 24 7.58 3.26 -0.18
N PHE A 25 8.62 2.99 -0.97
CA PHE A 25 9.09 1.63 -1.22
C PHE A 25 9.39 0.92 0.13
N LEU A 26 10.28 1.47 0.90
CA LEU A 26 10.66 0.84 2.16
C LEU A 26 9.66 1.14 3.29
N ASN A 27 8.89 2.19 3.12
CA ASN A 27 7.86 2.57 4.10
C ASN A 27 6.72 1.58 4.07
N TYR A 28 6.37 1.13 2.90
CA TYR A 28 5.27 0.22 2.77
C TYR A 28 5.73 -1.16 3.17
N TYR A 29 6.99 -1.49 2.88
CA TYR A 29 7.56 -2.72 3.37
C TYR A 29 7.70 -2.74 4.90
N GLU A 30 7.78 -1.57 5.51
CA GLU A 30 7.83 -1.44 6.96
C GLU A 30 6.41 -1.35 7.58
N SER A 31 5.44 -0.85 6.82
CA SER A 31 4.08 -0.69 7.32
C SER A 31 3.36 -2.03 7.37
N VAL A 32 3.71 -2.90 6.47
CA VAL A 32 3.16 -4.22 6.42
C VAL A 32 4.24 -5.17 6.91
N ASP A 33 3.88 -6.32 7.42
CA ASP A 33 4.88 -7.27 7.79
C ASP A 33 5.12 -8.20 6.63
N LYS A 34 6.35 -8.44 6.35
CA LYS A 34 6.74 -9.04 5.10
C LYS A 34 6.81 -10.57 5.04
N ASP A 35 7.36 -11.24 6.05
CA ASP A 35 7.73 -12.68 5.88
C ASP A 35 6.56 -13.63 5.54
N ASN A 36 5.41 -13.48 6.17
CA ASN A 36 4.29 -14.37 5.83
C ASN A 36 3.37 -13.77 4.78
N PHE A 37 3.40 -12.45 4.67
CA PHE A 37 2.48 -11.76 3.78
C PHE A 37 2.99 -11.77 2.34
N THR A 38 4.28 -11.87 2.18
CA THR A 38 4.88 -11.88 0.87
C THR A 38 4.61 -13.19 0.14
N ASN A 39 3.67 -13.15 -0.76
CA ASN A 39 3.41 -14.26 -1.66
C ASN A 39 4.46 -14.21 -2.75
N GLN A 40 4.59 -15.27 -3.56
CA GLN A 40 5.57 -15.31 -4.63
C GLN A 40 5.36 -14.15 -5.61
N HIS A 41 4.11 -13.67 -5.67
CA HIS A 41 3.75 -12.49 -6.44
C HIS A 41 4.56 -11.30 -5.98
N PHE A 42 4.41 -10.98 -4.72
CA PHE A 42 5.12 -9.89 -4.09
C PHE A 42 6.62 -10.10 -4.12
N LYS A 43 7.03 -11.36 -4.05
CA LYS A 43 8.42 -11.74 -4.05
C LYS A 43 9.08 -11.36 -5.36
N TYR A 44 8.43 -11.67 -6.48
CA TYR A 44 9.04 -11.33 -7.74
C TYR A 44 9.12 -9.82 -7.92
N VAL A 45 8.08 -9.09 -7.46
CA VAL A 45 8.06 -7.63 -7.57
C VAL A 45 9.16 -7.03 -6.71
N PHE A 46 9.15 -7.42 -5.44
CA PHE A 46 10.13 -7.02 -4.45
C PHE A 46 11.52 -7.19 -4.99
N GLU A 47 11.77 -8.34 -5.60
CA GLU A 47 13.05 -8.66 -6.18
C GLU A 47 13.47 -7.62 -7.22
N VAL A 48 12.61 -7.35 -8.21
CA VAL A 48 12.95 -6.38 -9.30
C VAL A 48 13.32 -5.04 -8.69
N LEU A 49 12.40 -4.55 -7.87
CA LEU A 49 12.52 -3.24 -7.26
C LEU A 49 13.75 -3.14 -6.37
N HIS A 50 13.86 -4.07 -5.44
CA HIS A 50 14.95 -4.12 -4.46
C HIS A 50 16.32 -4.39 -5.11
N ASP A 51 16.35 -5.24 -6.12
CA ASP A 51 17.62 -5.62 -6.76
C ASP A 51 18.23 -4.44 -7.50
N PHE A 52 17.39 -3.67 -8.18
CA PHE A 52 17.87 -2.48 -8.86
C PHE A 52 18.23 -1.43 -7.86
N TYR A 53 17.34 -1.18 -6.92
CA TYR A 53 17.52 -0.20 -5.82
C TYR A 53 18.87 -0.45 -5.10
N ALA A 54 19.20 -1.72 -4.91
CA ALA A 54 20.42 -2.11 -4.22
C ALA A 54 21.67 -1.64 -4.93
N GLU A 55 21.60 -1.51 -6.23
CA GLU A 55 22.77 -1.06 -6.97
C GLU A 55 22.60 0.36 -7.46
N ASN A 56 21.43 0.65 -7.92
CA ASN A 56 21.15 1.84 -8.65
C ASN A 56 19.95 2.59 -8.03
N ASP A 57 19.61 3.65 -8.68
CA ASP A 57 18.50 4.55 -8.40
C ASP A 57 17.16 3.96 -8.82
N GLN A 58 16.20 4.82 -9.08
CA GLN A 58 14.80 4.51 -9.23
C GLN A 58 14.56 3.48 -10.33
N TYR A 59 13.56 2.67 -10.11
CA TYR A 59 13.16 1.66 -10.98
C TYR A 59 12.12 2.29 -11.90
N ASN A 60 12.08 1.88 -13.14
CA ASN A 60 11.16 2.49 -14.06
C ASN A 60 10.10 1.52 -14.48
N ILE A 61 8.97 2.04 -14.94
CA ILE A 61 7.89 1.19 -15.41
C ILE A 61 8.26 0.55 -16.75
N SER A 62 9.35 1.04 -17.33
CA SER A 62 9.98 0.45 -18.48
C SER A 62 10.37 -1.00 -18.15
N ASP A 63 10.84 -1.22 -16.92
CA ASP A 63 11.23 -2.54 -16.46
C ASP A 63 10.03 -3.45 -16.43
N ALA A 64 8.89 -2.88 -16.05
CA ALA A 64 7.63 -3.62 -16.02
C ALA A 64 7.26 -4.14 -17.42
N VAL A 65 7.30 -3.28 -18.42
CA VAL A 65 7.01 -3.69 -19.78
C VAL A 65 8.11 -4.63 -20.33
N GLN A 66 9.33 -4.48 -19.83
CA GLN A 66 10.40 -5.42 -20.18
C GLN A 66 10.21 -6.75 -19.46
N TYR A 67 9.31 -6.77 -18.48
CA TYR A 67 8.98 -7.97 -17.77
C TYR A 67 8.04 -8.83 -18.61
N VAL A 68 7.23 -8.19 -19.47
CA VAL A 68 6.19 -8.94 -20.21
C VAL A 68 6.67 -9.81 -21.37
N ASN A 69 7.60 -10.67 -21.07
CA ASN A 69 8.06 -11.66 -22.01
C ASN A 69 7.48 -13.01 -21.56
N SER A 70 7.27 -13.14 -20.24
CA SER A 70 6.59 -14.31 -19.69
C SER A 70 5.09 -13.99 -19.65
N ASN A 71 4.24 -15.00 -19.66
CA ASN A 71 2.79 -14.78 -19.77
C ASN A 71 2.11 -14.15 -18.57
N GLU A 72 1.92 -14.90 -17.50
CA GLU A 72 0.99 -14.48 -16.45
C GLU A 72 1.56 -13.44 -15.49
N LEU A 73 2.58 -13.83 -14.74
CA LEU A 73 3.08 -13.05 -13.60
C LEU A 73 3.48 -11.63 -13.99
N ARG A 74 4.14 -11.54 -15.10
CA ARG A 74 4.66 -10.32 -15.56
C ARG A 74 3.56 -9.46 -16.21
N GLU A 75 2.55 -10.12 -16.79
CA GLU A 75 1.37 -9.41 -17.34
C GLU A 75 0.57 -8.86 -16.20
N THR A 76 0.46 -9.63 -15.13
CA THR A 76 -0.23 -9.22 -13.94
C THR A 76 0.33 -7.90 -13.44
N LEU A 77 1.66 -7.79 -13.38
CA LEU A 77 2.29 -6.56 -12.95
C LEU A 77 1.90 -5.40 -13.87
N ILE A 78 1.92 -5.62 -15.19
CA ILE A 78 1.49 -4.58 -16.14
C ILE A 78 0.02 -4.24 -15.95
N SER A 79 -0.78 -5.24 -15.71
CA SER A 79 -2.18 -5.08 -15.39
C SER A 79 -2.34 -4.11 -14.19
N LEU A 80 -1.48 -4.27 -13.20
CA LEU A 80 -1.38 -3.35 -12.08
C LEU A 80 -0.88 -1.98 -12.55
N GLU A 81 0.22 -2.00 -13.31
CA GLU A 81 0.95 -0.82 -13.78
C GLU A 81 0.05 0.16 -14.51
N GLN A 82 -0.77 -0.35 -15.43
CA GLN A 82 -1.64 0.49 -16.25
C GLN A 82 -2.84 1.10 -15.49
N TYR A 83 -2.82 1.03 -14.17
CA TYR A 83 -3.81 1.68 -13.33
C TYR A 83 -3.62 3.20 -13.45
N ASN A 84 -4.70 3.93 -13.64
CA ASN A 84 -4.59 5.36 -13.82
C ASN A 84 -4.73 6.05 -12.49
N LEU A 85 -3.61 6.27 -11.83
CA LEU A 85 -3.61 6.89 -10.52
C LEU A 85 -3.71 8.40 -10.59
N ASN A 86 -3.33 8.95 -11.73
CA ASN A 86 -3.34 10.41 -11.92
C ASN A 86 -4.76 10.91 -12.11
N ASP A 87 -5.65 9.97 -12.34
CA ASP A 87 -7.08 10.20 -12.51
C ASP A 87 -7.77 10.59 -11.20
N GLU A 88 -7.33 10.01 -10.11
CA GLU A 88 -7.97 10.22 -8.82
C GLU A 88 -6.95 10.71 -7.79
N PRO A 89 -7.37 11.63 -6.86
CA PRO A 89 -6.55 12.10 -5.75
C PRO A 89 -5.67 11.00 -5.13
N TYR A 90 -4.39 11.29 -4.99
CA TYR A 90 -3.43 10.32 -4.51
C TYR A 90 -3.50 10.22 -3.02
N GLU A 91 -4.12 11.17 -2.46
CA GLU A 91 -4.36 11.20 -1.08
C GLU A 91 -5.54 10.29 -0.71
N ASN A 92 -6.30 9.85 -1.72
CA ASN A 92 -7.40 8.89 -1.48
C ASN A 92 -6.80 7.53 -1.22
N GLU A 93 -5.71 7.25 -1.93
CA GLU A 93 -5.02 5.99 -1.87
C GLU A 93 -4.55 5.71 -0.46
N ILE A 94 -3.71 6.59 0.09
CA ILE A 94 -3.17 6.43 1.45
C ILE A 94 -4.29 6.35 2.51
N ASP A 95 -5.38 7.08 2.28
CA ASP A 95 -6.56 7.09 3.17
C ASP A 95 -7.16 5.71 3.23
N ASP A 96 -7.51 5.21 2.04
CA ASP A 96 -8.07 3.87 1.88
C ASP A 96 -7.09 2.85 2.41
N TYR A 97 -5.86 2.96 1.96
CA TYR A 97 -4.75 2.11 2.31
C TYR A 97 -4.60 1.99 3.84
N VAL A 98 -4.52 3.10 4.56
CA VAL A 98 -4.35 3.01 6.01
C VAL A 98 -5.51 2.24 6.65
N ASN A 99 -6.70 2.49 6.16
CA ASN A 99 -7.91 1.82 6.63
C ASN A 99 -7.85 0.31 6.36
N VAL A 100 -7.48 -0.07 5.13
CA VAL A 100 -7.39 -1.50 4.69
C VAL A 100 -6.24 -2.26 5.35
N ILE A 101 -5.23 -1.54 5.68
CA ILE A 101 -4.01 -2.11 6.17
C ILE A 101 -4.11 -2.28 7.65
N ASN A 102 -4.52 -1.21 8.26
CA ASN A 102 -4.71 -1.18 9.68
C ASN A 102 -6.03 -1.87 10.04
N GLU A 103 -6.67 -2.43 9.01
CA GLU A 103 -7.86 -3.27 9.13
C GLU A 103 -7.43 -4.52 9.88
N LYS A 104 -6.16 -4.88 9.73
CA LYS A 104 -5.57 -6.02 10.46
C LYS A 104 -5.21 -5.65 11.91
N GLY A 105 -5.76 -4.56 12.34
CA GLY A 105 -5.70 -4.12 13.69
C GLY A 105 -7.12 -3.77 14.08
N GLN A 106 -7.61 -2.76 13.39
CA GLN A 106 -8.98 -2.26 13.42
C GLN A 106 -9.52 -1.97 14.81
N GLU A 107 -9.61 -0.73 15.11
CA GLU A 107 -10.24 -0.29 16.31
C GLU A 107 -11.68 0.05 15.91
N THR A 108 -12.49 0.50 16.82
CA THR A 108 -13.87 0.79 16.50
C THR A 108 -14.04 1.97 15.54
N ILE A 109 -15.22 2.02 14.95
CA ILE A 109 -15.65 3.03 13.98
C ILE A 109 -15.32 4.44 14.41
N GLU A 110 -15.54 4.77 15.65
CA GLU A 110 -15.30 6.09 16.08
C GLU A 110 -13.81 6.38 16.29
N SER A 111 -13.08 5.39 16.76
CA SER A 111 -11.66 5.50 16.96
C SER A 111 -10.93 5.55 15.61
N LEU A 112 -11.34 4.73 14.65
CA LEU A 112 -10.74 4.81 13.34
C LEU A 112 -11.09 6.12 12.65
N ASN A 113 -12.30 6.64 12.93
CA ASN A 113 -12.71 7.97 12.49
C ASN A 113 -11.73 8.99 13.04
N HIS A 114 -11.49 8.87 14.35
CA HIS A 114 -10.53 9.68 15.11
C HIS A 114 -9.15 9.60 14.42
N LYS A 115 -8.75 8.39 14.11
CA LYS A 115 -7.48 8.11 13.46
C LYS A 115 -7.39 8.80 12.09
N LEU A 116 -8.40 8.57 11.25
CA LEU A 116 -8.46 9.14 9.90
C LEU A 116 -8.38 10.66 9.93
N ARG A 117 -9.31 11.30 10.64
CA ARG A 117 -9.33 12.75 10.71
C ARG A 117 -8.07 13.36 11.34
N GLU A 118 -7.41 12.60 12.20
CA GLU A 118 -6.19 13.10 12.81
C GLU A 118 -5.06 13.15 11.77
N ALA A 119 -5.06 12.21 10.85
CA ALA A 119 -4.09 12.17 9.77
C ALA A 119 -4.24 13.38 8.84
N THR A 120 -5.48 13.65 8.46
CA THR A 120 -5.82 14.71 7.53
C THR A 120 -5.62 16.12 8.15
N ARG A 121 -5.75 16.17 9.45
CA ARG A 121 -5.54 17.32 10.36
C ARG A 121 -4.15 18.05 10.19
N ILE A 122 -3.29 17.55 9.32
CA ILE A 122 -1.92 18.06 9.20
C ILE A 122 -1.81 19.44 8.46
N GLY A 123 -2.89 19.88 7.84
CA GLY A 123 -2.85 21.22 7.19
C GLY A 123 -2.64 21.16 5.68
N ASP A 124 -2.54 19.98 5.21
CA ASP A 124 -2.41 19.64 3.79
C ASP A 124 -3.82 19.65 3.16
N VAL A 125 -3.94 19.62 1.83
CA VAL A 125 -5.24 19.43 1.14
C VAL A 125 -6.02 18.23 1.77
N GLU A 126 -5.30 17.36 2.46
CA GLU A 126 -5.89 16.34 3.30
C GLU A 126 -6.84 16.97 4.35
N LEU A 127 -6.63 18.23 4.71
CA LEU A 127 -7.50 18.96 5.63
C LEU A 127 -8.83 19.29 4.92
N GLN A 128 -8.74 19.52 3.64
CA GLN A 128 -9.93 19.65 2.81
C GLN A 128 -10.71 18.35 2.88
N LYS A 129 -9.98 17.27 2.85
CA LYS A 129 -10.49 15.92 2.94
C LYS A 129 -10.88 15.57 4.40
N TYR A 130 -10.30 16.29 5.35
CA TYR A 130 -10.67 16.22 6.78
C TYR A 130 -12.12 16.58 6.91
N TYR A 131 -12.52 17.61 6.17
CA TYR A 131 -13.89 18.05 6.15
C TYR A 131 -14.79 16.90 5.66
N LEU A 132 -14.26 16.09 4.73
CA LEU A 132 -14.95 14.90 4.22
C LEU A 132 -15.19 13.89 5.35
N GLN A 133 -14.19 13.67 6.21
CA GLN A 133 -14.38 12.78 7.37
C GLN A 133 -15.36 13.38 8.36
N GLN A 134 -15.37 14.69 8.44
CA GLN A 134 -16.32 15.42 9.27
C GLN A 134 -17.74 15.14 8.77
N ILE A 135 -17.88 15.14 7.44
CA ILE A 135 -19.12 14.77 6.77
C ILE A 135 -19.52 13.37 7.23
N VAL A 136 -18.57 12.44 7.09
CA VAL A 136 -18.78 11.03 7.45
C VAL A 136 -19.11 10.88 8.94
N ALA A 137 -18.49 11.70 9.77
CA ALA A 137 -18.75 11.71 11.20
C ALA A 137 -20.21 11.99 11.46
N LYS A 138 -20.73 13.02 10.82
CA LYS A 138 -22.14 13.36 10.93
C LYS A 138 -22.99 12.25 10.34
N ASN A 139 -22.60 11.77 9.19
CA ASN A 139 -23.35 10.73 8.46
C ASN A 139 -23.49 9.45 9.23
N LYS A 140 -22.43 9.00 9.85
CA LYS A 140 -22.50 7.76 10.59
C LYS A 140 -23.36 7.95 11.85
N GLU A 141 -23.14 9.07 12.51
CA GLU A 141 -23.82 9.42 13.74
C GLU A 141 -25.20 10.04 13.50
N ARG A 142 -25.60 10.10 12.23
CA ARG A 142 -26.89 10.63 11.82
C ARG A 142 -28.00 9.65 12.18
N MET A 143 -27.64 8.39 12.18
CA MET A 143 -28.58 7.32 12.44
C MET A 143 -28.44 6.82 13.85
N PHE A 1 -5.45 -22.18 -2.48
CA PHE A 1 -5.40 -20.96 -1.74
C PHE A 1 -6.30 -21.01 -0.53
N ASP A 2 -5.76 -20.71 0.62
CA ASP A 2 -6.59 -20.50 1.80
C ASP A 2 -6.16 -19.15 2.35
N ASN A 3 -5.95 -18.25 1.42
CA ASN A 3 -5.58 -16.89 1.72
C ASN A 3 -6.38 -15.94 0.85
N LEU A 4 -7.69 -16.16 0.79
CA LEU A 4 -8.62 -15.30 0.01
C LEU A 4 -8.67 -13.91 0.66
N SER A 5 -7.69 -13.12 0.35
CA SER A 5 -7.49 -11.91 1.03
C SER A 5 -7.75 -10.65 0.22
N ARG A 6 -8.64 -9.82 0.73
CA ARG A 6 -8.85 -8.46 0.23
C ARG A 6 -7.56 -7.66 0.54
N GLN A 7 -6.90 -8.08 1.62
CA GLN A 7 -5.68 -7.45 2.13
C GLN A 7 -4.53 -7.69 1.16
N GLU A 8 -4.44 -8.91 0.67
CA GLU A 8 -3.41 -9.26 -0.29
C GLU A 8 -3.71 -8.54 -1.62
N LYS A 9 -5.00 -8.37 -1.94
CA LYS A 9 -5.40 -7.55 -3.09
C LYS A 9 -4.98 -6.08 -2.88
N ALA A 10 -5.05 -5.63 -1.64
CA ALA A 10 -4.62 -4.27 -1.28
C ALA A 10 -3.12 -4.12 -1.55
N GLU A 11 -2.38 -5.20 -1.36
CA GLU A 11 -0.97 -5.21 -1.66
C GLU A 11 -0.71 -5.25 -3.16
N ARG A 12 -1.63 -5.83 -3.91
CA ARG A 12 -1.54 -5.78 -5.36
C ARG A 12 -1.79 -4.35 -5.84
N ALA A 13 -2.63 -3.63 -5.10
CA ALA A 13 -2.88 -2.23 -5.36
C ALA A 13 -1.65 -1.42 -5.01
N PHE A 14 -1.01 -1.77 -3.87
CA PHE A 14 0.25 -1.15 -3.45
C PHE A 14 1.35 -1.33 -4.52
N LEU A 15 1.22 -2.41 -5.29
CA LEU A 15 2.15 -2.75 -6.39
C LEU A 15 2.06 -1.84 -7.60
N LYS A 16 1.05 -0.96 -7.62
CA LYS A 16 0.84 0.00 -8.72
C LYS A 16 2.18 0.63 -9.15
N HIS A 17 2.90 1.14 -8.12
CA HIS A 17 4.21 1.77 -8.16
C HIS A 17 4.44 2.82 -9.27
N LEU A 18 5.42 3.61 -9.04
CA LEU A 18 5.95 4.53 -9.99
C LEU A 18 7.45 4.54 -9.79
N MET A 19 8.10 5.62 -10.14
CA MET A 19 9.53 5.76 -9.91
C MET A 19 9.76 6.38 -8.53
N ARG A 20 8.79 7.16 -8.10
CA ARG A 20 8.80 7.91 -6.83
C ARG A 20 8.83 6.99 -5.60
N ASP A 21 7.89 6.10 -5.57
CA ASP A 21 7.49 5.34 -4.43
C ASP A 21 8.38 4.19 -4.03
N LYS A 22 9.67 4.35 -4.28
CA LYS A 22 10.63 3.42 -3.75
C LYS A 22 10.66 3.57 -2.22
N ASP A 23 10.33 4.79 -1.78
CA ASP A 23 10.18 5.13 -0.38
C ASP A 23 9.04 4.31 0.22
N THR A 24 7.95 4.26 -0.52
CA THR A 24 6.76 3.55 -0.14
C THR A 24 7.03 2.04 -0.06
N PHE A 25 7.81 1.55 -1.03
CA PHE A 25 8.26 0.16 -1.03
C PHE A 25 8.95 -0.18 0.29
N LEU A 26 9.95 0.62 0.63
CA LEU A 26 10.75 0.40 1.83
C LEU A 26 9.89 0.59 3.09
N ASN A 27 8.95 1.52 3.01
CA ASN A 27 8.08 1.86 4.13
C ASN A 27 7.14 0.71 4.45
N TYR A 28 6.77 -0.06 3.43
CA TYR A 28 5.89 -1.14 3.59
C TYR A 28 6.71 -2.36 4.08
N TYR A 29 7.88 -2.50 3.47
CA TYR A 29 8.83 -3.59 3.68
C TYR A 29 9.25 -3.67 5.14
N GLU A 30 9.68 -2.56 5.68
CA GLU A 30 10.25 -2.48 7.01
C GLU A 30 9.18 -2.58 8.11
N SER A 31 7.94 -2.30 7.77
CA SER A 31 6.91 -2.26 8.78
C SER A 31 6.41 -3.65 9.13
N VAL A 32 6.11 -4.44 8.13
CA VAL A 32 5.53 -5.74 8.38
C VAL A 32 6.19 -6.78 7.47
N ASP A 33 6.73 -7.81 8.09
CA ASP A 33 7.46 -8.89 7.41
C ASP A 33 6.47 -10.00 6.94
N LYS A 34 5.39 -9.54 6.36
CA LYS A 34 4.29 -10.41 5.89
C LYS A 34 4.50 -10.90 4.44
N ASP A 35 5.70 -10.77 3.91
CA ASP A 35 5.94 -11.02 2.48
C ASP A 35 5.75 -12.48 2.03
N ASN A 36 5.62 -13.41 2.98
CA ASN A 36 5.32 -14.80 2.62
C ASN A 36 3.81 -14.98 2.43
N PHE A 37 3.05 -14.08 3.03
CA PHE A 37 1.61 -14.06 2.87
C PHE A 37 1.29 -13.37 1.55
N THR A 38 2.00 -12.27 1.32
CA THR A 38 1.90 -11.45 0.15
C THR A 38 2.10 -12.28 -1.15
N ASN A 39 1.53 -11.79 -2.22
CA ASN A 39 1.49 -12.43 -3.50
C ASN A 39 2.89 -12.53 -4.13
N GLN A 40 3.11 -13.57 -4.93
CA GLN A 40 4.40 -13.84 -5.59
C GLN A 40 4.71 -12.72 -6.59
N HIS A 41 3.67 -12.03 -7.03
CA HIS A 41 3.84 -10.88 -7.90
C HIS A 41 4.64 -9.82 -7.17
N PHE A 42 4.29 -9.60 -5.91
CA PHE A 42 4.99 -8.64 -5.08
C PHE A 42 6.41 -9.10 -4.85
N LYS A 43 6.62 -10.42 -4.81
CA LYS A 43 7.92 -11.01 -4.57
C LYS A 43 8.87 -10.62 -5.66
N TYR A 44 8.49 -10.84 -6.91
CA TYR A 44 9.40 -10.48 -7.97
C TYR A 44 9.61 -8.96 -8.04
N VAL A 45 8.62 -8.20 -7.57
CA VAL A 45 8.76 -6.76 -7.49
C VAL A 45 9.72 -6.38 -6.34
N PHE A 46 9.62 -7.10 -5.19
CA PHE A 46 10.57 -7.00 -4.07
C PHE A 46 11.96 -7.11 -4.59
N GLU A 47 12.19 -8.13 -5.38
CA GLU A 47 13.47 -8.41 -5.95
C GLU A 47 14.03 -7.28 -6.76
N VAL A 48 13.23 -6.74 -7.68
CA VAL A 48 13.69 -5.63 -8.50
C VAL A 48 14.03 -4.47 -7.60
N LEU A 49 13.10 -4.07 -6.76
CA LEU A 49 13.29 -2.89 -5.95
C LEU A 49 14.36 -3.08 -4.85
N HIS A 50 14.51 -4.27 -4.34
CA HIS A 50 15.56 -4.59 -3.35
C HIS A 50 16.92 -4.49 -4.06
N ASP A 51 17.02 -5.14 -5.21
CA ASP A 51 18.20 -5.03 -6.06
C ASP A 51 18.44 -3.57 -6.47
N PHE A 52 17.36 -2.86 -6.73
CA PHE A 52 17.35 -1.43 -7.02
C PHE A 52 17.55 -0.53 -5.77
N TYR A 53 17.63 -1.10 -4.62
CA TYR A 53 18.11 -0.39 -3.45
C TYR A 53 19.61 -0.40 -3.42
N ALA A 54 20.17 -1.51 -3.86
CA ALA A 54 21.60 -1.63 -4.09
C ALA A 54 21.94 -0.71 -5.27
N GLU A 55 21.15 -0.85 -6.30
CA GLU A 55 21.18 -0.04 -7.49
C GLU A 55 20.07 0.97 -7.30
N ASN A 56 20.27 1.75 -6.23
CA ASN A 56 19.29 2.64 -5.51
C ASN A 56 18.63 3.73 -6.34
N ASP A 57 18.22 4.87 -5.72
CA ASP A 57 16.91 5.60 -6.00
C ASP A 57 16.28 5.55 -7.42
N GLN A 58 15.51 6.54 -7.82
CA GLN A 58 14.34 6.31 -8.70
C GLN A 58 14.64 5.53 -9.97
N TYR A 59 13.86 4.47 -10.04
CA TYR A 59 13.94 3.37 -10.92
C TYR A 59 13.03 3.58 -12.14
N ASN A 60 13.05 2.66 -13.08
CA ASN A 60 12.32 2.85 -14.33
C ASN A 60 11.13 1.93 -14.34
N ILE A 61 9.98 2.41 -14.76
CA ILE A 61 8.83 1.53 -14.88
C ILE A 61 8.98 0.74 -16.17
N SER A 62 9.90 1.23 -17.00
CA SER A 62 10.33 0.56 -18.18
C SER A 62 10.85 -0.85 -17.83
N ASP A 63 11.43 -1.01 -16.61
CA ASP A 63 11.90 -2.31 -16.12
C ASP A 63 10.71 -3.24 -15.98
N ALA A 64 9.62 -2.70 -15.45
CA ALA A 64 8.40 -3.47 -15.32
C ALA A 64 7.92 -3.88 -16.70
N VAL A 65 7.93 -2.94 -17.62
CA VAL A 65 7.59 -3.20 -19.02
C VAL A 65 8.59 -4.22 -19.67
N GLN A 66 9.81 -4.31 -19.16
CA GLN A 66 10.75 -5.31 -19.63
C GLN A 66 10.31 -6.70 -19.15
N TYR A 67 9.53 -6.74 -18.08
CA TYR A 67 8.96 -7.99 -17.62
C TYR A 67 7.88 -8.50 -18.54
N VAL A 68 7.17 -7.60 -19.18
CA VAL A 68 6.00 -7.98 -19.97
C VAL A 68 6.32 -8.65 -21.34
N ASN A 69 7.11 -9.70 -21.26
CA ASN A 69 7.40 -10.53 -22.39
C ASN A 69 6.66 -11.82 -22.20
N SER A 70 6.67 -12.34 -20.99
CA SER A 70 5.83 -13.47 -20.67
C SER A 70 4.44 -12.92 -20.47
N ASN A 71 3.44 -13.62 -20.93
CA ASN A 71 2.09 -13.11 -20.91
C ASN A 71 1.52 -12.98 -19.48
N GLU A 72 1.00 -14.06 -18.96
CA GLU A 72 0.16 -14.06 -17.75
C GLU A 72 0.76 -13.35 -16.52
N LEU A 73 1.84 -13.88 -15.99
CA LEU A 73 2.45 -13.38 -14.75
C LEU A 73 2.82 -11.88 -14.89
N ARG A 74 3.62 -11.62 -15.87
CA ARG A 74 4.21 -10.36 -16.08
C ARG A 74 3.24 -9.30 -16.64
N GLU A 75 2.35 -9.68 -17.57
CA GLU A 75 1.32 -8.75 -18.10
C GLU A 75 0.43 -8.28 -16.96
N THR A 76 0.02 -9.22 -16.12
CA THR A 76 -0.81 -8.92 -14.99
C THR A 76 -0.17 -7.84 -14.11
N LEU A 77 1.14 -7.94 -13.85
CA LEU A 77 1.82 -6.90 -13.06
C LEU A 77 1.63 -5.51 -13.72
N ILE A 78 1.83 -5.44 -15.04
CA ILE A 78 1.66 -4.16 -15.78
C ILE A 78 0.24 -3.62 -15.58
N SER A 79 -0.72 -4.50 -15.68
CA SER A 79 -2.12 -4.17 -15.42
C SER A 79 -2.29 -3.54 -14.01
N LEU A 80 -1.60 -4.11 -13.01
CA LEU A 80 -1.57 -3.58 -11.62
C LEU A 80 -0.96 -2.18 -11.60
N GLU A 81 0.12 -2.02 -12.36
CA GLU A 81 0.87 -0.76 -12.48
C GLU A 81 -0.01 0.38 -13.04
N GLN A 82 -0.88 0.03 -13.99
CA GLN A 82 -1.75 1.00 -14.63
C GLN A 82 -2.77 1.51 -13.65
N TYR A 83 -3.11 0.68 -12.69
CA TYR A 83 -4.03 1.04 -11.68
C TYR A 83 -3.37 1.93 -10.61
N ASN A 84 -3.32 3.20 -10.87
CA ASN A 84 -2.73 4.14 -9.97
C ASN A 84 -3.58 5.37 -9.85
N LEU A 85 -3.74 5.84 -8.65
CA LEU A 85 -4.50 7.04 -8.32
C LEU A 85 -3.60 8.28 -8.34
N ASN A 86 -2.47 8.23 -9.06
CA ASN A 86 -1.42 9.29 -8.98
C ASN A 86 -1.91 10.66 -9.43
N ASP A 87 -2.94 10.68 -10.22
CA ASP A 87 -3.53 11.96 -10.65
C ASP A 87 -4.24 12.64 -9.51
N GLU A 88 -4.49 11.91 -8.46
CA GLU A 88 -5.14 12.43 -7.29
C GLU A 88 -4.19 12.33 -6.09
N PRO A 89 -3.84 13.46 -5.49
CA PRO A 89 -2.93 13.50 -4.32
C PRO A 89 -3.73 13.27 -3.01
N TYR A 90 -4.69 12.38 -3.10
CA TYR A 90 -5.59 12.06 -2.01
C TYR A 90 -5.59 10.57 -1.82
N GLU A 91 -4.41 10.03 -1.76
CA GLU A 91 -4.19 8.59 -1.66
C GLU A 91 -4.61 7.97 -0.31
N ASN A 92 -5.92 7.98 -0.06
CA ASN A 92 -6.57 7.38 1.10
C ASN A 92 -6.46 5.88 1.00
N GLU A 93 -6.24 5.40 -0.23
CA GLU A 93 -5.97 3.98 -0.52
C GLU A 93 -4.95 3.39 0.45
N ILE A 94 -3.94 4.18 0.81
CA ILE A 94 -2.89 3.75 1.73
C ILE A 94 -3.47 3.64 3.13
N ASP A 95 -4.28 4.60 3.52
CA ASP A 95 -4.94 4.58 4.82
C ASP A 95 -5.83 3.32 4.90
N ASP A 96 -6.59 3.13 3.84
CA ASP A 96 -7.46 1.96 3.64
C ASP A 96 -6.65 0.69 3.69
N TYR A 97 -5.56 0.69 2.96
CA TYR A 97 -4.62 -0.40 2.86
C TYR A 97 -4.09 -0.79 4.22
N VAL A 98 -3.57 0.19 4.93
CA VAL A 98 -3.01 0.00 6.24
C VAL A 98 -4.05 -0.59 7.18
N ASN A 99 -5.17 0.07 7.29
CA ASN A 99 -6.24 -0.35 8.21
C ASN A 99 -6.79 -1.68 7.80
N VAL A 100 -7.00 -1.91 6.52
CA VAL A 100 -7.67 -3.13 6.08
C VAL A 100 -6.83 -4.38 6.37
N ILE A 101 -5.52 -4.25 6.30
CA ILE A 101 -4.63 -5.37 6.56
C ILE A 101 -4.38 -5.47 8.05
N ASN A 102 -4.44 -4.35 8.71
CA ASN A 102 -4.19 -4.29 10.13
C ASN A 102 -5.42 -4.75 10.91
N GLU A 103 -6.61 -4.43 10.39
CA GLU A 103 -7.85 -4.79 11.07
C GLU A 103 -8.14 -6.28 10.90
N LYS A 104 -7.33 -6.92 10.06
CA LYS A 104 -7.40 -8.34 9.79
C LYS A 104 -6.90 -9.09 11.02
N GLY A 105 -6.05 -8.46 11.79
CA GLY A 105 -5.47 -9.13 12.93
C GLY A 105 -6.25 -8.88 14.20
N GLN A 106 -6.97 -7.77 14.25
CA GLN A 106 -7.70 -7.39 15.43
C GLN A 106 -8.52 -6.15 15.12
N GLU A 107 -9.46 -5.84 16.02
CA GLU A 107 -10.32 -4.65 15.95
C GLU A 107 -11.51 -4.83 14.97
N THR A 108 -12.68 -4.45 15.42
CA THR A 108 -13.92 -4.60 14.69
C THR A 108 -14.65 -3.25 14.63
N ILE A 109 -14.58 -2.49 15.71
CA ILE A 109 -15.26 -1.18 15.75
C ILE A 109 -14.43 -0.23 14.94
N GLU A 110 -13.19 -0.59 14.84
CA GLU A 110 -12.26 0.18 14.13
C GLU A 110 -12.46 0.04 12.63
N SER A 111 -13.08 -1.05 12.26
CA SER A 111 -13.48 -1.29 10.90
C SER A 111 -14.51 -0.22 10.50
N LEU A 112 -15.35 0.15 11.47
CA LEU A 112 -16.32 1.22 11.31
C LEU A 112 -15.59 2.55 11.13
N ASN A 113 -14.52 2.74 11.90
CA ASN A 113 -13.67 3.93 11.77
C ASN A 113 -13.07 3.99 10.37
N HIS A 114 -12.64 2.83 9.86
CA HIS A 114 -12.12 2.69 8.49
C HIS A 114 -13.16 3.20 7.49
N LYS A 115 -14.40 2.76 7.68
CA LYS A 115 -15.54 3.19 6.87
C LYS A 115 -15.59 4.73 6.73
N LEU A 116 -15.45 5.41 7.86
CA LEU A 116 -15.44 6.88 7.92
C LEU A 116 -14.33 7.46 7.04
N ARG A 117 -13.11 6.97 7.24
CA ARG A 117 -11.94 7.45 6.48
C ARG A 117 -12.07 7.09 4.99
N GLU A 118 -12.65 5.95 4.74
CA GLU A 118 -12.94 5.54 3.36
C GLU A 118 -13.90 6.54 2.70
N ALA A 119 -14.94 6.94 3.43
CA ALA A 119 -15.87 7.97 2.96
C ALA A 119 -15.13 9.29 2.69
N THR A 120 -14.14 9.50 3.50
CA THR A 120 -13.28 10.67 3.51
C THR A 120 -12.47 10.83 2.18
N ARG A 121 -12.10 9.70 1.55
CA ARG A 121 -11.29 9.67 0.27
C ARG A 121 -11.83 10.58 -0.87
N ILE A 122 -13.07 11.08 -0.76
CA ILE A 122 -13.74 11.77 -1.85
C ILE A 122 -13.25 13.25 -2.04
N GLY A 123 -12.42 13.74 -1.15
CA GLY A 123 -11.88 15.10 -1.32
C GLY A 123 -12.79 16.18 -0.76
N ASP A 124 -13.72 15.77 0.03
CA ASP A 124 -14.66 16.64 0.76
C ASP A 124 -13.94 17.10 2.02
N VAL A 125 -14.44 18.13 2.73
CA VAL A 125 -13.89 18.51 4.02
C VAL A 125 -13.84 17.34 5.02
N GLU A 126 -14.37 16.18 4.64
CA GLU A 126 -14.09 14.96 5.35
C GLU A 126 -12.54 14.66 5.31
N LEU A 127 -11.80 15.35 4.43
CA LEU A 127 -10.33 15.29 4.40
C LEU A 127 -9.80 16.05 5.64
N GLN A 128 -10.43 17.18 5.92
CA GLN A 128 -10.20 17.91 7.18
C GLN A 128 -10.49 16.97 8.37
N LYS A 129 -11.51 16.15 8.17
CA LYS A 129 -11.94 15.12 9.09
C LYS A 129 -10.92 13.96 9.13
N TYR A 130 -10.23 13.70 8.00
CA TYR A 130 -9.14 12.68 7.90
C TYR A 130 -8.08 12.99 8.92
N TYR A 131 -7.76 14.27 9.02
CA TYR A 131 -6.79 14.74 9.99
C TYR A 131 -7.26 14.35 11.39
N LEU A 132 -8.54 14.57 11.65
CA LEU A 132 -9.18 14.16 12.90
C LEU A 132 -9.14 12.63 13.05
N GLN A 133 -9.46 11.93 11.98
CA GLN A 133 -9.53 10.47 11.96
C GLN A 133 -8.20 9.84 12.31
N GLN A 134 -7.11 10.37 11.77
CA GLN A 134 -5.80 9.83 12.10
C GLN A 134 -5.50 10.11 13.57
N ILE A 135 -5.92 11.28 14.05
CA ILE A 135 -5.84 11.61 15.48
C ILE A 135 -6.61 10.56 16.29
N VAL A 136 -7.82 10.23 15.83
CA VAL A 136 -8.67 9.21 16.46
C VAL A 136 -7.97 7.84 16.45
N ALA A 137 -7.30 7.54 15.34
CA ALA A 137 -6.54 6.30 15.21
C ALA A 137 -5.42 6.26 16.26
N LYS A 138 -4.70 7.35 16.38
CA LYS A 138 -3.65 7.48 17.38
C LYS A 138 -4.26 7.40 18.77
N ASN A 139 -5.40 8.03 18.93
CA ASN A 139 -6.12 8.08 20.20
C ASN A 139 -6.51 6.70 20.68
N LYS A 140 -6.96 5.85 19.79
CA LYS A 140 -7.32 4.50 20.21
C LYS A 140 -6.10 3.65 20.54
N GLU A 141 -4.97 3.94 19.89
CA GLU A 141 -3.73 3.26 20.23
C GLU A 141 -3.21 3.80 21.57
N ARG A 142 -3.45 5.07 21.81
CA ARG A 142 -3.08 5.76 23.03
C ARG A 142 -3.91 5.24 24.22
N MET A 143 -5.18 5.05 24.00
CA MET A 143 -6.10 4.62 25.03
C MET A 143 -6.15 3.10 25.09
N PHE A 1 -8.75 -25.55 -0.37
CA PHE A 1 -9.39 -24.30 -0.40
C PHE A 1 -8.40 -23.24 -0.81
N ASP A 2 -8.80 -22.39 -1.69
CA ASP A 2 -7.99 -21.27 -2.06
C ASP A 2 -8.43 -20.11 -1.18
N ASN A 3 -7.52 -19.40 -0.64
CA ASN A 3 -7.85 -18.30 0.23
C ASN A 3 -7.16 -17.05 -0.21
N LEU A 4 -7.61 -16.57 -1.34
CA LEU A 4 -7.15 -15.33 -1.87
C LEU A 4 -7.61 -14.21 -0.97
N SER A 5 -6.67 -13.53 -0.40
CA SER A 5 -6.98 -12.54 0.56
C SER A 5 -7.05 -11.18 -0.09
N ARG A 6 -8.00 -10.39 0.35
CA ARG A 6 -8.11 -9.02 -0.11
C ARG A 6 -6.91 -8.19 0.35
N GLN A 7 -6.22 -8.64 1.41
CA GLN A 7 -5.09 -7.91 1.94
C GLN A 7 -3.96 -7.82 0.93
N GLU A 8 -3.76 -8.87 0.14
CA GLU A 8 -2.71 -8.85 -0.85
C GLU A 8 -3.12 -7.97 -2.04
N LYS A 9 -4.43 -7.80 -2.21
CA LYS A 9 -4.96 -6.94 -3.26
C LYS A 9 -4.69 -5.50 -2.87
N ALA A 10 -4.78 -5.21 -1.59
CA ALA A 10 -4.46 -3.90 -1.07
C ALA A 10 -2.99 -3.60 -1.32
N GLU A 11 -2.14 -4.55 -0.97
CA GLU A 11 -0.71 -4.44 -1.26
C GLU A 11 -0.46 -4.23 -2.77
N ARG A 12 -1.21 -4.97 -3.65
CA ARG A 12 -1.11 -4.77 -5.12
C ARG A 12 -1.44 -3.32 -5.47
N ALA A 13 -2.44 -2.79 -4.81
CA ALA A 13 -2.90 -1.44 -5.03
C ALA A 13 -1.83 -0.41 -4.63
N PHE A 14 -1.15 -0.66 -3.54
CA PHE A 14 -0.02 0.16 -3.17
C PHE A 14 1.11 0.04 -4.20
N LEU A 15 1.40 -1.19 -4.53
CA LEU A 15 2.48 -1.62 -5.43
C LEU A 15 2.25 -1.25 -6.94
N LYS A 16 1.07 -0.66 -7.29
CA LYS A 16 0.65 -0.43 -8.72
C LYS A 16 1.76 0.06 -9.64
N HIS A 17 2.28 1.25 -9.36
CA HIS A 17 3.34 1.84 -10.17
C HIS A 17 3.90 3.06 -9.48
N LEU A 18 4.88 2.82 -8.71
CA LEU A 18 5.58 3.84 -7.99
C LEU A 18 7.05 3.58 -8.18
N MET A 19 7.62 4.32 -9.08
CA MET A 19 8.96 4.11 -9.55
C MET A 19 9.98 4.76 -8.64
N ARG A 20 10.05 6.09 -8.69
CA ARG A 20 11.00 6.85 -7.88
C ARG A 20 10.69 6.84 -6.38
N ASP A 21 9.54 6.30 -6.04
CA ASP A 21 9.01 6.23 -4.69
C ASP A 21 9.76 5.25 -3.80
N LYS A 22 11.05 5.46 -3.66
CA LYS A 22 11.91 4.65 -2.82
C LYS A 22 11.39 4.59 -1.38
N ASP A 23 10.90 5.72 -0.87
CA ASP A 23 10.34 5.78 0.47
C ASP A 23 9.11 4.89 0.56
N THR A 24 8.23 4.97 -0.45
CA THR A 24 7.02 4.17 -0.49
C THR A 24 7.33 2.68 -0.54
N PHE A 25 8.36 2.31 -1.31
CA PHE A 25 8.81 0.93 -1.40
C PHE A 25 9.13 0.41 -0.01
N LEU A 26 9.92 1.17 0.72
CA LEU A 26 10.32 0.82 2.06
C LEU A 26 9.14 0.94 3.06
N ASN A 27 8.25 1.88 2.78
CA ASN A 27 7.07 2.15 3.62
C ASN A 27 6.06 1.02 3.55
N TYR A 28 5.91 0.43 2.38
CA TYR A 28 5.04 -0.67 2.22
C TYR A 28 5.78 -1.97 2.60
N TYR A 29 7.10 -1.92 2.52
CA TYR A 29 7.93 -3.03 2.93
C TYR A 29 7.76 -3.23 4.44
N GLU A 30 7.81 -2.13 5.19
CA GLU A 30 7.62 -2.16 6.64
C GLU A 30 6.13 -2.28 7.00
N SER A 31 5.28 -2.18 6.02
CA SER A 31 3.85 -2.35 6.21
C SER A 31 3.56 -3.85 6.30
N VAL A 32 4.51 -4.64 5.83
CA VAL A 32 4.35 -6.05 5.85
C VAL A 32 5.58 -6.71 6.49
N ASP A 33 5.48 -7.04 7.77
CA ASP A 33 6.52 -7.84 8.46
C ASP A 33 6.02 -9.25 8.51
N LYS A 34 4.79 -9.39 8.07
CA LYS A 34 4.03 -10.61 7.94
C LYS A 34 4.27 -11.23 6.56
N ASP A 35 5.37 -10.81 5.93
CA ASP A 35 5.72 -11.13 4.54
C ASP A 35 5.94 -12.63 4.26
N ASN A 36 5.81 -13.49 5.25
CA ASN A 36 5.90 -14.95 5.02
C ASN A 36 4.57 -15.39 4.36
N PHE A 37 3.61 -14.50 4.40
CA PHE A 37 2.31 -14.66 3.78
C PHE A 37 2.40 -14.42 2.25
N THR A 38 3.52 -13.87 1.78
CA THR A 38 3.65 -13.41 0.41
C THR A 38 3.36 -14.38 -0.67
N ASN A 39 2.59 -13.89 -1.59
CA ASN A 39 2.33 -14.56 -2.81
C ASN A 39 3.62 -14.42 -3.60
N GLN A 40 4.08 -15.48 -4.29
CA GLN A 40 5.40 -15.45 -4.96
C GLN A 40 5.45 -14.37 -6.04
N HIS A 41 4.29 -13.95 -6.46
CA HIS A 41 4.16 -12.86 -7.41
C HIS A 41 4.79 -11.58 -6.83
N PHE A 42 4.54 -11.33 -5.55
CA PHE A 42 5.16 -10.21 -4.83
C PHE A 42 6.65 -10.40 -4.75
N LYS A 43 7.05 -11.65 -4.60
CA LYS A 43 8.43 -12.04 -4.44
C LYS A 43 9.21 -11.69 -5.69
N TYR A 44 8.54 -11.84 -6.83
CA TYR A 44 9.10 -11.39 -8.08
C TYR A 44 9.35 -9.89 -8.02
N VAL A 45 8.29 -9.15 -7.68
CA VAL A 45 8.36 -7.68 -7.64
C VAL A 45 9.42 -7.19 -6.63
N PHE A 46 9.40 -7.74 -5.41
CA PHE A 46 10.39 -7.43 -4.38
C PHE A 46 11.80 -7.52 -4.93
N GLU A 47 12.11 -8.65 -5.58
CA GLU A 47 13.44 -8.88 -6.15
C GLU A 47 13.79 -7.78 -7.14
N VAL A 48 12.86 -7.49 -8.05
CA VAL A 48 13.06 -6.49 -9.10
C VAL A 48 13.42 -5.15 -8.51
N LEU A 49 12.55 -4.64 -7.66
CA LEU A 49 12.74 -3.33 -7.11
C LEU A 49 13.95 -3.28 -6.20
N HIS A 50 14.09 -4.27 -5.35
CA HIS A 50 15.18 -4.33 -4.37
C HIS A 50 16.55 -4.39 -5.04
N ASP A 51 16.71 -5.33 -5.94
CA ASP A 51 18.00 -5.59 -6.55
C ASP A 51 18.44 -4.54 -7.52
N PHE A 52 17.51 -3.89 -8.16
CA PHE A 52 17.90 -2.83 -9.08
C PHE A 52 18.28 -1.60 -8.29
N TYR A 53 17.45 -1.24 -7.35
CA TYR A 53 17.67 -0.11 -6.41
C TYR A 53 19.06 -0.25 -5.75
N ALA A 54 19.38 -1.48 -5.34
CA ALA A 54 20.65 -1.80 -4.68
C ALA A 54 21.88 -1.70 -5.61
N GLU A 55 21.66 -1.54 -6.89
CA GLU A 55 22.75 -1.48 -7.83
C GLU A 55 22.76 -0.18 -8.62
N ASN A 56 21.64 0.18 -9.13
CA ASN A 56 21.47 1.37 -9.94
C ASN A 56 20.43 2.29 -9.30
N ASP A 57 19.73 3.06 -10.09
CA ASP A 57 18.72 3.99 -9.60
C ASP A 57 17.44 3.19 -9.23
N GLN A 58 16.32 3.85 -9.15
CA GLN A 58 15.10 3.19 -8.78
C GLN A 58 14.57 2.37 -9.95
N TYR A 59 13.46 1.73 -9.74
CA TYR A 59 12.91 0.89 -10.71
C TYR A 59 12.01 1.75 -11.58
N ASN A 60 12.05 1.54 -12.85
CA ASN A 60 11.25 2.28 -13.78
C ASN A 60 10.32 1.37 -14.54
N ILE A 61 9.46 1.95 -15.38
CA ILE A 61 8.49 1.14 -16.13
C ILE A 61 9.19 0.28 -17.19
N SER A 62 10.41 0.67 -17.51
CA SER A 62 11.28 -0.07 -18.38
C SER A 62 11.53 -1.47 -17.78
N ASP A 63 11.72 -1.50 -16.49
CA ASP A 63 11.97 -2.73 -15.76
C ASP A 63 10.73 -3.61 -15.79
N ALA A 64 9.57 -2.97 -15.71
CA ALA A 64 8.29 -3.65 -15.76
C ALA A 64 8.12 -4.41 -17.08
N VAL A 65 8.38 -3.75 -18.20
CA VAL A 65 8.28 -4.36 -19.51
C VAL A 65 9.36 -5.42 -19.71
N GLN A 66 10.46 -5.33 -18.98
CA GLN A 66 11.46 -6.39 -19.02
C GLN A 66 10.87 -7.65 -18.40
N TYR A 67 9.98 -7.44 -17.45
CA TYR A 67 9.23 -8.52 -16.86
C TYR A 67 8.00 -8.93 -17.67
N VAL A 68 7.94 -8.54 -18.95
CA VAL A 68 6.79 -8.87 -19.86
C VAL A 68 6.80 -10.39 -20.26
N ASN A 69 7.49 -11.18 -19.50
CA ASN A 69 7.61 -12.60 -19.77
C ASN A 69 6.82 -13.41 -18.76
N SER A 70 6.63 -12.87 -17.59
CA SER A 70 5.89 -13.54 -16.57
C SER A 70 4.42 -13.13 -16.65
N ASN A 71 3.52 -14.08 -16.47
CA ASN A 71 2.08 -13.87 -16.71
C ASN A 71 1.47 -12.73 -15.91
N GLU A 72 1.30 -12.93 -14.61
CA GLU A 72 0.61 -11.95 -13.76
C GLU A 72 1.39 -10.66 -13.67
N LEU A 73 2.71 -10.79 -13.71
CA LEU A 73 3.58 -9.64 -13.63
C LEU A 73 3.32 -8.74 -14.80
N ARG A 74 3.32 -9.30 -15.98
CA ARG A 74 3.05 -8.54 -17.17
C ARG A 74 1.65 -7.96 -17.14
N GLU A 75 0.66 -8.84 -17.09
CA GLU A 75 -0.71 -8.40 -17.19
C GLU A 75 -1.11 -7.44 -16.08
N THR A 76 -1.07 -7.89 -14.85
CA THR A 76 -1.50 -7.09 -13.74
C THR A 76 -0.63 -5.84 -13.50
N LEU A 77 0.69 -6.01 -13.35
CA LEU A 77 1.54 -4.86 -13.00
C LEU A 77 1.48 -3.77 -14.07
N ILE A 78 1.55 -4.16 -15.34
CA ILE A 78 1.47 -3.19 -16.42
C ILE A 78 0.05 -2.57 -16.48
N SER A 79 -0.97 -3.39 -16.18
CA SER A 79 -2.36 -2.90 -16.10
C SER A 79 -2.45 -1.76 -15.07
N LEU A 80 -1.89 -2.02 -13.91
CA LEU A 80 -1.87 -1.09 -12.80
C LEU A 80 -1.00 0.14 -13.10
N GLU A 81 -0.07 -0.02 -14.01
CA GLU A 81 0.82 1.06 -14.42
C GLU A 81 0.08 1.92 -15.44
N GLN A 82 -0.21 1.33 -16.57
CA GLN A 82 -0.74 2.02 -17.71
C GLN A 82 -2.19 2.45 -17.51
N TYR A 83 -3.06 1.50 -17.28
CA TYR A 83 -4.47 1.78 -17.22
C TYR A 83 -4.90 2.52 -15.95
N ASN A 84 -4.87 3.80 -16.05
CA ASN A 84 -5.34 4.70 -15.04
C ASN A 84 -6.12 5.79 -15.75
N LEU A 85 -7.44 5.72 -15.76
CA LEU A 85 -8.18 6.67 -16.57
C LEU A 85 -8.59 7.92 -15.74
N ASN A 86 -9.68 7.81 -15.00
CA ASN A 86 -10.15 8.89 -14.12
C ASN A 86 -9.88 8.61 -12.68
N ASP A 87 -10.25 7.41 -12.29
CA ASP A 87 -10.25 6.89 -10.90
C ASP A 87 -8.83 6.70 -10.30
N GLU A 88 -7.91 7.60 -10.63
CA GLU A 88 -6.54 7.55 -10.15
C GLU A 88 -6.45 7.49 -8.61
N PRO A 89 -6.11 6.32 -8.05
CA PRO A 89 -6.12 6.09 -6.65
C PRO A 89 -4.79 6.36 -5.95
N TYR A 90 -4.79 7.40 -5.16
CA TYR A 90 -3.66 7.71 -4.29
C TYR A 90 -4.23 7.98 -2.93
N GLU A 91 -5.16 8.88 -2.92
CA GLU A 91 -5.87 9.26 -1.75
C GLU A 91 -6.88 8.17 -1.41
N ASN A 92 -7.63 7.79 -2.43
CA ASN A 92 -8.64 6.74 -2.32
C ASN A 92 -7.95 5.41 -2.09
N GLU A 93 -6.68 5.36 -2.52
CA GLU A 93 -5.90 4.16 -2.42
C GLU A 93 -5.61 3.85 -0.98
N ILE A 94 -5.00 4.82 -0.29
CA ILE A 94 -4.69 4.69 1.15
C ILE A 94 -5.96 4.35 1.92
N ASP A 95 -7.06 5.00 1.54
CA ASP A 95 -8.36 4.76 2.17
C ASP A 95 -8.78 3.30 2.06
N ASP A 96 -8.73 2.78 0.85
CA ASP A 96 -9.12 1.40 0.57
C ASP A 96 -8.15 0.45 1.22
N TYR A 97 -6.88 0.71 1.00
CA TYR A 97 -5.75 -0.04 1.54
C TYR A 97 -5.90 -0.17 3.05
N VAL A 98 -6.07 0.95 3.73
CA VAL A 98 -6.25 0.94 5.16
C VAL A 98 -7.49 0.16 5.54
N ASN A 99 -8.59 0.39 4.85
CA ASN A 99 -9.87 -0.29 5.11
C ASN A 99 -9.73 -1.81 4.97
N VAL A 100 -8.98 -2.25 3.99
CA VAL A 100 -8.73 -3.66 3.73
C VAL A 100 -7.85 -4.29 4.79
N ILE A 101 -6.92 -3.55 5.30
CA ILE A 101 -5.97 -4.08 6.21
C ILE A 101 -6.58 -3.99 7.62
N ASN A 102 -7.29 -2.89 7.83
CA ASN A 102 -8.00 -2.58 9.06
C ASN A 102 -9.29 -3.38 9.13
N GLU A 103 -9.52 -4.18 8.10
CA GLU A 103 -10.63 -5.11 8.07
C GLU A 103 -10.34 -6.11 9.20
N LYS A 104 -9.05 -6.38 9.35
CA LYS A 104 -8.52 -7.31 10.34
C LYS A 104 -7.63 -6.50 11.32
N GLY A 105 -7.89 -5.24 11.44
CA GLY A 105 -7.02 -4.38 12.17
C GLY A 105 -7.45 -4.11 13.56
N GLN A 106 -7.32 -5.06 14.42
CA GLN A 106 -7.56 -4.82 15.83
C GLN A 106 -6.24 -4.52 16.52
N GLU A 107 -6.07 -3.26 16.95
CA GLU A 107 -4.84 -2.71 17.52
C GLU A 107 -3.77 -2.54 16.42
N THR A 108 -2.85 -1.59 16.62
CA THR A 108 -1.79 -1.22 15.68
C THR A 108 -2.36 -0.49 14.45
N ILE A 109 -3.25 -1.17 13.72
CA ILE A 109 -3.83 -0.63 12.50
C ILE A 109 -4.86 0.39 12.89
N GLU A 110 -5.33 0.27 14.11
CA GLU A 110 -6.28 1.18 14.64
C GLU A 110 -5.66 2.56 14.93
N SER A 111 -4.35 2.62 14.98
CA SER A 111 -3.65 3.88 15.06
C SER A 111 -3.87 4.57 13.72
N LEU A 112 -3.88 3.77 12.66
CA LEU A 112 -4.15 4.23 11.32
C LEU A 112 -5.59 4.74 11.20
N ASN A 113 -6.46 4.38 12.17
CA ASN A 113 -7.80 4.98 12.25
C ASN A 113 -7.63 6.50 12.41
N HIS A 114 -6.73 6.88 13.31
CA HIS A 114 -6.40 8.30 13.43
C HIS A 114 -5.65 8.86 12.22
N LYS A 115 -4.80 8.04 11.61
CA LYS A 115 -4.12 8.44 10.36
C LYS A 115 -5.15 8.63 9.21
N LEU A 116 -6.22 7.85 9.24
CA LEU A 116 -7.33 8.00 8.29
C LEU A 116 -7.88 9.42 8.42
N ARG A 117 -8.06 9.85 9.67
CA ARG A 117 -8.48 11.22 9.97
C ARG A 117 -7.43 12.23 9.41
N GLU A 118 -6.17 11.86 9.49
CA GLU A 118 -5.07 12.70 9.04
C GLU A 118 -5.20 13.00 7.54
N ALA A 119 -5.40 11.98 6.74
CA ALA A 119 -5.59 12.16 5.30
C ALA A 119 -6.82 13.04 5.01
N THR A 120 -7.88 12.74 5.71
CA THR A 120 -9.17 13.37 5.56
C THR A 120 -9.27 14.86 6.01
N ARG A 121 -8.41 15.29 6.95
CA ARG A 121 -8.45 16.69 7.54
C ARG A 121 -8.50 17.88 6.53
N ILE A 122 -8.43 17.61 5.24
CA ILE A 122 -8.31 18.67 4.23
C ILE A 122 -9.61 19.46 3.98
N GLY A 123 -10.72 19.08 4.61
CA GLY A 123 -11.92 19.94 4.51
C GLY A 123 -13.14 19.26 3.91
N ASP A 124 -12.99 18.02 3.55
CA ASP A 124 -14.08 17.21 2.98
C ASP A 124 -15.05 16.81 4.07
N VAL A 125 -16.24 16.33 3.66
CA VAL A 125 -17.31 15.83 4.53
C VAL A 125 -16.77 14.67 5.43
N GLU A 126 -15.56 14.29 5.19
CA GLU A 126 -14.82 13.41 6.05
C GLU A 126 -14.66 14.06 7.45
N LEU A 127 -14.92 15.37 7.55
CA LEU A 127 -15.00 16.09 8.83
C LEU A 127 -16.27 15.65 9.57
N GLN A 128 -17.30 15.40 8.80
CA GLN A 128 -18.53 14.81 9.30
C GLN A 128 -18.18 13.42 9.86
N LYS A 129 -17.29 12.73 9.16
CA LYS A 129 -16.76 11.44 9.60
C LYS A 129 -15.80 11.62 10.78
N TYR A 130 -15.22 12.82 10.91
CA TYR A 130 -14.39 13.15 12.06
C TYR A 130 -15.19 13.01 13.32
N TYR A 131 -16.45 13.42 13.28
CA TYR A 131 -17.35 13.19 14.41
C TYR A 131 -17.34 11.69 14.79
N LEU A 132 -17.48 10.83 13.77
CA LEU A 132 -17.41 9.37 13.93
C LEU A 132 -16.05 8.97 14.49
N GLN A 133 -15.02 9.43 13.82
CA GLN A 133 -13.65 9.08 14.12
C GLN A 133 -13.26 9.52 15.52
N GLN A 134 -13.72 10.66 15.95
CA GLN A 134 -13.43 11.15 17.29
C GLN A 134 -14.01 10.19 18.31
N ILE A 135 -15.23 9.74 18.05
CA ILE A 135 -15.91 8.74 18.87
C ILE A 135 -15.09 7.43 18.92
N VAL A 136 -14.71 6.96 17.76
CA VAL A 136 -13.93 5.72 17.63
C VAL A 136 -12.54 5.89 18.25
N ALA A 137 -11.90 7.02 18.03
CA ALA A 137 -10.61 7.32 18.61
C ALA A 137 -10.72 7.40 20.12
N LYS A 138 -11.85 7.90 20.59
CA LYS A 138 -12.13 7.97 22.00
C LYS A 138 -12.23 6.55 22.53
N ASN A 139 -12.97 5.73 21.81
CA ASN A 139 -13.14 4.31 22.15
C ASN A 139 -11.87 3.53 22.00
N LYS A 140 -11.04 3.98 21.12
CA LYS A 140 -9.75 3.43 20.90
C LYS A 140 -8.87 3.71 22.10
N GLU A 141 -8.63 4.96 22.32
CA GLU A 141 -7.71 5.39 23.34
C GLU A 141 -8.37 5.63 24.71
N ARG A 142 -9.56 5.04 24.93
CA ARG A 142 -10.23 5.05 26.25
C ARG A 142 -9.49 4.10 27.20
N MET A 143 -8.57 3.38 26.63
CA MET A 143 -7.76 2.44 27.36
C MET A 143 -6.55 3.18 27.88
N PHE A 1 -12.27 -22.10 -0.59
CA PHE A 1 -11.91 -21.00 -1.46
C PHE A 1 -10.92 -20.08 -0.75
N ASP A 2 -9.97 -19.55 -1.48
CA ASP A 2 -8.94 -18.68 -0.90
C ASP A 2 -9.49 -17.36 -0.49
N ASN A 3 -8.86 -16.74 0.48
CA ASN A 3 -9.32 -15.46 1.02
C ASN A 3 -8.64 -14.34 0.27
N LEU A 4 -8.65 -14.45 -1.04
CA LEU A 4 -8.08 -13.46 -1.91
C LEU A 4 -8.89 -12.18 -1.81
N SER A 5 -8.43 -11.30 -0.98
CA SER A 5 -9.15 -10.11 -0.69
C SER A 5 -8.58 -8.90 -1.42
N ARG A 6 -9.17 -7.76 -1.15
CA ARG A 6 -8.71 -6.47 -1.62
C ARG A 6 -7.40 -6.04 -0.93
N GLN A 7 -7.05 -6.67 0.21
CA GLN A 7 -5.97 -6.20 1.07
C GLN A 7 -4.63 -6.08 0.40
N GLU A 8 -4.05 -7.19 0.04
CA GLU A 8 -2.77 -7.12 -0.56
C GLU A 8 -2.77 -6.67 -2.01
N LYS A 9 -3.95 -6.59 -2.60
CA LYS A 9 -4.10 -5.97 -3.91
C LYS A 9 -3.79 -4.46 -3.80
N ALA A 10 -4.33 -3.83 -2.76
CA ALA A 10 -4.06 -2.41 -2.47
C ALA A 10 -2.61 -2.26 -2.06
N GLU A 11 -2.09 -3.30 -1.49
CA GLU A 11 -0.72 -3.38 -1.07
C GLU A 11 0.17 -3.43 -2.31
N ARG A 12 -0.20 -4.26 -3.30
CA ARG A 12 0.49 -4.28 -4.62
C ARG A 12 0.46 -2.89 -5.26
N ALA A 13 -0.63 -2.17 -5.06
CA ALA A 13 -0.76 -0.82 -5.54
C ALA A 13 0.17 0.13 -4.77
N PHE A 14 0.27 -0.11 -3.47
CA PHE A 14 1.15 0.66 -2.57
C PHE A 14 2.61 0.45 -2.96
N LEU A 15 2.93 -0.79 -3.33
CA LEU A 15 4.26 -1.21 -3.79
C LEU A 15 4.64 -0.49 -5.08
N LYS A 16 3.70 -0.40 -5.99
CA LYS A 16 3.96 0.25 -7.25
C LYS A 16 4.00 1.76 -7.05
N HIS A 17 2.93 2.25 -6.43
CA HIS A 17 2.69 3.64 -6.04
C HIS A 17 3.17 4.66 -7.10
N LEU A 18 4.35 5.20 -6.90
CA LEU A 18 5.01 6.06 -7.84
C LEU A 18 6.46 5.60 -7.89
N MET A 19 7.12 5.83 -8.99
CA MET A 19 8.50 5.39 -9.20
C MET A 19 9.46 5.87 -8.08
N ARG A 20 9.19 7.06 -7.58
CA ARG A 20 10.01 7.72 -6.54
C ARG A 20 9.96 7.00 -5.19
N ASP A 21 8.97 6.16 -4.99
CA ASP A 21 8.64 5.57 -3.69
C ASP A 21 9.63 4.52 -3.12
N LYS A 22 10.92 4.78 -3.27
CA LYS A 22 11.97 3.93 -2.69
C LYS A 22 11.84 3.86 -1.17
N ASP A 23 11.60 5.01 -0.58
CA ASP A 23 11.42 5.13 0.86
C ASP A 23 10.23 4.29 1.29
N THR A 24 9.12 4.48 0.59
CA THR A 24 7.88 3.76 0.83
C THR A 24 8.08 2.25 0.67
N PHE A 25 8.82 1.86 -0.37
CA PHE A 25 9.20 0.48 -0.65
C PHE A 25 9.72 -0.19 0.63
N LEU A 26 10.71 0.41 1.26
CA LEU A 26 11.27 -0.17 2.49
C LEU A 26 10.41 0.10 3.73
N ASN A 27 9.65 1.20 3.72
CA ASN A 27 8.82 1.56 4.89
C ASN A 27 7.71 0.58 5.11
N TYR A 28 7.09 0.16 4.06
CA TYR A 28 5.99 -0.74 4.19
C TYR A 28 6.50 -2.17 4.32
N TYR A 29 7.55 -2.49 3.55
CA TYR A 29 8.18 -3.80 3.53
C TYR A 29 8.63 -4.30 4.90
N GLU A 30 9.49 -3.55 5.54
CA GLU A 30 10.13 -4.02 6.75
C GLU A 30 9.19 -3.95 7.96
N SER A 31 8.10 -3.22 7.85
CA SER A 31 7.27 -3.02 8.99
C SER A 31 6.31 -4.17 9.26
N VAL A 32 5.42 -4.46 8.33
CA VAL A 32 4.32 -5.35 8.62
C VAL A 32 4.04 -6.33 7.46
N ASP A 33 3.83 -7.61 7.79
CA ASP A 33 3.36 -8.62 6.80
C ASP A 33 1.85 -8.52 6.80
N LYS A 34 1.16 -8.97 5.76
CA LYS A 34 -0.23 -8.59 5.70
C LYS A 34 -1.12 -9.57 6.42
N ASP A 35 -1.64 -10.58 5.75
CA ASP A 35 -2.30 -11.55 6.56
C ASP A 35 -1.51 -12.83 6.71
N ASN A 36 -1.70 -13.72 5.73
CA ASN A 36 -0.94 -14.96 5.52
C ASN A 36 -0.35 -15.13 4.14
N PHE A 37 -1.26 -14.95 3.18
CA PHE A 37 -1.27 -15.61 1.87
C PHE A 37 -0.26 -15.31 0.74
N THR A 38 -0.58 -14.41 -0.15
CA THR A 38 0.12 -14.36 -1.42
C THR A 38 1.30 -13.39 -1.45
N ASN A 39 2.49 -13.86 -1.11
CA ASN A 39 3.62 -12.96 -1.19
C ASN A 39 4.81 -13.49 -2.00
N GLN A 40 4.51 -14.12 -3.13
CA GLN A 40 5.54 -14.48 -4.11
C GLN A 40 5.68 -13.32 -5.08
N HIS A 41 4.54 -12.70 -5.34
CA HIS A 41 4.48 -11.60 -6.28
C HIS A 41 5.30 -10.46 -5.79
N PHE A 42 5.23 -10.23 -4.50
CA PHE A 42 6.03 -9.23 -3.83
C PHE A 42 7.49 -9.60 -3.93
N LYS A 43 7.77 -10.88 -3.76
CA LYS A 43 9.10 -11.40 -3.74
C LYS A 43 9.81 -11.08 -5.04
N TYR A 44 9.16 -11.38 -6.18
CA TYR A 44 9.79 -11.06 -7.43
C TYR A 44 9.96 -9.53 -7.67
N VAL A 45 8.99 -8.72 -7.22
CA VAL A 45 9.10 -7.26 -7.40
C VAL A 45 10.21 -6.72 -6.51
N PHE A 46 10.19 -7.12 -5.24
CA PHE A 46 11.20 -6.76 -4.27
C PHE A 46 12.59 -7.05 -4.75
N GLU A 47 12.76 -8.18 -5.43
CA GLU A 47 14.03 -8.57 -5.99
C GLU A 47 14.50 -7.48 -6.96
N VAL A 48 13.70 -7.28 -8.00
CA VAL A 48 14.03 -6.33 -9.07
C VAL A 48 14.23 -4.93 -8.52
N LEU A 49 13.30 -4.48 -7.71
CA LEU A 49 13.30 -3.12 -7.25
C LEU A 49 14.50 -2.87 -6.30
N HIS A 50 14.78 -3.83 -5.42
CA HIS A 50 15.91 -3.73 -4.50
C HIS A 50 17.25 -3.86 -5.25
N ASP A 51 17.24 -4.68 -6.29
CA ASP A 51 18.42 -4.90 -7.16
C ASP A 51 18.82 -3.61 -7.85
N PHE A 52 17.84 -2.94 -8.45
CA PHE A 52 18.06 -1.64 -9.08
C PHE A 52 18.46 -0.62 -8.05
N TYR A 53 17.78 -0.62 -6.94
CA TYR A 53 18.03 0.30 -5.81
C TYR A 53 19.54 0.24 -5.40
N ALA A 54 20.06 -0.97 -5.36
CA ALA A 54 21.45 -1.22 -4.97
C ALA A 54 22.48 -0.71 -5.99
N GLU A 55 22.07 -0.53 -7.23
CA GLU A 55 23.02 -0.08 -8.28
C GLU A 55 22.66 1.28 -8.82
N ASN A 56 21.46 1.36 -9.25
CA ASN A 56 20.94 2.46 -10.01
C ASN A 56 20.09 3.39 -9.09
N ASP A 57 19.18 4.03 -9.70
CA ASP A 57 18.36 5.09 -9.19
C ASP A 57 16.97 4.48 -8.98
N GLN A 58 15.88 5.25 -8.94
CA GLN A 58 14.60 4.61 -8.78
C GLN A 58 14.26 3.68 -9.94
N TYR A 59 13.41 2.69 -9.68
CA TYR A 59 13.21 1.62 -10.56
C TYR A 59 12.20 2.01 -11.61
N ASN A 60 12.54 1.74 -12.83
CA ASN A 60 11.70 2.07 -13.95
C ASN A 60 10.49 1.15 -14.01
N ILE A 61 9.39 1.69 -14.47
CA ILE A 61 8.15 0.98 -14.57
C ILE A 61 8.14 0.21 -15.88
N SER A 62 9.10 0.55 -16.72
CA SER A 62 9.31 -0.13 -17.96
C SER A 62 9.54 -1.62 -17.71
N ASP A 63 10.25 -1.97 -16.63
CA ASP A 63 10.53 -3.38 -16.30
C ASP A 63 9.23 -4.09 -15.97
N ALA A 64 8.30 -3.35 -15.35
CA ALA A 64 6.97 -3.88 -15.04
C ALA A 64 6.24 -4.26 -16.33
N VAL A 65 6.41 -3.43 -17.34
CA VAL A 65 5.85 -3.63 -18.65
C VAL A 65 6.59 -4.77 -19.31
N GLN A 66 7.91 -4.84 -19.09
CA GLN A 66 8.74 -5.91 -19.63
C GLN A 66 8.40 -7.25 -19.01
N TYR A 67 7.57 -7.22 -17.96
CA TYR A 67 6.96 -8.41 -17.41
C TYR A 67 5.90 -8.92 -18.37
N VAL A 68 5.73 -8.21 -19.50
CA VAL A 68 4.83 -8.66 -20.59
C VAL A 68 5.45 -9.87 -21.35
N ASN A 69 6.45 -10.47 -20.76
CA ASN A 69 7.07 -11.67 -21.28
C ASN A 69 6.46 -12.84 -20.55
N SER A 70 5.96 -12.55 -19.37
CA SER A 70 5.37 -13.54 -18.53
C SER A 70 3.87 -13.58 -18.81
N ASN A 71 3.29 -14.76 -18.80
CA ASN A 71 1.89 -14.96 -19.16
C ASN A 71 0.92 -14.30 -18.17
N GLU A 72 1.09 -14.57 -16.89
CA GLU A 72 0.17 -14.03 -15.89
C GLU A 72 0.70 -12.74 -15.31
N LEU A 73 2.01 -12.69 -15.10
CA LEU A 73 2.63 -11.56 -14.43
C LEU A 73 2.51 -10.28 -15.25
N ARG A 74 2.29 -10.43 -16.57
CA ARG A 74 2.08 -9.29 -17.45
C ARG A 74 0.80 -8.57 -17.02
N GLU A 75 -0.25 -9.36 -16.81
CA GLU A 75 -1.54 -8.86 -16.44
C GLU A 75 -1.48 -8.12 -15.15
N THR A 76 -0.87 -8.75 -14.16
CA THR A 76 -0.78 -8.13 -12.87
C THR A 76 -0.01 -6.79 -12.90
N LEU A 77 1.22 -6.81 -13.42
CA LEU A 77 2.02 -5.58 -13.44
C LEU A 77 1.47 -4.48 -14.31
N ILE A 78 0.87 -4.83 -15.42
CA ILE A 78 0.25 -3.83 -16.27
C ILE A 78 -1.03 -3.30 -15.59
N SER A 79 -1.69 -4.14 -14.81
CA SER A 79 -2.78 -3.69 -13.93
C SER A 79 -2.26 -2.58 -12.99
N LEU A 80 -1.06 -2.78 -12.49
CA LEU A 80 -0.37 -1.77 -11.69
C LEU A 80 0.17 -0.58 -12.53
N GLU A 81 0.22 -0.73 -13.84
CA GLU A 81 0.61 0.36 -14.75
C GLU A 81 -0.54 1.32 -14.98
N GLN A 82 -1.72 0.77 -15.14
CA GLN A 82 -2.93 1.53 -15.46
C GLN A 82 -3.54 2.26 -14.23
N TYR A 83 -2.71 2.61 -13.25
CA TYR A 83 -3.16 3.36 -12.07
C TYR A 83 -3.59 4.79 -12.45
N ASN A 84 -4.31 5.46 -11.58
CA ASN A 84 -4.81 6.80 -11.90
C ASN A 84 -3.86 7.87 -11.40
N LEU A 85 -3.91 9.03 -12.04
CA LEU A 85 -3.07 10.20 -11.72
C LEU A 85 -3.55 10.93 -10.47
N ASN A 86 -4.30 10.25 -9.64
CA ASN A 86 -4.85 10.78 -8.39
C ASN A 86 -3.76 10.77 -7.29
N ASP A 87 -2.49 10.73 -7.71
CA ASP A 87 -1.28 10.75 -6.85
C ASP A 87 -1.07 12.12 -6.17
N GLU A 88 -2.07 12.95 -6.30
CA GLU A 88 -2.09 14.34 -5.84
C GLU A 88 -1.75 14.45 -4.33
N PRO A 89 -1.22 15.63 -3.87
CA PRO A 89 -0.80 15.88 -2.45
C PRO A 89 -1.99 16.02 -1.48
N TYR A 90 -2.90 15.13 -1.64
CA TYR A 90 -4.10 15.02 -0.85
C TYR A 90 -4.21 13.56 -0.53
N GLU A 91 -3.14 12.99 -0.04
CA GLU A 91 -2.95 11.55 0.14
C GLU A 91 -4.00 10.80 1.00
N ASN A 92 -5.19 10.74 0.49
CA ASN A 92 -6.29 9.95 1.02
C ASN A 92 -5.96 8.48 0.77
N GLU A 93 -5.10 8.28 -0.21
CA GLU A 93 -4.57 6.98 -0.62
C GLU A 93 -4.16 6.17 0.63
N ILE A 94 -3.31 6.74 1.47
CA ILE A 94 -2.83 6.09 2.72
C ILE A 94 -4.01 5.83 3.67
N ASP A 95 -4.95 6.78 3.74
CA ASP A 95 -6.17 6.65 4.56
C ASP A 95 -6.94 5.39 4.19
N ASP A 96 -7.18 5.25 2.90
CA ASP A 96 -7.92 4.12 2.37
C ASP A 96 -7.11 2.85 2.54
N TYR A 97 -5.84 2.95 2.17
CA TYR A 97 -4.86 1.87 2.26
C TYR A 97 -4.82 1.26 3.66
N VAL A 98 -4.64 2.10 4.65
CA VAL A 98 -4.59 1.65 6.03
C VAL A 98 -5.91 0.97 6.43
N ASN A 99 -7.01 1.57 6.06
CA ASN A 99 -8.35 1.03 6.34
C ASN A 99 -8.59 -0.33 5.67
N VAL A 100 -8.06 -0.50 4.48
CA VAL A 100 -8.16 -1.75 3.73
C VAL A 100 -7.30 -2.84 4.35
N ILE A 101 -6.07 -2.51 4.59
CA ILE A 101 -5.06 -3.44 4.95
C ILE A 101 -5.15 -3.77 6.38
N ASN A 102 -5.10 -2.76 7.22
CA ASN A 102 -5.04 -2.95 8.65
C ASN A 102 -6.39 -3.39 9.21
N GLU A 103 -7.35 -3.54 8.30
CA GLU A 103 -8.62 -4.17 8.61
C GLU A 103 -8.33 -5.65 8.90
N LYS A 104 -7.10 -6.10 8.52
CA LYS A 104 -6.64 -7.46 8.86
C LYS A 104 -6.62 -7.71 10.38
N GLY A 105 -6.64 -6.66 11.19
CA GLY A 105 -6.71 -6.84 12.60
C GLY A 105 -5.54 -6.26 13.32
N GLN A 106 -5.82 -5.37 14.24
CA GLN A 106 -4.82 -4.80 15.13
C GLN A 106 -5.53 -4.11 16.31
N GLU A 107 -5.91 -2.87 16.12
CA GLU A 107 -6.55 -2.10 17.17
C GLU A 107 -8.03 -1.90 16.86
N THR A 108 -8.71 -1.11 17.65
CA THR A 108 -10.12 -0.89 17.46
C THR A 108 -10.33 0.29 16.51
N ILE A 109 -11.53 0.37 15.95
CA ILE A 109 -11.91 1.41 15.02
C ILE A 109 -11.66 2.82 15.57
N GLU A 110 -11.91 3.01 16.84
CA GLU A 110 -11.78 4.32 17.43
C GLU A 110 -10.31 4.69 17.62
N SER A 111 -9.51 3.66 17.88
CA SER A 111 -8.09 3.80 18.01
C SER A 111 -7.51 4.21 16.64
N LEU A 112 -8.07 3.60 15.58
CA LEU A 112 -7.72 3.93 14.22
C LEU A 112 -7.99 5.39 13.97
N ASN A 113 -9.15 5.85 14.45
CA ASN A 113 -9.61 7.24 14.27
C ASN A 113 -8.55 8.24 14.69
N HIS A 114 -7.98 8.04 15.88
CA HIS A 114 -6.95 8.95 16.35
C HIS A 114 -5.72 8.91 15.44
N LYS A 115 -5.36 7.68 15.02
CA LYS A 115 -4.21 7.44 14.15
C LYS A 115 -4.42 8.06 12.76
N LEU A 116 -5.62 7.90 12.24
CA LEU A 116 -6.01 8.44 10.94
C LEU A 116 -5.76 9.90 10.89
N ARG A 117 -6.36 10.61 11.81
CA ARG A 117 -6.22 12.03 11.86
C ARG A 117 -4.79 12.50 12.09
N GLU A 118 -4.01 11.66 12.72
CA GLU A 118 -2.62 11.94 12.92
C GLU A 118 -1.88 11.88 11.57
N ALA A 119 -2.25 10.92 10.74
CA ALA A 119 -1.72 10.82 9.38
C ALA A 119 -2.17 12.03 8.54
N THR A 120 -3.47 12.32 8.61
CA THR A 120 -4.12 13.40 7.87
C THR A 120 -3.54 14.79 8.25
N ARG A 121 -2.98 14.88 9.46
CA ARG A 121 -2.27 16.06 10.02
C ARG A 121 -1.20 16.65 9.04
N ILE A 122 -0.96 15.98 7.92
CA ILE A 122 0.04 16.37 6.95
C ILE A 122 -0.38 17.66 6.18
N GLY A 123 -1.65 18.04 6.21
CA GLY A 123 -2.00 19.34 5.66
C GLY A 123 -3.10 19.44 4.60
N ASP A 124 -3.94 18.43 4.44
CA ASP A 124 -5.12 18.63 3.56
C ASP A 124 -6.19 19.25 4.39
N VAL A 125 -6.50 20.51 4.15
CA VAL A 125 -7.39 21.28 5.02
C VAL A 125 -8.78 20.61 5.25
N GLU A 126 -9.39 20.07 4.20
CA GLU A 126 -10.71 19.50 4.33
C GLU A 126 -10.69 18.27 5.21
N LEU A 127 -9.86 17.33 4.83
CA LEU A 127 -9.77 16.10 5.56
C LEU A 127 -9.14 16.31 6.91
N GLN A 128 -8.19 17.22 7.01
CA GLN A 128 -7.54 17.56 8.28
C GLN A 128 -8.58 18.02 9.28
N LYS A 129 -9.46 18.92 8.87
CA LYS A 129 -10.52 19.45 9.73
C LYS A 129 -11.47 18.31 10.13
N TYR A 130 -11.85 17.52 9.15
CA TYR A 130 -12.67 16.32 9.31
C TYR A 130 -11.99 15.38 10.33
N TYR A 131 -10.80 15.14 10.09
CA TYR A 131 -10.03 14.34 10.92
C TYR A 131 -9.76 14.96 12.32
N LEU A 132 -9.74 16.24 12.44
CA LEU A 132 -9.62 16.82 13.76
C LEU A 132 -10.89 16.59 14.61
N GLN A 133 -11.97 16.31 13.93
CA GLN A 133 -13.14 15.76 14.58
C GLN A 133 -12.76 14.45 15.16
N GLN A 134 -11.98 13.71 14.40
CA GLN A 134 -11.44 12.47 14.93
C GLN A 134 -10.49 12.70 16.14
N ILE A 135 -10.01 13.96 16.34
CA ILE A 135 -9.38 14.33 17.65
C ILE A 135 -10.45 14.15 18.73
N VAL A 136 -11.63 14.66 18.43
CA VAL A 136 -12.79 14.48 19.31
C VAL A 136 -13.13 12.97 19.43
N ALA A 137 -12.95 12.23 18.34
CA ALA A 137 -13.11 10.77 18.35
C ALA A 137 -12.06 10.11 19.26
N LYS A 138 -10.91 10.72 19.38
CA LYS A 138 -9.90 10.23 20.30
C LYS A 138 -10.43 10.42 21.74
N ASN A 139 -11.15 11.51 21.93
CA ASN A 139 -11.79 11.82 23.19
C ASN A 139 -12.94 10.83 23.47
N LYS A 140 -13.67 10.43 22.43
CA LYS A 140 -14.79 9.47 22.60
C LYS A 140 -14.24 8.08 22.98
N GLU A 141 -13.01 7.81 22.55
CA GLU A 141 -12.32 6.58 22.90
C GLU A 141 -11.85 6.67 24.36
N ARG A 142 -11.37 7.84 24.72
CA ARG A 142 -10.84 8.13 26.04
C ARG A 142 -11.97 8.22 27.08
N MET A 143 -13.08 8.73 26.68
CA MET A 143 -14.22 8.94 27.53
C MET A 143 -15.43 8.41 26.85
N PHE A 1 -17.44 -19.46 -2.36
CA PHE A 1 -16.71 -18.36 -1.82
C PHE A 1 -15.68 -17.83 -2.79
N ASP A 2 -15.70 -16.53 -3.00
CA ASP A 2 -14.71 -15.88 -3.84
C ASP A 2 -13.47 -15.65 -3.01
N ASN A 3 -12.31 -15.72 -3.60
CA ASN A 3 -11.08 -15.56 -2.82
C ASN A 3 -10.62 -14.10 -2.82
N LEU A 4 -11.58 -13.26 -2.58
CA LEU A 4 -11.40 -11.82 -2.53
C LEU A 4 -10.53 -11.42 -1.36
N SER A 5 -9.30 -11.12 -1.64
CA SER A 5 -8.44 -10.60 -0.64
C SER A 5 -8.22 -9.16 -1.00
N ARG A 6 -8.87 -8.27 -0.30
CA ARG A 6 -8.76 -6.86 -0.60
C ARG A 6 -7.41 -6.30 -0.24
N GLN A 7 -6.78 -6.90 0.75
CA GLN A 7 -5.48 -6.44 1.21
C GLN A 7 -4.42 -6.71 0.15
N GLU A 8 -4.32 -7.97 -0.29
CA GLU A 8 -3.32 -8.33 -1.30
C GLU A 8 -3.63 -7.58 -2.61
N LYS A 9 -4.92 -7.42 -2.90
CA LYS A 9 -5.39 -6.68 -4.07
C LYS A 9 -4.87 -5.25 -4.05
N ALA A 10 -4.92 -4.64 -2.87
CA ALA A 10 -4.48 -3.27 -2.69
C ALA A 10 -2.99 -3.16 -2.94
N GLU A 11 -2.25 -4.12 -2.40
CA GLU A 11 -0.80 -4.20 -2.55
C GLU A 11 -0.42 -4.31 -4.01
N ARG A 12 -1.14 -5.17 -4.73
CA ARG A 12 -0.92 -5.39 -6.15
C ARG A 12 -0.96 -4.07 -6.91
N ALA A 13 -2.04 -3.34 -6.72
CA ALA A 13 -2.26 -2.07 -7.40
C ALA A 13 -1.31 -0.97 -6.89
N PHE A 14 -1.13 -0.91 -5.57
CA PHE A 14 -0.33 0.11 -4.89
C PHE A 14 1.09 0.17 -5.43
N LEU A 15 1.58 -1.00 -5.75
CA LEU A 15 2.92 -1.23 -6.22
C LEU A 15 3.21 -0.40 -7.50
N LYS A 16 2.21 -0.16 -8.32
CA LYS A 16 2.44 0.47 -9.61
C LYS A 16 2.82 1.96 -9.49
N HIS A 17 2.50 2.60 -8.38
CA HIS A 17 2.69 4.04 -8.33
C HIS A 17 3.67 4.47 -7.24
N LEU A 18 4.33 3.55 -6.64
CA LEU A 18 5.34 3.91 -5.67
C LEU A 18 6.72 4.03 -6.33
N MET A 19 6.87 5.09 -7.09
CA MET A 19 8.11 5.34 -7.80
C MET A 19 9.05 6.33 -7.12
N ARG A 20 8.79 6.75 -5.84
CA ARG A 20 9.61 7.85 -5.26
C ARG A 20 11.09 7.50 -5.05
N ASP A 21 11.54 7.11 -3.84
CA ASP A 21 12.91 6.54 -3.75
C ASP A 21 13.12 5.41 -2.76
N LYS A 22 13.38 5.78 -1.51
CA LYS A 22 13.65 4.83 -0.45
C LYS A 22 12.39 4.57 0.31
N ASP A 23 11.67 5.67 0.50
CA ASP A 23 10.39 5.74 1.20
C ASP A 23 9.47 4.71 0.62
N THR A 24 9.55 4.57 -0.66
CA THR A 24 8.78 3.69 -1.46
C THR A 24 8.93 2.22 -1.05
N PHE A 25 10.16 1.77 -0.95
CA PHE A 25 10.44 0.39 -0.69
C PHE A 25 9.96 0.06 0.69
N LEU A 26 10.26 0.93 1.60
CA LEU A 26 9.89 0.73 2.99
C LEU A 26 8.39 1.01 3.19
N ASN A 27 7.78 1.79 2.28
CA ASN A 27 6.37 2.19 2.37
C ASN A 27 5.49 0.99 2.23
N TYR A 28 5.85 0.11 1.34
CA TYR A 28 5.10 -1.10 1.21
C TYR A 28 5.60 -2.11 2.24
N TYR A 29 6.89 -2.35 2.19
CA TYR A 29 7.57 -3.38 2.93
C TYR A 29 7.42 -3.30 4.47
N GLU A 30 7.38 -2.10 5.04
CA GLU A 30 7.21 -1.95 6.50
C GLU A 30 5.73 -2.04 6.92
N SER A 31 4.85 -1.76 6.00
CA SER A 31 3.44 -1.70 6.31
C SER A 31 2.77 -3.08 6.25
N VAL A 32 3.13 -3.86 5.27
CA VAL A 32 2.47 -5.15 5.05
C VAL A 32 3.35 -6.29 5.58
N ASP A 33 2.74 -7.44 5.78
CA ASP A 33 3.43 -8.63 6.22
C ASP A 33 3.91 -9.44 5.06
N LYS A 34 5.20 -9.32 4.80
CA LYS A 34 5.84 -9.97 3.68
C LYS A 34 5.69 -11.49 3.72
N ASP A 35 5.73 -12.06 4.93
CA ASP A 35 5.65 -13.52 5.12
C ASP A 35 4.25 -14.07 4.87
N ASN A 36 3.25 -13.26 5.11
CA ASN A 36 1.88 -13.73 4.93
C ASN A 36 1.50 -13.59 3.47
N PHE A 37 1.63 -12.39 2.98
CA PHE A 37 1.24 -12.00 1.65
C PHE A 37 2.20 -12.42 0.53
N THR A 38 3.16 -13.29 0.84
CA THR A 38 4.24 -13.67 -0.09
C THR A 38 3.69 -14.15 -1.45
N ASN A 39 3.72 -13.25 -2.41
CA ASN A 39 3.28 -13.50 -3.75
C ASN A 39 4.48 -13.30 -4.68
N GLN A 40 4.46 -13.94 -5.82
CA GLN A 40 5.54 -13.85 -6.81
C GLN A 40 5.74 -12.39 -7.25
N HIS A 41 4.63 -11.65 -7.25
CA HIS A 41 4.61 -10.23 -7.62
C HIS A 41 5.53 -9.47 -6.70
N PHE A 42 5.29 -9.65 -5.45
CA PHE A 42 6.03 -8.99 -4.42
C PHE A 42 7.47 -9.46 -4.38
N LYS A 43 7.69 -10.74 -4.68
CA LYS A 43 8.99 -11.35 -4.64
C LYS A 43 9.90 -10.72 -5.65
N TYR A 44 9.41 -10.62 -6.88
CA TYR A 44 10.18 -10.01 -7.93
C TYR A 44 10.52 -8.57 -7.62
N VAL A 45 9.51 -7.78 -7.33
CA VAL A 45 9.71 -6.36 -7.07
C VAL A 45 10.63 -6.14 -5.88
N PHE A 46 10.35 -6.84 -4.77
CA PHE A 46 11.19 -6.79 -3.58
C PHE A 46 12.66 -7.00 -3.93
N GLU A 47 12.94 -8.06 -4.68
CA GLU A 47 14.31 -8.37 -5.08
C GLU A 47 14.92 -7.28 -5.95
N VAL A 48 14.23 -6.93 -7.04
CA VAL A 48 14.74 -5.91 -7.99
C VAL A 48 14.98 -4.60 -7.26
N LEU A 49 14.01 -4.23 -6.46
CA LEU A 49 14.05 -2.98 -5.79
C LEU A 49 15.19 -2.98 -4.77
N HIS A 50 15.25 -4.04 -3.97
CA HIS A 50 16.28 -4.19 -2.93
C HIS A 50 17.67 -4.19 -3.54
N ASP A 51 17.82 -4.89 -4.64
CA ASP A 51 19.13 -5.08 -5.25
C ASP A 51 19.66 -3.80 -5.89
N PHE A 52 18.81 -3.06 -6.61
CA PHE A 52 19.27 -1.79 -7.18
C PHE A 52 19.41 -0.71 -6.13
N TYR A 53 18.46 -0.64 -5.23
CA TYR A 53 18.48 0.31 -4.08
C TYR A 53 19.79 0.14 -3.27
N ALA A 54 20.30 -1.09 -3.24
CA ALA A 54 21.53 -1.43 -2.58
C ALA A 54 22.77 -0.87 -3.30
N GLU A 55 22.64 -0.62 -4.60
CA GLU A 55 23.76 -0.15 -5.40
C GLU A 55 23.60 1.30 -5.84
N ASN A 56 22.42 1.64 -6.28
CA ASN A 56 22.12 2.92 -6.89
C ASN A 56 20.80 3.44 -6.32
N ASP A 57 20.12 4.22 -7.11
CA ASP A 57 18.85 4.84 -6.79
C ASP A 57 17.68 3.84 -6.94
N GLN A 58 16.48 4.38 -6.98
CA GLN A 58 15.25 3.63 -6.95
C GLN A 58 14.89 2.87 -8.23
N TYR A 59 13.75 2.21 -8.18
CA TYR A 59 13.24 1.43 -9.16
C TYR A 59 12.14 2.21 -9.84
N ASN A 60 12.09 2.14 -11.13
CA ASN A 60 11.06 2.83 -11.89
C ASN A 60 10.26 1.80 -12.66
N ILE A 61 9.12 2.21 -13.21
CA ILE A 61 8.28 1.31 -13.99
C ILE A 61 8.95 0.96 -15.32
N SER A 62 10.04 1.66 -15.59
CA SER A 62 10.89 1.42 -16.72
C SER A 62 11.37 -0.03 -16.69
N ASP A 63 11.71 -0.53 -15.49
CA ASP A 63 12.16 -1.90 -15.33
C ASP A 63 10.99 -2.85 -15.54
N ALA A 64 9.83 -2.44 -15.00
CA ALA A 64 8.58 -3.22 -15.10
C ALA A 64 8.18 -3.44 -16.58
N VAL A 65 8.18 -2.39 -17.36
CA VAL A 65 7.86 -2.48 -18.77
C VAL A 65 8.95 -3.28 -19.52
N GLN A 66 10.17 -3.23 -19.02
CA GLN A 66 11.25 -4.03 -19.59
C GLN A 66 11.01 -5.51 -19.27
N TYR A 67 10.22 -5.76 -18.23
CA TYR A 67 9.86 -7.11 -17.83
C TYR A 67 8.88 -7.77 -18.74
N VAL A 68 8.11 -6.99 -19.48
CA VAL A 68 7.00 -7.57 -20.26
C VAL A 68 7.45 -8.35 -21.56
N ASN A 69 8.35 -9.27 -21.35
CA ASN A 69 8.79 -10.19 -22.38
C ASN A 69 8.21 -11.53 -22.01
N SER A 70 8.11 -11.76 -20.72
CA SER A 70 7.43 -12.88 -20.17
C SER A 70 5.96 -12.45 -19.94
N ASN A 71 5.04 -13.36 -20.12
CA ASN A 71 3.63 -13.02 -20.17
C ASN A 71 2.95 -12.73 -18.84
N GLU A 72 2.80 -13.76 -18.04
CA GLU A 72 1.90 -13.76 -16.88
C GLU A 72 2.01 -12.59 -15.90
N LEU A 73 3.04 -12.58 -15.13
CA LEU A 73 3.17 -11.62 -14.05
C LEU A 73 3.43 -10.22 -14.59
N ARG A 74 4.10 -10.17 -15.69
CA ARG A 74 4.56 -8.94 -16.25
C ARG A 74 3.40 -8.19 -16.91
N GLU A 75 2.57 -8.92 -17.66
CA GLU A 75 1.39 -8.33 -18.27
C GLU A 75 0.49 -7.79 -17.19
N THR A 76 0.38 -8.56 -16.11
CA THR A 76 -0.40 -8.17 -14.97
C THR A 76 0.00 -6.78 -14.46
N LEU A 77 1.30 -6.55 -14.27
CA LEU A 77 1.76 -5.22 -13.84
C LEU A 77 1.39 -4.11 -14.79
N ILE A 78 1.46 -4.39 -16.07
CA ILE A 78 1.09 -3.40 -17.08
C ILE A 78 -0.42 -3.13 -17.00
N SER A 79 -1.19 -4.20 -16.81
CA SER A 79 -2.63 -4.10 -16.59
C SER A 79 -2.90 -3.23 -15.34
N LEU A 80 -2.15 -3.50 -14.28
CA LEU A 80 -2.24 -2.76 -13.03
C LEU A 80 -1.82 -1.30 -13.20
N GLU A 81 -0.92 -1.05 -14.13
CA GLU A 81 -0.49 0.30 -14.41
C GLU A 81 -1.57 1.02 -15.21
N GLN A 82 -2.24 0.26 -16.08
CA GLN A 82 -3.32 0.79 -16.89
C GLN A 82 -4.44 1.28 -16.01
N TYR A 83 -4.65 0.57 -14.92
CA TYR A 83 -5.57 0.97 -13.90
C TYR A 83 -5.01 2.22 -13.22
N ASN A 84 -5.67 3.33 -13.38
CA ASN A 84 -5.20 4.55 -12.78
C ASN A 84 -6.31 5.32 -12.09
N LEU A 85 -6.31 5.22 -10.78
CA LEU A 85 -7.25 5.94 -9.94
C LEU A 85 -6.65 7.29 -9.51
N ASN A 86 -5.36 7.42 -9.76
CA ASN A 86 -4.51 8.54 -9.32
C ASN A 86 -4.77 9.91 -10.03
N ASP A 87 -5.93 10.07 -10.66
CA ASP A 87 -6.28 11.33 -11.37
C ASP A 87 -6.48 12.51 -10.41
N GLU A 88 -6.95 12.20 -9.24
CA GLU A 88 -7.18 13.18 -8.20
C GLU A 88 -5.93 13.19 -7.27
N PRO A 89 -5.87 14.02 -6.17
CA PRO A 89 -4.72 13.97 -5.22
C PRO A 89 -4.42 12.52 -4.84
N TYR A 90 -3.14 12.19 -4.79
CA TYR A 90 -2.68 10.78 -4.68
C TYR A 90 -2.88 10.19 -3.31
N GLU A 91 -3.51 10.94 -2.47
CA GLU A 91 -3.85 10.49 -1.19
C GLU A 91 -5.01 9.54 -1.24
N ASN A 92 -5.66 9.48 -2.38
CA ASN A 92 -6.73 8.54 -2.58
C ASN A 92 -6.17 7.15 -2.66
N GLU A 93 -4.90 7.06 -3.03
CA GLU A 93 -4.26 5.78 -3.19
C GLU A 93 -3.85 5.27 -1.85
N ILE A 94 -3.05 6.06 -1.14
CA ILE A 94 -2.59 5.68 0.19
C ILE A 94 -3.74 5.59 1.19
N ASP A 95 -4.73 6.49 1.10
CA ASP A 95 -5.88 6.44 2.04
C ASP A 95 -6.69 5.17 1.89
N ASP A 96 -6.98 4.79 0.65
CA ASP A 96 -7.77 3.58 0.37
C ASP A 96 -6.97 2.38 0.82
N TYR A 97 -5.71 2.42 0.45
CA TYR A 97 -4.73 1.41 0.77
C TYR A 97 -4.63 1.20 2.28
N VAL A 98 -4.44 2.28 3.03
CA VAL A 98 -4.31 2.17 4.47
C VAL A 98 -5.63 1.70 5.12
N ASN A 99 -6.78 2.14 4.58
CA ASN A 99 -8.10 1.69 5.08
C ASN A 99 -8.26 0.18 4.88
N VAL A 100 -7.66 -0.31 3.83
CA VAL A 100 -7.62 -1.72 3.54
C VAL A 100 -6.59 -2.47 4.40
N ILE A 101 -5.36 -2.04 4.33
CA ILE A 101 -4.24 -2.75 4.88
C ILE A 101 -4.20 -2.62 6.39
N ASN A 102 -4.30 -1.40 6.87
CA ASN A 102 -4.16 -1.10 8.28
C ASN A 102 -5.45 -1.40 9.02
N GLU A 103 -6.47 -1.81 8.25
CA GLU A 103 -7.69 -2.36 8.81
C GLU A 103 -7.32 -3.65 9.51
N LYS A 104 -6.31 -4.32 8.96
CA LYS A 104 -5.77 -5.51 9.56
C LYS A 104 -4.45 -5.16 10.23
N GLY A 105 -4.35 -3.93 10.69
CA GLY A 105 -3.11 -3.48 11.24
C GLY A 105 -3.23 -2.93 12.63
N GLN A 106 -3.59 -1.67 12.74
CA GLN A 106 -3.55 -0.99 14.03
C GLN A 106 -4.74 -0.06 14.30
N GLU A 107 -5.64 0.12 13.34
CA GLU A 107 -6.68 1.12 13.55
C GLU A 107 -7.91 0.62 14.31
N THR A 108 -8.19 1.28 15.41
CA THR A 108 -9.32 0.98 16.26
C THR A 108 -10.00 2.31 16.71
N ILE A 109 -9.22 3.20 17.29
CA ILE A 109 -9.72 4.48 17.70
C ILE A 109 -9.53 5.46 16.56
N GLU A 110 -8.42 5.31 15.89
CA GLU A 110 -8.03 6.10 14.77
C GLU A 110 -8.81 5.73 13.55
N SER A 111 -9.40 4.54 13.53
CA SER A 111 -10.18 4.12 12.40
C SER A 111 -11.40 5.03 12.24
N LEU A 112 -11.88 5.53 13.37
CA LEU A 112 -12.96 6.50 13.42
C LEU A 112 -12.50 7.78 12.73
N ASN A 113 -11.38 8.32 13.19
CA ASN A 113 -10.81 9.53 12.61
C ASN A 113 -10.42 9.33 11.17
N HIS A 114 -9.96 8.13 10.88
CA HIS A 114 -9.59 7.71 9.55
C HIS A 114 -10.82 7.72 8.64
N LYS A 115 -11.98 7.38 9.19
CA LYS A 115 -13.22 7.41 8.43
C LYS A 115 -13.47 8.84 7.94
N LEU A 116 -13.30 9.78 8.84
CA LEU A 116 -13.35 11.21 8.49
C LEU A 116 -12.35 11.53 7.34
N ARG A 117 -11.16 10.96 7.41
CA ARG A 117 -10.17 11.09 6.33
C ARG A 117 -10.65 10.45 4.99
N GLU A 118 -11.44 9.39 5.05
CA GLU A 118 -12.00 8.82 3.84
C GLU A 118 -12.97 9.84 3.22
N ALA A 119 -13.79 10.43 4.07
CA ALA A 119 -14.70 11.50 3.66
C ALA A 119 -13.91 12.74 3.19
N THR A 120 -12.67 12.82 3.64
CA THR A 120 -11.74 13.86 3.27
C THR A 120 -11.34 13.74 1.79
N ARG A 121 -11.21 12.50 1.34
CA ARG A 121 -10.79 12.12 -0.03
C ARG A 121 -11.70 12.73 -1.15
N ILE A 122 -12.81 13.37 -0.79
CA ILE A 122 -13.75 13.89 -1.78
C ILE A 122 -13.16 15.12 -2.52
N GLY A 123 -12.24 15.82 -1.88
CA GLY A 123 -11.49 16.83 -2.60
C GLY A 123 -11.58 18.26 -2.10
N ASP A 124 -12.78 18.86 -1.98
CA ASP A 124 -12.82 20.30 -1.67
C ASP A 124 -13.99 20.71 -0.74
N VAL A 125 -14.03 20.12 0.43
CA VAL A 125 -14.85 20.59 1.52
C VAL A 125 -13.95 21.51 2.40
N GLU A 126 -12.82 21.95 1.78
CA GLU A 126 -11.56 22.45 2.40
C GLU A 126 -11.63 23.20 3.69
N LEU A 127 -12.63 23.97 3.90
CA LEU A 127 -12.76 24.68 5.15
C LEU A 127 -13.06 23.62 6.24
N GLN A 128 -14.18 22.96 6.04
CA GLN A 128 -14.63 21.86 6.88
C GLN A 128 -13.58 20.77 6.90
N LYS A 129 -13.07 20.49 5.72
CA LYS A 129 -12.11 19.43 5.47
C LYS A 129 -10.86 19.66 6.30
N TYR A 130 -10.41 20.91 6.33
CA TYR A 130 -9.25 21.34 7.09
C TYR A 130 -9.41 20.92 8.53
N TYR A 131 -10.52 21.32 9.13
CA TYR A 131 -10.79 20.96 10.50
C TYR A 131 -10.91 19.45 10.70
N LEU A 132 -11.66 18.81 9.82
CA LEU A 132 -11.91 17.37 9.88
C LEU A 132 -10.63 16.54 9.78
N GLN A 133 -9.82 16.81 8.78
CA GLN A 133 -8.57 16.09 8.67
C GLN A 133 -7.56 16.46 9.73
N GLN A 134 -7.66 17.65 10.29
CA GLN A 134 -6.84 17.98 11.43
C GLN A 134 -7.29 17.23 12.68
N ILE A 135 -8.57 16.85 12.70
CA ILE A 135 -9.09 15.98 13.76
C ILE A 135 -8.33 14.65 13.72
N VAL A 136 -8.25 14.03 12.53
CA VAL A 136 -7.47 12.79 12.42
C VAL A 136 -5.98 13.05 12.68
N ALA A 137 -5.50 14.25 12.28
CA ALA A 137 -4.10 14.63 12.52
C ALA A 137 -3.79 14.61 14.00
N LYS A 138 -4.72 15.13 14.77
CA LYS A 138 -4.60 15.19 16.21
C LYS A 138 -4.55 13.76 16.79
N ASN A 139 -5.40 12.90 16.29
CA ASN A 139 -5.47 11.51 16.75
C ASN A 139 -4.20 10.72 16.42
N LYS A 140 -3.71 10.85 15.20
CA LYS A 140 -2.50 10.15 14.82
C LYS A 140 -1.26 10.75 15.49
N GLU A 141 -1.32 12.04 15.76
CA GLU A 141 -0.23 12.71 16.45
C GLU A 141 -0.24 12.33 17.94
N ARG A 142 -1.38 11.79 18.39
CA ARG A 142 -1.55 11.27 19.75
C ARG A 142 -0.66 10.04 19.97
N MET A 143 -0.23 9.45 18.89
CA MET A 143 0.65 8.32 18.96
C MET A 143 2.07 8.82 18.98
N PHE A 1 -3.06 -20.18 7.70
CA PHE A 1 -3.24 -20.25 6.25
C PHE A 1 -3.39 -18.85 5.65
N ASP A 2 -2.58 -18.58 4.66
CA ASP A 2 -2.61 -17.30 3.95
C ASP A 2 -3.89 -17.15 3.15
N ASN A 3 -4.45 -15.98 3.19
CA ASN A 3 -5.68 -15.67 2.55
C ASN A 3 -5.53 -14.35 1.84
N LEU A 4 -5.03 -14.39 0.66
CA LEU A 4 -4.88 -13.18 -0.12
C LEU A 4 -6.23 -12.54 -0.37
N SER A 5 -6.41 -11.41 0.22
CA SER A 5 -7.65 -10.68 0.13
C SER A 5 -7.48 -9.44 -0.79
N ARG A 6 -8.49 -8.56 -0.82
CA ARG A 6 -8.50 -7.33 -1.66
C ARG A 6 -7.32 -6.42 -1.31
N GLN A 7 -6.82 -6.57 -0.13
CA GLN A 7 -5.71 -5.82 0.36
C GLN A 7 -4.44 -6.00 -0.47
N GLU A 8 -4.33 -7.14 -1.19
CA GLU A 8 -3.16 -7.38 -2.06
C GLU A 8 -3.24 -6.37 -3.20
N LYS A 9 -4.46 -6.05 -3.61
CA LYS A 9 -4.73 -5.05 -4.63
C LYS A 9 -4.33 -3.68 -4.12
N ALA A 10 -4.62 -3.43 -2.84
CA ALA A 10 -4.27 -2.16 -2.21
C ALA A 10 -2.76 -1.97 -2.18
N GLU A 11 -2.07 -2.99 -1.72
CA GLU A 11 -0.62 -2.98 -1.60
C GLU A 11 0.02 -2.95 -3.00
N ARG A 12 -0.64 -3.63 -3.93
CA ARG A 12 -0.25 -3.66 -5.35
C ARG A 12 -0.29 -2.26 -5.92
N ALA A 13 -1.38 -1.55 -5.62
CA ALA A 13 -1.57 -0.19 -6.09
C ALA A 13 -0.60 0.79 -5.46
N PHE A 14 -0.37 0.62 -4.17
CA PHE A 14 0.54 1.47 -3.42
C PHE A 14 1.95 1.41 -4.00
N LEU A 15 2.42 0.18 -4.16
CA LEU A 15 3.72 -0.14 -4.74
C LEU A 15 3.88 0.43 -6.15
N LYS A 16 2.82 0.38 -6.90
CA LYS A 16 2.85 0.78 -8.28
C LYS A 16 2.70 2.30 -8.43
N HIS A 17 2.30 2.94 -7.37
CA HIS A 17 1.96 4.32 -7.41
C HIS A 17 3.19 5.22 -7.20
N LEU A 18 3.93 5.01 -6.15
CA LEU A 18 5.01 5.92 -5.83
C LEU A 18 6.39 5.36 -6.22
N MET A 19 6.96 5.94 -7.26
CA MET A 19 8.22 5.47 -7.85
C MET A 19 9.43 6.25 -7.30
N ARG A 20 9.29 7.55 -7.19
CA ARG A 20 10.35 8.46 -6.68
C ARG A 20 10.55 8.26 -5.21
N ASP A 21 9.51 7.91 -4.60
CA ASP A 21 9.30 7.83 -3.19
C ASP A 21 10.02 6.69 -2.47
N LYS A 22 11.36 6.67 -2.51
CA LYS A 22 12.18 5.69 -1.67
C LYS A 22 11.60 5.51 -0.26
N ASP A 23 11.17 6.61 0.34
CA ASP A 23 10.54 6.63 1.67
C ASP A 23 9.38 5.64 1.74
N THR A 24 8.48 5.75 0.79
CA THR A 24 7.34 4.88 0.68
C THR A 24 7.76 3.43 0.41
N PHE A 25 8.84 3.25 -0.38
CA PHE A 25 9.37 1.89 -0.66
C PHE A 25 9.60 1.14 0.64
N LEU A 26 10.34 1.71 1.56
CA LEU A 26 10.62 1.00 2.80
C LEU A 26 9.44 1.07 3.77
N ASN A 27 8.70 2.18 3.75
CA ASN A 27 7.60 2.38 4.70
C ASN A 27 6.47 1.41 4.43
N TYR A 28 6.28 1.06 3.18
CA TYR A 28 5.30 0.17 2.80
C TYR A 28 5.86 -1.27 2.90
N TYR A 29 7.08 -1.50 2.40
CA TYR A 29 7.72 -2.83 2.42
C TYR A 29 7.82 -3.43 3.82
N GLU A 30 8.12 -2.61 4.79
CA GLU A 30 8.31 -3.09 6.15
C GLU A 30 6.95 -3.52 6.75
N SER A 31 5.89 -2.96 6.24
CA SER A 31 4.54 -3.24 6.67
C SER A 31 3.88 -4.40 5.88
N VAL A 32 4.45 -4.76 4.75
CA VAL A 32 3.78 -5.64 3.77
C VAL A 32 4.51 -6.97 3.52
N ASP A 33 3.71 -8.04 3.31
CA ASP A 33 4.14 -9.37 2.79
C ASP A 33 4.97 -10.25 3.72
N LYS A 34 5.84 -9.64 4.51
CA LYS A 34 6.91 -10.32 5.25
C LYS A 34 6.50 -11.63 5.91
N ASP A 35 5.65 -11.55 6.90
CA ASP A 35 5.30 -12.78 7.64
C ASP A 35 4.25 -13.69 7.01
N ASN A 36 3.01 -13.29 7.03
CA ASN A 36 1.93 -14.19 6.60
C ASN A 36 1.40 -13.95 5.21
N PHE A 37 1.33 -12.70 4.82
CA PHE A 37 0.70 -12.28 3.54
C PHE A 37 1.62 -12.56 2.31
N THR A 38 2.69 -13.32 2.52
CA THR A 38 3.73 -13.58 1.53
C THR A 38 3.19 -14.12 0.19
N ASN A 39 3.19 -13.26 -0.79
CA ASN A 39 2.78 -13.54 -2.14
C ASN A 39 3.93 -13.17 -3.03
N GLN A 40 4.42 -14.10 -3.87
CA GLN A 40 5.65 -13.89 -4.65
C GLN A 40 5.60 -12.69 -5.60
N HIS A 41 4.43 -12.11 -5.75
CA HIS A 41 4.26 -10.87 -6.50
C HIS A 41 5.11 -9.80 -5.84
N PHE A 42 4.98 -9.71 -4.54
CA PHE A 42 5.71 -8.76 -3.76
C PHE A 42 7.19 -9.05 -3.82
N LYS A 43 7.54 -10.35 -3.81
CA LYS A 43 8.93 -10.77 -3.85
C LYS A 43 9.55 -10.33 -5.14
N TYR A 44 8.87 -10.63 -6.25
CA TYR A 44 9.37 -10.31 -7.56
C TYR A 44 9.64 -8.84 -7.70
N VAL A 45 8.71 -8.02 -7.27
CA VAL A 45 8.88 -6.61 -7.41
C VAL A 45 9.92 -6.08 -6.40
N PHE A 46 9.82 -6.50 -5.12
CA PHE A 46 10.81 -6.12 -4.08
C PHE A 46 12.23 -6.40 -4.53
N GLU A 47 12.41 -7.57 -5.14
CA GLU A 47 13.69 -8.01 -5.64
C GLU A 47 14.21 -6.97 -6.64
N VAL A 48 13.37 -6.60 -7.59
CA VAL A 48 13.71 -5.55 -8.55
C VAL A 48 13.97 -4.23 -7.83
N LEU A 49 13.02 -3.85 -6.99
CA LEU A 49 13.04 -2.58 -6.29
C LEU A 49 14.34 -2.37 -5.54
N HIS A 50 14.73 -3.35 -4.75
CA HIS A 50 15.96 -3.25 -3.97
C HIS A 50 17.21 -3.35 -4.87
N ASP A 51 17.10 -4.12 -5.94
CA ASP A 51 18.20 -4.29 -6.89
C ASP A 51 18.51 -2.99 -7.62
N PHE A 52 17.47 -2.35 -8.17
CA PHE A 52 17.70 -1.07 -8.82
C PHE A 52 18.00 0.00 -7.81
N TYR A 53 17.50 -0.18 -6.58
CA TYR A 53 17.77 0.74 -5.46
C TYR A 53 19.28 0.91 -5.33
N ALA A 54 19.96 -0.20 -5.50
CA ALA A 54 21.41 -0.28 -5.46
C ALA A 54 22.11 0.34 -6.71
N GLU A 55 21.38 0.59 -7.79
CA GLU A 55 22.03 1.01 -9.04
C GLU A 55 21.54 2.39 -9.54
N ASN A 56 20.27 2.51 -9.76
CA ASN A 56 19.60 3.71 -10.27
C ASN A 56 18.21 3.61 -9.73
N ASP A 57 17.89 4.38 -8.73
CA ASP A 57 16.70 4.06 -8.03
C ASP A 57 15.49 4.94 -8.26
N GLN A 58 14.71 4.53 -9.24
CA GLN A 58 13.32 4.87 -9.41
C GLN A 58 12.66 3.65 -10.00
N TYR A 59 11.37 3.50 -9.87
CA TYR A 59 10.77 2.37 -10.51
C TYR A 59 10.58 2.69 -11.98
N ASN A 60 11.10 1.86 -12.84
CA ASN A 60 10.96 2.06 -14.26
C ASN A 60 9.98 1.02 -14.78
N ILE A 61 9.25 1.36 -15.80
CA ILE A 61 8.22 0.53 -16.34
C ILE A 61 8.79 -0.49 -17.32
N SER A 62 10.05 -0.27 -17.74
CA SER A 62 10.75 -1.19 -18.61
C SER A 62 10.82 -2.56 -17.94
N ASP A 63 11.07 -2.54 -16.65
CA ASP A 63 11.13 -3.73 -15.81
C ASP A 63 9.82 -4.46 -15.88
N ALA A 64 8.76 -3.71 -15.68
CA ALA A 64 7.42 -4.26 -15.67
C ALA A 64 7.06 -4.92 -17.00
N VAL A 65 7.30 -4.23 -18.10
CA VAL A 65 7.00 -4.73 -19.42
C VAL A 65 7.85 -5.97 -19.80
N GLN A 66 9.07 -6.07 -19.26
CA GLN A 66 9.88 -7.26 -19.51
C GLN A 66 9.24 -8.45 -18.83
N TYR A 67 8.80 -8.24 -17.62
CA TYR A 67 8.17 -9.27 -16.84
C TYR A 67 6.71 -9.53 -17.23
N VAL A 68 6.17 -8.87 -18.26
CA VAL A 68 4.74 -9.07 -18.57
C VAL A 68 4.53 -10.34 -19.40
N ASN A 69 5.61 -10.97 -19.73
CA ASN A 69 5.58 -12.22 -20.47
C ASN A 69 5.88 -13.36 -19.52
N SER A 70 6.38 -12.96 -18.40
CA SER A 70 6.77 -13.77 -17.27
C SER A 70 5.59 -13.80 -16.23
N ASN A 71 6.01 -13.79 -14.94
CA ASN A 71 5.40 -13.66 -13.60
C ASN A 71 4.15 -12.84 -13.50
N GLU A 72 3.39 -12.83 -14.59
CA GLU A 72 2.14 -12.08 -14.96
C GLU A 72 1.16 -11.68 -13.83
N LEU A 73 1.58 -11.83 -12.64
CA LEU A 73 0.95 -11.12 -11.53
C LEU A 73 1.38 -9.64 -11.78
N ARG A 74 2.50 -9.56 -12.51
CA ARG A 74 3.07 -8.37 -13.07
C ARG A 74 2.17 -7.81 -14.18
N GLU A 75 1.43 -8.69 -14.86
CA GLU A 75 0.55 -8.29 -15.96
C GLU A 75 -0.63 -7.57 -15.36
N THR A 76 -1.10 -8.08 -14.22
CA THR A 76 -2.11 -7.38 -13.44
C THR A 76 -1.52 -5.98 -13.03
N LEU A 77 -0.26 -5.97 -12.61
CA LEU A 77 0.45 -4.73 -12.24
C LEU A 77 0.50 -3.75 -13.46
N ILE A 78 0.66 -4.30 -14.66
CA ILE A 78 0.66 -3.54 -15.91
C ILE A 78 -0.72 -2.90 -16.13
N SER A 79 -1.77 -3.62 -15.77
CA SER A 79 -3.13 -3.10 -15.80
C SER A 79 -3.23 -1.82 -14.93
N LEU A 80 -2.53 -1.84 -13.78
CA LEU A 80 -2.44 -0.67 -12.90
C LEU A 80 -1.65 0.47 -13.56
N GLU A 81 -0.70 0.12 -14.43
CA GLU A 81 0.05 1.11 -15.19
C GLU A 81 -0.91 1.83 -16.12
N GLN A 82 -1.74 1.04 -16.77
CA GLN A 82 -2.81 1.54 -17.62
C GLN A 82 -3.99 2.09 -16.78
N TYR A 83 -3.65 2.87 -15.77
CA TYR A 83 -4.58 3.44 -14.82
C TYR A 83 -5.73 4.13 -15.55
N ASN A 84 -6.91 3.90 -15.05
CA ASN A 84 -8.14 4.32 -15.66
C ASN A 84 -8.47 5.78 -15.31
N LEU A 85 -9.59 6.28 -15.82
CA LEU A 85 -10.04 7.68 -15.72
C LEU A 85 -10.50 8.09 -14.31
N ASN A 86 -9.99 7.38 -13.33
CA ASN A 86 -10.15 7.61 -11.88
C ASN A 86 -9.27 8.80 -11.44
N ASP A 87 -8.98 9.68 -12.40
CA ASP A 87 -8.05 10.82 -12.32
C ASP A 87 -8.32 11.89 -11.25
N GLU A 88 -8.85 11.51 -10.13
CA GLU A 88 -8.98 12.42 -9.02
C GLU A 88 -7.57 12.56 -8.43
N PRO A 89 -7.29 13.64 -7.63
CA PRO A 89 -5.98 13.86 -6.97
C PRO A 89 -5.38 12.56 -6.50
N TYR A 90 -4.13 12.31 -6.83
CA TYR A 90 -3.56 10.99 -6.65
C TYR A 90 -3.28 10.65 -5.22
N GLU A 91 -3.44 11.62 -4.38
CA GLU A 91 -3.33 11.48 -2.96
C GLU A 91 -4.51 10.70 -2.38
N ASN A 92 -5.42 10.31 -3.26
CA ASN A 92 -6.54 9.43 -2.93
C ASN A 92 -5.99 8.08 -2.49
N GLU A 93 -4.74 7.81 -2.91
CA GLU A 93 -4.03 6.57 -2.66
C GLU A 93 -4.09 6.10 -1.20
N ILE A 94 -3.53 6.88 -0.27
CA ILE A 94 -3.42 6.46 1.12
C ILE A 94 -4.80 6.35 1.75
N ASP A 95 -5.66 7.26 1.36
CA ASP A 95 -7.07 7.29 1.81
C ASP A 95 -7.76 5.97 1.49
N ASP A 96 -7.66 5.57 0.24
CA ASP A 96 -8.25 4.31 -0.24
C ASP A 96 -7.54 3.12 0.40
N TYR A 97 -6.22 3.15 0.32
CA TYR A 97 -5.30 2.12 0.84
C TYR A 97 -5.61 1.77 2.30
N VAL A 98 -5.68 2.79 3.14
CA VAL A 98 -5.94 2.59 4.55
C VAL A 98 -7.32 2.00 4.75
N ASN A 99 -8.33 2.57 4.10
CA ASN A 99 -9.70 2.08 4.21
C ASN A 99 -9.81 0.63 3.74
N VAL A 100 -9.15 0.27 2.65
CA VAL A 100 -9.19 -1.10 2.10
C VAL A 100 -8.62 -2.11 3.08
N ILE A 101 -7.59 -1.73 3.77
CA ILE A 101 -6.90 -2.64 4.61
C ILE A 101 -7.54 -2.69 5.96
N ASN A 102 -7.94 -1.55 6.43
CA ASN A 102 -8.46 -1.41 7.76
C ASN A 102 -9.94 -1.80 7.82
N GLU A 103 -10.60 -1.90 6.64
CA GLU A 103 -12.01 -2.31 6.62
C GLU A 103 -12.11 -3.78 6.96
N LYS A 104 -10.96 -4.46 6.92
CA LYS A 104 -10.85 -5.88 7.30
C LYS A 104 -11.27 -6.09 8.76
N GLY A 105 -11.20 -5.02 9.54
CA GLY A 105 -11.55 -5.12 10.92
C GLY A 105 -13.02 -4.82 11.18
N GLN A 106 -13.76 -4.57 10.09
CA GLN A 106 -15.23 -4.33 10.12
C GLN A 106 -15.61 -3.12 10.97
N GLU A 107 -16.90 -2.98 11.29
CA GLU A 107 -17.38 -1.83 12.05
C GLU A 107 -17.03 -1.93 13.55
N THR A 108 -15.76 -1.80 13.79
CA THR A 108 -15.15 -1.75 15.09
C THR A 108 -13.80 -1.07 14.89
N ILE A 109 -12.97 -1.73 14.09
CA ILE A 109 -11.65 -1.23 13.74
C ILE A 109 -11.77 -0.18 12.72
N GLU A 110 -12.65 -0.41 11.81
CA GLU A 110 -12.81 0.49 10.75
C GLU A 110 -13.51 1.77 11.25
N SER A 111 -14.24 1.63 12.31
CA SER A 111 -14.87 2.74 12.95
C SER A 111 -13.79 3.73 13.47
N LEU A 112 -12.76 3.18 14.10
CA LEU A 112 -11.63 3.93 14.65
C LEU A 112 -11.05 4.78 13.55
N ASN A 113 -10.91 4.16 12.41
CA ASN A 113 -10.37 4.74 11.19
C ASN A 113 -11.15 5.94 10.72
N HIS A 114 -12.46 5.89 10.87
CA HIS A 114 -13.33 7.01 10.49
C HIS A 114 -12.91 8.23 11.32
N LYS A 115 -12.69 7.99 12.60
CA LYS A 115 -12.22 9.07 13.48
C LYS A 115 -10.73 9.38 13.22
N LEU A 116 -9.98 8.36 12.90
CA LEU A 116 -8.59 8.48 12.45
C LEU A 116 -8.50 9.47 11.28
N ARG A 117 -9.45 9.39 10.37
CA ARG A 117 -9.55 10.32 9.26
C ARG A 117 -9.73 11.75 9.80
N GLU A 118 -10.54 11.86 10.84
CA GLU A 118 -10.68 13.14 11.51
C GLU A 118 -9.31 13.56 12.11
N ALA A 119 -8.55 12.62 12.64
CA ALA A 119 -7.16 12.89 13.11
C ALA A 119 -6.24 13.31 11.93
N THR A 120 -6.56 12.80 10.76
CA THR A 120 -5.85 13.04 9.49
C THR A 120 -5.96 14.50 9.06
N ARG A 121 -7.03 15.19 9.53
CA ARG A 121 -7.31 16.71 9.32
C ARG A 121 -6.08 17.73 9.26
N ILE A 122 -4.87 17.27 9.06
CA ILE A 122 -3.70 18.11 9.00
C ILE A 122 -3.59 18.76 7.60
N GLY A 123 -4.39 18.29 6.66
CA GLY A 123 -4.43 18.98 5.35
C GLY A 123 -4.19 18.08 4.17
N ASP A 124 -4.72 16.93 4.26
CA ASP A 124 -4.69 15.88 3.26
C ASP A 124 -6.02 15.90 2.49
N VAL A 125 -6.17 15.15 1.36
CA VAL A 125 -7.48 14.91 0.70
C VAL A 125 -8.53 14.39 1.73
N GLU A 126 -8.10 14.23 2.94
CA GLU A 126 -8.89 14.02 4.07
C GLU A 126 -9.94 15.13 4.23
N LEU A 127 -9.78 16.27 3.55
CA LEU A 127 -10.83 17.31 3.48
C LEU A 127 -12.03 16.76 2.67
N GLN A 128 -11.68 16.10 1.59
CA GLN A 128 -12.61 15.41 0.72
C GLN A 128 -13.39 14.39 1.59
N LYS A 129 -12.65 13.76 2.48
CA LYS A 129 -13.18 12.85 3.47
C LYS A 129 -13.68 13.57 4.72
N TYR A 130 -13.36 14.83 4.87
CA TYR A 130 -13.76 15.66 6.01
C TYR A 130 -15.21 15.72 6.09
N TYR A 131 -15.81 15.85 4.94
CA TYR A 131 -17.28 15.79 4.88
C TYR A 131 -17.76 14.45 5.52
N LEU A 132 -17.09 13.37 5.14
CA LEU A 132 -17.34 12.03 5.69
C LEU A 132 -17.09 12.00 7.19
N GLN A 133 -15.88 12.40 7.58
CA GLN A 133 -15.38 12.28 8.95
C GLN A 133 -16.16 13.14 9.90
N GLN A 134 -16.69 14.24 9.42
CA GLN A 134 -17.52 15.09 10.23
C GLN A 134 -18.73 14.28 10.62
N ILE A 135 -19.44 13.85 9.59
CA ILE A 135 -20.63 13.05 9.72
C ILE A 135 -20.36 11.75 10.52
N VAL A 136 -19.51 10.92 9.97
CA VAL A 136 -19.26 9.61 10.50
C VAL A 136 -18.52 9.58 11.82
N ALA A 137 -17.55 10.49 12.06
CA ALA A 137 -16.85 10.45 13.34
C ALA A 137 -17.76 10.80 14.46
N LYS A 138 -18.75 11.69 14.20
CA LYS A 138 -19.76 11.97 15.20
C LYS A 138 -20.50 10.68 15.51
N ASN A 139 -20.93 10.01 14.46
CA ASN A 139 -21.70 8.76 14.56
C ASN A 139 -20.87 7.64 15.18
N LYS A 140 -19.58 7.68 14.91
CA LYS A 140 -18.65 6.70 15.41
C LYS A 140 -18.45 6.92 16.91
N GLU A 141 -18.31 8.18 17.30
CA GLU A 141 -18.14 8.50 18.69
C GLU A 141 -19.44 8.35 19.49
N ARG A 142 -20.57 8.25 18.77
CA ARG A 142 -21.90 8.00 19.36
C ARG A 142 -22.05 6.54 19.85
N MET A 143 -20.98 6.01 20.35
CA MET A 143 -20.90 4.65 20.85
C MET A 143 -21.25 4.65 22.33
N PHE A 1 -10.46 -23.49 -4.07
CA PHE A 1 -10.98 -22.32 -3.43
C PHE A 1 -10.13 -21.10 -3.67
N ASP A 2 -10.76 -20.07 -4.16
CA ASP A 2 -10.14 -18.79 -4.36
C ASP A 2 -10.02 -18.13 -3.02
N ASN A 3 -8.90 -18.25 -2.41
CA ASN A 3 -8.72 -17.63 -1.11
C ASN A 3 -7.40 -16.94 -1.09
N LEU A 4 -7.17 -16.22 -2.14
CA LEU A 4 -6.00 -15.45 -2.28
C LEU A 4 -6.06 -14.29 -1.33
N SER A 5 -4.99 -14.07 -0.65
CA SER A 5 -4.90 -13.07 0.39
C SER A 5 -5.25 -11.65 -0.10
N ARG A 6 -6.42 -11.14 0.31
CA ARG A 6 -6.85 -9.79 -0.04
C ARG A 6 -5.96 -8.70 0.55
N GLN A 7 -5.26 -9.03 1.64
CA GLN A 7 -4.29 -8.10 2.21
C GLN A 7 -3.13 -7.90 1.23
N GLU A 8 -2.82 -8.95 0.47
CA GLU A 8 -1.75 -8.90 -0.51
C GLU A 8 -2.21 -8.02 -1.67
N LYS A 9 -3.53 -7.99 -1.88
CA LYS A 9 -4.13 -7.14 -2.89
C LYS A 9 -3.94 -5.67 -2.50
N ALA A 10 -3.99 -5.39 -1.20
CA ALA A 10 -3.73 -4.04 -0.70
C ALA A 10 -2.30 -3.63 -1.03
N GLU A 11 -1.39 -4.56 -0.85
CA GLU A 11 0.02 -4.35 -1.16
C GLU A 11 0.22 -4.17 -2.67
N ARG A 12 -0.58 -4.91 -3.48
CA ARG A 12 -0.56 -4.78 -4.95
C ARG A 12 -0.86 -3.35 -5.34
N ALA A 13 -1.84 -2.77 -4.66
CA ALA A 13 -2.21 -1.40 -4.88
C ALA A 13 -1.06 -0.48 -4.45
N PHE A 14 -0.55 -0.74 -3.25
CA PHE A 14 0.57 0.02 -2.70
C PHE A 14 1.88 -0.10 -3.49
N LEU A 15 1.92 -0.99 -4.47
CA LEU A 15 3.07 -1.11 -5.36
C LEU A 15 3.40 0.22 -6.02
N LYS A 16 2.37 1.07 -6.21
CA LYS A 16 2.50 2.44 -6.77
C LYS A 16 3.49 3.33 -5.97
N HIS A 17 3.95 2.82 -4.81
CA HIS A 17 4.94 3.49 -3.94
C HIS A 17 6.19 3.88 -4.76
N LEU A 18 6.49 3.07 -5.77
CA LEU A 18 7.70 3.17 -6.59
C LEU A 18 7.71 4.36 -7.53
N MET A 19 6.70 5.20 -7.39
CA MET A 19 6.65 6.37 -8.18
C MET A 19 7.24 7.56 -7.45
N ARG A 20 7.21 7.55 -6.09
CA ARG A 20 7.80 8.69 -5.39
C ARG A 20 9.33 8.55 -5.38
N ASP A 21 10.04 8.05 -4.30
CA ASP A 21 11.41 7.61 -4.63
C ASP A 21 11.98 6.38 -3.87
N LYS A 22 12.72 6.64 -2.80
CA LYS A 22 13.25 5.61 -1.92
C LYS A 22 12.44 5.48 -0.67
N ASP A 23 12.14 6.65 -0.15
CA ASP A 23 11.44 6.84 1.10
C ASP A 23 10.17 6.08 1.09
N THR A 24 9.49 6.14 -0.02
CA THR A 24 8.19 5.58 -0.15
C THR A 24 8.26 4.02 -0.11
N PHE A 25 9.34 3.48 -0.65
CA PHE A 25 9.60 2.06 -0.68
C PHE A 25 9.75 1.54 0.72
N LEU A 26 10.65 2.14 1.45
CA LEU A 26 10.92 1.68 2.79
C LEU A 26 9.81 2.11 3.75
N ASN A 27 9.08 3.16 3.39
CA ASN A 27 8.03 3.71 4.26
C ASN A 27 6.95 2.68 4.46
N TYR A 28 6.51 2.07 3.39
CA TYR A 28 5.45 1.10 3.51
C TYR A 28 6.01 -0.29 3.89
N TYR A 29 7.19 -0.58 3.42
CA TYR A 29 7.85 -1.86 3.64
C TYR A 29 8.29 -2.05 5.11
N GLU A 30 8.76 -0.98 5.73
CA GLU A 30 9.21 -1.01 7.12
C GLU A 30 8.02 -0.95 8.09
N SER A 31 6.95 -0.28 7.68
CA SER A 31 5.79 -0.12 8.54
C SER A 31 4.93 -1.38 8.59
N VAL A 32 4.77 -2.04 7.45
CA VAL A 32 3.94 -3.20 7.42
C VAL A 32 4.81 -4.45 7.47
N ASP A 33 4.89 -5.01 8.65
CA ASP A 33 5.73 -6.17 8.94
C ASP A 33 4.99 -7.48 8.65
N LYS A 34 3.97 -7.40 7.83
CA LYS A 34 3.18 -8.53 7.44
C LYS A 34 3.81 -9.16 6.17
N ASP A 35 5.05 -8.82 5.93
CA ASP A 35 5.79 -9.14 4.70
C ASP A 35 5.99 -10.65 4.46
N ASN A 36 5.90 -11.45 5.51
CA ASN A 36 6.05 -12.91 5.36
C ASN A 36 4.75 -13.54 4.88
N PHE A 37 3.66 -12.84 5.11
CA PHE A 37 2.34 -13.32 4.74
C PHE A 37 2.09 -13.07 3.26
N THR A 38 2.79 -12.09 2.73
CA THR A 38 2.64 -11.72 1.36
C THR A 38 3.16 -12.84 0.41
N ASN A 39 2.43 -13.04 -0.67
CA ASN A 39 2.69 -14.09 -1.67
C ASN A 39 3.98 -13.84 -2.46
N GLN A 40 4.32 -14.80 -3.33
CA GLN A 40 5.56 -14.77 -4.18
C GLN A 40 5.63 -13.52 -5.07
N HIS A 41 4.49 -12.91 -5.26
CA HIS A 41 4.31 -11.68 -6.03
C HIS A 41 5.22 -10.57 -5.45
N PHE A 42 5.29 -10.57 -4.12
CA PHE A 42 6.12 -9.67 -3.32
C PHE A 42 7.57 -9.85 -3.73
N LYS A 43 7.98 -11.09 -3.71
CA LYS A 43 9.34 -11.53 -3.93
C LYS A 43 9.86 -11.10 -5.27
N TYR A 44 9.04 -11.24 -6.28
CA TYR A 44 9.42 -10.86 -7.59
C TYR A 44 9.73 -9.40 -7.67
N VAL A 45 8.75 -8.61 -7.28
CA VAL A 45 8.89 -7.20 -7.42
C VAL A 45 9.98 -6.70 -6.49
N PHE A 46 9.95 -7.12 -5.22
CA PHE A 46 10.97 -6.75 -4.22
C PHE A 46 12.39 -7.05 -4.63
N GLU A 47 12.59 -8.14 -5.36
CA GLU A 47 13.90 -8.46 -5.85
C GLU A 47 14.35 -7.34 -6.78
N VAL A 48 13.50 -7.00 -7.74
CA VAL A 48 13.79 -5.90 -8.67
C VAL A 48 13.88 -4.57 -7.93
N LEU A 49 12.92 -4.33 -7.05
CA LEU A 49 12.82 -3.08 -6.32
C LEU A 49 14.04 -2.82 -5.47
N HIS A 50 14.46 -3.82 -4.71
CA HIS A 50 15.58 -3.67 -3.83
C HIS A 50 16.87 -3.47 -4.63
N ASP A 51 16.89 -4.04 -5.83
CA ASP A 51 18.04 -3.89 -6.74
C ASP A 51 18.11 -2.46 -7.27
N PHE A 52 16.96 -1.80 -7.34
CA PHE A 52 16.89 -0.42 -7.74
C PHE A 52 17.19 0.41 -6.54
N TYR A 53 16.60 0.00 -5.39
CA TYR A 53 16.81 0.63 -4.07
C TYR A 53 18.28 0.80 -3.77
N ALA A 54 19.11 -0.04 -4.39
CA ALA A 54 20.55 0.07 -4.31
C ALA A 54 20.96 1.50 -4.70
N GLU A 55 20.24 2.09 -5.64
CA GLU A 55 20.48 3.48 -5.97
C GLU A 55 19.30 4.34 -5.47
N ASN A 56 18.12 4.06 -6.00
CA ASN A 56 16.83 4.72 -5.67
C ASN A 56 15.77 3.74 -6.11
N ASP A 57 14.72 3.49 -5.33
CA ASP A 57 13.67 2.56 -5.82
C ASP A 57 12.82 3.29 -6.84
N GLN A 58 13.15 3.09 -8.08
CA GLN A 58 12.47 3.76 -9.13
C GLN A 58 12.19 2.82 -10.25
N TYR A 59 11.01 2.26 -10.24
CA TYR A 59 10.56 1.45 -11.28
C TYR A 59 10.56 2.18 -12.61
N ASN A 60 10.88 1.45 -13.62
CA ASN A 60 10.80 1.91 -14.97
C ASN A 60 9.80 1.00 -15.64
N ILE A 61 8.89 1.58 -16.41
CA ILE A 61 7.85 0.82 -17.10
C ILE A 61 8.44 -0.31 -17.96
N SER A 62 9.59 -0.07 -18.52
CA SER A 62 10.29 -1.03 -19.34
C SER A 62 10.50 -2.35 -18.57
N ASP A 63 11.01 -2.26 -17.34
CA ASP A 63 11.23 -3.44 -16.48
C ASP A 63 9.92 -4.14 -16.18
N ALA A 64 8.93 -3.33 -15.90
CA ALA A 64 7.60 -3.81 -15.60
C ALA A 64 7.01 -4.62 -16.75
N VAL A 65 7.03 -4.05 -17.93
CA VAL A 65 6.48 -4.65 -19.10
C VAL A 65 7.32 -5.84 -19.56
N GLN A 66 8.65 -5.77 -19.44
CA GLN A 66 9.47 -6.93 -19.85
C GLN A 66 9.29 -8.08 -18.87
N TYR A 67 8.69 -7.78 -17.72
CA TYR A 67 8.34 -8.81 -16.75
C TYR A 67 7.09 -9.56 -17.22
N VAL A 68 6.49 -9.14 -18.34
CA VAL A 68 5.23 -9.77 -18.83
C VAL A 68 5.45 -11.20 -19.44
N ASN A 69 6.53 -11.86 -19.06
CA ASN A 69 6.75 -13.23 -19.49
C ASN A 69 5.76 -14.12 -18.76
N SER A 70 5.46 -13.76 -17.53
CA SER A 70 4.40 -14.39 -16.83
C SER A 70 3.17 -13.56 -17.11
N ASN A 71 2.26 -14.14 -17.85
CA ASN A 71 1.06 -13.45 -18.31
C ASN A 71 0.21 -13.00 -17.17
N GLU A 72 -0.24 -13.96 -16.38
CA GLU A 72 -1.15 -13.72 -15.27
C GLU A 72 -0.62 -12.68 -14.27
N LEU A 73 0.62 -12.86 -13.89
CA LEU A 73 1.25 -12.07 -12.86
C LEU A 73 1.41 -10.63 -13.29
N ARG A 74 2.09 -10.41 -14.41
CA ARG A 74 2.26 -9.07 -14.87
C ARG A 74 1.02 -8.43 -15.42
N GLU A 75 0.09 -9.19 -15.97
CA GLU A 75 -1.14 -8.59 -16.48
C GLU A 75 -1.85 -7.84 -15.37
N THR A 76 -2.05 -8.51 -14.26
CA THR A 76 -2.67 -7.86 -13.15
C THR A 76 -1.81 -6.74 -12.59
N LEU A 77 -0.52 -6.98 -12.42
CA LEU A 77 0.37 -5.96 -11.90
C LEU A 77 0.46 -4.73 -12.85
N ILE A 78 0.36 -4.95 -14.18
CA ILE A 78 0.29 -3.84 -15.15
C ILE A 78 -1.02 -3.09 -14.94
N SER A 79 -2.07 -3.83 -14.66
CA SER A 79 -3.34 -3.25 -14.29
C SER A 79 -3.16 -2.34 -13.04
N LEU A 80 -2.31 -2.77 -12.09
CA LEU A 80 -1.94 -1.94 -10.92
C LEU A 80 -1.02 -0.76 -11.28
N GLU A 81 -0.22 -0.88 -12.35
CA GLU A 81 0.61 0.26 -12.81
C GLU A 81 -0.32 1.39 -13.21
N GLN A 82 -1.23 1.06 -14.13
CA GLN A 82 -2.21 2.00 -14.66
C GLN A 82 -3.42 2.20 -13.72
N TYR A 83 -3.28 1.74 -12.50
CA TYR A 83 -4.29 1.88 -11.48
C TYR A 83 -4.46 3.35 -11.10
N ASN A 84 -5.66 3.82 -11.32
CA ASN A 84 -6.02 5.20 -11.12
C ASN A 84 -6.62 5.42 -9.74
N LEU A 85 -5.98 6.27 -8.98
CA LEU A 85 -6.36 6.56 -7.60
C LEU A 85 -7.48 7.60 -7.47
N ASN A 86 -8.07 8.00 -8.58
CA ASN A 86 -9.21 8.92 -8.50
C ASN A 86 -10.49 8.14 -8.19
N ASP A 87 -10.46 6.83 -8.48
CA ASP A 87 -11.62 5.96 -8.26
C ASP A 87 -11.82 5.79 -6.76
N GLU A 88 -10.90 5.13 -6.10
CA GLU A 88 -10.87 5.15 -4.65
C GLU A 88 -10.06 6.38 -4.25
N PRO A 89 -10.73 7.40 -3.65
CA PRO A 89 -10.13 8.72 -3.38
C PRO A 89 -8.77 8.68 -2.69
N TYR A 90 -7.91 9.63 -3.01
CA TYR A 90 -6.53 9.63 -2.53
C TYR A 90 -6.47 10.02 -1.04
N GLU A 91 -7.60 10.33 -0.49
CA GLU A 91 -7.75 10.53 0.91
C GLU A 91 -7.92 9.20 1.62
N ASN A 92 -8.71 8.32 1.01
CA ASN A 92 -8.99 7.03 1.59
C ASN A 92 -7.77 6.16 1.45
N GLU A 93 -6.91 6.54 0.49
CA GLU A 93 -5.63 5.88 0.14
C GLU A 93 -5.01 5.08 1.31
N ILE A 94 -4.53 5.80 2.31
CA ILE A 94 -3.86 5.24 3.47
C ILE A 94 -4.85 4.45 4.31
N ASP A 95 -5.98 5.08 4.56
CA ASP A 95 -7.02 4.54 5.43
C ASP A 95 -7.56 3.20 4.94
N ASP A 96 -7.90 3.13 3.67
CA ASP A 96 -8.49 1.94 3.04
C ASP A 96 -7.49 0.81 3.01
N TYR A 97 -6.30 1.11 2.50
CA TYR A 97 -5.18 0.18 2.46
C TYR A 97 -4.92 -0.43 3.84
N VAL A 98 -4.79 0.44 4.82
CA VAL A 98 -4.56 -0.01 6.17
C VAL A 98 -5.79 -0.75 6.71
N ASN A 99 -6.98 -0.26 6.40
CA ASN A 99 -8.25 -0.89 6.83
C ASN A 99 -8.34 -2.31 6.31
N VAL A 100 -7.90 -2.52 5.09
CA VAL A 100 -7.86 -3.86 4.46
C VAL A 100 -6.87 -4.78 5.16
N ILE A 101 -5.79 -4.24 5.59
CA ILE A 101 -4.79 -5.04 6.22
C ILE A 101 -5.19 -5.34 7.64
N ASN A 102 -5.66 -4.33 8.29
CA ASN A 102 -6.08 -4.41 9.66
C ASN A 102 -7.48 -5.07 9.75
N GLU A 103 -8.07 -5.28 8.57
CA GLU A 103 -9.34 -5.99 8.44
C GLU A 103 -9.16 -7.37 8.96
N LYS A 104 -8.08 -7.97 8.56
CA LYS A 104 -7.75 -9.30 9.02
C LYS A 104 -6.91 -9.17 10.31
N GLY A 105 -7.47 -8.43 11.23
CA GLY A 105 -6.86 -8.20 12.50
C GLY A 105 -7.53 -9.04 13.55
N GLN A 106 -8.30 -8.38 14.44
CA GLN A 106 -8.95 -9.02 15.61
C GLN A 106 -7.90 -9.21 16.74
N GLU A 107 -8.34 -9.58 17.94
CA GLU A 107 -7.49 -9.69 19.17
C GLU A 107 -6.13 -10.36 18.86
N THR A 108 -5.06 -9.69 19.32
CA THR A 108 -3.65 -10.09 19.18
C THR A 108 -3.05 -9.56 17.86
N ILE A 109 -3.87 -9.55 16.86
CA ILE A 109 -3.48 -9.16 15.54
C ILE A 109 -3.70 -7.71 15.44
N GLU A 110 -4.58 -7.23 16.30
CA GLU A 110 -4.92 -5.87 16.47
C GLU A 110 -3.75 -5.00 16.92
N SER A 111 -2.63 -5.63 17.12
CA SER A 111 -1.38 -5.00 17.30
C SER A 111 -1.08 -4.28 15.98
N LEU A 112 -1.75 -4.75 14.90
CA LEU A 112 -1.76 -4.07 13.62
C LEU A 112 -2.36 -2.69 13.77
N ASN A 113 -3.17 -2.46 14.84
CA ASN A 113 -3.67 -1.10 15.14
C ASN A 113 -2.47 -0.17 15.38
N HIS A 114 -1.47 -0.70 16.08
CA HIS A 114 -0.24 0.06 16.34
C HIS A 114 0.44 0.37 15.01
N LYS A 115 0.61 -0.67 14.20
CA LYS A 115 1.24 -0.53 12.87
C LYS A 115 0.41 0.35 11.92
N LEU A 116 -0.88 0.38 12.15
CA LEU A 116 -1.79 1.27 11.48
C LEU A 116 -1.37 2.72 11.68
N ARG A 117 -1.01 3.04 12.91
CA ARG A 117 -0.49 4.34 13.21
C ARG A 117 0.85 4.60 12.50
N GLU A 118 1.73 3.60 12.51
CA GLU A 118 3.02 3.66 11.77
C GLU A 118 2.81 4.03 10.32
N ALA A 119 1.95 3.31 9.67
CA ALA A 119 1.66 3.51 8.26
C ALA A 119 1.18 4.95 7.96
N THR A 120 0.38 5.51 8.86
CA THR A 120 -0.11 6.90 8.74
C THR A 120 0.98 7.95 9.00
N ARG A 121 2.05 7.57 9.72
CA ARG A 121 3.25 8.44 9.94
C ARG A 121 3.85 9.00 8.60
N ILE A 122 3.25 8.64 7.45
CA ILE A 122 3.66 9.06 6.11
C ILE A 122 3.23 10.56 5.83
N GLY A 123 3.24 11.34 6.86
CA GLY A 123 3.12 12.78 6.67
C GLY A 123 2.09 13.51 7.50
N ASP A 124 1.03 12.89 7.94
CA ASP A 124 0.11 13.63 8.81
C ASP A 124 -0.36 12.80 9.95
N VAL A 125 0.39 12.87 11.01
CA VAL A 125 0.06 12.16 12.22
C VAL A 125 -1.14 12.77 12.95
N GLU A 126 -1.22 14.10 13.02
CA GLU A 126 -2.15 14.76 13.90
C GLU A 126 -3.59 14.55 13.48
N LEU A 127 -3.98 15.16 12.40
CA LEU A 127 -5.36 15.15 12.02
C LEU A 127 -5.78 13.81 11.42
N GLN A 128 -4.99 13.35 10.45
CA GLN A 128 -5.25 12.06 9.80
C GLN A 128 -5.33 10.96 10.80
N LYS A 129 -4.34 10.86 11.67
CA LYS A 129 -4.32 9.74 12.51
C LYS A 129 -5.24 9.88 13.71
N TYR A 130 -5.43 11.09 14.25
CA TYR A 130 -6.37 11.28 15.39
C TYR A 130 -7.74 10.71 15.04
N TYR A 131 -8.24 11.14 13.90
CA TYR A 131 -9.53 10.70 13.41
C TYR A 131 -9.53 9.16 13.21
N LEU A 132 -8.62 8.69 12.37
CA LEU A 132 -8.52 7.26 12.03
C LEU A 132 -8.26 6.34 13.24
N GLN A 133 -7.32 6.73 14.11
CA GLN A 133 -6.93 5.87 15.22
C GLN A 133 -8.03 5.78 16.25
N GLN A 134 -8.77 6.87 16.44
CA GLN A 134 -9.86 6.89 17.39
C GLN A 134 -10.92 5.90 16.95
N ILE A 135 -11.21 5.94 15.66
CA ILE A 135 -12.15 5.04 15.05
C ILE A 135 -11.77 3.58 15.33
N VAL A 136 -10.55 3.20 14.95
CA VAL A 136 -10.12 1.81 15.10
C VAL A 136 -9.97 1.40 16.58
N ALA A 137 -9.53 2.33 17.43
CA ALA A 137 -9.38 2.06 18.86
C ALA A 137 -10.74 1.74 19.47
N LYS A 138 -11.72 2.53 19.12
CA LYS A 138 -13.05 2.32 19.59
C LYS A 138 -13.62 1.04 18.95
N ASN A 139 -13.22 0.78 17.72
CA ASN A 139 -13.67 -0.39 16.97
C ASN A 139 -13.14 -1.68 17.60
N LYS A 140 -11.91 -1.66 18.08
CA LYS A 140 -11.36 -2.84 18.72
C LYS A 140 -12.02 -3.14 20.05
N GLU A 141 -12.32 -2.10 20.85
CA GLU A 141 -13.03 -2.35 22.13
C GLU A 141 -14.48 -2.76 21.86
N ARG A 142 -14.99 -2.33 20.72
CA ARG A 142 -16.31 -2.67 20.24
C ARG A 142 -16.34 -4.17 19.87
N MET A 143 -15.19 -4.70 19.52
CA MET A 143 -15.04 -6.08 19.12
C MET A 143 -14.81 -6.94 20.36
N PHE A 1 -10.00 -22.59 -4.79
CA PHE A 1 -10.24 -21.47 -3.92
C PHE A 1 -9.59 -20.19 -4.39
N ASP A 2 -10.38 -19.17 -4.51
CA ASP A 2 -9.89 -17.87 -4.84
C ASP A 2 -9.59 -17.15 -3.57
N ASN A 3 -8.35 -16.98 -3.27
CA ASN A 3 -8.00 -16.26 -2.10
C ASN A 3 -7.09 -15.12 -2.47
N LEU A 4 -7.49 -14.40 -3.51
CA LEU A 4 -6.87 -13.15 -3.84
C LEU A 4 -7.38 -12.13 -2.86
N SER A 5 -6.68 -12.03 -1.79
CA SER A 5 -7.05 -11.27 -0.63
C SER A 5 -7.27 -9.77 -0.90
N ARG A 6 -8.34 -9.24 -0.31
CA ARG A 6 -8.65 -7.83 -0.39
C ARG A 6 -7.58 -6.99 0.33
N GLN A 7 -7.00 -7.53 1.42
CA GLN A 7 -5.90 -6.84 2.10
C GLN A 7 -4.71 -6.73 1.16
N GLU A 8 -4.44 -7.81 0.44
CA GLU A 8 -3.35 -7.90 -0.54
C GLU A 8 -3.62 -6.88 -1.68
N LYS A 9 -4.90 -6.61 -1.94
CA LYS A 9 -5.30 -5.52 -2.85
C LYS A 9 -4.92 -4.17 -2.30
N ALA A 10 -5.06 -4.00 -1.00
CA ALA A 10 -4.76 -2.74 -0.39
C ALA A 10 -3.27 -2.49 -0.38
N GLU A 11 -2.51 -3.54 -0.17
CA GLU A 11 -1.06 -3.46 -0.31
C GLU A 11 -0.68 -3.00 -1.74
N ARG A 12 -1.39 -3.51 -2.76
CA ARG A 12 -1.15 -3.08 -4.15
C ARG A 12 -1.45 -1.61 -4.28
N ALA A 13 -2.54 -1.19 -3.67
CA ALA A 13 -2.97 0.20 -3.68
C ALA A 13 -1.99 1.07 -2.91
N PHE A 14 -1.36 0.50 -1.90
CA PHE A 14 -0.38 1.21 -1.12
C PHE A 14 0.85 1.55 -1.99
N LEU A 15 1.14 0.65 -2.92
CA LEU A 15 2.22 0.81 -3.88
C LEU A 15 1.87 1.80 -5.02
N LYS A 16 0.77 2.52 -4.86
CA LYS A 16 0.26 3.51 -5.85
C LYS A 16 1.27 4.66 -6.14
N HIS A 17 2.31 4.74 -5.36
CA HIS A 17 3.25 5.81 -5.49
C HIS A 17 4.15 5.62 -6.70
N LEU A 18 4.44 6.72 -7.37
CA LEU A 18 5.37 6.72 -8.49
C LEU A 18 6.82 6.63 -7.98
N MET A 19 7.80 7.19 -8.70
CA MET A 19 9.27 7.13 -8.35
C MET A 19 9.62 7.51 -6.88
N ARG A 20 8.66 8.06 -6.16
CA ARG A 20 8.73 8.36 -4.72
C ARG A 20 8.67 7.03 -3.91
N ASP A 21 8.71 5.93 -4.63
CA ASP A 21 8.48 4.60 -4.14
C ASP A 21 9.56 4.07 -3.24
N LYS A 22 10.67 4.76 -3.18
CA LYS A 22 11.75 4.38 -2.27
C LYS A 22 11.26 4.48 -0.82
N ASP A 23 10.57 5.59 -0.54
CA ASP A 23 9.98 5.87 0.75
C ASP A 23 8.95 4.83 1.09
N THR A 24 8.05 4.64 0.14
CA THR A 24 6.96 3.71 0.26
C THR A 24 7.45 2.26 0.42
N PHE A 25 8.49 1.89 -0.33
CA PHE A 25 9.05 0.55 -0.27
C PHE A 25 9.47 0.22 1.14
N LEU A 26 10.27 1.07 1.75
CA LEU A 26 10.73 0.78 3.10
C LEU A 26 9.61 0.97 4.12
N ASN A 27 8.64 1.81 3.79
CA ASN A 27 7.50 2.10 4.67
C ASN A 27 6.60 0.87 4.79
N TYR A 28 6.42 0.21 3.69
CA TYR A 28 5.60 -0.96 3.62
C TYR A 28 6.43 -2.22 3.98
N TYR A 29 7.73 -2.10 3.86
CA TYR A 29 8.68 -3.18 4.17
C TYR A 29 8.67 -3.44 5.69
N GLU A 30 8.61 -2.36 6.46
CA GLU A 30 8.65 -2.42 7.90
C GLU A 30 7.32 -2.84 8.55
N SER A 31 6.23 -2.24 8.10
CA SER A 31 4.96 -2.41 8.77
C SER A 31 4.09 -3.59 8.28
N VAL A 32 4.24 -3.96 7.04
CA VAL A 32 3.33 -4.91 6.42
C VAL A 32 3.83 -6.35 6.59
N ASP A 33 2.95 -7.31 6.40
CA ASP A 33 3.25 -8.71 6.52
C ASP A 33 4.03 -9.21 5.33
N LYS A 34 5.27 -9.50 5.59
CA LYS A 34 6.19 -10.05 4.62
C LYS A 34 6.08 -11.55 4.65
N ASP A 35 5.67 -12.03 5.79
CA ASP A 35 5.76 -13.42 6.12
C ASP A 35 4.64 -14.35 5.70
N ASN A 36 3.48 -14.18 6.26
CA ASN A 36 2.50 -15.26 6.24
C ASN A 36 1.29 -15.15 5.33
N PHE A 37 0.74 -13.97 5.11
CA PHE A 37 -0.62 -13.90 4.53
C PHE A 37 -0.71 -14.19 2.99
N THR A 38 -0.72 -13.19 2.15
CA THR A 38 -0.76 -13.43 0.70
C THR A 38 0.33 -12.61 0.02
N ASN A 39 1.55 -13.06 0.11
CA ASN A 39 2.59 -12.18 -0.34
C ASN A 39 3.64 -12.79 -1.30
N GLN A 40 3.22 -13.52 -2.31
CA GLN A 40 4.21 -13.92 -3.36
C GLN A 40 4.29 -12.81 -4.33
N HIS A 41 3.14 -12.14 -4.52
CA HIS A 41 3.05 -11.00 -5.40
C HIS A 41 4.01 -9.97 -4.88
N PHE A 42 3.88 -9.70 -3.61
CA PHE A 42 4.72 -8.77 -2.90
C PHE A 42 6.15 -9.23 -2.74
N LYS A 43 6.37 -10.54 -2.75
CA LYS A 43 7.73 -11.09 -2.70
C LYS A 43 8.43 -10.64 -3.95
N TYR A 44 7.74 -10.79 -5.05
CA TYR A 44 8.23 -10.31 -6.33
C TYR A 44 8.35 -8.78 -6.36
N VAL A 45 7.49 -8.07 -5.66
CA VAL A 45 7.63 -6.62 -5.53
C VAL A 45 8.92 -6.29 -4.74
N PHE A 46 9.09 -6.93 -3.57
CA PHE A 46 10.34 -6.81 -2.77
C PHE A 46 11.54 -7.10 -3.65
N GLU A 47 11.40 -8.14 -4.46
CA GLU A 47 12.43 -8.60 -5.36
C GLU A 47 12.87 -7.46 -6.30
N VAL A 48 11.90 -6.93 -7.08
CA VAL A 48 12.18 -5.84 -8.04
C VAL A 48 12.75 -4.62 -7.32
N LEU A 49 12.04 -4.17 -6.31
CA LEU A 49 12.41 -2.95 -5.62
C LEU A 49 13.74 -3.03 -4.88
N HIS A 50 14.04 -4.18 -4.29
CA HIS A 50 15.31 -4.35 -3.61
C HIS A 50 16.45 -4.39 -4.64
N ASP A 51 16.16 -4.93 -5.83
CA ASP A 51 17.15 -5.00 -6.90
C ASP A 51 17.36 -3.59 -7.47
N PHE A 52 16.33 -2.75 -7.37
CA PHE A 52 16.44 -1.34 -7.68
C PHE A 52 17.33 -0.67 -6.69
N TYR A 53 17.00 -0.83 -5.40
CA TYR A 53 17.80 -0.26 -4.28
C TYR A 53 19.29 -0.58 -4.40
N ALA A 54 19.58 -1.70 -5.01
CA ALA A 54 20.93 -2.12 -5.26
C ALA A 54 21.66 -1.14 -6.20
N GLU A 55 20.95 -0.60 -7.18
CA GLU A 55 21.60 0.26 -8.16
C GLU A 55 21.14 1.72 -8.01
N ASN A 56 19.85 1.92 -8.15
CA ASN A 56 19.20 3.21 -8.07
C ASN A 56 17.75 2.97 -7.74
N ASP A 57 17.30 3.47 -6.63
CA ASP A 57 15.94 3.18 -6.24
C ASP A 57 14.94 4.19 -6.73
N GLN A 58 14.39 3.88 -7.88
CA GLN A 58 13.17 4.44 -8.43
C GLN A 58 12.48 3.32 -9.17
N TYR A 59 11.22 3.07 -8.93
CA TYR A 59 10.53 2.07 -9.66
C TYR A 59 10.32 2.50 -11.10
N ASN A 60 10.63 1.62 -12.01
CA ASN A 60 10.43 1.87 -13.40
C ASN A 60 9.46 0.84 -13.92
N ILE A 61 8.49 1.26 -14.71
CA ILE A 61 7.43 0.38 -15.19
C ILE A 61 7.94 -0.44 -16.37
N SER A 62 9.05 0.01 -16.93
CA SER A 62 9.75 -0.71 -17.94
C SER A 62 10.19 -2.07 -17.37
N ASP A 63 10.45 -2.08 -16.07
CA ASP A 63 10.85 -3.28 -15.35
C ASP A 63 9.79 -4.31 -15.31
N ALA A 64 8.54 -3.90 -15.13
CA ALA A 64 7.45 -4.88 -15.18
C ALA A 64 7.39 -5.50 -16.56
N VAL A 65 7.55 -4.65 -17.56
CA VAL A 65 7.62 -5.08 -18.96
C VAL A 65 8.84 -6.02 -19.19
N GLN A 66 9.93 -5.75 -18.51
CA GLN A 66 11.12 -6.61 -18.59
C GLN A 66 10.89 -7.93 -17.87
N TYR A 67 9.99 -7.92 -16.92
CA TYR A 67 9.62 -9.12 -16.21
C TYR A 67 8.65 -9.98 -16.99
N VAL A 68 7.92 -9.38 -17.92
CA VAL A 68 6.93 -10.09 -18.71
C VAL A 68 7.53 -10.99 -19.81
N ASN A 69 8.39 -11.85 -19.38
CA ASN A 69 8.95 -12.88 -20.19
C ASN A 69 8.24 -14.15 -19.72
N SER A 70 7.86 -14.14 -18.44
CA SER A 70 6.91 -15.09 -17.90
C SER A 70 5.53 -14.41 -18.00
N ASN A 71 4.48 -15.16 -17.92
CA ASN A 71 3.16 -14.59 -18.10
C ASN A 71 2.54 -14.01 -16.82
N GLU A 72 2.42 -14.87 -15.84
CA GLU A 72 1.56 -14.72 -14.68
C GLU A 72 1.69 -13.39 -13.90
N LEU A 73 2.69 -13.29 -13.07
CA LEU A 73 2.84 -12.14 -12.15
C LEU A 73 3.30 -10.91 -12.85
N ARG A 74 3.82 -11.14 -13.99
CA ARG A 74 4.45 -10.13 -14.77
C ARG A 74 3.36 -9.30 -15.42
N GLU A 75 2.37 -10.00 -15.97
CA GLU A 75 1.21 -9.38 -16.57
C GLU A 75 0.40 -8.69 -15.46
N THR A 76 0.32 -9.34 -14.30
CA THR A 76 -0.38 -8.81 -13.16
C THR A 76 0.18 -7.43 -12.78
N LEU A 77 1.50 -7.33 -12.61
CA LEU A 77 2.14 -6.07 -12.24
C LEU A 77 1.82 -4.95 -13.25
N ILE A 78 1.94 -5.26 -14.54
CA ILE A 78 1.61 -4.30 -15.62
C ILE A 78 0.12 -3.89 -15.51
N SER A 79 -0.73 -4.83 -15.16
CA SER A 79 -2.15 -4.58 -14.94
C SER A 79 -2.37 -3.49 -13.88
N LEU A 80 -1.53 -3.47 -12.87
CA LEU A 80 -1.56 -2.42 -11.86
C LEU A 80 -1.07 -1.08 -12.46
N GLU A 81 0.01 -1.15 -13.24
CA GLU A 81 0.65 0.02 -13.88
C GLU A 81 -0.28 0.77 -14.84
N GLN A 82 -1.12 0.03 -15.56
CA GLN A 82 -2.07 0.62 -16.51
C GLN A 82 -3.25 1.36 -15.82
N TYR A 83 -3.04 1.80 -14.58
CA TYR A 83 -4.03 2.55 -13.83
C TYR A 83 -4.22 3.89 -14.55
N ASN A 84 -5.40 4.43 -14.49
CA ASN A 84 -5.73 5.63 -15.25
C ASN A 84 -5.40 6.89 -14.48
N LEU A 85 -5.54 8.02 -15.14
CA LEU A 85 -5.15 9.33 -14.59
C LEU A 85 -6.20 9.93 -13.63
N ASN A 86 -7.05 9.09 -13.08
CA ASN A 86 -8.08 9.52 -12.11
C ASN A 86 -7.48 9.77 -10.71
N ASP A 87 -6.18 10.06 -10.67
CA ASP A 87 -5.33 10.25 -9.47
C ASP A 87 -5.70 11.44 -8.60
N GLU A 88 -6.76 12.14 -8.93
CA GLU A 88 -7.20 13.28 -8.16
C GLU A 88 -7.53 12.84 -6.71
N PRO A 89 -7.38 13.77 -5.71
CA PRO A 89 -7.34 13.50 -4.30
C PRO A 89 -7.23 12.03 -3.88
N TYR A 90 -6.03 11.49 -4.06
CA TYR A 90 -5.71 10.10 -3.77
C TYR A 90 -5.35 9.90 -2.32
N GLU A 91 -5.48 10.95 -1.58
CA GLU A 91 -5.12 10.99 -0.19
C GLU A 91 -6.10 10.24 0.73
N ASN A 92 -6.98 9.48 0.11
CA ASN A 92 -7.82 8.53 0.77
C ASN A 92 -6.97 7.31 1.08
N GLU A 93 -5.84 7.18 0.32
CA GLU A 93 -4.82 6.12 0.42
C GLU A 93 -4.73 5.47 1.79
N ILE A 94 -4.14 6.19 2.74
CA ILE A 94 -3.92 5.71 4.11
C ILE A 94 -5.23 5.41 4.85
N ASP A 95 -6.27 6.20 4.60
CA ASP A 95 -7.59 5.99 5.23
C ASP A 95 -8.10 4.63 4.82
N ASP A 96 -8.14 4.45 3.53
CA ASP A 96 -8.61 3.23 2.91
C ASP A 96 -7.73 2.07 3.27
N TYR A 97 -6.46 2.30 3.19
CA TYR A 97 -5.47 1.31 3.50
C TYR A 97 -5.59 0.79 4.94
N VAL A 98 -5.61 1.70 5.90
CA VAL A 98 -5.72 1.30 7.30
C VAL A 98 -7.06 0.61 7.55
N ASN A 99 -8.12 1.20 7.05
CA ASN A 99 -9.46 0.65 7.15
C ASN A 99 -9.57 -0.70 6.51
N VAL A 100 -9.08 -0.88 5.28
CA VAL A 100 -9.18 -2.18 4.59
C VAL A 100 -8.47 -3.25 5.37
N ILE A 101 -7.26 -2.97 5.78
CA ILE A 101 -6.47 -3.95 6.46
C ILE A 101 -7.11 -4.30 7.81
N ASN A 102 -7.73 -3.34 8.41
CA ASN A 102 -8.31 -3.50 9.73
C ASN A 102 -9.77 -3.95 9.69
N GLU A 103 -10.46 -3.70 8.61
CA GLU A 103 -11.88 -4.02 8.57
C GLU A 103 -12.04 -5.46 8.17
N LYS A 104 -11.08 -5.94 7.40
CA LYS A 104 -11.08 -7.27 6.84
C LYS A 104 -10.62 -8.32 7.88
N GLY A 105 -10.60 -7.91 9.14
CA GLY A 105 -10.29 -8.85 10.19
C GLY A 105 -11.45 -9.80 10.39
N GLN A 106 -12.64 -9.25 10.41
CA GLN A 106 -13.87 -10.02 10.51
C GLN A 106 -14.93 -9.48 9.55
N GLU A 107 -14.57 -8.42 8.84
CA GLU A 107 -15.43 -7.69 7.91
C GLU A 107 -16.55 -7.01 8.69
N THR A 108 -16.37 -5.74 8.88
CA THR A 108 -17.15 -4.95 9.80
C THR A 108 -18.38 -4.24 9.22
N ILE A 109 -18.98 -3.43 10.09
CA ILE A 109 -20.06 -2.55 9.76
C ILE A 109 -19.39 -1.27 9.34
N GLU A 110 -18.23 -1.05 9.97
CA GLU A 110 -17.35 0.05 9.74
C GLU A 110 -16.89 0.04 8.31
N SER A 111 -17.01 -1.07 7.66
CA SER A 111 -16.74 -1.21 6.26
C SER A 111 -17.63 -0.26 5.46
N LEU A 112 -18.90 -0.19 5.86
CA LEU A 112 -19.86 0.71 5.21
C LEU A 112 -19.52 2.17 5.54
N ASN A 113 -19.24 2.40 6.82
CA ASN A 113 -18.83 3.72 7.29
C ASN A 113 -17.55 4.14 6.59
N HIS A 114 -16.67 3.16 6.33
CA HIS A 114 -15.45 3.38 5.57
C HIS A 114 -15.74 3.90 4.19
N LYS A 115 -16.77 3.37 3.54
CA LYS A 115 -17.16 3.84 2.21
C LYS A 115 -17.37 5.36 2.28
N LEU A 116 -18.23 5.75 3.20
CA LEU A 116 -18.52 7.17 3.39
C LEU A 116 -17.26 7.97 3.87
N ARG A 117 -16.50 7.36 4.74
CA ARG A 117 -15.23 7.91 5.27
C ARG A 117 -14.12 8.08 4.16
N GLU A 118 -14.14 7.20 3.20
CA GLU A 118 -13.20 7.24 2.11
C GLU A 118 -13.49 8.47 1.28
N ALA A 119 -14.78 8.73 1.09
CA ALA A 119 -15.23 9.94 0.46
C ALA A 119 -14.85 11.16 1.31
N THR A 120 -14.78 10.97 2.62
CA THR A 120 -14.45 12.02 3.60
C THR A 120 -13.06 12.64 3.37
N ARG A 121 -12.08 11.79 3.09
CA ARG A 121 -10.64 12.18 3.01
C ARG A 121 -10.23 13.53 2.36
N ILE A 122 -10.92 14.05 1.37
CA ILE A 122 -10.52 15.35 0.81
C ILE A 122 -11.03 16.54 1.70
N GLY A 123 -12.14 16.34 2.35
CA GLY A 123 -12.62 17.34 3.30
C GLY A 123 -13.54 18.41 2.73
N ASP A 124 -14.56 18.01 1.99
CA ASP A 124 -15.61 18.96 1.54
C ASP A 124 -16.65 19.09 2.66
N VAL A 125 -17.48 20.12 2.64
CA VAL A 125 -18.51 20.31 3.67
C VAL A 125 -19.50 19.12 3.72
N GLU A 126 -19.87 18.58 2.57
CA GLU A 126 -20.72 17.42 2.56
C GLU A 126 -19.98 16.27 3.13
N LEU A 127 -18.73 16.25 2.85
CA LEU A 127 -17.87 15.22 3.31
C LEU A 127 -17.60 15.38 4.82
N GLN A 128 -17.86 16.57 5.36
CA GLN A 128 -17.90 16.76 6.81
C GLN A 128 -19.06 15.95 7.38
N LYS A 129 -20.17 15.92 6.66
CA LYS A 129 -21.29 15.02 7.04
C LYS A 129 -20.80 13.53 6.94
N TYR A 130 -19.96 13.28 6.01
CA TYR A 130 -19.30 11.99 5.93
C TYR A 130 -18.38 11.79 7.20
N TYR A 131 -17.72 12.85 7.62
CA TYR A 131 -16.98 12.87 8.89
C TYR A 131 -17.93 12.56 10.08
N LEU A 132 -19.21 12.93 9.94
CA LEU A 132 -20.27 12.52 10.89
C LEU A 132 -20.33 11.01 10.95
N GLN A 133 -20.17 10.35 9.79
CA GLN A 133 -20.06 8.85 9.77
C GLN A 133 -18.97 8.38 10.66
N GLN A 134 -17.89 9.12 10.72
CA GLN A 134 -16.84 8.80 11.71
C GLN A 134 -17.39 8.88 13.14
N ILE A 135 -18.08 9.96 13.43
CA ILE A 135 -18.78 10.14 14.72
C ILE A 135 -19.79 8.99 14.98
N VAL A 136 -20.47 8.56 13.92
CA VAL A 136 -21.41 7.44 13.98
C VAL A 136 -20.69 6.12 14.29
N ALA A 137 -19.52 5.92 13.69
CA ALA A 137 -18.71 4.74 13.95
C ALA A 137 -18.31 4.72 15.42
N LYS A 138 -17.91 5.87 15.90
CA LYS A 138 -17.57 6.08 17.27
C LYS A 138 -18.82 5.87 18.17
N ASN A 139 -19.95 6.34 17.68
CA ASN A 139 -21.22 6.23 18.38
C ASN A 139 -21.65 4.78 18.51
N LYS A 140 -21.37 3.98 17.51
CA LYS A 140 -21.72 2.58 17.59
C LYS A 140 -20.77 1.84 18.56
N GLU A 141 -19.52 2.33 18.64
CA GLU A 141 -18.52 1.78 19.58
C GLU A 141 -18.84 2.23 21.02
N ARG A 142 -19.63 3.27 21.10
CA ARG A 142 -20.16 3.80 22.35
C ARG A 142 -21.22 2.83 22.92
N MET A 143 -21.64 1.89 22.07
CA MET A 143 -22.62 0.86 22.36
C MET A 143 -24.00 1.48 22.51
N PHE A 1 -11.88 -22.94 1.43
CA PHE A 1 -11.60 -21.72 0.78
C PHE A 1 -10.30 -21.14 1.35
N ASP A 2 -9.40 -20.74 0.49
CA ASP A 2 -8.08 -20.28 0.93
C ASP A 2 -8.12 -18.80 1.32
N ASN A 3 -6.98 -18.24 1.59
CA ASN A 3 -6.88 -16.88 2.02
C ASN A 3 -6.56 -16.00 0.87
N LEU A 4 -7.56 -15.80 0.09
CA LEU A 4 -7.52 -14.90 -1.02
C LEU A 4 -7.19 -13.52 -0.48
N SER A 5 -6.11 -12.97 -0.94
CA SER A 5 -5.59 -11.81 -0.30
C SER A 5 -5.95 -10.50 -0.99
N ARG A 6 -6.87 -9.79 -0.37
CA ARG A 6 -7.25 -8.42 -0.74
C ARG A 6 -6.09 -7.52 -0.44
N GLN A 7 -5.47 -7.80 0.70
CA GLN A 7 -4.35 -7.06 1.21
C GLN A 7 -3.19 -7.07 0.22
N GLU A 8 -3.05 -8.17 -0.54
CA GLU A 8 -1.98 -8.24 -1.53
C GLU A 8 -2.23 -7.22 -2.66
N LYS A 9 -3.51 -7.00 -3.00
CA LYS A 9 -3.84 -6.08 -4.08
C LYS A 9 -3.47 -4.66 -3.67
N ALA A 10 -3.75 -4.32 -2.42
CA ALA A 10 -3.38 -3.01 -1.88
C ALA A 10 -1.87 -2.82 -1.95
N GLU A 11 -1.15 -3.88 -1.63
CA GLU A 11 0.30 -3.86 -1.65
C GLU A 11 0.82 -3.70 -3.08
N ARG A 12 0.14 -4.37 -4.04
CA ARG A 12 0.48 -4.26 -5.47
C ARG A 12 0.46 -2.80 -5.90
N ALA A 13 -0.57 -2.09 -5.46
CA ALA A 13 -0.74 -0.69 -5.79
C ALA A 13 0.32 0.16 -5.11
N PHE A 14 0.58 -0.16 -3.84
CA PHE A 14 1.52 0.56 -3.01
C PHE A 14 2.94 0.46 -3.55
N LEU A 15 3.38 -0.76 -3.80
CA LEU A 15 4.73 -1.05 -4.30
C LEU A 15 4.91 -0.40 -5.67
N LYS A 16 3.85 -0.46 -6.50
CA LYS A 16 3.85 0.13 -7.84
C LYS A 16 4.35 1.58 -7.83
N HIS A 17 3.50 2.47 -7.25
CA HIS A 17 3.70 3.94 -7.23
C HIS A 17 4.50 4.51 -8.39
N LEU A 18 5.77 4.80 -8.12
CA LEU A 18 6.74 5.35 -9.05
C LEU A 18 8.10 5.19 -8.42
N MET A 19 9.14 5.64 -9.11
CA MET A 19 10.53 5.57 -8.60
C MET A 19 10.75 6.68 -7.55
N ARG A 20 9.76 7.53 -7.43
CA ARG A 20 9.71 8.60 -6.45
C ARG A 20 9.67 8.03 -5.04
N ASP A 21 8.83 7.07 -4.90
CA ASP A 21 8.46 6.43 -3.66
C ASP A 21 9.52 5.52 -3.04
N LYS A 22 10.76 5.96 -3.02
CA LYS A 22 11.82 5.19 -2.38
C LYS A 22 11.60 5.16 -0.87
N ASP A 23 11.17 6.30 -0.33
CA ASP A 23 10.77 6.42 1.06
C ASP A 23 9.66 5.44 1.35
N THR A 24 8.64 5.51 0.53
CA THR A 24 7.44 4.72 0.64
C THR A 24 7.77 3.21 0.63
N PHE A 25 8.70 2.80 -0.26
CA PHE A 25 9.20 1.42 -0.35
C PHE A 25 9.66 0.95 1.04
N LEU A 26 10.57 1.69 1.62
CA LEU A 26 11.13 1.31 2.93
C LEU A 26 10.13 1.58 4.06
N ASN A 27 9.28 2.56 3.86
CA ASN A 27 8.30 2.97 4.85
C ASN A 27 7.22 1.91 5.02
N TYR A 28 6.99 1.14 3.99
CA TYR A 28 6.04 0.10 4.09
C TYR A 28 6.70 -1.12 4.70
N TYR A 29 7.95 -1.38 4.31
CA TYR A 29 8.71 -2.46 4.92
C TYR A 29 8.88 -2.33 6.43
N GLU A 30 8.95 -1.10 6.92
CA GLU A 30 9.12 -0.90 8.36
C GLU A 30 7.80 -1.09 9.12
N SER A 31 6.70 -0.63 8.53
CA SER A 31 5.42 -0.62 9.21
C SER A 31 4.65 -1.95 9.04
N VAL A 32 4.72 -2.52 7.86
CA VAL A 32 3.96 -3.73 7.55
C VAL A 32 4.86 -4.95 7.84
N ASP A 33 4.26 -6.13 7.89
CA ASP A 33 5.00 -7.34 8.15
C ASP A 33 5.69 -7.79 6.88
N LYS A 34 6.98 -7.82 6.92
CA LYS A 34 7.80 -8.15 5.77
C LYS A 34 7.63 -9.61 5.39
N ASP A 35 7.65 -10.46 6.38
CA ASP A 35 7.73 -11.91 6.20
C ASP A 35 6.55 -12.51 5.47
N ASN A 36 5.36 -12.25 5.94
CA ASN A 36 4.19 -12.88 5.37
C ASN A 36 3.80 -12.25 4.06
N PHE A 37 4.00 -10.95 3.96
CA PHE A 37 3.63 -10.23 2.76
C PHE A 37 4.60 -10.36 1.61
N THR A 38 5.81 -10.83 1.87
CA THR A 38 6.71 -11.10 0.77
C THR A 38 6.29 -12.42 0.11
N ASN A 39 5.36 -12.32 -0.82
CA ASN A 39 4.88 -13.46 -1.58
C ASN A 39 5.82 -13.68 -2.74
N GLN A 40 5.55 -14.65 -3.60
CA GLN A 40 6.42 -14.87 -4.78
C GLN A 40 6.33 -13.64 -5.65
N HIS A 41 5.13 -13.08 -5.65
CA HIS A 41 4.81 -11.88 -6.37
C HIS A 41 5.70 -10.77 -5.87
N PHE A 42 5.60 -10.56 -4.59
CA PHE A 42 6.39 -9.57 -3.93
C PHE A 42 7.86 -9.83 -3.90
N LYS A 43 8.27 -11.09 -3.96
CA LYS A 43 9.66 -11.44 -4.03
C LYS A 43 10.22 -10.88 -5.29
N TYR A 44 9.49 -11.12 -6.38
CA TYR A 44 9.90 -10.62 -7.66
C TYR A 44 10.18 -9.12 -7.60
N VAL A 45 9.14 -8.37 -7.26
CA VAL A 45 9.24 -6.92 -7.24
C VAL A 45 10.21 -6.37 -6.17
N PHE A 46 10.16 -6.91 -4.94
CA PHE A 46 11.09 -6.53 -3.86
C PHE A 46 12.52 -6.61 -4.33
N GLU A 47 12.86 -7.75 -4.91
CA GLU A 47 14.18 -8.03 -5.38
C GLU A 47 14.62 -6.99 -6.41
N VAL A 48 13.78 -6.78 -7.42
CA VAL A 48 14.09 -5.82 -8.49
C VAL A 48 14.21 -4.41 -7.95
N LEU A 49 13.25 -3.99 -7.13
CA LEU A 49 13.24 -2.61 -6.68
C LEU A 49 14.43 -2.36 -5.74
N HIS A 50 14.70 -3.32 -4.87
CA HIS A 50 15.81 -3.23 -3.93
C HIS A 50 17.16 -3.27 -4.67
N ASP A 51 17.26 -4.14 -5.68
CA ASP A 51 18.46 -4.30 -6.49
C ASP A 51 18.76 -3.05 -7.26
N PHE A 52 17.75 -2.54 -7.93
CA PHE A 52 17.88 -1.30 -8.66
C PHE A 52 18.23 -0.18 -7.72
N TYR A 53 17.52 -0.09 -6.62
CA TYR A 53 17.71 0.96 -5.59
C TYR A 53 19.22 1.08 -5.23
N ALA A 54 19.87 -0.06 -5.16
CA ALA A 54 21.29 -0.13 -4.85
C ALA A 54 22.16 0.36 -6.02
N GLU A 55 21.99 -0.24 -7.19
CA GLU A 55 22.92 -0.03 -8.31
C GLU A 55 22.43 1.04 -9.30
N ASN A 56 21.22 1.46 -9.16
CA ASN A 56 20.56 2.40 -10.07
C ASN A 56 19.53 3.18 -9.23
N ASP A 57 18.46 3.64 -9.82
CA ASP A 57 17.42 4.31 -9.09
C ASP A 57 16.33 3.30 -8.78
N GLN A 58 15.16 3.74 -8.44
CA GLN A 58 14.11 2.84 -8.03
C GLN A 58 13.33 2.27 -9.22
N TYR A 59 12.23 1.58 -8.93
CA TYR A 59 11.38 0.95 -9.88
C TYR A 59 11.11 1.74 -11.14
N ASN A 60 11.51 1.15 -12.21
CA ASN A 60 11.23 1.63 -13.52
C ASN A 60 10.20 0.69 -14.09
N ILE A 61 9.00 1.21 -14.28
CA ILE A 61 7.80 0.46 -14.72
C ILE A 61 8.04 -0.28 -16.03
N SER A 62 8.91 0.24 -16.83
CA SER A 62 9.29 -0.37 -18.08
C SER A 62 9.84 -1.79 -17.86
N ASP A 63 10.50 -2.04 -16.72
CA ASP A 63 11.04 -3.37 -16.41
C ASP A 63 9.88 -4.30 -16.15
N ALA A 64 8.84 -3.75 -15.53
CA ALA A 64 7.63 -4.47 -15.24
C ALA A 64 6.95 -4.95 -16.53
N VAL A 65 7.04 -4.13 -17.55
CA VAL A 65 6.53 -4.42 -18.87
C VAL A 65 7.34 -5.55 -19.48
N GLN A 66 8.64 -5.59 -19.18
CA GLN A 66 9.51 -6.66 -19.65
C GLN A 66 9.10 -7.98 -19.00
N TYR A 67 8.38 -7.88 -17.87
CA TYR A 67 7.81 -9.06 -17.24
C TYR A 67 6.59 -9.55 -18.01
N VAL A 68 6.33 -8.96 -19.18
CA VAL A 68 5.26 -9.47 -20.06
C VAL A 68 5.68 -10.82 -20.73
N ASN A 69 6.73 -11.40 -20.21
CA ASN A 69 7.18 -12.69 -20.64
C ASN A 69 6.73 -13.73 -19.62
N SER A 70 6.44 -13.28 -18.40
CA SER A 70 6.04 -14.19 -17.35
C SER A 70 4.53 -14.46 -17.46
N ASN A 71 4.08 -15.57 -16.90
CA ASN A 71 2.68 -16.02 -17.04
C ASN A 71 1.65 -15.06 -16.42
N GLU A 72 1.74 -14.86 -15.14
CA GLU A 72 0.76 -14.08 -14.41
C GLU A 72 1.16 -12.63 -14.27
N LEU A 73 2.44 -12.40 -14.01
CA LEU A 73 2.94 -11.06 -13.73
C LEU A 73 2.78 -10.12 -14.92
N ARG A 74 2.67 -10.69 -16.12
CA ARG A 74 2.45 -9.89 -17.32
C ARG A 74 1.14 -9.10 -17.17
N GLU A 75 0.14 -9.79 -16.66
CA GLU A 75 -1.17 -9.23 -16.50
C GLU A 75 -1.16 -8.20 -15.41
N THR A 76 -0.74 -8.62 -14.24
CA THR A 76 -0.74 -7.78 -13.09
C THR A 76 0.11 -6.51 -13.28
N LEU A 77 1.36 -6.67 -13.67
CA LEU A 77 2.25 -5.52 -13.81
C LEU A 77 1.81 -4.51 -14.86
N ILE A 78 1.28 -4.98 -15.98
CA ILE A 78 0.79 -4.05 -16.97
C ILE A 78 -0.47 -3.35 -16.44
N SER A 79 -1.31 -4.09 -15.70
CA SER A 79 -2.48 -3.50 -15.02
C SER A 79 -2.01 -2.36 -14.10
N LEU A 80 -0.91 -2.62 -13.38
CA LEU A 80 -0.29 -1.65 -12.51
C LEU A 80 0.29 -0.46 -13.29
N GLU A 81 0.73 -0.68 -14.52
CA GLU A 81 1.24 0.41 -15.34
C GLU A 81 0.11 1.32 -15.80
N GLN A 82 -1.01 0.71 -16.17
CA GLN A 82 -2.18 1.45 -16.68
C GLN A 82 -2.83 2.24 -15.56
N TYR A 83 -2.67 1.73 -14.35
CA TYR A 83 -3.11 2.38 -13.16
C TYR A 83 -2.23 3.63 -13.00
N ASN A 84 -2.81 4.81 -13.00
CA ASN A 84 -1.97 6.01 -13.13
C ASN A 84 -2.19 7.01 -12.02
N LEU A 85 -1.08 7.45 -11.45
CA LEU A 85 -1.05 8.39 -10.34
C LEU A 85 -1.36 9.81 -10.81
N ASN A 86 -1.04 10.11 -12.06
CA ASN A 86 -1.28 11.44 -12.60
C ASN A 86 -2.77 11.68 -12.84
N ASP A 87 -3.46 10.64 -13.27
CA ASP A 87 -4.90 10.73 -13.53
C ASP A 87 -5.67 10.89 -12.24
N GLU A 88 -5.47 9.99 -11.33
CA GLU A 88 -6.15 10.05 -10.06
C GLU A 88 -5.11 10.02 -8.95
N PRO A 89 -4.96 11.10 -8.17
CA PRO A 89 -4.05 11.12 -7.02
C PRO A 89 -4.43 10.08 -5.99
N TYR A 90 -3.45 9.61 -5.27
CA TYR A 90 -3.61 8.54 -4.32
C TYR A 90 -3.12 8.92 -2.96
N GLU A 91 -3.54 10.04 -2.50
CA GLU A 91 -3.16 10.52 -1.18
C GLU A 91 -3.94 9.80 -0.06
N ASN A 92 -4.99 9.10 -0.44
CA ASN A 92 -5.79 8.26 0.43
C ASN A 92 -5.06 6.93 0.63
N GLU A 93 -4.15 6.63 -0.33
CA GLU A 93 -3.37 5.37 -0.41
C GLU A 93 -2.93 4.90 0.96
N ILE A 94 -1.99 5.64 1.58
CA ILE A 94 -1.39 5.28 2.87
C ILE A 94 -2.44 5.04 3.95
N ASP A 95 -3.46 5.87 3.95
CA ASP A 95 -4.57 5.80 4.91
C ASP A 95 -5.30 4.47 4.79
N ASP A 96 -5.75 4.18 3.60
CA ASP A 96 -6.54 2.99 3.36
C ASP A 96 -5.67 1.75 3.41
N TYR A 97 -4.46 1.91 2.92
CA TYR A 97 -3.43 0.88 2.90
C TYR A 97 -3.13 0.35 4.30
N VAL A 98 -2.84 1.26 5.24
CA VAL A 98 -2.53 0.84 6.59
C VAL A 98 -3.76 0.19 7.22
N ASN A 99 -4.93 0.73 6.92
CA ASN A 99 -6.18 0.20 7.41
C ASN A 99 -6.43 -1.24 6.91
N VAL A 100 -6.18 -1.47 5.64
CA VAL A 100 -6.39 -2.77 5.00
C VAL A 100 -5.37 -3.84 5.38
N ILE A 101 -4.10 -3.51 5.29
CA ILE A 101 -3.07 -4.50 5.38
C ILE A 101 -2.51 -4.60 6.77
N ASN A 102 -2.25 -3.44 7.35
CA ASN A 102 -1.62 -3.37 8.65
C ASN A 102 -2.70 -3.59 9.71
N GLU A 103 -3.88 -3.93 9.21
CA GLU A 103 -5.02 -4.40 9.97
C GLU A 103 -4.52 -5.64 10.69
N LYS A 104 -3.71 -6.40 9.98
CA LYS A 104 -3.13 -7.65 10.46
C LYS A 104 -1.90 -7.43 11.36
N GLY A 105 -2.02 -6.64 12.41
CA GLY A 105 -0.89 -6.49 13.30
C GLY A 105 -1.06 -5.46 14.40
N GLN A 106 -1.96 -5.69 15.32
CA GLN A 106 -2.09 -4.81 16.48
C GLN A 106 -1.81 -5.62 17.74
N GLU A 107 -1.17 -5.02 18.70
CA GLU A 107 -0.85 -5.71 19.93
C GLU A 107 -1.55 -5.07 21.14
N THR A 108 -1.62 -3.76 21.16
CA THR A 108 -2.21 -3.03 22.23
C THR A 108 -3.23 -2.00 21.65
N ILE A 109 -4.13 -1.52 22.48
CA ILE A 109 -5.08 -0.48 22.14
C ILE A 109 -4.37 0.77 21.56
N GLU A 110 -3.29 1.20 22.22
CA GLU A 110 -2.52 2.33 21.72
C GLU A 110 -1.82 2.02 20.43
N SER A 111 -1.57 0.75 20.15
CA SER A 111 -0.91 0.37 18.91
C SER A 111 -1.80 0.78 17.75
N LEU A 112 -3.13 0.69 17.97
CA LEU A 112 -4.10 1.15 16.98
C LEU A 112 -3.90 2.64 16.74
N ASN A 113 -3.99 3.41 17.81
CA ASN A 113 -3.87 4.88 17.78
C ASN A 113 -2.54 5.31 17.22
N HIS A 114 -1.48 4.77 17.78
CA HIS A 114 -0.11 5.10 17.41
C HIS A 114 0.14 4.79 15.95
N LYS A 115 -0.40 3.67 15.49
CA LYS A 115 -0.26 3.25 14.10
C LYS A 115 -0.88 4.28 13.18
N LEU A 116 -2.10 4.71 13.50
CA LEU A 116 -2.80 5.70 12.68
C LEU A 116 -1.96 6.96 12.59
N ARG A 117 -1.50 7.42 13.75
CA ARG A 117 -0.69 8.62 13.84
C ARG A 117 0.59 8.46 13.05
N GLU A 118 1.35 7.46 13.37
CA GLU A 118 2.69 7.29 12.85
C GLU A 118 2.74 6.91 11.34
N ALA A 119 1.77 6.15 10.86
CA ALA A 119 1.70 5.83 9.42
C ALA A 119 1.40 7.10 8.61
N THR A 120 0.31 7.72 8.97
CA THR A 120 -0.24 8.93 8.35
C THR A 120 0.66 10.19 8.60
N ARG A 121 1.45 10.05 9.65
CA ARG A 121 2.18 11.05 10.41
C ARG A 121 2.52 12.32 9.74
N ILE A 122 3.24 12.29 8.68
CA ILE A 122 3.62 13.54 8.12
C ILE A 122 2.57 14.11 7.20
N GLY A 123 2.13 13.31 6.24
CA GLY A 123 1.25 13.79 5.15
C GLY A 123 1.97 14.82 4.24
N ASP A 124 2.43 15.87 4.88
CA ASP A 124 3.27 16.92 4.36
C ASP A 124 4.16 17.28 5.53
N VAL A 125 5.45 17.06 5.36
CA VAL A 125 6.43 17.01 6.46
C VAL A 125 6.19 17.89 7.74
N GLU A 126 6.61 19.13 7.78
CA GLU A 126 6.57 19.90 9.02
C GLU A 126 5.16 20.29 9.48
N LEU A 127 4.49 21.05 8.67
CA LEU A 127 3.24 21.66 9.05
C LEU A 127 2.15 20.61 9.22
N GLN A 128 1.98 19.77 8.23
CA GLN A 128 0.96 18.76 8.30
C GLN A 128 1.21 17.75 9.42
N LYS A 129 2.51 17.39 9.72
CA LYS A 129 2.76 16.43 10.81
C LYS A 129 2.20 16.96 12.13
N TYR A 130 2.37 18.27 12.33
CA TYR A 130 1.84 18.92 13.51
C TYR A 130 0.32 18.76 13.58
N TYR A 131 -0.36 19.17 12.52
CA TYR A 131 -1.81 19.09 12.47
C TYR A 131 -2.33 17.66 12.52
N LEU A 132 -1.67 16.76 11.81
CA LEU A 132 -2.10 15.37 11.73
C LEU A 132 -2.18 14.75 13.13
N GLN A 133 -1.13 14.89 13.89
CA GLN A 133 -1.11 14.29 15.22
C GLN A 133 -2.12 14.96 16.14
N GLN A 134 -2.35 16.24 15.92
CA GLN A 134 -3.32 17.00 16.66
C GLN A 134 -4.73 16.48 16.35
N ILE A 135 -5.03 16.35 15.08
CA ILE A 135 -6.31 15.83 14.60
C ILE A 135 -6.58 14.43 15.17
N VAL A 136 -5.60 13.55 15.05
CA VAL A 136 -5.77 12.18 15.55
C VAL A 136 -5.90 12.15 17.09
N ALA A 137 -5.22 13.07 17.78
CA ALA A 137 -5.34 13.20 19.23
C ALA A 137 -6.76 13.65 19.60
N LYS A 138 -7.27 14.65 18.88
CA LYS A 138 -8.62 15.16 19.12
C LYS A 138 -9.67 14.11 18.79
N ASN A 139 -9.38 13.30 17.79
CA ASN A 139 -10.24 12.16 17.40
C ASN A 139 -10.33 11.17 18.54
N LYS A 140 -9.21 10.97 19.19
CA LYS A 140 -9.09 10.08 20.33
C LYS A 140 -9.83 10.65 21.53
N GLU A 141 -9.60 11.91 21.82
CA GLU A 141 -10.27 12.58 22.92
C GLU A 141 -11.73 12.91 22.62
N ARG A 142 -12.14 12.70 21.37
CA ARG A 142 -13.52 12.88 20.97
C ARG A 142 -14.36 11.82 21.65
N MET A 143 -13.78 10.62 21.71
CA MET A 143 -14.34 9.46 22.38
C MET A 143 -15.72 9.09 21.82
N PHE A 1 -8.63 -23.24 -5.15
CA PHE A 1 -9.24 -21.93 -5.07
C PHE A 1 -8.20 -20.86 -5.38
N ASP A 2 -8.58 -19.85 -6.14
CA ASP A 2 -7.72 -18.72 -6.37
C ASP A 2 -7.92 -17.73 -5.26
N ASN A 3 -6.94 -17.60 -4.40
CA ASN A 3 -7.11 -16.72 -3.26
C ASN A 3 -6.69 -15.31 -3.61
N LEU A 4 -7.44 -14.75 -4.50
CA LEU A 4 -7.36 -13.36 -4.80
C LEU A 4 -8.02 -12.59 -3.67
N SER A 5 -7.24 -11.95 -2.88
CA SER A 5 -7.74 -11.25 -1.74
C SER A 5 -7.67 -9.72 -1.89
N ARG A 6 -8.43 -9.01 -1.06
CA ARG A 6 -8.41 -7.54 -1.04
C ARG A 6 -7.06 -6.99 -0.61
N GLN A 7 -6.25 -7.81 0.02
CA GLN A 7 -4.96 -7.37 0.46
C GLN A 7 -4.04 -7.02 -0.71
N GLU A 8 -4.27 -7.65 -1.87
CA GLU A 8 -3.54 -7.28 -3.09
C GLU A 8 -3.91 -5.89 -3.56
N LYS A 9 -5.11 -5.45 -3.18
CA LYS A 9 -5.53 -4.09 -3.41
C LYS A 9 -4.71 -3.17 -2.59
N ALA A 10 -4.48 -3.57 -1.35
CA ALA A 10 -3.68 -2.79 -0.44
C ALA A 10 -2.25 -2.71 -0.94
N GLU A 11 -1.69 -3.86 -1.34
CA GLU A 11 -0.35 -3.88 -1.93
C GLU A 11 -0.30 -2.92 -3.08
N ARG A 12 -1.18 -3.12 -4.09
CA ARG A 12 -1.25 -2.23 -5.27
C ARG A 12 -1.37 -0.74 -4.87
N ALA A 13 -2.08 -0.46 -3.78
CA ALA A 13 -2.27 0.90 -3.30
C ALA A 13 -0.93 1.51 -2.93
N PHE A 14 -0.17 0.82 -2.11
CA PHE A 14 1.17 1.25 -1.74
C PHE A 14 2.12 1.30 -2.94
N LEU A 15 2.05 0.27 -3.73
CA LEU A 15 2.94 0.06 -4.84
C LEU A 15 2.70 0.97 -6.05
N LYS A 16 1.61 1.74 -6.06
CA LYS A 16 1.34 2.65 -7.19
C LYS A 16 2.25 3.89 -7.17
N HIS A 17 3.11 3.97 -6.17
CA HIS A 17 4.04 5.06 -5.99
C HIS A 17 5.35 4.49 -5.45
N LEU A 18 6.38 4.49 -6.29
CA LEU A 18 7.64 3.84 -5.94
C LEU A 18 8.88 4.65 -6.34
N MET A 19 8.70 5.88 -6.78
CA MET A 19 9.87 6.68 -7.20
C MET A 19 10.37 7.56 -6.07
N ARG A 20 9.58 8.53 -5.66
CA ARG A 20 9.96 9.39 -4.53
C ARG A 20 9.87 8.61 -3.22
N ASP A 21 8.99 7.68 -3.26
CA ASP A 21 8.53 6.84 -2.17
C ASP A 21 9.54 5.80 -1.68
N LYS A 22 10.76 6.23 -1.39
CA LYS A 22 11.75 5.33 -0.80
C LYS A 22 11.28 4.94 0.58
N ASP A 23 10.71 5.92 1.26
CA ASP A 23 10.12 5.76 2.57
C ASP A 23 9.07 4.66 2.52
N THR A 24 8.23 4.70 1.51
CA THR A 24 7.15 3.79 1.33
C THR A 24 7.66 2.36 1.09
N PHE A 25 8.71 2.20 0.27
CA PHE A 25 9.29 0.87 0.01
C PHE A 25 9.77 0.25 1.34
N LEU A 26 10.50 1.03 2.11
CA LEU A 26 10.99 0.59 3.41
C LEU A 26 9.86 0.43 4.43
N ASN A 27 8.84 1.23 4.30
CA ASN A 27 7.66 1.14 5.17
C ASN A 27 6.85 -0.11 4.82
N TYR A 28 6.99 -0.59 3.61
CA TYR A 28 6.30 -1.72 3.18
C TYR A 28 7.07 -2.97 3.63
N TYR A 29 8.38 -2.81 3.87
CA TYR A 29 9.17 -3.84 4.56
C TYR A 29 8.61 -4.02 5.98
N GLU A 30 8.29 -2.89 6.61
CA GLU A 30 7.77 -2.88 7.98
C GLU A 30 6.35 -3.42 8.05
N SER A 31 5.54 -3.00 7.12
CA SER A 31 4.12 -3.33 7.11
C SER A 31 3.82 -4.75 6.60
N VAL A 32 4.82 -5.42 6.06
CA VAL A 32 4.63 -6.74 5.50
C VAL A 32 5.54 -7.77 6.19
N ASP A 33 4.92 -8.63 7.01
CA ASP A 33 5.65 -9.69 7.73
C ASP A 33 4.78 -10.93 8.01
N LYS A 34 4.00 -10.93 9.08
CA LYS A 34 3.18 -12.11 9.47
C LYS A 34 1.93 -12.24 8.60
N ASP A 35 1.66 -11.19 7.90
CA ASP A 35 0.59 -11.10 6.88
C ASP A 35 0.96 -11.87 5.61
N ASN A 36 1.84 -12.85 5.75
CA ASN A 36 2.36 -13.65 4.64
C ASN A 36 1.36 -14.69 4.15
N PHE A 37 0.10 -14.51 4.51
CA PHE A 37 -0.96 -15.38 4.02
C PHE A 37 -1.29 -14.98 2.59
N THR A 38 -0.96 -13.74 2.29
CA THR A 38 -1.14 -13.13 1.01
C THR A 38 -0.23 -13.81 -0.03
N ASN A 39 -0.62 -13.71 -1.26
CA ASN A 39 0.05 -14.36 -2.39
C ASN A 39 1.46 -13.80 -2.62
N GLN A 40 2.25 -14.53 -3.40
CA GLN A 40 3.65 -14.22 -3.82
C GLN A 40 3.78 -12.88 -4.60
N HIS A 41 2.76 -12.08 -4.54
CA HIS A 41 2.62 -10.86 -5.26
C HIS A 41 3.72 -9.94 -4.76
N PHE A 42 3.71 -9.75 -3.47
CA PHE A 42 4.73 -9.00 -2.77
C PHE A 42 6.13 -9.58 -2.90
N LYS A 43 6.23 -10.89 -3.16
CA LYS A 43 7.51 -11.57 -3.29
C LYS A 43 8.26 -10.96 -4.46
N TYR A 44 7.59 -10.91 -5.58
CA TYR A 44 8.20 -10.33 -6.74
C TYR A 44 8.39 -8.86 -6.64
N VAL A 45 7.53 -8.20 -5.91
CA VAL A 45 7.70 -6.79 -5.68
C VAL A 45 8.99 -6.54 -4.92
N PHE A 46 9.17 -7.22 -3.77
CA PHE A 46 10.40 -7.14 -3.00
C PHE A 46 11.61 -7.39 -3.89
N GLU A 47 11.60 -8.51 -4.60
CA GLU A 47 12.74 -8.90 -5.43
C GLU A 47 13.12 -7.90 -6.49
N VAL A 48 12.22 -7.57 -7.41
CA VAL A 48 12.57 -6.66 -8.51
C VAL A 48 12.96 -5.30 -7.96
N LEU A 49 12.21 -4.81 -6.99
CA LEU A 49 12.47 -3.51 -6.44
C LEU A 49 13.79 -3.46 -5.69
N HIS A 50 14.00 -4.43 -4.82
CA HIS A 50 15.21 -4.54 -4.00
C HIS A 50 16.44 -4.70 -4.90
N ASP A 51 16.34 -5.61 -5.87
CA ASP A 51 17.42 -5.87 -6.84
C ASP A 51 17.85 -4.59 -7.58
N PHE A 52 16.89 -3.87 -8.07
CA PHE A 52 17.13 -2.66 -8.82
C PHE A 52 17.62 -1.54 -7.89
N TYR A 53 16.97 -1.39 -6.75
CA TYR A 53 17.34 -0.42 -5.66
C TYR A 53 18.82 -0.61 -5.30
N ALA A 54 19.25 -1.88 -5.26
CA ALA A 54 20.62 -2.23 -4.89
C ALA A 54 21.63 -1.70 -5.90
N GLU A 55 21.17 -1.43 -7.09
CA GLU A 55 22.05 -0.96 -8.13
C GLU A 55 21.83 0.53 -8.40
N ASN A 56 20.61 0.89 -8.71
CA ASN A 56 20.30 2.24 -9.13
C ASN A 56 19.33 2.89 -8.11
N ASP A 57 18.57 3.83 -8.57
CA ASP A 57 17.61 4.59 -7.80
C ASP A 57 16.27 3.83 -7.82
N GLN A 58 15.20 4.49 -7.55
CA GLN A 58 13.94 3.85 -7.34
C GLN A 58 13.24 3.45 -8.62
N TYR A 59 12.40 2.44 -8.47
CA TYR A 59 11.63 1.79 -9.46
C TYR A 59 10.98 2.69 -10.49
N ASN A 60 11.11 2.25 -11.71
CA ASN A 60 10.47 2.85 -12.83
C ASN A 60 9.56 1.79 -13.42
N ILE A 61 8.56 2.19 -14.18
CA ILE A 61 7.61 1.22 -14.77
C ILE A 61 8.33 0.41 -15.83
N SER A 62 9.39 1.00 -16.34
CA SER A 62 10.26 0.43 -17.31
C SER A 62 10.83 -0.91 -16.81
N ASP A 63 11.18 -0.97 -15.54
CA ASP A 63 11.72 -2.20 -14.95
C ASP A 63 10.66 -3.27 -14.88
N ALA A 64 9.42 -2.85 -14.68
CA ALA A 64 8.32 -3.78 -14.65
C ALA A 64 8.13 -4.43 -16.03
N VAL A 65 8.12 -3.60 -17.09
CA VAL A 65 8.02 -4.06 -18.46
C VAL A 65 9.33 -4.78 -18.89
N GLN A 66 10.39 -4.53 -18.16
CA GLN A 66 11.63 -5.25 -18.36
C GLN A 66 11.44 -6.70 -17.94
N TYR A 67 10.58 -6.90 -16.97
CA TYR A 67 10.20 -8.22 -16.52
C TYR A 67 9.04 -8.81 -17.39
N VAL A 68 8.70 -8.16 -18.54
CA VAL A 68 7.48 -8.55 -19.33
C VAL A 68 7.59 -9.90 -20.14
N ASN A 69 8.65 -10.64 -20.01
CA ASN A 69 8.69 -11.95 -20.70
C ASN A 69 8.57 -13.09 -19.70
N SER A 70 9.16 -12.88 -18.57
CA SER A 70 9.19 -13.82 -17.47
C SER A 70 7.83 -13.76 -16.66
N ASN A 71 7.98 -13.96 -15.35
CA ASN A 71 7.11 -14.01 -14.17
C ASN A 71 5.81 -13.31 -14.14
N GLU A 72 5.15 -13.34 -15.23
CA GLU A 72 3.82 -12.69 -15.57
C GLU A 72 2.82 -12.47 -14.38
N LEU A 73 3.22 -12.73 -13.19
CA LEU A 73 2.46 -12.18 -12.07
C LEU A 73 2.79 -10.64 -12.09
N ARG A 74 3.96 -10.31 -12.73
CA ARG A 74 4.36 -8.94 -13.00
C ARG A 74 3.40 -8.36 -14.07
N GLU A 75 2.69 -9.26 -14.80
CA GLU A 75 1.77 -8.86 -15.86
C GLU A 75 0.55 -8.37 -15.21
N THR A 76 0.14 -9.09 -14.16
CA THR A 76 -0.95 -8.61 -13.34
C THR A 76 -0.63 -7.19 -12.86
N LEU A 77 0.59 -7.01 -12.34
CA LEU A 77 1.07 -5.72 -11.87
C LEU A 77 0.98 -4.64 -12.99
N ILE A 78 1.47 -4.99 -14.18
CA ILE A 78 1.42 -4.06 -15.34
C ILE A 78 -0.05 -3.77 -15.73
N SER A 79 -0.88 -4.80 -15.72
CA SER A 79 -2.32 -4.67 -15.95
C SER A 79 -2.93 -3.67 -14.94
N LEU A 80 -2.55 -3.85 -13.69
CA LEU A 80 -2.97 -3.01 -12.58
C LEU A 80 -2.39 -1.58 -12.67
N GLU A 81 -1.37 -1.41 -13.49
CA GLU A 81 -0.75 -0.12 -13.74
C GLU A 81 -1.52 0.56 -14.90
N GLN A 82 -1.89 -0.25 -15.90
CA GLN A 82 -2.65 0.23 -17.06
C GLN A 82 -4.05 0.65 -16.60
N TYR A 83 -4.57 -0.10 -15.65
CA TYR A 83 -5.77 0.24 -14.95
C TYR A 83 -5.39 1.47 -14.10
N ASN A 84 -6.14 2.55 -14.16
CA ASN A 84 -5.65 3.80 -13.58
C ASN A 84 -5.72 3.78 -12.07
N LEU A 85 -4.55 3.72 -11.51
CA LEU A 85 -4.33 3.64 -10.08
C LEU A 85 -4.45 4.98 -9.35
N ASN A 86 -4.46 6.05 -10.11
CA ASN A 86 -4.61 7.41 -9.55
C ASN A 86 -6.06 7.67 -9.15
N ASP A 87 -6.92 6.73 -9.51
CA ASP A 87 -8.35 6.83 -9.22
C ASP A 87 -8.66 6.61 -7.73
N GLU A 88 -7.66 6.21 -6.97
CA GLU A 88 -7.85 6.03 -5.54
C GLU A 88 -7.60 7.34 -4.82
N PRO A 89 -8.30 7.58 -3.68
CA PRO A 89 -8.01 8.74 -2.83
C PRO A 89 -6.62 8.56 -2.23
N TYR A 90 -5.77 9.55 -2.34
CA TYR A 90 -4.39 9.36 -1.93
C TYR A 90 -4.22 9.54 -0.43
N GLU A 91 -5.28 9.94 0.23
CA GLU A 91 -5.28 9.98 1.66
C GLU A 91 -5.59 8.63 2.25
N ASN A 92 -5.97 7.73 1.40
CA ASN A 92 -6.25 6.37 1.78
C ASN A 92 -5.00 5.61 2.08
N GLU A 93 -3.87 6.08 1.54
CA GLU A 93 -2.62 5.29 1.46
C GLU A 93 -2.30 4.44 2.67
N ILE A 94 -1.69 5.02 3.67
CA ILE A 94 -1.26 4.28 4.88
C ILE A 94 -2.48 3.81 5.67
N ASP A 95 -3.46 4.67 5.70
CA ASP A 95 -4.68 4.52 6.50
C ASP A 95 -5.46 3.26 6.13
N ASP A 96 -5.85 3.18 4.89
CA ASP A 96 -6.66 2.10 4.38
C ASP A 96 -5.83 0.83 4.22
N TYR A 97 -4.60 1.00 3.77
CA TYR A 97 -3.63 -0.10 3.59
C TYR A 97 -3.53 -0.95 4.85
N VAL A 98 -3.29 -0.30 5.96
CA VAL A 98 -3.18 -0.98 7.22
C VAL A 98 -4.53 -1.61 7.62
N ASN A 99 -5.61 -0.89 7.37
CA ASN A 99 -6.97 -1.42 7.62
C ASN A 99 -7.20 -2.68 6.80
N VAL A 100 -6.84 -2.66 5.54
CA VAL A 100 -7.06 -3.78 4.61
C VAL A 100 -6.23 -5.02 4.97
N ILE A 101 -5.08 -4.86 5.51
CA ILE A 101 -4.27 -6.01 5.77
C ILE A 101 -4.64 -6.56 7.13
N ASN A 102 -5.00 -5.66 8.00
CA ASN A 102 -5.46 -5.98 9.32
C ASN A 102 -6.93 -6.34 9.32
N GLU A 103 -7.49 -6.24 8.13
CA GLU A 103 -8.85 -6.63 7.80
C GLU A 103 -8.91 -8.15 7.79
N LYS A 104 -7.72 -8.76 7.82
CA LYS A 104 -7.60 -10.21 7.97
C LYS A 104 -8.32 -10.64 9.25
N GLY A 105 -8.25 -9.81 10.26
CA GLY A 105 -8.87 -10.14 11.52
C GLY A 105 -10.03 -9.25 11.87
N GLN A 106 -9.77 -7.92 11.89
CA GLN A 106 -10.74 -6.91 12.34
C GLN A 106 -11.23 -7.23 13.76
N GLU A 107 -10.53 -6.69 14.75
CA GLU A 107 -10.81 -7.00 16.15
C GLU A 107 -10.02 -6.06 17.10
N THR A 108 -8.82 -5.67 16.72
CA THR A 108 -7.89 -4.99 17.63
C THR A 108 -6.70 -4.37 16.84
N ILE A 109 -6.49 -4.83 15.65
CA ILE A 109 -5.30 -4.47 14.89
C ILE A 109 -5.57 -3.19 14.14
N GLU A 110 -6.83 -2.90 13.99
CA GLU A 110 -7.29 -1.67 13.40
C GLU A 110 -7.01 -0.53 14.37
N SER A 111 -6.69 -0.88 15.61
CA SER A 111 -6.26 0.10 16.57
C SER A 111 -4.95 0.73 16.03
N LEU A 112 -4.21 -0.03 15.22
CA LEU A 112 -3.03 0.53 14.54
C LEU A 112 -3.44 1.66 13.57
N ASN A 113 -4.63 1.53 12.97
CA ASN A 113 -5.21 2.58 12.11
C ASN A 113 -5.48 3.85 12.94
N HIS A 114 -5.85 3.63 14.20
CA HIS A 114 -6.05 4.73 15.16
C HIS A 114 -4.74 5.48 15.33
N LYS A 115 -3.65 4.70 15.49
CA LYS A 115 -2.30 5.25 15.59
C LYS A 115 -1.98 6.09 14.37
N LEU A 116 -2.27 5.54 13.18
CA LEU A 116 -2.05 6.21 11.89
C LEU A 116 -2.69 7.56 11.87
N ARG A 117 -3.92 7.60 12.34
CA ARG A 117 -4.65 8.83 12.40
C ARG A 117 -3.89 9.83 13.26
N GLU A 118 -3.64 9.45 14.47
CA GLU A 118 -3.10 10.39 15.43
C GLU A 118 -1.63 10.77 15.21
N ALA A 119 -0.85 9.84 14.78
CA ALA A 119 0.52 10.14 14.44
C ALA A 119 0.59 11.04 13.20
N THR A 120 -0.17 10.68 12.21
CA THR A 120 -0.08 11.28 10.90
C THR A 120 -0.93 12.52 10.59
N ARG A 121 -2.20 12.60 11.04
CA ARG A 121 -3.17 13.52 10.40
C ARG A 121 -2.66 14.89 10.07
N ILE A 122 -2.71 15.75 11.01
CA ILE A 122 -2.38 17.10 10.76
C ILE A 122 -1.24 17.65 11.62
N GLY A 123 -0.92 16.97 12.73
CA GLY A 123 -0.04 17.59 13.78
C GLY A 123 -0.82 18.68 14.60
N ASP A 124 -1.63 19.38 13.87
CA ASP A 124 -2.63 20.41 14.22
C ASP A 124 -3.82 19.71 14.90
N VAL A 125 -4.81 20.50 15.42
CA VAL A 125 -6.06 20.18 16.24
C VAL A 125 -6.74 18.72 16.07
N GLU A 126 -6.04 17.77 15.65
CA GLU A 126 -6.52 16.43 15.45
C GLU A 126 -7.19 15.73 16.68
N LEU A 127 -7.40 16.45 17.74
CA LEU A 127 -8.33 16.05 18.78
C LEU A 127 -9.76 16.23 18.17
N GLN A 128 -9.91 17.33 17.44
CA GLN A 128 -11.02 17.59 16.55
C GLN A 128 -11.08 16.42 15.62
N LYS A 129 -9.94 16.11 15.06
CA LYS A 129 -9.85 14.94 14.16
C LYS A 129 -9.92 13.55 14.92
N TYR A 130 -9.85 13.56 16.23
CA TYR A 130 -10.10 12.38 17.05
C TYR A 130 -11.54 11.98 16.82
N TYR A 131 -12.39 12.99 16.74
CA TYR A 131 -13.80 12.77 16.33
C TYR A 131 -13.89 12.03 14.97
N LEU A 132 -12.98 12.38 14.02
CA LEU A 132 -12.86 11.69 12.70
C LEU A 132 -12.67 10.21 12.92
N GLN A 133 -11.78 9.92 13.83
CA GLN A 133 -11.40 8.57 14.14
C GLN A 133 -12.60 7.75 14.64
N GLN A 134 -13.48 8.40 15.42
CA GLN A 134 -14.71 7.75 15.87
C GLN A 134 -15.58 7.42 14.67
N ILE A 135 -15.74 8.41 13.80
CA ILE A 135 -16.49 8.26 12.56
C ILE A 135 -15.95 7.07 11.75
N VAL A 136 -14.65 7.08 11.52
CA VAL A 136 -13.98 6.04 10.72
C VAL A 136 -14.07 4.66 11.36
N ALA A 137 -13.79 4.55 12.66
CA ALA A 137 -13.85 3.25 13.33
C ALA A 137 -15.27 2.69 13.28
N LYS A 138 -16.24 3.56 13.48
CA LYS A 138 -17.64 3.20 13.38
C LYS A 138 -18.01 2.85 11.96
N ASN A 139 -17.46 3.58 11.01
CA ASN A 139 -17.70 3.30 9.59
C ASN A 139 -17.00 2.04 9.12
N LYS A 140 -15.97 1.64 9.84
CA LYS A 140 -15.22 0.43 9.56
C LYS A 140 -16.08 -0.79 9.91
N GLU A 141 -16.68 -0.76 11.07
CA GLU A 141 -17.57 -1.85 11.51
C GLU A 141 -18.93 -1.75 10.80
N ARG A 142 -19.21 -0.58 10.27
CA ARG A 142 -20.42 -0.29 9.51
C ARG A 142 -20.29 -0.86 8.10
N MET A 143 -19.12 -1.32 7.75
CA MET A 143 -18.84 -1.82 6.44
C MET A 143 -19.13 -3.31 6.43
N PHE A 1 -15.24 -21.83 0.05
CA PHE A 1 -15.34 -20.37 0.06
C PHE A 1 -13.98 -19.74 -0.19
N ASP A 2 -13.97 -18.71 -1.01
CA ASP A 2 -12.73 -18.00 -1.32
C ASP A 2 -12.43 -17.02 -0.19
N ASN A 3 -11.21 -16.54 -0.12
CA ASN A 3 -10.81 -15.64 0.91
C ASN A 3 -10.07 -14.52 0.26
N LEU A 4 -10.80 -13.58 -0.21
CA LEU A 4 -10.26 -12.41 -0.85
C LEU A 4 -9.42 -11.61 0.13
N SER A 5 -8.18 -11.44 -0.21
CA SER A 5 -7.30 -10.70 0.61
C SER A 5 -7.37 -9.22 0.22
N ARG A 6 -8.00 -8.43 1.06
CA ARG A 6 -8.15 -7.01 0.81
C ARG A 6 -6.80 -6.30 0.86
N GLN A 7 -5.94 -6.73 1.78
CA GLN A 7 -4.63 -6.10 1.92
C GLN A 7 -3.77 -6.40 0.70
N GLU A 8 -3.74 -7.65 0.25
CA GLU A 8 -2.90 -8.02 -0.88
C GLU A 8 -3.27 -7.40 -2.21
N LYS A 9 -4.52 -6.98 -2.36
CA LYS A 9 -4.89 -6.23 -3.56
C LYS A 9 -4.37 -4.81 -3.38
N ALA A 10 -4.45 -4.33 -2.16
CA ALA A 10 -3.97 -3.02 -1.83
C ALA A 10 -2.46 -2.95 -2.02
N GLU A 11 -1.69 -3.88 -1.43
CA GLU A 11 -0.24 -3.93 -1.63
C GLU A 11 0.12 -3.94 -3.12
N ARG A 12 -0.63 -4.75 -3.91
CA ARG A 12 -0.49 -4.73 -5.38
C ARG A 12 -0.67 -3.29 -5.94
N ALA A 13 -1.64 -2.58 -5.40
CA ALA A 13 -1.93 -1.21 -5.80
C ALA A 13 -0.84 -0.22 -5.33
N PHE A 14 -0.17 -0.52 -4.22
CA PHE A 14 0.93 0.35 -3.75
C PHE A 14 2.09 0.31 -4.74
N LEU A 15 2.29 -0.88 -5.35
CA LEU A 15 3.36 -1.15 -6.34
C LEU A 15 3.20 -0.31 -7.64
N LYS A 16 2.08 0.36 -7.73
CA LYS A 16 1.69 1.22 -8.84
C LYS A 16 2.53 2.55 -8.87
N HIS A 17 3.37 2.73 -7.88
CA HIS A 17 4.19 3.94 -7.81
C HIS A 17 5.57 3.64 -8.40
N LEU A 18 6.23 4.64 -8.93
CA LEU A 18 7.53 4.43 -9.53
C LEU A 18 8.62 5.29 -8.91
N MET A 19 8.50 6.59 -9.04
CA MET A 19 9.57 7.50 -8.63
C MET A 19 9.43 8.09 -7.22
N ARG A 20 8.32 8.77 -6.97
CA ARG A 20 8.09 9.51 -5.70
C ARG A 20 7.94 8.63 -4.48
N ASP A 21 7.78 7.37 -4.70
CA ASP A 21 7.53 6.37 -3.67
C ASP A 21 8.79 6.00 -2.87
N LYS A 22 9.88 6.74 -3.06
CA LYS A 22 11.20 6.46 -2.46
C LYS A 22 11.10 6.13 -0.93
N ASP A 23 10.63 7.11 -0.17
CA ASP A 23 10.43 6.93 1.28
C ASP A 23 9.40 5.86 1.56
N THR A 24 8.34 5.90 0.79
CA THR A 24 7.21 5.02 0.91
C THR A 24 7.60 3.53 0.71
N PHE A 25 8.46 3.26 -0.27
CA PHE A 25 8.98 1.92 -0.51
C PHE A 25 9.73 1.45 0.70
N LEU A 26 10.60 2.29 1.25
CA LEU A 26 11.35 1.91 2.45
C LEU A 26 10.41 1.73 3.65
N ASN A 27 9.37 2.55 3.68
CA ASN A 27 8.37 2.53 4.74
C ASN A 27 7.57 1.23 4.71
N TYR A 28 7.07 0.88 3.54
CA TYR A 28 6.32 -0.36 3.39
C TYR A 28 7.18 -1.58 3.35
N TYR A 29 8.44 -1.36 3.28
CA TYR A 29 9.40 -2.42 3.31
C TYR A 29 9.51 -2.95 4.74
N GLU A 30 9.73 -2.04 5.67
CA GLU A 30 9.97 -2.40 7.05
C GLU A 30 8.69 -2.70 7.83
N SER A 31 7.58 -2.11 7.43
CA SER A 31 6.33 -2.28 8.16
C SER A 31 5.59 -3.58 7.83
N VAL A 32 5.83 -4.13 6.65
CA VAL A 32 5.11 -5.31 6.22
C VAL A 32 5.93 -6.59 6.49
N ASP A 33 5.25 -7.70 6.61
CA ASP A 33 5.86 -8.97 6.95
C ASP A 33 6.39 -9.68 5.72
N LYS A 34 7.68 -10.02 5.76
CA LYS A 34 8.30 -10.74 4.66
C LYS A 34 8.18 -12.25 4.86
N ASP A 35 7.84 -12.67 6.06
CA ASP A 35 7.78 -14.10 6.41
C ASP A 35 6.64 -14.82 5.73
N ASN A 36 5.43 -14.55 6.16
CA ASN A 36 4.28 -15.28 5.67
C ASN A 36 3.45 -14.42 4.73
N PHE A 37 3.45 -13.12 4.96
CA PHE A 37 2.61 -12.23 4.17
C PHE A 37 3.18 -12.07 2.76
N THR A 38 4.48 -12.02 2.67
CA THR A 38 5.13 -11.85 1.42
C THR A 38 5.04 -13.11 0.53
N ASN A 39 4.14 -13.05 -0.42
CA ASN A 39 3.95 -14.06 -1.46
C ASN A 39 5.07 -13.90 -2.49
N GLN A 40 5.32 -14.91 -3.34
CA GLN A 40 6.37 -14.82 -4.39
C GLN A 40 6.17 -13.58 -5.24
N HIS A 41 4.91 -13.23 -5.47
CA HIS A 41 4.53 -12.02 -6.18
C HIS A 41 5.13 -10.79 -5.49
N PHE A 42 4.82 -10.64 -4.21
CA PHE A 42 5.28 -9.53 -3.40
C PHE A 42 6.82 -9.57 -3.22
N LYS A 43 7.36 -10.79 -3.23
CA LYS A 43 8.78 -11.05 -3.08
C LYS A 43 9.51 -10.54 -4.29
N TYR A 44 9.01 -10.87 -5.46
CA TYR A 44 9.62 -10.48 -6.68
C TYR A 44 9.70 -8.97 -6.78
N VAL A 45 8.60 -8.29 -6.46
CA VAL A 45 8.55 -6.86 -6.58
C VAL A 45 9.48 -6.18 -5.56
N PHE A 46 9.49 -6.70 -4.31
CA PHE A 46 10.44 -6.23 -3.30
C PHE A 46 11.84 -6.24 -3.84
N GLU A 47 12.24 -7.38 -4.33
CA GLU A 47 13.54 -7.57 -4.88
C GLU A 47 13.83 -6.71 -6.09
N VAL A 48 12.86 -6.57 -6.99
CA VAL A 48 13.03 -5.69 -8.16
C VAL A 48 13.34 -4.27 -7.72
N LEU A 49 12.50 -3.74 -6.85
CA LEU A 49 12.69 -2.39 -6.41
C LEU A 49 13.96 -2.22 -5.60
N HIS A 50 14.26 -3.20 -4.78
CA HIS A 50 15.49 -3.21 -3.97
C HIS A 50 16.71 -3.24 -4.89
N ASP A 51 16.68 -4.16 -5.85
CA ASP A 51 17.78 -4.35 -6.82
C ASP A 51 18.13 -3.06 -7.49
N PHE A 52 17.11 -2.39 -8.03
CA PHE A 52 17.29 -1.11 -8.65
C PHE A 52 17.75 -0.09 -7.66
N TYR A 53 17.02 0.05 -6.56
CA TYR A 53 17.31 1.05 -5.51
C TYR A 53 18.78 0.97 -5.05
N ALA A 54 19.31 -0.25 -5.00
CA ALA A 54 20.68 -0.50 -4.57
C ALA A 54 21.73 -0.01 -5.58
N GLU A 55 21.37 0.08 -6.86
CA GLU A 55 22.34 0.49 -7.88
C GLU A 55 21.93 1.80 -8.57
N ASN A 56 20.67 1.93 -8.78
CA ASN A 56 20.08 2.99 -9.56
C ASN A 56 19.02 3.71 -8.71
N ASP A 57 18.05 4.29 -9.39
CA ASP A 57 16.91 4.96 -8.75
C ASP A 57 15.84 3.90 -8.45
N GLN A 58 14.61 4.33 -8.22
CA GLN A 58 13.53 3.42 -7.86
C GLN A 58 12.96 2.77 -9.14
N TYR A 59 11.82 2.07 -8.98
CA TYR A 59 11.18 1.31 -10.00
C TYR A 59 11.07 2.02 -11.35
N ASN A 60 11.47 1.31 -12.37
CA ASN A 60 11.42 1.79 -13.71
C ASN A 60 10.49 0.86 -14.50
N ILE A 61 9.61 1.46 -15.28
CA ILE A 61 8.63 0.79 -16.13
C ILE A 61 9.29 -0.24 -17.07
N SER A 62 10.55 -0.03 -17.38
CA SER A 62 11.30 -0.93 -18.22
C SER A 62 11.27 -2.38 -17.68
N ASP A 63 11.34 -2.53 -16.36
CA ASP A 63 11.29 -3.88 -15.76
C ASP A 63 9.86 -4.44 -15.90
N ALA A 64 8.88 -3.55 -15.75
CA ALA A 64 7.46 -3.90 -15.87
C ALA A 64 7.16 -4.50 -17.24
N VAL A 65 7.49 -3.75 -18.28
CA VAL A 65 7.29 -4.16 -19.66
C VAL A 65 8.20 -5.36 -20.01
N GLN A 66 9.24 -5.58 -19.24
CA GLN A 66 10.04 -6.79 -19.40
C GLN A 66 9.17 -8.00 -19.04
N TYR A 67 8.35 -7.83 -18.03
CA TYR A 67 7.41 -8.85 -17.59
C TYR A 67 6.15 -8.92 -18.44
N VAL A 68 6.11 -8.22 -19.59
CA VAL A 68 4.90 -8.29 -20.48
C VAL A 68 4.86 -9.66 -21.25
N ASN A 69 5.61 -10.58 -20.76
CA ASN A 69 5.70 -11.89 -21.34
C ASN A 69 5.06 -12.89 -20.39
N SER A 70 5.12 -12.59 -19.12
CA SER A 70 4.61 -13.44 -18.09
C SER A 70 3.10 -13.26 -17.97
N ASN A 71 2.41 -14.23 -17.40
CA ASN A 71 0.95 -14.18 -17.28
C ASN A 71 0.45 -13.06 -16.33
N GLU A 72 0.63 -13.26 -15.03
CA GLU A 72 0.04 -12.35 -14.02
C GLU A 72 0.71 -11.01 -13.97
N LEU A 73 1.98 -10.99 -14.22
CA LEU A 73 2.72 -9.75 -14.16
C LEU A 73 2.23 -8.81 -15.23
N ARG A 74 1.95 -9.39 -16.39
CA ARG A 74 1.39 -8.66 -17.51
C ARG A 74 0.01 -8.17 -17.10
N GLU A 75 -0.84 -9.13 -16.69
CA GLU A 75 -2.21 -8.85 -16.31
C GLU A 75 -2.30 -7.81 -15.21
N THR A 76 -1.89 -8.19 -14.01
CA THR A 76 -2.05 -7.36 -12.85
C THR A 76 -1.26 -6.04 -12.91
N LEU A 77 0.04 -6.10 -13.14
CA LEU A 77 0.86 -4.89 -13.06
C LEU A 77 0.47 -3.85 -14.11
N ILE A 78 0.27 -4.31 -15.35
CA ILE A 78 -0.13 -3.39 -16.39
C ILE A 78 -1.54 -2.88 -16.13
N SER A 79 -2.35 -3.71 -15.46
CA SER A 79 -3.69 -3.31 -15.03
C SER A 79 -3.60 -2.05 -14.13
N LEU A 80 -2.64 -2.04 -13.20
CA LEU A 80 -2.40 -0.86 -12.35
C LEU A 80 -1.86 0.33 -13.14
N GLU A 81 -1.24 0.07 -14.29
CA GLU A 81 -0.79 1.14 -15.17
C GLU A 81 -2.00 1.72 -15.95
N GLN A 82 -3.03 0.89 -16.15
CA GLN A 82 -4.31 1.29 -16.82
C GLN A 82 -5.22 1.99 -15.86
N TYR A 83 -4.60 2.68 -14.98
CA TYR A 83 -5.24 3.35 -13.93
C TYR A 83 -6.07 4.53 -14.43
N ASN A 84 -6.90 5.05 -13.58
CA ASN A 84 -7.87 6.03 -13.98
C ASN A 84 -7.28 7.41 -14.14
N LEU A 85 -7.94 8.22 -14.94
CA LEU A 85 -7.50 9.59 -15.26
C LEU A 85 -7.81 10.54 -14.10
N ASN A 86 -8.29 9.99 -13.02
CA ASN A 86 -8.60 10.69 -11.77
C ASN A 86 -7.34 10.93 -10.98
N ASP A 87 -6.19 10.92 -11.67
CA ASP A 87 -4.86 10.98 -11.06
C ASP A 87 -4.54 12.33 -10.39
N GLU A 88 -5.49 13.25 -10.41
CA GLU A 88 -5.40 14.48 -9.65
C GLU A 88 -5.36 14.04 -8.19
N PRO A 89 -4.53 14.70 -7.31
CA PRO A 89 -4.16 14.25 -5.95
C PRO A 89 -4.79 12.93 -5.49
N TYR A 90 -4.38 11.86 -6.17
CA TYR A 90 -4.96 10.55 -6.01
C TYR A 90 -4.24 9.78 -4.92
N GLU A 91 -3.57 10.54 -4.11
CA GLU A 91 -2.85 10.08 -2.96
C GLU A 91 -3.81 9.63 -1.84
N ASN A 92 -5.10 9.85 -2.09
CA ASN A 92 -6.17 9.35 -1.22
C ASN A 92 -6.20 7.85 -1.29
N GLU A 93 -5.67 7.30 -2.39
CA GLU A 93 -5.52 5.87 -2.55
C GLU A 93 -4.64 5.33 -1.43
N ILE A 94 -3.67 6.14 -1.03
CA ILE A 94 -2.74 5.83 0.05
C ILE A 94 -3.46 6.00 1.40
N ASP A 95 -4.30 7.05 1.54
CA ASP A 95 -5.14 7.23 2.78
C ASP A 95 -5.94 5.97 3.00
N ASP A 96 -6.67 5.62 1.95
CA ASP A 96 -7.52 4.44 1.89
C ASP A 96 -6.72 3.21 2.21
N TYR A 97 -5.61 3.09 1.51
CA TYR A 97 -4.67 2.00 1.63
C TYR A 97 -4.19 1.84 3.07
N VAL A 98 -3.65 2.90 3.62
CA VAL A 98 -3.06 2.86 4.93
C VAL A 98 -4.10 2.56 6.00
N ASN A 99 -5.29 3.10 5.82
CA ASN A 99 -6.40 2.82 6.74
C ASN A 99 -6.73 1.32 6.72
N VAL A 100 -6.71 0.73 5.54
CA VAL A 100 -7.01 -0.70 5.32
C VAL A 100 -5.90 -1.62 5.82
N ILE A 101 -4.68 -1.25 5.61
CA ILE A 101 -3.59 -2.15 5.85
C ILE A 101 -3.13 -2.00 7.26
N ASN A 102 -2.93 -0.77 7.65
CA ASN A 102 -2.41 -0.45 8.95
C ASN A 102 -3.49 -0.58 10.01
N GLU A 103 -4.71 -1.03 9.61
CA GLU A 103 -5.73 -1.27 10.61
C GLU A 103 -5.36 -2.57 11.30
N LYS A 104 -4.58 -3.39 10.58
CA LYS A 104 -4.11 -4.66 11.12
C LYS A 104 -2.83 -4.42 11.95
N GLY A 105 -2.51 -3.15 12.16
CA GLY A 105 -1.39 -2.75 12.99
C GLY A 105 -1.79 -2.82 14.45
N GLN A 106 -2.09 -4.03 14.87
CA GLN A 106 -2.60 -4.38 16.20
C GLN A 106 -1.49 -4.34 17.26
N GLU A 107 -0.61 -3.39 17.11
CA GLU A 107 0.51 -3.16 17.99
C GLU A 107 0.00 -2.38 19.16
N THR A 108 -0.30 -1.12 18.92
CA THR A 108 -0.85 -0.23 19.90
C THR A 108 -1.46 0.98 19.22
N ILE A 109 -2.39 1.62 19.93
CA ILE A 109 -3.10 2.82 19.50
C ILE A 109 -2.15 3.83 18.92
N GLU A 110 -1.13 4.12 19.69
CA GLU A 110 -0.22 5.14 19.33
C GLU A 110 0.64 4.82 18.11
N SER A 111 0.95 3.54 17.90
CA SER A 111 1.75 3.13 16.76
C SER A 111 0.91 3.35 15.50
N LEU A 112 -0.34 2.97 15.65
CA LEU A 112 -1.36 3.13 14.68
C LEU A 112 -1.52 4.64 14.35
N ASN A 113 -1.61 5.45 15.40
CA ASN A 113 -1.74 6.93 15.30
C ASN A 113 -0.57 7.54 14.56
N HIS A 114 0.63 7.26 15.05
CA HIS A 114 1.86 7.79 14.47
C HIS A 114 1.96 7.48 13.01
N LYS A 115 1.71 6.25 12.67
CA LYS A 115 1.78 5.86 11.30
C LYS A 115 0.73 6.55 10.43
N LEU A 116 -0.55 6.57 10.87
CA LEU A 116 -1.59 7.20 10.04
C LEU A 116 -1.31 8.68 9.82
N ARG A 117 -1.29 9.39 10.92
CA ARG A 117 -1.18 10.82 10.98
C ARG A 117 0.11 11.35 10.36
N GLU A 118 1.23 10.87 10.84
CA GLU A 118 2.53 11.41 10.48
C GLU A 118 2.97 11.01 9.08
N ALA A 119 2.64 9.82 8.65
CA ALA A 119 2.99 9.41 7.30
C ALA A 119 2.28 10.27 6.27
N THR A 120 0.99 10.49 6.49
CA THR A 120 0.15 11.26 5.60
C THR A 120 0.46 12.76 5.64
N ARG A 121 1.02 13.27 6.76
CA ARG A 121 1.26 14.73 6.99
C ARG A 121 1.96 15.47 5.82
N ILE A 122 2.58 14.76 4.89
CA ILE A 122 3.24 15.38 3.72
C ILE A 122 2.19 15.74 2.63
N GLY A 123 1.03 16.13 3.09
CA GLY A 123 -0.07 16.48 2.24
C GLY A 123 -1.29 15.74 2.69
N ASP A 124 -1.61 15.93 3.94
CA ASP A 124 -2.66 15.20 4.60
C ASP A 124 -4.03 15.82 4.43
N VAL A 125 -4.98 14.95 4.27
CA VAL A 125 -6.43 15.15 4.20
C VAL A 125 -6.97 15.60 5.60
N GLU A 126 -6.06 16.16 6.39
CA GLU A 126 -6.09 16.48 7.84
C GLU A 126 -7.39 17.01 8.40
N LEU A 127 -8.30 17.36 7.60
CA LEU A 127 -9.63 17.66 8.05
C LEU A 127 -10.31 16.32 8.40
N GLN A 128 -10.42 15.46 7.38
CA GLN A 128 -10.89 14.08 7.49
C GLN A 128 -10.04 13.33 8.50
N LYS A 129 -8.74 13.48 8.35
CA LYS A 129 -7.80 12.75 9.17
C LYS A 129 -7.85 13.26 10.62
N TYR A 130 -8.23 14.55 10.81
CA TYR A 130 -8.35 15.11 12.15
C TYR A 130 -9.41 14.36 12.89
N TYR A 131 -10.52 14.10 12.19
CA TYR A 131 -11.62 13.34 12.77
C TYR A 131 -11.15 11.96 13.24
N LEU A 132 -10.45 11.26 12.36
CA LEU A 132 -9.90 9.94 12.66
C LEU A 132 -8.94 10.03 13.84
N GLN A 133 -8.05 10.99 13.77
CA GLN A 133 -7.02 11.20 14.77
C GLN A 133 -7.63 11.57 16.12
N GLN A 134 -8.72 12.33 16.09
CA GLN A 134 -9.46 12.75 17.28
C GLN A 134 -10.05 11.51 17.97
N ILE A 135 -10.59 10.60 17.17
CA ILE A 135 -11.07 9.31 17.66
C ILE A 135 -9.93 8.58 18.39
N VAL A 136 -8.81 8.47 17.69
CA VAL A 136 -7.62 7.80 18.17
C VAL A 136 -7.06 8.50 19.42
N ALA A 137 -7.19 9.82 19.48
CA ALA A 137 -6.70 10.61 20.61
C ALA A 137 -7.38 10.17 21.87
N LYS A 138 -8.68 10.00 21.80
CA LYS A 138 -9.44 9.53 22.92
C LYS A 138 -9.13 8.07 23.22
N ASN A 139 -8.82 7.29 22.20
CA ASN A 139 -8.45 5.89 22.43
C ASN A 139 -7.11 5.78 23.14
N LYS A 140 -6.22 6.71 22.87
CA LYS A 140 -4.94 6.80 23.55
C LYS A 140 -5.17 7.14 24.98
N GLU A 141 -5.75 8.30 25.12
CA GLU A 141 -5.90 8.96 26.35
C GLU A 141 -7.03 8.38 27.22
N ARG A 142 -7.68 7.33 26.72
CA ARG A 142 -8.70 6.59 27.44
C ARG A 142 -8.03 5.87 28.60
N MET A 143 -6.78 5.52 28.40
CA MET A 143 -6.00 4.84 29.40
C MET A 143 -5.18 5.85 30.15
N PHE A 1 -8.84 -22.51 -8.63
CA PHE A 1 -8.86 -21.16 -8.01
C PHE A 1 -7.73 -20.91 -7.01
N ASP A 2 -7.00 -19.82 -7.19
CA ASP A 2 -6.02 -19.37 -6.20
C ASP A 2 -6.76 -18.67 -5.08
N ASN A 3 -6.10 -18.44 -3.97
CA ASN A 3 -6.74 -17.78 -2.84
C ASN A 3 -5.94 -16.60 -2.41
N LEU A 4 -5.95 -15.61 -3.25
CA LEU A 4 -5.27 -14.38 -3.01
C LEU A 4 -5.99 -13.57 -1.95
N SER A 5 -5.28 -13.23 -0.92
CA SER A 5 -5.86 -12.51 0.18
C SER A 5 -5.83 -11.01 -0.08
N ARG A 6 -6.66 -10.29 0.64
CA ARG A 6 -6.71 -8.84 0.53
C ARG A 6 -5.38 -8.23 1.01
N GLN A 7 -4.71 -8.92 1.93
CA GLN A 7 -3.42 -8.45 2.46
C GLN A 7 -2.38 -8.48 1.39
N GLU A 8 -2.34 -9.57 0.63
CA GLU A 8 -1.33 -9.73 -0.42
C GLU A 8 -1.52 -8.62 -1.48
N LYS A 9 -2.77 -8.15 -1.64
CA LYS A 9 -3.06 -7.03 -2.54
C LYS A 9 -2.51 -5.74 -1.91
N ALA A 10 -2.56 -5.63 -0.59
CA ALA A 10 -2.07 -4.45 0.12
C ALA A 10 -0.60 -4.25 -0.15
N GLU A 11 0.17 -5.31 0.00
CA GLU A 11 1.60 -5.25 -0.32
C GLU A 11 1.81 -4.85 -1.80
N ARG A 12 0.97 -5.39 -2.70
CA ARG A 12 1.03 -5.02 -4.13
C ARG A 12 0.74 -3.52 -4.30
N ALA A 13 -0.15 -3.00 -3.48
CA ALA A 13 -0.52 -1.59 -3.52
C ALA A 13 0.66 -0.71 -3.13
N PHE A 14 1.43 -1.15 -2.16
CA PHE A 14 2.64 -0.45 -1.81
C PHE A 14 3.69 -0.46 -2.93
N LEU A 15 3.66 -1.48 -3.76
CA LEU A 15 4.55 -1.55 -4.91
C LEU A 15 4.02 -0.76 -6.11
N LYS A 16 2.73 -0.44 -6.05
CA LYS A 16 1.94 0.11 -7.16
C LYS A 16 2.64 1.16 -8.02
N HIS A 17 2.95 2.29 -7.45
CA HIS A 17 3.50 3.36 -8.26
C HIS A 17 4.47 4.15 -7.42
N LEU A 18 5.18 3.46 -6.58
CA LEU A 18 6.08 4.06 -5.62
C LEU A 18 7.54 3.65 -5.91
N MET A 19 7.82 3.40 -7.19
CA MET A 19 9.14 2.92 -7.63
C MET A 19 10.18 4.05 -7.63
N ARG A 20 9.76 5.24 -8.04
CA ARG A 20 10.66 6.41 -8.09
C ARG A 20 11.04 6.82 -6.71
N ASP A 21 10.05 6.90 -5.89
CA ASP A 21 10.15 7.27 -4.53
C ASP A 21 10.72 6.23 -3.61
N LYS A 22 11.95 5.84 -3.94
CA LYS A 22 12.80 4.86 -3.24
C LYS A 22 12.70 4.98 -1.70
N ASP A 23 12.47 6.20 -1.23
CA ASP A 23 12.26 6.53 0.19
C ASP A 23 11.18 5.63 0.75
N THR A 24 10.09 5.59 0.03
CA THR A 24 8.92 4.86 0.37
C THR A 24 9.17 3.33 0.38
N PHE A 25 10.01 2.86 -0.52
CA PHE A 25 10.39 1.43 -0.58
C PHE A 25 11.03 1.03 0.76
N LEU A 26 12.03 1.78 1.16
CA LEU A 26 12.68 1.51 2.43
C LEU A 26 11.80 1.90 3.59
N ASN A 27 10.89 2.83 3.37
CA ASN A 27 9.98 3.30 4.41
C ASN A 27 9.06 2.19 4.84
N TYR A 28 8.69 1.31 3.92
CA TYR A 28 7.84 0.26 4.29
C TYR A 28 8.66 -0.80 4.97
N TYR A 29 9.92 -0.98 4.53
CA TYR A 29 10.83 -1.89 5.24
C TYR A 29 11.18 -1.40 6.65
N GLU A 30 11.14 -0.08 6.84
CA GLU A 30 11.36 0.54 8.15
C GLU A 30 10.11 0.43 9.01
N SER A 31 8.97 0.39 8.38
CA SER A 31 7.71 0.29 9.07
C SER A 31 7.38 -1.17 9.40
N VAL A 32 7.48 -2.01 8.40
CA VAL A 32 7.13 -3.39 8.53
C VAL A 32 8.19 -4.25 7.86
N ASP A 33 9.08 -4.81 8.65
CA ASP A 33 10.08 -5.75 8.15
C ASP A 33 9.58 -7.18 8.34
N LYS A 34 8.28 -7.25 8.60
CA LYS A 34 7.47 -8.48 8.80
C LYS A 34 7.02 -9.02 7.41
N ASP A 35 7.77 -8.60 6.42
CA ASP A 35 7.63 -8.86 4.97
C ASP A 35 7.50 -10.37 4.58
N ASN A 36 7.58 -11.29 5.53
CA ASN A 36 7.57 -12.73 5.22
C ASN A 36 6.17 -13.22 4.81
N PHE A 37 5.23 -12.32 4.81
CA PHE A 37 3.88 -12.63 4.38
C PHE A 37 3.74 -12.55 2.84
N THR A 38 4.69 -11.86 2.22
CA THR A 38 4.64 -11.53 0.80
C THR A 38 4.60 -12.71 -0.16
N ASN A 39 4.12 -12.44 -1.36
CA ASN A 39 4.12 -13.41 -2.42
C ASN A 39 5.41 -13.26 -3.24
N GLN A 40 5.75 -14.23 -4.11
CA GLN A 40 6.94 -14.14 -4.96
C GLN A 40 6.84 -12.89 -5.87
N HIS A 41 5.60 -12.45 -6.10
CA HIS A 41 5.33 -11.24 -6.86
C HIS A 41 6.08 -10.08 -6.23
N PHE A 42 5.87 -9.91 -4.94
CA PHE A 42 6.51 -8.86 -4.18
C PHE A 42 8.02 -9.07 -4.15
N LYS A 43 8.43 -10.34 -3.99
CA LYS A 43 9.82 -10.72 -3.86
C LYS A 43 10.57 -10.24 -5.06
N TYR A 44 10.00 -10.51 -6.22
CA TYR A 44 10.62 -10.13 -7.44
C TYR A 44 10.79 -8.62 -7.53
N VAL A 45 9.75 -7.85 -7.17
CA VAL A 45 9.86 -6.40 -7.21
C VAL A 45 10.93 -5.91 -6.23
N PHE A 46 10.88 -6.42 -4.98
CA PHE A 46 11.90 -6.16 -3.95
C PHE A 46 13.30 -6.40 -4.51
N GLU A 47 13.46 -7.56 -5.12
CA GLU A 47 14.71 -8.01 -5.67
C GLU A 47 15.23 -7.02 -6.70
N VAL A 48 14.43 -6.73 -7.71
CA VAL A 48 14.84 -5.82 -8.78
C VAL A 48 15.20 -4.47 -8.17
N LEU A 49 14.28 -3.93 -7.37
CA LEU A 49 14.47 -2.60 -6.79
C LEU A 49 15.76 -2.52 -5.99
N HIS A 50 15.93 -3.46 -5.06
CA HIS A 50 17.09 -3.51 -4.17
C HIS A 50 18.39 -3.67 -4.97
N ASP A 51 18.32 -4.47 -6.00
CA ASP A 51 19.48 -4.79 -6.83
C ASP A 51 19.99 -3.59 -7.60
N PHE A 52 19.12 -2.91 -8.34
CA PHE A 52 19.57 -1.78 -9.12
C PHE A 52 19.86 -0.59 -8.24
N TYR A 53 19.12 -0.47 -7.16
CA TYR A 53 19.29 0.61 -6.17
C TYR A 53 20.74 0.59 -5.67
N ALA A 54 21.24 -0.62 -5.46
CA ALA A 54 22.59 -0.82 -4.96
C ALA A 54 23.66 -0.39 -5.97
N GLU A 55 23.29 -0.27 -7.23
CA GLU A 55 24.29 0.09 -8.24
C GLU A 55 23.98 1.44 -8.88
N ASN A 56 22.73 1.64 -9.21
CA ASN A 56 22.25 2.73 -10.03
C ASN A 56 21.13 3.51 -9.31
N ASP A 57 20.26 4.09 -10.13
CA ASP A 57 19.18 5.00 -9.75
C ASP A 57 17.82 4.28 -9.85
N GLN A 58 16.73 5.06 -10.00
CA GLN A 58 15.31 4.61 -9.92
C GLN A 58 14.93 3.54 -10.98
N TYR A 59 13.68 3.08 -10.90
CA TYR A 59 13.09 2.07 -11.73
C TYR A 59 12.45 2.74 -12.95
N ASN A 60 12.46 2.09 -14.08
CA ASN A 60 11.79 2.64 -15.25
C ASN A 60 10.69 1.67 -15.68
N ILE A 61 9.68 2.16 -16.36
CA ILE A 61 8.58 1.31 -16.81
C ILE A 61 9.05 0.26 -17.81
N SER A 62 10.20 0.53 -18.46
CA SER A 62 10.83 -0.41 -19.35
C SER A 62 11.13 -1.72 -18.62
N ASP A 63 11.47 -1.62 -17.31
CA ASP A 63 11.72 -2.80 -16.49
C ASP A 63 10.44 -3.59 -16.39
N ALA A 64 9.36 -2.91 -16.03
CA ALA A 64 8.04 -3.55 -15.88
C ALA A 64 7.59 -4.20 -17.19
N VAL A 65 7.79 -3.48 -18.26
CA VAL A 65 7.47 -3.92 -19.59
C VAL A 65 8.33 -5.11 -20.02
N GLN A 66 9.62 -5.17 -19.65
CA GLN A 66 10.37 -6.38 -20.00
C GLN A 66 9.91 -7.56 -19.17
N TYR A 67 9.19 -7.26 -18.10
CA TYR A 67 8.55 -8.28 -17.31
C TYR A 67 7.23 -8.75 -17.90
N VAL A 68 6.90 -8.29 -19.12
CA VAL A 68 5.69 -8.83 -19.82
C VAL A 68 5.94 -10.24 -20.35
N ASN A 69 7.03 -10.80 -19.95
CA ASN A 69 7.39 -12.13 -20.31
C ASN A 69 7.04 -13.07 -19.16
N SER A 70 6.78 -12.48 -18.01
CA SER A 70 6.36 -13.21 -16.85
C SER A 70 4.82 -13.33 -16.86
N ASN A 71 4.28 -14.34 -16.19
CA ASN A 71 2.84 -14.65 -16.23
C ASN A 71 1.94 -13.53 -15.67
N GLU A 72 1.91 -13.40 -14.35
CA GLU A 72 0.97 -12.48 -13.70
C GLU A 72 1.56 -11.10 -13.63
N LEU A 73 2.89 -11.08 -13.57
CA LEU A 73 3.66 -9.86 -13.38
C LEU A 73 3.43 -8.89 -14.52
N ARG A 74 3.23 -9.46 -15.71
CA ARG A 74 2.91 -8.70 -16.92
C ARG A 74 1.72 -7.80 -16.67
N GLU A 75 0.60 -8.45 -16.40
CA GLU A 75 -0.66 -7.79 -16.21
C GLU A 75 -0.64 -6.87 -15.01
N THR A 76 -0.28 -7.43 -13.86
CA THR A 76 -0.32 -6.69 -12.63
C THR A 76 0.56 -5.44 -12.64
N LEU A 77 1.84 -5.57 -12.97
CA LEU A 77 2.73 -4.40 -12.92
C LEU A 77 2.37 -3.30 -13.90
N ILE A 78 1.99 -3.64 -15.11
CA ILE A 78 1.58 -2.61 -16.04
C ILE A 78 0.24 -1.97 -15.56
N SER A 79 -0.62 -2.82 -14.98
CA SER A 79 -1.88 -2.36 -14.37
C SER A 79 -1.57 -1.30 -13.28
N LEU A 80 -0.61 -1.64 -12.42
CA LEU A 80 -0.13 -0.80 -11.31
C LEU A 80 0.53 0.49 -11.80
N GLU A 81 1.16 0.39 -12.93
CA GLU A 81 1.81 1.53 -13.54
C GLU A 81 0.73 2.45 -14.10
N GLN A 82 -0.10 1.90 -14.95
CA GLN A 82 -1.12 2.63 -15.69
C GLN A 82 -2.34 3.07 -14.83
N TYR A 83 -2.11 3.40 -13.62
CA TYR A 83 -3.14 3.99 -12.85
C TYR A 83 -3.31 5.46 -13.23
N ASN A 84 -4.40 6.04 -12.79
CA ASN A 84 -4.68 7.42 -13.09
C ASN A 84 -4.16 8.29 -11.97
N LEU A 85 -3.22 9.15 -12.30
CA LEU A 85 -2.57 9.99 -11.32
C LEU A 85 -3.47 11.12 -10.84
N ASN A 86 -4.53 11.40 -11.59
CA ASN A 86 -5.48 12.44 -11.18
C ASN A 86 -6.26 11.98 -9.98
N ASP A 87 -6.69 10.72 -10.03
CA ASP A 87 -7.47 10.09 -8.95
C ASP A 87 -6.63 9.75 -7.75
N GLU A 88 -5.35 10.06 -7.79
CA GLU A 88 -4.49 9.65 -6.72
C GLU A 88 -3.81 10.85 -5.99
N PRO A 89 -4.58 11.71 -5.25
CA PRO A 89 -4.00 12.69 -4.34
C PRO A 89 -4.41 12.52 -2.83
N TYR A 90 -5.43 11.73 -2.58
CA TYR A 90 -6.07 11.59 -1.28
C TYR A 90 -5.84 10.20 -0.79
N GLU A 91 -4.59 9.83 -0.77
CA GLU A 91 -4.15 8.48 -0.55
C GLU A 91 -4.53 7.80 0.78
N ASN A 92 -5.81 7.55 0.89
CA ASN A 92 -6.40 6.74 1.91
C ASN A 92 -5.94 5.32 1.73
N GLU A 93 -5.50 5.00 0.51
CA GLU A 93 -4.89 3.71 0.17
C GLU A 93 -3.89 3.24 1.24
N ILE A 94 -3.09 4.17 1.77
CA ILE A 94 -2.13 3.88 2.84
C ILE A 94 -2.89 3.45 4.09
N ASP A 95 -3.93 4.19 4.41
CA ASP A 95 -4.81 3.85 5.53
C ASP A 95 -5.44 2.48 5.32
N ASP A 96 -5.91 2.26 4.09
CA ASP A 96 -6.54 1.02 3.66
C ASP A 96 -5.57 -0.12 3.84
N TYR A 97 -4.41 0.04 3.23
CA TYR A 97 -3.28 -0.88 3.33
C TYR A 97 -3.00 -1.24 4.79
N VAL A 98 -2.85 -0.21 5.61
CA VAL A 98 -2.62 -0.36 7.03
C VAL A 98 -3.76 -1.15 7.67
N ASN A 99 -4.99 -0.73 7.43
CA ASN A 99 -6.20 -1.38 7.98
C ASN A 99 -6.32 -2.84 7.52
N VAL A 100 -5.85 -3.13 6.32
CA VAL A 100 -5.87 -4.48 5.77
C VAL A 100 -4.90 -5.41 6.51
N ILE A 101 -3.81 -4.87 6.93
CA ILE A 101 -2.83 -5.67 7.57
C ILE A 101 -3.18 -5.72 9.05
N ASN A 102 -3.69 -4.60 9.52
CA ASN A 102 -4.17 -4.40 10.88
C ASN A 102 -5.57 -5.06 11.04
N GLU A 103 -6.00 -5.68 9.98
CA GLU A 103 -7.23 -6.44 9.98
C GLU A 103 -6.96 -7.67 10.80
N LYS A 104 -5.71 -8.10 10.75
CA LYS A 104 -5.29 -9.34 11.39
C LYS A 104 -5.12 -9.27 12.93
N GLY A 105 -5.48 -8.18 13.57
CA GLY A 105 -5.33 -8.11 14.95
C GLY A 105 -5.37 -6.72 15.44
N GLN A 106 -5.92 -6.58 16.58
CA GLN A 106 -5.89 -5.34 17.34
C GLN A 106 -5.65 -5.68 18.79
N GLU A 107 -4.67 -6.51 19.01
CA GLU A 107 -4.35 -7.04 20.31
C GLU A 107 -3.16 -6.31 21.02
N THR A 108 -1.99 -6.87 20.94
CA THR A 108 -0.82 -6.32 21.52
C THR A 108 0.08 -5.79 20.42
N ILE A 109 0.42 -6.67 19.46
CA ILE A 109 1.39 -6.37 18.40
C ILE A 109 0.89 -5.24 17.58
N GLU A 110 -0.33 -5.39 17.19
CA GLU A 110 -0.95 -4.46 16.33
C GLU A 110 -1.17 -3.10 17.01
N SER A 111 -1.15 -3.08 18.30
CA SER A 111 -1.21 -1.86 19.02
C SER A 111 0.13 -1.07 18.85
N LEU A 112 1.27 -1.81 18.86
CA LEU A 112 2.59 -1.16 18.64
C LEU A 112 2.62 -0.54 17.28
N ASN A 113 2.05 -1.24 16.45
CA ASN A 113 1.81 -0.92 15.09
C ASN A 113 0.92 0.36 14.94
N HIS A 114 0.09 0.63 15.91
CA HIS A 114 -0.65 1.90 15.94
C HIS A 114 0.27 3.06 16.22
N LYS A 115 1.28 2.82 17.03
CA LYS A 115 2.35 3.82 17.20
C LYS A 115 3.04 4.09 15.83
N LEU A 116 3.22 3.04 15.08
CA LEU A 116 3.68 3.12 13.68
C LEU A 116 2.77 4.05 12.86
N ARG A 117 1.47 4.00 13.14
CA ARG A 117 0.51 4.90 12.49
C ARG A 117 0.81 6.37 12.86
N GLU A 118 1.32 6.56 14.06
CA GLU A 118 1.74 7.88 14.47
C GLU A 118 2.88 8.34 13.54
N ALA A 119 3.74 7.40 13.13
CA ALA A 119 4.76 7.66 12.08
C ALA A 119 4.11 7.92 10.68
N THR A 120 2.92 7.37 10.49
CA THR A 120 2.07 7.52 9.28
C THR A 120 1.58 8.92 9.11
N ARG A 121 1.54 9.68 10.22
CA ARG A 121 1.20 11.18 10.32
C ARG A 121 1.64 12.12 9.11
N ILE A 122 2.01 11.59 7.98
CA ILE A 122 2.40 12.34 6.81
C ILE A 122 1.17 12.79 6.04
N GLY A 123 0.02 12.67 6.67
CA GLY A 123 -1.18 13.25 6.08
C GLY A 123 -2.39 12.36 6.05
N ASP A 124 -2.74 11.92 7.24
CA ASP A 124 -3.93 11.15 7.56
C ASP A 124 -4.39 11.70 8.93
N VAL A 125 -4.65 12.98 8.91
CA VAL A 125 -4.74 13.81 10.11
C VAL A 125 -5.88 13.55 11.18
N GLU A 126 -7.03 14.19 10.99
CA GLU A 126 -7.97 14.43 12.08
C GLU A 126 -8.62 13.20 12.72
N LEU A 127 -9.71 12.81 12.17
CA LEU A 127 -10.53 11.76 12.68
C LEU A 127 -9.82 10.45 12.43
N GLN A 128 -9.09 10.44 11.33
CA GLN A 128 -8.37 9.30 10.86
C GLN A 128 -7.42 8.76 11.93
N LYS A 129 -6.57 9.63 12.46
CA LYS A 129 -5.64 9.23 13.49
C LYS A 129 -6.26 9.27 14.85
N TYR A 130 -7.08 10.28 15.13
CA TYR A 130 -7.62 10.48 16.48
C TYR A 130 -8.21 9.20 17.03
N TYR A 131 -9.13 8.61 16.28
CA TYR A 131 -9.72 7.36 16.68
C TYR A 131 -8.70 6.22 16.69
N LEU A 132 -8.12 5.96 15.53
CA LEU A 132 -7.29 4.77 15.34
C LEU A 132 -6.11 4.78 16.31
N GLN A 133 -5.42 5.85 16.27
CA GLN A 133 -4.21 6.05 16.99
C GLN A 133 -4.44 6.21 18.44
N GLN A 134 -5.13 7.27 18.86
CA GLN A 134 -5.16 7.60 20.26
C GLN A 134 -5.76 6.50 21.08
N ILE A 135 -6.80 5.89 20.55
CA ILE A 135 -7.42 4.76 21.20
C ILE A 135 -6.41 3.59 21.34
N VAL A 136 -5.85 3.15 20.22
CA VAL A 136 -5.03 1.97 20.29
C VAL A 136 -3.63 2.24 20.84
N ALA A 137 -3.11 3.42 20.62
CA ALA A 137 -1.79 3.81 21.10
C ALA A 137 -1.73 3.79 22.61
N LYS A 138 -2.80 4.28 23.24
CA LYS A 138 -2.85 4.23 24.69
C LYS A 138 -2.93 2.78 25.12
N ASN A 139 -3.74 1.97 24.41
CA ASN A 139 -3.89 0.55 24.75
C ASN A 139 -2.59 -0.22 24.52
N LYS A 140 -1.81 0.24 23.54
CA LYS A 140 -0.50 -0.33 23.19
C LYS A 140 0.41 -0.23 24.38
N GLU A 141 0.47 0.96 24.89
CA GLU A 141 1.32 1.28 25.99
C GLU A 141 0.79 0.59 27.25
N ARG A 142 -0.52 0.57 27.39
CA ARG A 142 -1.18 -0.04 28.55
C ARG A 142 -1.27 -1.58 28.49
N MET A 143 -0.50 -2.19 27.59
CA MET A 143 -0.42 -3.63 27.52
C MET A 143 0.70 -4.11 28.41
N PHE A 1 -7.42 -24.25 -4.96
CA PHE A 1 -7.96 -22.91 -5.09
C PHE A 1 -7.06 -21.97 -4.35
N ASP A 2 -6.62 -20.94 -5.02
CA ASP A 2 -5.80 -19.95 -4.38
C ASP A 2 -6.68 -19.03 -3.61
N ASN A 3 -6.46 -18.99 -2.32
CA ASN A 3 -7.32 -18.27 -1.40
C ASN A 3 -6.78 -16.85 -1.25
N LEU A 4 -6.56 -16.23 -2.39
CA LEU A 4 -6.04 -14.91 -2.49
C LEU A 4 -6.97 -13.92 -1.82
N SER A 5 -6.44 -13.17 -0.91
CA SER A 5 -7.19 -12.24 -0.15
C SER A 5 -7.10 -10.84 -0.80
N ARG A 6 -8.15 -10.05 -0.63
CA ARG A 6 -8.27 -8.69 -1.19
C ARG A 6 -7.16 -7.77 -0.65
N GLN A 7 -6.59 -8.17 0.48
CA GLN A 7 -5.49 -7.43 1.09
C GLN A 7 -4.29 -7.31 0.15
N GLU A 8 -3.96 -8.40 -0.60
CA GLU A 8 -2.83 -8.35 -1.54
C GLU A 8 -3.16 -7.39 -2.66
N LYS A 9 -4.45 -7.30 -2.98
CA LYS A 9 -4.93 -6.42 -4.03
C LYS A 9 -4.65 -4.95 -3.68
N ALA A 10 -4.78 -4.60 -2.40
CA ALA A 10 -4.43 -3.25 -1.95
C ALA A 10 -2.94 -3.02 -2.14
N GLU A 11 -2.18 -4.01 -1.74
CA GLU A 11 -0.74 -4.00 -1.90
C GLU A 11 -0.33 -3.93 -3.36
N ARG A 12 -1.12 -4.54 -4.24
CA ARG A 12 -0.90 -4.47 -5.68
C ARG A 12 -1.12 -3.04 -6.18
N ALA A 13 -2.08 -2.34 -5.61
CA ALA A 13 -2.37 -0.97 -6.00
C ALA A 13 -1.19 -0.08 -5.61
N PHE A 14 -0.70 -0.27 -4.39
CA PHE A 14 0.48 0.43 -3.89
C PHE A 14 1.72 0.11 -4.72
N LEU A 15 1.67 -1.06 -5.31
CA LEU A 15 2.73 -1.68 -6.09
C LEU A 15 2.86 -1.10 -7.50
N LYS A 16 1.83 -0.35 -7.96
CA LYS A 16 1.72 0.15 -9.35
C LYS A 16 3.07 0.67 -9.86
N HIS A 17 3.68 1.49 -9.07
CA HIS A 17 5.07 1.87 -9.21
C HIS A 17 5.46 2.58 -7.97
N LEU A 18 6.55 2.14 -7.38
CA LEU A 18 7.06 2.73 -6.17
C LEU A 18 7.33 4.19 -6.45
N MET A 19 6.65 5.04 -5.72
CA MET A 19 6.71 6.43 -6.00
C MET A 19 7.74 7.21 -5.24
N ARG A 20 7.79 7.13 -3.90
CA ARG A 20 8.73 8.01 -3.22
C ARG A 20 10.18 7.54 -3.30
N ASP A 21 10.76 6.89 -2.27
CA ASP A 21 12.08 6.31 -2.57
C ASP A 21 12.41 4.98 -1.88
N LYS A 22 12.94 5.09 -0.69
CA LYS A 22 13.35 3.94 0.12
C LYS A 22 12.33 3.53 1.14
N ASP A 23 11.91 4.51 1.93
CA ASP A 23 10.94 4.33 3.00
C ASP A 23 9.68 3.73 2.44
N THR A 24 9.25 4.23 1.29
CA THR A 24 8.03 3.79 0.66
C THR A 24 8.08 2.28 0.29
N PHE A 25 9.24 1.83 -0.14
CA PHE A 25 9.44 0.44 -0.46
C PHE A 25 9.27 -0.43 0.77
N LEU A 26 9.99 -0.12 1.83
CA LEU A 26 9.91 -0.90 3.08
C LEU A 26 8.53 -0.75 3.71
N ASN A 27 7.91 0.39 3.46
CA ASN A 27 6.57 0.73 3.99
C ASN A 27 5.53 -0.24 3.50
N TYR A 28 5.62 -0.62 2.26
CA TYR A 28 4.71 -1.55 1.73
C TYR A 28 5.28 -2.99 1.86
N TYR A 29 6.57 -3.13 1.67
CA TYR A 29 7.20 -4.44 1.66
C TYR A 29 7.47 -5.03 3.06
N GLU A 30 8.25 -4.34 3.85
CA GLU A 30 8.82 -4.91 5.07
C GLU A 30 7.80 -4.95 6.21
N SER A 31 6.66 -4.34 5.97
CA SER A 31 5.57 -4.32 6.91
C SER A 31 4.84 -5.68 6.95
N VAL A 32 5.20 -6.59 6.06
CA VAL A 32 4.63 -7.92 6.05
C VAL A 32 5.63 -8.86 6.72
N ASP A 33 5.40 -9.15 7.98
CA ASP A 33 6.30 -10.01 8.76
C ASP A 33 5.84 -11.48 8.83
N LYS A 34 4.94 -11.81 9.75
CA LYS A 34 4.44 -13.19 9.89
C LYS A 34 3.33 -13.48 8.89
N ASP A 35 2.66 -12.43 8.50
CA ASP A 35 1.52 -12.45 7.58
C ASP A 35 2.00 -12.60 6.12
N ASN A 36 3.11 -13.29 5.94
CA ASN A 36 3.77 -13.50 4.63
C ASN A 36 2.98 -14.50 3.76
N PHE A 37 1.66 -14.49 3.90
CA PHE A 37 0.79 -15.38 3.14
C PHE A 37 0.70 -14.93 1.68
N THR A 38 1.17 -13.71 1.43
CA THR A 38 1.14 -13.10 0.13
C THR A 38 1.94 -13.87 -0.90
N ASN A 39 1.50 -13.75 -2.13
CA ASN A 39 2.02 -14.53 -3.20
C ASN A 39 3.41 -14.04 -3.66
N GLN A 40 4.11 -14.90 -4.42
CA GLN A 40 5.45 -14.67 -5.01
C GLN A 40 5.47 -13.40 -5.89
N HIS A 41 4.31 -12.80 -6.07
CA HIS A 41 4.17 -11.52 -6.73
C HIS A 41 5.12 -10.52 -6.05
N PHE A 42 5.11 -10.55 -4.71
CA PHE A 42 6.02 -9.74 -3.88
C PHE A 42 7.48 -10.05 -4.13
N LYS A 43 7.76 -11.28 -4.49
CA LYS A 43 9.12 -11.76 -4.68
C LYS A 43 9.73 -11.14 -5.90
N TYR A 44 8.98 -11.16 -7.00
CA TYR A 44 9.45 -10.57 -8.23
C TYR A 44 9.73 -9.11 -8.01
N VAL A 45 8.78 -8.47 -7.37
CA VAL A 45 8.84 -7.08 -7.01
C VAL A 45 10.04 -6.80 -6.14
N PHE A 46 10.12 -7.49 -5.01
CA PHE A 46 11.18 -7.33 -4.05
C PHE A 46 12.55 -7.36 -4.69
N GLU A 47 12.76 -8.31 -5.58
CA GLU A 47 14.03 -8.45 -6.25
C GLU A 47 14.34 -7.17 -7.06
N VAL A 48 13.42 -6.79 -7.92
CA VAL A 48 13.59 -5.62 -8.79
C VAL A 48 13.77 -4.36 -7.97
N LEU A 49 12.87 -4.15 -7.05
CA LEU A 49 12.87 -2.94 -6.26
C LEU A 49 14.07 -2.85 -5.34
N HIS A 50 14.52 -3.97 -4.84
CA HIS A 50 15.74 -4.01 -4.00
C HIS A 50 16.98 -3.61 -4.83
N ASP A 51 16.95 -3.90 -6.13
CA ASP A 51 18.02 -3.51 -7.06
C ASP A 51 18.03 -1.99 -7.19
N PHE A 52 16.86 -1.42 -7.20
CA PHE A 52 16.70 0.00 -7.30
C PHE A 52 17.02 0.62 -5.98
N TYR A 53 16.47 0.05 -4.90
CA TYR A 53 16.70 0.44 -3.49
C TYR A 53 18.19 0.65 -3.21
N ALA A 54 19.02 -0.14 -3.91
CA ALA A 54 20.46 -0.04 -3.78
C ALA A 54 20.94 1.37 -4.13
N GLU A 55 20.22 2.05 -5.00
CA GLU A 55 20.58 3.43 -5.31
C GLU A 55 19.39 4.38 -4.94
N ASN A 56 18.26 4.16 -5.56
CA ASN A 56 17.02 4.88 -5.30
C ASN A 56 15.87 4.02 -5.77
N ASP A 57 14.92 3.71 -4.92
CA ASP A 57 13.83 2.89 -5.43
C ASP A 57 12.69 3.74 -5.86
N GLN A 58 12.66 3.98 -7.10
CA GLN A 58 11.66 4.74 -7.73
C GLN A 58 11.33 4.03 -9.00
N TYR A 59 10.58 2.95 -8.83
CA TYR A 59 10.20 2.01 -9.85
C TYR A 59 9.71 2.68 -11.12
N ASN A 60 10.39 2.40 -12.19
CA ASN A 60 10.05 2.92 -13.51
C ASN A 60 9.08 1.94 -14.19
N ILE A 61 8.46 2.36 -15.27
CA ILE A 61 7.49 1.49 -15.93
C ILE A 61 8.16 0.57 -16.95
N SER A 62 9.38 0.89 -17.36
CA SER A 62 10.10 0.07 -18.31
C SER A 62 10.30 -1.35 -17.76
N ASP A 63 10.72 -1.45 -16.49
CA ASP A 63 10.89 -2.75 -15.82
C ASP A 63 9.56 -3.48 -15.73
N ALA A 64 8.49 -2.72 -15.48
CA ALA A 64 7.15 -3.28 -15.44
C ALA A 64 6.79 -3.91 -16.80
N VAL A 65 7.03 -3.16 -17.86
CA VAL A 65 6.81 -3.61 -19.23
C VAL A 65 7.75 -4.79 -19.58
N GLN A 66 8.93 -4.83 -18.99
CA GLN A 66 9.82 -5.99 -19.15
C GLN A 66 9.16 -7.22 -18.51
N TYR A 67 8.41 -6.97 -17.46
CA TYR A 67 7.66 -7.98 -16.78
C TYR A 67 6.38 -8.37 -17.49
N VAL A 68 6.19 -7.92 -18.74
CA VAL A 68 5.05 -8.46 -19.51
C VAL A 68 5.33 -9.89 -20.01
N ASN A 69 6.43 -10.43 -19.56
CA ASN A 69 6.78 -11.80 -19.87
C ASN A 69 6.28 -12.71 -18.74
N SER A 70 5.80 -12.09 -17.67
CA SER A 70 5.22 -12.83 -16.57
C SER A 70 3.74 -13.08 -16.89
N ASN A 71 3.16 -14.11 -16.33
CA ASN A 71 1.74 -14.39 -16.57
C ASN A 71 0.79 -13.40 -15.88
N GLU A 72 0.69 -13.51 -14.58
CA GLU A 72 -0.28 -12.77 -13.80
C GLU A 72 0.22 -11.36 -13.53
N LEU A 73 1.52 -11.24 -13.30
CA LEU A 73 2.14 -9.96 -12.96
C LEU A 73 2.02 -8.97 -14.12
N ARG A 74 2.10 -9.49 -15.35
CA ARG A 74 1.92 -8.70 -16.56
C ARG A 74 0.58 -8.03 -16.53
N GLU A 75 -0.43 -8.87 -16.35
CA GLU A 75 -1.80 -8.49 -16.34
C GLU A 75 -2.02 -7.38 -15.36
N THR A 76 -1.94 -7.71 -14.11
CA THR A 76 -2.27 -6.77 -13.08
C THR A 76 -1.40 -5.54 -13.00
N LEU A 77 -0.10 -5.70 -12.91
CA LEU A 77 0.78 -4.57 -12.70
C LEU A 77 0.66 -3.52 -13.81
N ILE A 78 0.61 -3.96 -15.05
CA ILE A 78 0.53 -3.02 -16.14
C ILE A 78 -0.89 -2.47 -16.21
N SER A 79 -1.86 -3.33 -15.98
CA SER A 79 -3.28 -2.93 -15.93
C SER A 79 -3.48 -1.81 -14.88
N LEU A 80 -2.88 -1.99 -13.72
CA LEU A 80 -2.94 -1.03 -12.64
C LEU A 80 -2.24 0.26 -13.03
N GLU A 81 -1.14 0.15 -13.76
CA GLU A 81 -0.40 1.33 -14.19
C GLU A 81 -1.24 2.18 -15.16
N GLN A 82 -2.07 1.51 -15.96
CA GLN A 82 -3.01 2.17 -16.91
C GLN A 82 -4.23 2.74 -16.17
N TYR A 83 -3.91 3.29 -15.06
CA TYR A 83 -4.76 3.87 -14.07
C TYR A 83 -5.35 5.20 -14.58
N ASN A 84 -6.04 5.92 -13.71
CA ASN A 84 -6.65 7.18 -14.08
C ASN A 84 -5.59 8.26 -13.90
N LEU A 85 -5.87 9.47 -14.33
CA LEU A 85 -4.91 10.59 -14.21
C LEU A 85 -4.92 11.19 -12.79
N ASN A 86 -5.51 10.49 -11.88
CA ASN A 86 -5.69 10.92 -10.49
C ASN A 86 -4.39 10.81 -9.67
N ASP A 87 -3.33 10.31 -10.31
CA ASP A 87 -2.00 10.06 -9.65
C ASP A 87 -1.23 11.34 -9.27
N GLU A 88 -1.96 12.35 -8.91
CA GLU A 88 -1.48 13.61 -8.36
C GLU A 88 -1.75 13.53 -6.83
N PRO A 89 -1.47 14.58 -5.99
CA PRO A 89 -1.79 14.55 -4.53
C PRO A 89 -3.33 14.44 -4.23
N TYR A 90 -3.92 13.36 -4.67
CA TYR A 90 -5.30 12.99 -4.43
C TYR A 90 -5.28 11.53 -4.07
N GLU A 91 -4.26 11.17 -3.34
CA GLU A 91 -3.93 9.80 -3.02
C GLU A 91 -4.92 9.08 -2.10
N ASN A 92 -6.11 8.87 -2.63
CA ASN A 92 -7.16 8.08 -2.03
C ASN A 92 -6.77 6.64 -2.08
N GLU A 93 -5.86 6.35 -2.99
CA GLU A 93 -5.21 5.06 -3.12
C GLU A 93 -4.77 4.58 -1.75
N ILE A 94 -4.17 5.50 -0.97
CA ILE A 94 -3.73 5.20 0.38
C ILE A 94 -4.94 4.97 1.27
N ASP A 95 -5.95 5.81 1.14
CA ASP A 95 -7.18 5.70 1.93
C ASP A 95 -7.87 4.34 1.71
N ASP A 96 -7.99 3.95 0.44
CA ASP A 96 -8.62 2.68 0.05
C ASP A 96 -7.74 1.51 0.49
N TYR A 97 -6.45 1.67 0.29
CA TYR A 97 -5.42 0.74 0.76
C TYR A 97 -5.60 0.52 2.25
N VAL A 98 -5.67 1.63 2.96
CA VAL A 98 -5.93 1.64 4.39
C VAL A 98 -7.22 0.89 4.69
N ASN A 99 -8.30 1.24 4.02
CA ASN A 99 -9.61 0.60 4.21
C ASN A 99 -9.54 -0.93 4.01
N VAL A 100 -8.74 -1.36 3.06
CA VAL A 100 -8.54 -2.79 2.78
C VAL A 100 -7.67 -3.49 3.83
N ILE A 101 -6.73 -2.80 4.39
CA ILE A 101 -5.82 -3.45 5.28
C ILE A 101 -6.41 -3.34 6.68
N ASN A 102 -7.07 -2.24 6.89
CA ASN A 102 -7.78 -1.94 8.11
C ASN A 102 -9.19 -2.54 8.01
N GLU A 103 -9.37 -3.43 7.01
CA GLU A 103 -10.56 -4.26 6.89
C GLU A 103 -10.47 -5.27 8.01
N LYS A 104 -9.25 -5.42 8.51
CA LYS A 104 -8.98 -6.22 9.69
C LYS A 104 -9.39 -5.45 10.97
N GLY A 105 -9.82 -4.21 10.77
CA GLY A 105 -10.08 -3.29 11.83
C GLY A 105 -11.42 -3.44 12.40
N GLN A 106 -11.48 -4.32 13.31
CA GLN A 106 -12.66 -4.53 14.11
C GLN A 106 -12.43 -3.83 15.45
N GLU A 107 -11.43 -4.29 16.17
CA GLU A 107 -11.08 -3.75 17.46
C GLU A 107 -9.58 -3.51 17.49
N THR A 108 -9.08 -2.85 18.55
CA THR A 108 -7.66 -2.72 18.84
C THR A 108 -6.91 -1.80 17.86
N ILE A 109 -6.80 -2.24 16.63
CA ILE A 109 -6.09 -1.52 15.61
C ILE A 109 -6.82 -0.29 15.19
N GLU A 110 -7.99 -0.13 15.70
CA GLU A 110 -8.72 1.04 15.45
C GLU A 110 -8.08 2.23 16.17
N SER A 111 -7.19 1.94 17.09
CA SER A 111 -6.36 2.91 17.68
C SER A 111 -5.34 3.37 16.58
N LEU A 112 -4.73 2.39 15.87
CA LEU A 112 -3.80 2.73 14.80
C LEU A 112 -4.50 3.40 13.62
N ASN A 113 -5.80 3.18 13.51
CA ASN A 113 -6.66 3.85 12.52
C ASN A 113 -6.51 5.38 12.71
N HIS A 114 -6.55 5.80 13.99
CA HIS A 114 -6.30 7.21 14.35
C HIS A 114 -4.93 7.62 13.88
N LYS A 115 -3.98 6.74 14.13
CA LYS A 115 -2.60 6.99 13.77
C LYS A 115 -2.43 7.13 12.26
N LEU A 116 -3.16 6.34 11.50
CA LEU A 116 -3.16 6.40 10.03
C LEU A 116 -3.56 7.79 9.55
N ARG A 117 -4.53 8.37 10.22
CA ARG A 117 -4.95 9.74 9.95
C ARG A 117 -3.81 10.71 10.15
N GLU A 118 -3.11 10.52 11.21
CA GLU A 118 -1.94 11.31 11.55
C GLU A 118 -0.78 11.03 10.57
N ALA A 119 -0.70 9.81 10.12
CA ALA A 119 0.27 9.38 9.14
C ALA A 119 0.10 10.11 7.80
N THR A 120 -1.15 10.15 7.28
CA THR A 120 -1.45 10.86 6.04
C THR A 120 -1.31 12.35 6.21
N ARG A 121 -1.52 12.82 7.46
CA ARG A 121 -1.45 14.23 7.92
C ARG A 121 -0.14 14.98 7.47
N ILE A 122 0.79 14.26 6.90
CA ILE A 122 2.02 14.81 6.36
C ILE A 122 1.73 15.39 4.90
N GLY A 123 0.51 15.88 4.71
CA GLY A 123 0.08 16.47 3.45
C GLY A 123 -1.23 15.85 3.00
N ASP A 124 -2.22 15.94 3.86
CA ASP A 124 -3.49 15.24 3.68
C ASP A 124 -4.67 16.19 3.74
N VAL A 125 -5.80 15.68 3.26
CA VAL A 125 -7.16 16.23 3.30
C VAL A 125 -7.66 16.26 4.79
N GLU A 126 -6.69 16.26 5.71
CA GLU A 126 -6.74 16.07 7.17
C GLU A 126 -8.01 16.58 7.81
N LEU A 127 -8.49 17.70 7.38
CA LEU A 127 -9.69 18.30 7.93
C LEU A 127 -10.93 17.45 7.61
N GLN A 128 -11.06 17.09 6.34
CA GLN A 128 -12.12 16.20 5.85
C GLN A 128 -12.04 14.86 6.59
N LYS A 129 -10.83 14.36 6.68
CA LYS A 129 -10.60 13.06 7.25
C LYS A 129 -10.66 13.06 8.76
N TYR A 130 -10.39 14.21 9.38
CA TYR A 130 -10.54 14.37 10.81
C TYR A 130 -11.99 14.15 11.18
N TYR A 131 -12.88 14.73 10.37
CA TYR A 131 -14.30 14.56 10.53
C TYR A 131 -14.64 13.07 10.40
N LEU A 132 -14.14 12.45 9.35
CA LEU A 132 -14.32 11.00 9.08
C LEU A 132 -13.86 10.17 10.28
N GLN A 133 -12.71 10.53 10.76
CA GLN A 133 -12.06 9.86 11.85
C GLN A 133 -12.90 9.90 13.09
N GLN A 134 -13.37 11.09 13.46
CA GLN A 134 -14.18 11.21 14.66
C GLN A 134 -15.49 10.43 14.50
N ILE A 135 -16.01 10.36 13.26
CA ILE A 135 -17.20 9.55 12.94
C ILE A 135 -16.95 8.10 13.36
N VAL A 136 -16.00 7.49 12.69
CA VAL A 136 -15.76 6.06 12.85
C VAL A 136 -15.19 5.74 14.23
N ALA A 137 -14.35 6.61 14.73
CA ALA A 137 -13.76 6.42 16.03
C ALA A 137 -14.79 6.47 17.12
N LYS A 138 -15.66 7.50 17.12
CA LYS A 138 -16.65 7.59 18.16
C LYS A 138 -17.67 6.48 18.01
N ASN A 139 -17.73 5.91 16.84
CA ASN A 139 -18.59 4.76 16.59
C ASN A 139 -18.10 3.57 17.41
N LYS A 140 -16.79 3.35 17.43
CA LYS A 140 -16.20 2.25 18.24
C LYS A 140 -16.41 2.64 19.66
N GLU A 141 -15.89 3.80 19.91
CA GLU A 141 -15.71 4.37 21.17
C GLU A 141 -17.02 4.98 21.74
N ARG A 142 -18.17 4.64 21.16
CA ARG A 142 -19.47 4.99 21.75
C ARG A 142 -19.58 4.34 23.12
N MET A 143 -19.31 3.07 23.19
CA MET A 143 -19.35 2.40 24.47
C MET A 143 -17.95 2.31 25.01
N PHE A 1 -12.31 -22.31 0.51
CA PHE A 1 -12.63 -21.04 1.08
C PHE A 1 -11.59 -19.99 0.74
N ASP A 2 -12.07 -18.83 0.41
CA ASP A 2 -11.23 -17.70 0.15
C ASP A 2 -11.33 -16.76 1.32
N ASN A 3 -10.22 -16.38 1.86
CA ASN A 3 -10.21 -15.41 2.94
C ASN A 3 -9.14 -14.38 2.64
N LEU A 4 -9.27 -13.77 1.50
CA LEU A 4 -8.32 -12.80 1.00
C LEU A 4 -8.27 -11.58 1.91
N SER A 5 -7.10 -11.04 2.05
CA SER A 5 -6.89 -9.85 2.81
C SER A 5 -6.83 -8.68 1.84
N ARG A 6 -7.54 -7.59 2.16
CA ARG A 6 -7.58 -6.36 1.31
C ARG A 6 -6.16 -5.79 1.19
N GLN A 7 -5.37 -6.16 2.16
CA GLN A 7 -4.00 -5.76 2.35
C GLN A 7 -3.12 -6.02 1.14
N GLU A 8 -3.33 -7.14 0.46
CA GLU A 8 -2.46 -7.51 -0.66
C GLU A 8 -2.67 -6.54 -1.83
N LYS A 9 -3.92 -6.16 -2.04
CA LYS A 9 -4.28 -5.18 -3.04
C LYS A 9 -3.75 -3.79 -2.63
N ALA A 10 -3.70 -3.54 -1.34
CA ALA A 10 -3.18 -2.28 -0.81
C ALA A 10 -1.67 -2.20 -1.00
N GLU A 11 -0.97 -3.33 -0.79
CA GLU A 11 0.48 -3.39 -0.99
C GLU A 11 0.78 -3.08 -2.48
N ARG A 12 -0.07 -3.61 -3.37
CA ARG A 12 0.03 -3.35 -4.82
C ARG A 12 -0.09 -1.86 -5.09
N ALA A 13 -1.09 -1.25 -4.47
CA ALA A 13 -1.38 0.15 -4.63
C ALA A 13 -0.26 1.01 -4.08
N PHE A 14 0.35 0.55 -3.00
CA PHE A 14 1.45 1.24 -2.37
C PHE A 14 2.60 1.42 -3.37
N LEU A 15 3.06 0.30 -3.90
CA LEU A 15 4.21 0.28 -4.82
C LEU A 15 3.90 0.96 -6.17
N LYS A 16 2.66 0.89 -6.62
CA LYS A 16 2.33 1.43 -7.92
C LYS A 16 1.63 2.78 -7.95
N HIS A 17 1.26 3.31 -6.82
CA HIS A 17 0.72 4.67 -6.83
C HIS A 17 1.76 5.65 -6.43
N LEU A 18 2.75 5.18 -5.73
CA LEU A 18 3.81 6.02 -5.33
C LEU A 18 5.09 5.53 -6.00
N MET A 19 5.52 6.22 -7.04
CA MET A 19 6.75 5.85 -7.76
C MET A 19 7.93 6.10 -6.83
N ARG A 20 7.70 7.04 -5.93
CA ARG A 20 8.63 7.41 -4.89
C ARG A 20 8.84 6.32 -3.82
N ASP A 21 8.04 5.25 -3.88
CA ASP A 21 8.06 4.16 -2.88
C ASP A 21 9.35 3.29 -3.00
N LYS A 22 10.46 3.94 -2.90
CA LYS A 22 11.77 3.31 -2.91
C LYS A 22 12.18 3.06 -1.46
N ASP A 23 12.33 4.17 -0.75
CA ASP A 23 12.63 4.18 0.67
C ASP A 23 11.51 3.50 1.38
N THR A 24 10.31 3.88 0.99
CA THR A 24 9.11 3.34 1.52
C THR A 24 9.01 1.84 1.25
N PHE A 25 9.49 1.39 0.08
CA PHE A 25 9.55 -0.05 -0.26
C PHE A 25 10.23 -0.83 0.85
N LEU A 26 11.44 -0.44 1.18
CA LEU A 26 12.14 -1.18 2.27
C LEU A 26 11.53 -0.84 3.63
N ASN A 27 10.95 0.35 3.76
CA ASN A 27 10.34 0.77 5.03
C ASN A 27 9.00 0.08 5.29
N TYR A 28 8.26 -0.23 4.25
CA TYR A 28 6.97 -0.85 4.36
C TYR A 28 7.23 -2.29 4.74
N TYR A 29 8.28 -2.78 4.15
CA TYR A 29 8.76 -4.11 4.26
C TYR A 29 9.22 -4.37 5.69
N GLU A 30 9.90 -3.40 6.23
CA GLU A 30 10.48 -3.49 7.53
C GLU A 30 9.45 -3.19 8.66
N SER A 31 8.50 -2.32 8.38
CA SER A 31 7.63 -1.83 9.44
C SER A 31 6.48 -2.75 9.77
N VAL A 32 5.70 -3.16 8.78
CA VAL A 32 4.48 -3.86 9.11
C VAL A 32 4.32 -5.19 8.37
N ASP A 33 4.67 -6.25 9.10
CA ASP A 33 4.49 -7.67 8.76
C ASP A 33 4.62 -8.08 7.28
N LYS A 34 5.84 -8.34 6.87
CA LYS A 34 6.09 -8.77 5.51
C LYS A 34 6.05 -10.30 5.32
N ASP A 35 6.66 -11.03 6.26
CA ASP A 35 7.07 -12.44 6.08
C ASP A 35 5.95 -13.44 5.76
N ASN A 36 4.99 -13.61 6.65
CA ASN A 36 3.99 -14.67 6.40
C ASN A 36 2.94 -14.20 5.39
N PHE A 37 2.99 -12.92 5.09
CA PHE A 37 2.09 -12.33 4.14
C PHE A 37 2.65 -12.46 2.70
N THR A 38 3.94 -12.75 2.59
CA THR A 38 4.63 -12.78 1.32
C THR A 38 4.09 -13.86 0.36
N ASN A 39 3.50 -13.42 -0.72
CA ASN A 39 3.10 -14.31 -1.78
C ASN A 39 4.24 -14.30 -2.78
N GLN A 40 4.45 -15.40 -3.50
CA GLN A 40 5.57 -15.48 -4.47
C GLN A 40 5.47 -14.36 -5.53
N HIS A 41 4.24 -14.02 -5.87
CA HIS A 41 3.92 -13.01 -6.87
C HIS A 41 4.40 -11.64 -6.38
N PHE A 42 4.04 -11.29 -5.16
CA PHE A 42 4.50 -10.07 -4.56
C PHE A 42 6.03 -10.11 -4.34
N LYS A 43 6.57 -11.31 -4.10
CA LYS A 43 8.00 -11.50 -3.92
C LYS A 43 8.71 -11.17 -5.20
N TYR A 44 8.07 -11.49 -6.31
CA TYR A 44 8.57 -11.11 -7.61
C TYR A 44 8.69 -9.59 -7.68
N VAL A 45 7.65 -8.87 -7.19
CA VAL A 45 7.70 -7.41 -7.18
C VAL A 45 8.87 -6.93 -6.31
N PHE A 46 9.01 -7.53 -5.10
CA PHE A 46 10.15 -7.24 -4.20
C PHE A 46 11.47 -7.35 -4.96
N GLU A 47 11.58 -8.38 -5.76
CA GLU A 47 12.77 -8.64 -6.53
C GLU A 47 13.05 -7.50 -7.49
N VAL A 48 12.01 -7.05 -8.23
CA VAL A 48 12.16 -5.97 -9.20
C VAL A 48 12.70 -4.77 -8.49
N LEU A 49 12.15 -4.49 -7.31
CA LEU A 49 12.50 -3.33 -6.56
C LEU A 49 13.92 -3.43 -5.89
N HIS A 50 14.29 -4.62 -5.47
CA HIS A 50 15.64 -4.83 -4.94
C HIS A 50 16.66 -4.66 -6.10
N ASP A 51 16.33 -5.21 -7.24
CA ASP A 51 17.13 -5.02 -8.43
C ASP A 51 17.06 -3.58 -8.89
N PHE A 52 16.00 -2.92 -8.55
CA PHE A 52 15.71 -1.49 -8.77
C PHE A 52 16.59 -0.59 -7.88
N TYR A 53 17.15 -1.16 -6.88
CA TYR A 53 18.21 -0.53 -6.10
C TYR A 53 19.55 -0.63 -6.81
N ALA A 54 19.83 -1.83 -7.34
CA ALA A 54 21.05 -2.03 -8.15
C ALA A 54 20.93 -1.22 -9.46
N GLU A 55 19.84 -1.47 -10.09
CA GLU A 55 19.32 -0.84 -11.26
C GLU A 55 18.36 0.20 -10.74
N ASN A 56 18.98 1.12 -10.03
CA ASN A 56 18.43 2.11 -9.09
C ASN A 56 17.41 3.10 -9.71
N ASP A 57 17.36 4.31 -9.22
CA ASP A 57 16.14 5.13 -8.90
C ASP A 57 14.82 4.99 -9.79
N GLN A 58 13.90 5.91 -9.60
CA GLN A 58 12.47 5.59 -9.73
C GLN A 58 11.88 5.06 -11.05
N TYR A 59 11.03 4.03 -10.81
CA TYR A 59 10.31 3.20 -11.71
C TYR A 59 9.68 3.91 -12.87
N ASN A 60 9.88 3.33 -14.02
CA ASN A 60 9.23 3.78 -15.21
C ASN A 60 8.39 2.63 -15.74
N ILE A 61 7.48 2.95 -16.64
CA ILE A 61 6.60 1.98 -17.31
C ILE A 61 7.42 0.86 -17.97
N SER A 62 8.60 1.22 -18.44
CA SER A 62 9.51 0.32 -19.08
C SER A 62 9.92 -0.85 -18.16
N ASP A 63 10.00 -0.58 -16.84
CA ASP A 63 10.34 -1.62 -15.85
C ASP A 63 9.17 -2.60 -15.73
N ALA A 64 7.97 -2.03 -15.68
CA ALA A 64 6.76 -2.84 -15.57
C ALA A 64 6.61 -3.76 -16.79
N VAL A 65 6.72 -3.18 -17.99
CA VAL A 65 6.65 -3.92 -19.24
C VAL A 65 7.90 -4.81 -19.42
N GLN A 66 8.93 -4.58 -18.62
CA GLN A 66 10.09 -5.44 -18.64
C GLN A 66 9.66 -6.78 -18.04
N TYR A 67 8.75 -6.71 -17.08
CA TYR A 67 8.12 -7.89 -16.53
C TYR A 67 6.99 -8.44 -17.37
N VAL A 68 6.90 -8.02 -18.63
CA VAL A 68 5.86 -8.55 -19.54
C VAL A 68 6.22 -10.02 -19.97
N ASN A 69 7.29 -10.55 -19.38
CA ASN A 69 7.84 -11.86 -19.71
C ASN A 69 7.31 -12.93 -18.75
N SER A 70 6.71 -12.50 -17.64
CA SER A 70 6.10 -13.44 -16.72
C SER A 70 4.60 -13.27 -16.90
N ASN A 71 3.91 -14.35 -17.19
CA ASN A 71 2.50 -14.32 -17.59
C ASN A 71 1.58 -13.68 -16.55
N GLU A 72 1.75 -14.01 -15.31
CA GLU A 72 0.89 -13.47 -14.27
C GLU A 72 1.26 -12.02 -13.87
N LEU A 73 2.54 -11.74 -13.80
CA LEU A 73 3.03 -10.40 -13.50
C LEU A 73 2.72 -9.43 -14.60
N ARG A 74 2.79 -9.92 -15.84
CA ARG A 74 2.50 -9.12 -17.03
C ARG A 74 1.18 -8.40 -16.86
N GLU A 75 0.12 -9.15 -16.84
CA GLU A 75 -1.18 -8.59 -16.75
C GLU A 75 -1.39 -7.80 -15.49
N THR A 76 -0.96 -8.34 -14.36
CA THR A 76 -1.15 -7.65 -13.11
C THR A 76 -0.41 -6.29 -13.07
N LEU A 77 0.90 -6.28 -13.32
CA LEU A 77 1.68 -5.04 -13.27
C LEU A 77 1.25 -4.04 -14.29
N ILE A 78 0.87 -4.51 -15.46
CA ILE A 78 0.38 -3.62 -16.48
C ILE A 78 -0.99 -3.05 -16.06
N SER A 79 -1.82 -3.89 -15.44
CA SER A 79 -3.08 -3.43 -14.82
C SER A 79 -2.81 -2.32 -13.78
N LEU A 80 -1.76 -2.50 -13.01
CA LEU A 80 -1.32 -1.51 -12.02
C LEU A 80 -0.71 -0.25 -12.69
N GLU A 81 -0.21 -0.42 -13.90
CA GLU A 81 0.46 0.64 -14.63
C GLU A 81 -0.54 1.53 -15.39
N GLN A 82 -1.60 0.93 -15.90
CA GLN A 82 -2.63 1.63 -16.71
C GLN A 82 -3.53 2.60 -15.90
N TYR A 83 -2.99 3.16 -14.84
CA TYR A 83 -3.74 4.00 -13.93
C TYR A 83 -4.29 5.26 -14.64
N ASN A 84 -5.42 5.71 -14.17
CA ASN A 84 -6.20 6.77 -14.81
C ASN A 84 -5.66 8.15 -14.38
N LEU A 85 -6.32 9.20 -14.83
CA LEU A 85 -5.94 10.59 -14.56
C LEU A 85 -6.25 10.99 -13.09
N ASN A 86 -6.43 10.01 -12.22
CA ASN A 86 -6.70 10.22 -10.78
C ASN A 86 -5.43 10.65 -10.02
N ASP A 87 -4.46 11.17 -10.75
CA ASP A 87 -3.12 11.57 -10.26
C ASP A 87 -3.20 12.89 -9.41
N GLU A 88 -4.30 13.04 -8.71
CA GLU A 88 -4.56 14.16 -7.81
C GLU A 88 -3.72 13.97 -6.54
N PRO A 89 -3.64 14.98 -5.64
CA PRO A 89 -3.02 14.81 -4.34
C PRO A 89 -3.86 13.87 -3.46
N TYR A 90 -3.78 12.61 -3.80
CA TYR A 90 -4.48 11.50 -3.19
C TYR A 90 -3.56 10.85 -2.17
N GLU A 91 -2.89 11.67 -1.46
CA GLU A 91 -1.95 11.24 -0.48
C GLU A 91 -2.63 10.61 0.76
N ASN A 92 -3.96 10.54 0.72
CA ASN A 92 -4.81 9.84 1.69
C ASN A 92 -4.60 8.34 1.54
N GLU A 93 -4.09 7.95 0.35
CA GLU A 93 -3.79 6.56 0.01
C GLU A 93 -3.04 5.87 1.16
N ILE A 94 -2.00 6.52 1.66
CA ILE A 94 -1.16 6.01 2.74
C ILE A 94 -1.98 5.87 4.03
N ASP A 95 -2.87 6.81 4.27
CA ASP A 95 -3.75 6.81 5.44
C ASP A 95 -4.63 5.58 5.45
N ASP A 96 -5.27 5.34 4.32
CA ASP A 96 -6.16 4.19 4.19
C ASP A 96 -5.32 2.93 4.21
N TYR A 97 -4.18 2.99 3.52
CA TYR A 97 -3.21 1.91 3.44
C TYR A 97 -2.77 1.48 4.83
N VAL A 98 -2.32 2.44 5.64
CA VAL A 98 -1.82 2.17 6.96
C VAL A 98 -2.84 1.44 7.81
N ASN A 99 -4.07 1.89 7.80
CA ASN A 99 -5.18 1.21 8.53
C ASN A 99 -5.35 -0.22 8.02
N VAL A 100 -5.38 -0.39 6.72
CA VAL A 100 -5.57 -1.70 6.09
C VAL A 100 -4.42 -2.65 6.42
N ILE A 101 -3.24 -2.15 6.38
CA ILE A 101 -2.06 -2.95 6.50
C ILE A 101 -1.77 -3.20 7.94
N ASN A 102 -2.07 -2.23 8.74
CA ASN A 102 -1.89 -2.37 10.15
C ASN A 102 -2.95 -3.28 10.69
N GLU A 103 -4.00 -3.57 9.87
CA GLU A 103 -5.00 -4.51 10.28
C GLU A 103 -4.36 -5.91 10.45
N LYS A 104 -3.11 -6.08 9.89
CA LYS A 104 -2.33 -7.33 10.07
C LYS A 104 -2.11 -7.61 11.57
N GLY A 105 -2.12 -6.54 12.37
CA GLY A 105 -1.90 -6.68 13.79
C GLY A 105 -2.96 -5.98 14.63
N GLN A 106 -3.36 -4.77 14.17
CA GLN A 106 -4.34 -3.89 14.83
C GLN A 106 -3.74 -3.28 16.11
N GLU A 107 -3.59 -4.12 17.13
CA GLU A 107 -2.95 -3.82 18.40
C GLU A 107 -3.77 -2.90 19.32
N THR A 108 -3.82 -1.63 19.05
CA THR A 108 -4.53 -0.71 19.93
C THR A 108 -5.01 0.46 19.12
N ILE A 109 -5.99 1.17 19.64
CA ILE A 109 -6.47 2.40 19.05
C ILE A 109 -5.31 3.37 18.94
N GLU A 110 -4.57 3.46 20.01
CA GLU A 110 -3.53 4.42 20.12
C GLU A 110 -2.38 4.11 19.12
N SER A 111 -2.15 2.82 18.91
CA SER A 111 -1.13 2.34 17.99
C SER A 111 -1.47 2.79 16.57
N LEU A 112 -2.77 2.76 16.26
CA LEU A 112 -3.30 3.24 14.98
C LEU A 112 -2.96 4.70 14.87
N ASN A 113 -3.35 5.43 15.92
CA ASN A 113 -3.23 6.89 15.99
C ASN A 113 -1.82 7.37 15.70
N HIS A 114 -0.82 6.80 16.36
CA HIS A 114 0.55 7.20 16.10
C HIS A 114 0.91 6.96 14.64
N LYS A 115 0.64 5.77 14.15
CA LYS A 115 1.03 5.43 12.78
C LYS A 115 0.24 6.19 11.72
N LEU A 116 -1.02 6.51 11.99
CA LEU A 116 -1.81 7.34 11.08
C LEU A 116 -1.15 8.72 10.93
N ARG A 117 -0.87 9.36 12.05
CA ARG A 117 -0.25 10.70 12.06
C ARG A 117 1.18 10.64 11.46
N GLU A 118 1.85 9.54 11.71
CA GLU A 118 3.19 9.29 11.20
C GLU A 118 3.17 9.19 9.67
N ALA A 119 2.08 8.67 9.13
CA ALA A 119 1.85 8.62 7.69
C ALA A 119 1.77 10.03 7.10
N THR A 120 0.93 10.87 7.71
CA THR A 120 0.70 12.25 7.26
C THR A 120 1.95 13.13 7.26
N ARG A 121 2.92 12.76 8.08
CA ARG A 121 4.30 13.33 8.09
C ARG A 121 4.93 13.52 6.63
N ILE A 122 4.27 13.00 5.57
CA ILE A 122 4.78 13.04 4.17
C ILE A 122 4.82 14.44 3.51
N GLY A 123 4.62 15.45 4.29
CA GLY A 123 4.75 16.80 3.78
C GLY A 123 3.58 17.68 4.08
N ASP A 124 2.37 17.30 3.73
CA ASP A 124 1.25 18.15 4.11
C ASP A 124 0.80 17.80 5.50
N VAL A 125 1.51 18.33 6.42
CA VAL A 125 1.28 18.14 7.80
C VAL A 125 0.04 18.89 8.25
N GLU A 126 -0.01 20.16 7.95
CA GLU A 126 -1.02 21.00 8.53
C GLU A 126 -2.44 20.61 8.18
N LEU A 127 -2.74 20.55 6.91
CA LEU A 127 -4.09 20.28 6.49
C LEU A 127 -4.47 18.82 6.71
N GLN A 128 -3.78 17.92 6.00
CA GLN A 128 -4.03 16.48 6.06
C GLN A 128 -4.05 15.96 7.46
N LYS A 129 -2.94 16.16 8.15
CA LYS A 129 -2.77 15.60 9.46
C LYS A 129 -3.78 16.16 10.42
N TYR A 130 -4.07 17.49 10.36
CA TYR A 130 -5.05 18.07 11.29
C TYR A 130 -6.37 17.32 11.26
N TYR A 131 -6.96 17.18 10.08
CA TYR A 131 -8.21 16.47 9.95
C TYR A 131 -8.10 15.03 10.38
N LEU A 132 -7.14 14.35 9.83
CA LEU A 132 -6.96 12.95 10.05
C LEU A 132 -6.65 12.59 11.52
N GLN A 133 -5.80 13.39 12.17
CA GLN A 133 -5.50 13.16 13.57
C GLN A 133 -6.68 13.51 14.46
N GLN A 134 -7.44 14.55 14.10
CA GLN A 134 -8.62 14.94 14.86
C GLN A 134 -9.71 13.89 14.79
N ILE A 135 -9.86 13.30 13.60
CA ILE A 135 -10.80 12.22 13.39
C ILE A 135 -10.52 11.08 14.37
N VAL A 136 -9.28 10.58 14.36
CA VAL A 136 -8.91 9.51 15.25
C VAL A 136 -8.88 9.99 16.74
N ALA A 137 -8.54 11.26 16.97
CA ALA A 137 -8.52 11.84 18.33
C ALA A 137 -9.92 11.82 18.92
N LYS A 138 -10.89 12.21 18.13
CA LYS A 138 -12.26 12.19 18.57
C LYS A 138 -12.75 10.76 18.70
N ASN A 139 -12.28 9.88 17.83
CA ASN A 139 -12.65 8.47 17.87
C ASN A 139 -12.10 7.80 19.13
N LYS A 140 -10.86 8.10 19.47
CA LYS A 140 -10.23 7.51 20.66
C LYS A 140 -10.86 8.06 21.92
N GLU A 141 -11.34 9.29 21.83
CA GLU A 141 -12.04 9.95 22.92
C GLU A 141 -13.43 9.33 23.07
N ARG A 142 -13.98 8.90 21.95
CA ARG A 142 -15.31 8.34 21.84
C ARG A 142 -15.36 6.91 22.41
N MET A 143 -14.22 6.38 22.80
CA MET A 143 -14.14 5.04 23.31
C MET A 143 -14.47 5.03 24.78
N PHE A 1 -13.13 -22.40 -1.13
CA PHE A 1 -12.96 -21.26 -0.27
C PHE A 1 -12.95 -20.01 -1.12
N ASP A 2 -13.82 -19.09 -0.81
CA ASP A 2 -13.83 -17.83 -1.51
C ASP A 2 -13.36 -16.77 -0.57
N ASN A 3 -12.09 -16.52 -0.60
CA ASN A 3 -11.52 -15.53 0.27
C ASN A 3 -10.59 -14.69 -0.52
N LEU A 4 -11.15 -13.77 -1.23
CA LEU A 4 -10.39 -12.85 -2.01
C LEU A 4 -9.64 -11.93 -1.06
N SER A 5 -8.38 -12.21 -0.84
CA SER A 5 -7.63 -11.45 0.10
C SER A 5 -7.26 -10.10 -0.48
N ARG A 6 -7.94 -9.08 0.01
CA ARG A 6 -7.65 -7.72 -0.35
C ARG A 6 -6.34 -7.27 0.21
N GLN A 7 -5.82 -8.01 1.19
CA GLN A 7 -4.49 -7.75 1.74
C GLN A 7 -3.46 -7.87 0.65
N GLU A 8 -3.52 -8.94 -0.12
CA GLU A 8 -2.59 -9.19 -1.23
C GLU A 8 -2.69 -8.04 -2.26
N LYS A 9 -3.88 -7.48 -2.36
CA LYS A 9 -4.14 -6.32 -3.18
C LYS A 9 -3.55 -5.07 -2.56
N ALA A 10 -3.52 -5.04 -1.25
CA ALA A 10 -3.00 -3.91 -0.53
C ALA A 10 -1.50 -3.84 -0.68
N GLU A 11 -0.81 -5.00 -0.55
CA GLU A 11 0.64 -5.05 -0.81
C GLU A 11 0.93 -4.54 -2.21
N ARG A 12 0.13 -4.99 -3.20
CA ARG A 12 0.30 -4.59 -4.59
C ARG A 12 0.10 -3.07 -4.73
N ALA A 13 -0.94 -2.55 -4.09
CA ALA A 13 -1.26 -1.12 -4.15
C ALA A 13 -0.15 -0.29 -3.52
N PHE A 14 0.23 -0.65 -2.30
CA PHE A 14 1.27 0.05 -1.56
C PHE A 14 2.63 -0.04 -2.25
N LEU A 15 2.74 -1.01 -3.13
CA LEU A 15 3.95 -1.27 -3.88
C LEU A 15 4.08 -0.26 -5.03
N LYS A 16 2.95 0.28 -5.51
CA LYS A 16 2.91 1.14 -6.71
C LYS A 16 3.89 2.33 -6.58
N HIS A 17 3.56 3.27 -5.68
CA HIS A 17 4.41 4.44 -5.37
C HIS A 17 4.64 5.35 -6.59
N LEU A 18 5.54 6.29 -6.42
CA LEU A 18 6.09 7.07 -7.48
C LEU A 18 7.58 6.71 -7.53
N MET A 19 8.31 7.22 -8.49
CA MET A 19 9.73 6.90 -8.61
C MET A 19 10.53 7.61 -7.52
N ARG A 20 9.91 8.62 -6.95
CA ARG A 20 10.47 9.37 -5.83
C ARG A 20 10.59 8.49 -4.60
N ASP A 21 9.64 7.60 -4.47
CA ASP A 21 9.41 6.78 -3.29
C ASP A 21 10.43 5.68 -3.02
N LYS A 22 11.67 6.05 -2.98
CA LYS A 22 12.72 5.11 -2.62
C LYS A 22 12.59 4.79 -1.13
N ASP A 23 12.35 5.84 -0.35
CA ASP A 23 12.13 5.75 1.08
C ASP A 23 10.92 4.91 1.37
N THR A 24 9.84 5.27 0.71
CA THR A 24 8.56 4.62 0.90
C THR A 24 8.62 3.11 0.55
N PHE A 25 9.46 2.72 -0.44
CA PHE A 25 9.68 1.30 -0.72
C PHE A 25 10.25 0.63 0.52
N LEU A 26 11.34 1.14 1.04
CA LEU A 26 11.96 0.53 2.21
C LEU A 26 11.11 0.69 3.47
N ASN A 27 10.36 1.79 3.54
CA ASN A 27 9.51 2.10 4.71
C ASN A 27 8.43 1.06 4.85
N TYR A 28 7.85 0.68 3.74
CA TYR A 28 6.81 -0.26 3.74
C TYR A 28 7.38 -1.67 3.76
N TYR A 29 8.47 -1.89 3.04
CA TYR A 29 9.10 -3.18 2.98
C TYR A 29 9.64 -3.65 4.34
N GLU A 30 10.23 -2.75 5.11
CA GLU A 30 10.78 -3.13 6.41
C GLU A 30 9.65 -3.39 7.43
N SER A 31 8.49 -2.84 7.13
CA SER A 31 7.31 -3.04 7.95
C SER A 31 6.69 -4.40 7.66
N VAL A 32 7.15 -5.02 6.61
CA VAL A 32 6.69 -6.31 6.18
C VAL A 32 7.61 -7.38 6.75
N ASP A 33 7.03 -8.36 7.38
CA ASP A 33 7.78 -9.50 7.88
C ASP A 33 6.87 -10.70 8.01
N LYS A 34 5.83 -10.58 8.81
CA LYS A 34 4.86 -11.67 8.98
C LYS A 34 3.85 -11.64 7.83
N ASP A 35 3.79 -10.49 7.22
CA ASP A 35 2.89 -10.15 6.11
C ASP A 35 3.25 -10.90 4.84
N ASN A 36 4.31 -11.71 4.91
CA ASN A 36 4.80 -12.50 3.78
C ASN A 36 3.91 -13.71 3.50
N PHE A 37 2.69 -13.67 4.00
CA PHE A 37 1.72 -14.68 3.70
C PHE A 37 1.15 -14.38 2.31
N THR A 38 1.38 -13.16 1.87
CA THR A 38 0.91 -12.63 0.61
C THR A 38 1.44 -13.46 -0.61
N ASN A 39 0.88 -13.21 -1.77
CA ASN A 39 1.18 -13.97 -2.99
C ASN A 39 2.62 -13.78 -3.47
N GLN A 40 3.01 -14.66 -4.41
CA GLN A 40 4.35 -14.68 -5.05
C GLN A 40 4.57 -13.38 -5.84
N HIS A 41 3.48 -12.66 -6.02
CA HIS A 41 3.44 -11.36 -6.70
C HIS A 41 4.42 -10.41 -6.03
N PHE A 42 4.38 -10.41 -4.68
CA PHE A 42 5.27 -9.61 -3.84
C PHE A 42 6.74 -9.97 -4.10
N LYS A 43 6.97 -11.22 -4.36
CA LYS A 43 8.30 -11.73 -4.54
C LYS A 43 8.86 -11.21 -5.85
N TYR A 44 8.02 -11.23 -6.88
CA TYR A 44 8.43 -10.74 -8.19
C TYR A 44 8.81 -9.27 -8.12
N VAL A 45 7.98 -8.49 -7.47
CA VAL A 45 8.24 -7.08 -7.38
C VAL A 45 9.42 -6.75 -6.48
N PHE A 46 9.48 -7.36 -5.28
CA PHE A 46 10.62 -7.19 -4.35
C PHE A 46 11.95 -7.46 -5.03
N GLU A 47 12.01 -8.58 -5.74
CA GLU A 47 13.22 -9.02 -6.42
C GLU A 47 13.70 -7.94 -7.39
N VAL A 48 12.79 -7.48 -8.23
CA VAL A 48 13.07 -6.42 -9.20
C VAL A 48 13.49 -5.15 -8.50
N LEU A 49 12.68 -4.74 -7.52
CA LEU A 49 12.90 -3.51 -6.81
C LEU A 49 14.25 -3.48 -6.15
N HIS A 50 14.52 -4.46 -5.33
CA HIS A 50 15.76 -4.53 -4.56
C HIS A 50 16.98 -4.58 -5.48
N ASP A 51 16.87 -5.29 -6.56
CA ASP A 51 17.98 -5.42 -7.50
C ASP A 51 18.31 -4.10 -8.16
N PHE A 52 17.30 -3.45 -8.73
CA PHE A 52 17.53 -2.19 -9.37
C PHE A 52 17.82 -1.12 -8.37
N TYR A 53 17.14 -1.13 -7.26
CA TYR A 53 17.32 -0.14 -6.20
C TYR A 53 18.79 -0.07 -5.79
N ALA A 54 19.43 -1.22 -5.74
CA ALA A 54 20.83 -1.31 -5.34
C ALA A 54 21.79 -0.69 -6.36
N GLU A 55 21.50 -0.87 -7.63
CA GLU A 55 22.46 -0.48 -8.69
C GLU A 55 21.91 0.52 -9.69
N ASN A 56 20.71 0.87 -9.55
CA ASN A 56 20.03 1.68 -10.54
C ASN A 56 18.97 2.53 -9.82
N ASP A 57 17.92 2.85 -10.52
CA ASP A 57 16.88 3.76 -10.08
C ASP A 57 15.72 3.02 -9.44
N GLN A 58 14.60 3.70 -9.30
CA GLN A 58 13.42 3.14 -8.71
C GLN A 58 12.51 2.68 -9.86
N TYR A 59 11.56 1.80 -9.55
CA TYR A 59 10.61 1.23 -10.44
C TYR A 59 10.00 2.18 -11.44
N ASN A 60 10.00 1.73 -12.65
CA ASN A 60 9.31 2.36 -13.73
C ASN A 60 8.27 1.37 -14.19
N ILE A 61 7.25 1.83 -14.86
CA ILE A 61 6.22 0.92 -15.31
C ILE A 61 6.74 0.16 -16.53
N SER A 62 7.77 0.73 -17.13
CA SER A 62 8.51 0.14 -18.20
C SER A 62 9.08 -1.22 -17.76
N ASP A 63 9.49 -1.31 -16.49
CA ASP A 63 10.07 -2.53 -15.93
C ASP A 63 9.05 -3.63 -15.92
N ALA A 64 7.80 -3.25 -15.62
CA ALA A 64 6.70 -4.20 -15.63
C ALA A 64 6.53 -4.77 -17.04
N VAL A 65 6.54 -3.89 -18.02
CA VAL A 65 6.43 -4.21 -19.44
C VAL A 65 7.60 -5.10 -19.91
N GLN A 66 8.79 -4.86 -19.38
CA GLN A 66 9.97 -5.68 -19.72
C GLN A 66 9.74 -7.13 -19.29
N TYR A 67 9.09 -7.28 -18.18
CA TYR A 67 8.85 -8.58 -17.59
C TYR A 67 7.75 -9.37 -18.31
N VAL A 68 6.96 -8.71 -19.14
CA VAL A 68 5.77 -9.39 -19.68
C VAL A 68 5.99 -10.21 -20.94
N ASN A 69 7.22 -10.54 -21.21
CA ASN A 69 7.50 -11.49 -22.30
C ASN A 69 7.66 -12.83 -21.63
N SER A 70 8.06 -12.72 -20.41
CA SER A 70 8.23 -13.74 -19.43
C SER A 70 6.90 -13.80 -18.62
N ASN A 71 7.06 -14.03 -17.30
CA ASN A 71 6.18 -14.06 -16.09
C ASN A 71 4.95 -13.18 -16.09
N GLU A 72 4.44 -12.92 -17.28
CA GLU A 72 3.23 -12.11 -17.68
C GLU A 72 2.01 -12.14 -16.70
N LEU A 73 2.16 -12.79 -15.60
CA LEU A 73 1.22 -12.54 -14.50
C LEU A 73 1.48 -11.08 -14.06
N ARG A 74 2.64 -10.59 -14.49
CA ARG A 74 3.07 -9.26 -14.34
C ARG A 74 2.43 -8.34 -15.42
N GLU A 75 1.78 -8.91 -16.46
CA GLU A 75 1.02 -8.06 -17.39
C GLU A 75 -0.28 -7.77 -16.73
N THR A 76 -0.73 -8.73 -15.94
CA THR A 76 -1.86 -8.48 -15.07
C THR A 76 -1.53 -7.33 -14.12
N LEU A 77 -0.31 -7.38 -13.59
CA LEU A 77 0.22 -6.32 -12.75
C LEU A 77 0.17 -4.99 -13.53
N ILE A 78 0.51 -5.01 -14.85
CA ILE A 78 0.43 -3.82 -15.73
C ILE A 78 -1.02 -3.31 -15.80
N SER A 79 -1.96 -4.20 -16.07
CA SER A 79 -3.38 -3.87 -16.11
C SER A 79 -3.82 -3.18 -14.80
N LEU A 80 -3.35 -3.73 -13.71
CA LEU A 80 -3.60 -3.21 -12.38
C LEU A 80 -2.79 -1.90 -12.12
N GLU A 81 -1.68 -1.75 -12.85
CA GLU A 81 -0.75 -0.61 -12.73
C GLU A 81 -1.31 0.59 -13.50
N GLN A 82 -2.09 0.27 -14.52
CA GLN A 82 -2.70 1.26 -15.38
C GLN A 82 -3.76 2.04 -14.61
N TYR A 83 -4.31 1.39 -13.62
CA TYR A 83 -5.30 2.00 -12.77
C TYR A 83 -4.70 3.13 -11.97
N ASN A 84 -5.16 4.32 -12.22
CA ASN A 84 -4.56 5.45 -11.58
C ASN A 84 -5.48 6.04 -10.55
N LEU A 85 -5.48 5.45 -9.39
CA LEU A 85 -6.26 5.95 -8.29
C LEU A 85 -5.50 7.06 -7.57
N ASN A 86 -4.20 7.12 -7.84
CA ASN A 86 -3.31 8.11 -7.22
C ASN A 86 -3.46 9.48 -7.87
N ASP A 87 -4.27 9.57 -8.91
CA ASP A 87 -4.58 10.84 -9.58
C ASP A 87 -5.26 11.77 -8.61
N GLU A 88 -6.17 11.21 -7.89
CA GLU A 88 -6.93 11.89 -6.88
C GLU A 88 -6.11 11.84 -5.61
N PRO A 89 -6.32 12.77 -4.64
CA PRO A 89 -5.67 12.70 -3.32
C PRO A 89 -5.88 11.31 -2.74
N TYR A 90 -4.82 10.55 -2.64
CA TYR A 90 -4.93 9.16 -2.32
C TYR A 90 -4.21 8.88 -1.02
N GLU A 91 -4.23 9.85 -0.15
CA GLU A 91 -3.57 9.74 1.15
C GLU A 91 -4.33 8.78 2.08
N ASN A 92 -5.47 8.32 1.61
CA ASN A 92 -6.27 7.27 2.22
C ASN A 92 -5.51 5.96 2.16
N GLU A 93 -4.53 5.87 1.23
CA GLU A 93 -3.69 4.67 1.03
C GLU A 93 -3.33 3.98 2.34
N ILE A 94 -2.76 4.72 3.27
CA ILE A 94 -2.31 4.14 4.54
C ILE A 94 -3.52 3.69 5.36
N ASP A 95 -4.56 4.53 5.38
CA ASP A 95 -5.82 4.24 6.10
C ASP A 95 -6.40 2.93 5.63
N ASP A 96 -6.56 2.80 4.32
CA ASP A 96 -7.11 1.60 3.68
C ASP A 96 -6.18 0.40 3.90
N TYR A 97 -4.95 0.55 3.46
CA TYR A 97 -3.91 -0.48 3.50
C TYR A 97 -3.77 -1.11 4.88
N VAL A 98 -3.55 -0.29 5.89
CA VAL A 98 -3.33 -0.82 7.20
C VAL A 98 -4.61 -1.39 7.77
N ASN A 99 -5.75 -0.72 7.56
CA ASN A 99 -7.06 -1.22 8.06
C ASN A 99 -7.39 -2.58 7.44
N VAL A 100 -6.98 -2.78 6.20
CA VAL A 100 -7.19 -4.06 5.50
C VAL A 100 -6.32 -5.17 6.07
N ILE A 101 -5.15 -4.83 6.46
CA ILE A 101 -4.23 -5.81 6.94
C ILE A 101 -4.52 -6.06 8.41
N ASN A 102 -4.87 -4.98 9.08
CA ASN A 102 -5.26 -4.98 10.46
C ASN A 102 -6.74 -5.40 10.57
N GLU A 103 -7.32 -5.81 9.45
CA GLU A 103 -8.65 -6.38 9.45
C GLU A 103 -8.51 -7.76 10.09
N LYS A 104 -7.28 -8.24 10.09
CA LYS A 104 -6.89 -9.45 10.78
C LYS A 104 -6.31 -9.04 12.16
N GLY A 105 -6.89 -7.96 12.69
CA GLY A 105 -6.41 -7.26 13.87
C GLY A 105 -6.68 -7.93 15.19
N GLN A 106 -6.09 -9.04 15.36
CA GLN A 106 -6.04 -9.70 16.65
C GLN A 106 -4.82 -9.16 17.39
N GLU A 107 -4.54 -9.65 18.59
CA GLU A 107 -3.35 -9.19 19.34
C GLU A 107 -2.09 -9.43 18.49
N THR A 108 -1.07 -8.58 18.68
CA THR A 108 0.18 -8.58 17.89
C THR A 108 -0.02 -7.76 16.62
N ILE A 109 -1.17 -7.94 16.01
CA ILE A 109 -1.53 -7.31 14.76
C ILE A 109 -2.15 -6.00 15.12
N GLU A 110 -2.79 -6.00 16.27
CA GLU A 110 -3.47 -4.86 16.84
C GLU A 110 -2.48 -3.69 17.09
N SER A 111 -1.21 -4.01 17.05
CA SER A 111 -0.15 -3.06 17.14
C SER A 111 -0.25 -2.13 15.91
N LEU A 112 -0.72 -2.71 14.80
CA LEU A 112 -0.92 -1.96 13.56
C LEU A 112 -2.03 -0.94 13.75
N ASN A 113 -3.10 -1.36 14.42
CA ASN A 113 -4.24 -0.50 14.74
C ASN A 113 -3.76 0.68 15.56
N HIS A 114 -2.91 0.38 16.51
CA HIS A 114 -2.27 1.38 17.34
C HIS A 114 -1.48 2.37 16.49
N LYS A 115 -0.67 1.83 15.59
CA LYS A 115 0.11 2.64 14.69
C LYS A 115 -0.78 3.53 13.81
N LEU A 116 -1.96 3.02 13.42
CA LEU A 116 -2.95 3.83 12.69
C LEU A 116 -3.27 5.11 13.43
N ARG A 117 -3.62 4.99 14.69
CA ARG A 117 -3.95 6.18 15.49
C ARG A 117 -2.77 7.14 15.58
N GLU A 118 -1.60 6.58 15.81
CA GLU A 118 -0.38 7.36 15.96
C GLU A 118 0.03 8.04 14.62
N ALA A 119 0.16 7.25 13.57
CA ALA A 119 0.57 7.76 12.25
C ALA A 119 -0.41 8.80 11.70
N THR A 120 -1.65 8.67 12.05
CA THR A 120 -2.62 9.63 11.59
C THR A 120 -2.67 10.92 12.41
N ARG A 121 -2.28 10.91 13.70
CA ARG A 121 -2.28 12.18 14.50
C ARG A 121 -1.40 13.29 13.83
N ILE A 122 -0.48 12.81 13.06
CA ILE A 122 0.36 13.50 12.10
C ILE A 122 -0.39 13.60 10.72
N GLY A 123 -1.50 14.36 10.67
CA GLY A 123 -2.67 14.06 9.86
C GLY A 123 -3.90 14.52 10.65
N ASP A 124 -3.93 15.86 10.71
CA ASP A 124 -4.68 16.81 11.58
C ASP A 124 -6.20 16.53 11.56
N VAL A 125 -6.96 17.25 12.43
CA VAL A 125 -8.15 16.88 13.31
C VAL A 125 -8.96 15.54 13.01
N GLU A 126 -8.62 14.84 11.96
CA GLU A 126 -8.89 13.41 11.94
C GLU A 126 -8.03 12.86 13.09
N LEU A 127 -6.92 13.59 13.30
CA LEU A 127 -6.01 13.47 14.43
C LEU A 127 -6.78 13.50 15.74
N GLN A 128 -7.71 14.44 15.92
CA GLN A 128 -8.53 14.51 17.13
C GLN A 128 -9.27 13.22 17.31
N LYS A 129 -9.89 12.76 16.24
CA LYS A 129 -10.58 11.46 16.26
C LYS A 129 -9.59 10.35 16.62
N TYR A 130 -8.46 10.34 15.96
CA TYR A 130 -7.40 9.37 16.21
C TYR A 130 -6.86 9.43 17.64
N TYR A 131 -6.69 10.61 18.17
CA TYR A 131 -6.27 10.82 19.56
C TYR A 131 -7.30 10.19 20.52
N LEU A 132 -8.59 10.39 20.22
CA LEU A 132 -9.66 9.75 21.00
C LEU A 132 -9.52 8.23 20.89
N GLN A 133 -9.23 7.78 19.70
CA GLN A 133 -9.03 6.38 19.43
C GLN A 133 -7.76 5.84 20.09
N GLN A 134 -6.79 6.70 20.33
CA GLN A 134 -5.59 6.32 21.05
C GLN A 134 -5.98 6.04 22.50
N ILE A 135 -6.86 6.88 23.03
CA ILE A 135 -7.42 6.71 24.36
C ILE A 135 -8.10 5.33 24.47
N VAL A 136 -8.93 4.98 23.48
CA VAL A 136 -9.60 3.68 23.48
C VAL A 136 -8.58 2.54 23.24
N ALA A 137 -7.50 2.83 22.52
CA ALA A 137 -6.41 1.86 22.31
C ALA A 137 -5.69 1.60 23.62
N LYS A 138 -5.56 2.62 24.41
CA LYS A 138 -5.02 2.53 25.74
C LYS A 138 -5.99 1.75 26.64
N ASN A 139 -7.28 2.00 26.44
CA ASN A 139 -8.36 1.28 27.14
C ASN A 139 -8.35 -0.22 26.73
N LYS A 140 -7.89 -0.46 25.53
CA LYS A 140 -7.69 -1.80 25.00
C LYS A 140 -6.55 -2.46 25.80
N GLU A 141 -5.45 -1.75 25.91
CA GLU A 141 -4.27 -2.22 26.65
C GLU A 141 -4.37 -1.99 28.17
N ARG A 142 -5.53 -1.54 28.63
CA ARG A 142 -5.82 -1.30 30.07
C ARG A 142 -5.95 -2.66 30.84
N MET A 143 -5.03 -3.53 30.55
CA MET A 143 -4.95 -4.81 31.15
C MET A 143 -3.85 -4.78 32.20
N PHE A 1 -9.20 -24.73 -2.32
CA PHE A 1 -9.67 -23.34 -2.41
C PHE A 1 -8.57 -22.29 -2.25
N ASP A 2 -8.61 -21.28 -3.08
CA ASP A 2 -7.66 -20.17 -3.02
C ASP A 2 -8.09 -19.18 -1.96
N ASN A 3 -7.18 -18.33 -1.56
CA ASN A 3 -7.42 -17.34 -0.55
C ASN A 3 -7.00 -16.00 -1.09
N LEU A 4 -7.84 -15.44 -1.93
CA LEU A 4 -7.59 -14.14 -2.50
C LEU A 4 -7.70 -13.09 -1.40
N SER A 5 -6.59 -12.66 -0.91
CA SER A 5 -6.53 -11.76 0.20
C SER A 5 -6.98 -10.34 -0.16
N ARG A 6 -7.81 -9.74 0.72
CA ARG A 6 -8.23 -8.34 0.61
C ARG A 6 -6.98 -7.48 0.66
N GLN A 7 -6.10 -7.93 1.51
CA GLN A 7 -4.85 -7.29 1.80
C GLN A 7 -3.95 -7.29 0.59
N GLU A 8 -4.19 -8.19 -0.39
CA GLU A 8 -3.39 -8.18 -1.59
C GLU A 8 -3.68 -6.91 -2.34
N LYS A 9 -4.96 -6.50 -2.38
CA LYS A 9 -5.32 -5.27 -3.04
C LYS A 9 -4.67 -4.10 -2.32
N ALA A 10 -4.66 -4.16 -1.00
CA ALA A 10 -3.96 -3.16 -0.19
C ALA A 10 -2.48 -3.12 -0.58
N GLU A 11 -1.87 -4.30 -0.68
CA GLU A 11 -0.49 -4.42 -1.13
C GLU A 11 -0.31 -3.81 -2.50
N ARG A 12 -1.18 -4.19 -3.46
CA ARG A 12 -1.08 -3.68 -4.85
C ARG A 12 -1.19 -2.16 -4.87
N ALA A 13 -1.95 -1.59 -3.95
CA ALA A 13 -2.07 -0.15 -3.83
C ALA A 13 -0.74 0.45 -3.42
N PHE A 14 -0.22 0.01 -2.29
CA PHE A 14 1.06 0.49 -1.79
C PHE A 14 2.25 0.16 -2.73
N LEU A 15 2.16 -0.99 -3.36
CA LEU A 15 3.20 -1.53 -4.25
C LEU A 15 3.26 -0.79 -5.60
N LYS A 16 2.29 0.08 -5.83
CA LYS A 16 2.15 0.87 -7.07
C LYS A 16 3.47 1.54 -7.51
N HIS A 17 4.23 2.04 -6.54
CA HIS A 17 5.51 2.78 -6.71
C HIS A 17 5.27 4.25 -6.97
N LEU A 18 5.95 5.09 -6.23
CA LEU A 18 5.87 6.48 -6.48
C LEU A 18 7.01 6.90 -7.41
N MET A 19 8.10 7.39 -6.87
CA MET A 19 9.20 7.78 -7.73
C MET A 19 10.27 6.78 -7.91
N ARG A 20 11.30 6.80 -7.10
CA ARG A 20 12.37 5.89 -7.39
C ARG A 20 12.01 4.46 -6.92
N ASP A 21 12.53 4.07 -5.81
CA ASP A 21 12.21 2.83 -5.18
C ASP A 21 12.17 3.02 -3.70
N LYS A 22 13.31 3.56 -3.20
CA LYS A 22 13.66 3.68 -1.74
C LYS A 22 12.47 3.95 -0.86
N ASP A 23 11.90 5.12 -1.06
CA ASP A 23 10.84 5.62 -0.21
C ASP A 23 9.67 4.70 -0.24
N THR A 24 9.22 4.37 -1.42
CA THR A 24 8.07 3.52 -1.63
C THR A 24 8.28 2.12 -1.05
N PHE A 25 9.42 1.54 -1.36
CA PHE A 25 9.79 0.22 -0.95
C PHE A 25 9.67 0.12 0.54
N LEU A 26 10.41 0.94 1.23
CA LEU A 26 10.40 0.92 2.69
C LEU A 26 9.06 1.40 3.25
N ASN A 27 8.34 2.27 2.50
CA ASN A 27 7.05 2.80 2.98
C ASN A 27 6.02 1.75 3.12
N TYR A 28 6.08 0.73 2.32
CA TYR A 28 5.21 -0.31 2.44
C TYR A 28 5.88 -1.41 3.28
N TYR A 29 7.07 -1.78 2.86
CA TYR A 29 7.77 -2.96 3.32
C TYR A 29 8.16 -2.91 4.79
N GLU A 30 8.59 -1.77 5.28
CA GLU A 30 8.96 -1.65 6.68
C GLU A 30 7.76 -1.44 7.59
N SER A 31 6.64 -1.18 6.97
CA SER A 31 5.40 -1.02 7.68
C SER A 31 4.75 -2.40 7.90
N VAL A 32 5.28 -3.42 7.23
CA VAL A 32 4.72 -4.74 7.31
C VAL A 32 5.70 -5.70 8.01
N ASP A 33 5.36 -6.10 9.22
CA ASP A 33 6.18 -7.08 9.98
C ASP A 33 5.59 -8.45 9.74
N LYS A 34 4.38 -8.41 9.26
CA LYS A 34 3.56 -9.57 8.92
C LYS A 34 3.78 -10.00 7.46
N ASP A 35 4.91 -9.57 6.91
CA ASP A 35 5.27 -9.77 5.49
C ASP A 35 5.31 -11.23 5.03
N ASN A 36 5.17 -12.19 5.92
CA ASN A 36 5.13 -13.58 5.49
C ASN A 36 3.75 -13.94 4.94
N PHE A 37 2.81 -13.04 5.14
CA PHE A 37 1.45 -13.18 4.63
C PHE A 37 1.38 -12.73 3.15
N THR A 38 2.46 -12.12 2.66
CA THR A 38 2.52 -11.53 1.31
C THR A 38 2.18 -12.47 0.17
N ASN A 39 1.85 -11.87 -0.92
CA ASN A 39 1.52 -12.57 -2.11
C ASN A 39 2.76 -12.79 -2.99
N GLN A 40 2.69 -13.73 -3.93
CA GLN A 40 3.83 -14.07 -4.79
C GLN A 40 3.96 -13.02 -5.88
N HIS A 41 2.87 -12.37 -6.14
CA HIS A 41 2.84 -11.27 -7.09
C HIS A 41 3.78 -10.19 -6.54
N PHE A 42 3.62 -9.93 -5.26
CA PHE A 42 4.48 -9.05 -4.51
C PHE A 42 5.93 -9.52 -4.57
N LYS A 43 6.13 -10.83 -4.60
CA LYS A 43 7.45 -11.38 -4.57
C LYS A 43 8.19 -10.99 -5.78
N TYR A 44 7.56 -11.15 -6.97
CA TYR A 44 8.27 -10.79 -8.18
C TYR A 44 8.61 -9.30 -8.17
N VAL A 45 7.70 -8.47 -7.64
CA VAL A 45 7.94 -7.03 -7.58
C VAL A 45 9.09 -6.71 -6.62
N PHE A 46 8.98 -7.19 -5.36
CA PHE A 46 10.04 -7.04 -4.32
C PHE A 46 11.40 -7.46 -4.87
N GLU A 47 11.38 -8.52 -5.64
CA GLU A 47 12.55 -9.10 -6.26
C GLU A 47 13.23 -8.07 -7.18
N VAL A 48 12.49 -7.52 -8.15
CA VAL A 48 13.04 -6.50 -9.06
C VAL A 48 13.41 -5.23 -8.27
N LEU A 49 12.54 -4.85 -7.33
CA LEU A 49 12.74 -3.63 -6.55
C LEU A 49 14.05 -3.66 -5.78
N HIS A 50 14.24 -4.73 -5.00
CA HIS A 50 15.44 -4.91 -4.21
C HIS A 50 16.66 -4.99 -5.13
N ASP A 51 16.47 -5.55 -6.32
CA ASP A 51 17.55 -5.66 -7.32
C ASP A 51 18.03 -4.27 -7.73
N PHE A 52 17.09 -3.37 -7.90
CA PHE A 52 17.41 -1.99 -8.22
C PHE A 52 18.05 -1.36 -7.03
N TYR A 53 17.34 -1.37 -5.90
CA TYR A 53 17.77 -0.77 -4.62
C TYR A 53 19.22 -1.18 -4.26
N ALA A 54 19.57 -2.42 -4.61
CA ALA A 54 20.91 -2.96 -4.35
C ALA A 54 22.00 -2.24 -5.14
N GLU A 55 21.62 -1.63 -6.25
CA GLU A 55 22.58 -0.90 -7.09
C GLU A 55 22.27 0.61 -7.05
N ASN A 56 21.07 0.95 -7.43
CA ASN A 56 20.53 2.30 -7.39
C ASN A 56 19.01 2.21 -7.38
N ASP A 57 18.39 2.75 -6.37
CA ASP A 57 16.96 2.57 -6.18
C ASP A 57 16.14 3.46 -7.13
N GLN A 58 15.68 2.89 -8.22
CA GLN A 58 14.69 3.51 -9.10
C GLN A 58 13.75 2.48 -9.64
N TYR A 59 12.46 2.77 -9.75
CA TYR A 59 11.67 1.86 -10.45
C TYR A 59 11.80 2.23 -11.89
N ASN A 60 12.53 1.44 -12.62
CA ASN A 60 12.76 1.74 -13.99
C ASN A 60 11.60 1.18 -14.80
N ILE A 61 10.81 2.09 -15.34
CA ILE A 61 9.63 1.80 -16.14
C ILE A 61 10.00 0.92 -17.33
N SER A 62 11.20 1.13 -17.84
CA SER A 62 11.73 0.38 -18.93
C SER A 62 11.76 -1.12 -18.61
N ASP A 63 12.10 -1.49 -17.36
CA ASP A 63 12.18 -2.91 -16.98
C ASP A 63 10.79 -3.50 -17.07
N ALA A 64 9.83 -2.73 -16.55
CA ALA A 64 8.42 -3.12 -16.55
C ALA A 64 7.92 -3.38 -17.97
N VAL A 65 8.12 -2.42 -18.85
CA VAL A 65 7.71 -2.53 -20.22
C VAL A 65 8.51 -3.61 -20.97
N GLN A 66 9.71 -3.94 -20.52
CA GLN A 66 10.44 -5.04 -21.11
C GLN A 66 9.72 -6.35 -20.79
N TYR A 67 9.00 -6.35 -19.68
CA TYR A 67 8.16 -7.48 -19.29
C TYR A 67 6.87 -7.57 -20.13
N VAL A 68 6.60 -6.64 -21.09
CA VAL A 68 5.25 -6.66 -21.81
C VAL A 68 5.02 -7.80 -22.82
N ASN A 69 5.76 -8.85 -22.69
CA ASN A 69 5.52 -10.04 -23.49
C ASN A 69 5.44 -11.22 -22.55
N SER A 70 6.31 -11.15 -21.62
CA SER A 70 6.55 -12.07 -20.55
C SER A 70 5.47 -11.94 -19.40
N ASN A 71 6.01 -12.15 -18.18
CA ASN A 71 5.57 -12.12 -16.75
C ASN A 71 4.44 -11.19 -16.38
N GLU A 72 3.53 -10.99 -17.32
CA GLU A 72 2.26 -10.13 -17.34
C GLU A 72 1.51 -9.94 -15.97
N LEU A 73 2.11 -10.38 -14.92
CA LEU A 73 1.73 -9.97 -13.58
C LEU A 73 2.05 -8.46 -13.57
N ARG A 74 3.02 -8.14 -14.45
CA ARG A 74 3.41 -6.82 -14.86
C ARG A 74 2.22 -6.06 -15.45
N GLU A 75 1.36 -6.74 -16.21
CA GLU A 75 0.19 -6.11 -16.84
C GLU A 75 -0.66 -5.59 -15.75
N THR A 76 -0.87 -6.44 -14.76
CA THR A 76 -1.58 -6.03 -13.58
C THR A 76 -0.89 -4.78 -12.95
N LEU A 77 0.42 -4.85 -12.79
CA LEU A 77 1.20 -3.72 -12.23
C LEU A 77 1.08 -2.44 -13.08
N ILE A 78 1.03 -2.57 -14.39
CA ILE A 78 0.87 -1.41 -15.27
C ILE A 78 -0.52 -0.79 -15.05
N SER A 79 -1.50 -1.63 -14.78
CA SER A 79 -2.83 -1.19 -14.39
C SER A 79 -2.72 -0.28 -13.12
N LEU A 80 -1.84 -0.68 -12.19
CA LEU A 80 -1.53 0.09 -10.96
C LEU A 80 -0.97 1.47 -11.34
N GLU A 81 -0.24 1.52 -12.43
CA GLU A 81 0.33 2.75 -12.94
C GLU A 81 -0.66 3.58 -13.72
N GLN A 82 -1.61 2.92 -14.38
CA GLN A 82 -2.67 3.61 -15.08
C GLN A 82 -3.58 4.24 -14.04
N TYR A 83 -3.70 3.56 -12.92
CA TYR A 83 -4.35 4.07 -11.75
C TYR A 83 -3.56 5.26 -11.23
N ASN A 84 -4.16 6.40 -11.30
CA ASN A 84 -3.50 7.63 -10.94
C ASN A 84 -4.00 8.15 -9.62
N LEU A 85 -3.09 8.64 -8.79
CA LEU A 85 -3.45 9.23 -7.50
C LEU A 85 -3.95 10.67 -7.69
N ASN A 86 -4.14 11.03 -8.93
CA ASN A 86 -4.72 12.30 -9.34
C ASN A 86 -6.19 12.32 -8.93
N ASP A 87 -6.83 11.19 -9.15
CA ASP A 87 -8.25 11.00 -8.80
C ASP A 87 -8.40 11.00 -7.31
N GLU A 88 -7.76 10.07 -6.67
CA GLU A 88 -7.77 9.96 -5.26
C GLU A 88 -6.32 9.95 -4.78
N PRO A 89 -5.92 10.94 -3.94
CA PRO A 89 -4.53 11.07 -3.44
C PRO A 89 -4.06 9.90 -2.57
N TYR A 90 -2.91 10.04 -1.92
CA TYR A 90 -2.31 8.90 -1.24
C TYR A 90 -2.72 8.77 0.20
N GLU A 91 -3.29 9.79 0.71
CA GLU A 91 -3.73 9.80 2.08
C GLU A 91 -4.85 8.81 2.28
N ASN A 92 -5.77 8.81 1.34
CA ASN A 92 -6.84 7.85 1.33
C ASN A 92 -6.32 6.48 1.05
N GLU A 93 -5.18 6.41 0.40
CA GLU A 93 -4.61 5.12 0.07
C GLU A 93 -4.07 4.47 1.32
N ILE A 94 -3.32 5.24 2.10
CA ILE A 94 -2.76 4.79 3.38
C ILE A 94 -3.85 4.34 4.33
N ASP A 95 -4.87 5.16 4.49
CA ASP A 95 -5.97 4.81 5.38
C ASP A 95 -6.67 3.54 4.95
N ASP A 96 -7.07 3.50 3.69
CA ASP A 96 -7.79 2.34 3.13
C ASP A 96 -6.92 1.09 3.23
N TYR A 97 -5.65 1.24 2.90
CA TYR A 97 -4.64 0.17 2.99
C TYR A 97 -4.61 -0.41 4.40
N VAL A 98 -4.45 0.45 5.38
CA VAL A 98 -4.40 0.05 6.77
C VAL A 98 -5.74 -0.56 7.21
N ASN A 99 -6.81 0.09 6.80
CA ASN A 99 -8.18 -0.32 7.13
C ASN A 99 -8.47 -1.70 6.56
N VAL A 100 -8.04 -1.96 5.33
CA VAL A 100 -8.23 -3.26 4.65
C VAL A 100 -7.48 -4.39 5.33
N ILE A 101 -6.29 -4.13 5.74
CA ILE A 101 -5.48 -5.16 6.29
C ILE A 101 -5.94 -5.47 7.69
N ASN A 102 -6.35 -4.45 8.36
CA ASN A 102 -6.75 -4.56 9.72
C ASN A 102 -8.26 -4.85 9.83
N GLU A 103 -8.99 -4.81 8.69
CA GLU A 103 -10.42 -5.11 8.72
C GLU A 103 -10.59 -6.60 8.83
N LYS A 104 -9.57 -7.32 8.37
CA LYS A 104 -9.54 -8.76 8.47
C LYS A 104 -8.88 -9.20 9.78
N GLY A 105 -8.71 -8.24 10.67
CA GLY A 105 -8.09 -8.51 11.93
C GLY A 105 -8.99 -8.17 13.09
N GLN A 106 -9.45 -6.93 13.13
CA GLN A 106 -10.25 -6.45 14.25
C GLN A 106 -11.75 -6.73 14.11
N GLU A 107 -12.41 -6.75 15.26
CA GLU A 107 -13.84 -7.03 15.44
C GLU A 107 -14.78 -6.02 14.68
N THR A 108 -16.09 -6.34 14.66
CA THR A 108 -17.10 -5.55 14.00
C THR A 108 -17.48 -4.33 14.85
N ILE A 109 -17.02 -4.30 16.06
CA ILE A 109 -17.27 -3.15 16.91
C ILE A 109 -16.18 -2.20 16.61
N GLU A 110 -15.05 -2.77 16.27
CA GLU A 110 -13.95 -2.01 15.84
C GLU A 110 -14.22 -1.44 14.46
N SER A 111 -15.12 -2.06 13.73
CA SER A 111 -15.50 -1.59 12.42
C SER A 111 -16.11 -0.18 12.51
N LEU A 112 -16.83 0.11 13.60
CA LEU A 112 -17.34 1.46 13.85
C LEU A 112 -16.16 2.39 14.07
N ASN A 113 -15.23 1.95 14.92
CA ASN A 113 -14.02 2.70 15.22
C ASN A 113 -13.19 2.94 13.93
N HIS A 114 -13.12 1.92 13.08
CA HIS A 114 -12.49 2.01 11.76
C HIS A 114 -13.14 3.09 10.93
N LYS A 115 -14.46 3.18 11.02
CA LYS A 115 -15.25 4.16 10.26
C LYS A 115 -14.89 5.60 10.63
N LEU A 116 -14.87 5.92 11.92
CA LEU A 116 -14.45 7.26 12.37
C LEU A 116 -12.99 7.55 11.98
N ARG A 117 -12.14 6.57 12.19
CA ARG A 117 -10.73 6.62 11.77
C ARG A 117 -10.62 6.83 10.23
N GLU A 118 -11.55 6.24 9.51
CA GLU A 118 -11.65 6.36 8.07
C GLU A 118 -11.95 7.81 7.70
N ALA A 119 -12.70 8.50 8.53
CA ALA A 119 -12.91 9.93 8.34
C ALA A 119 -11.60 10.72 8.57
N THR A 120 -10.80 10.23 9.52
CA THR A 120 -9.49 10.78 9.89
C THR A 120 -8.51 10.77 8.68
N ARG A 121 -8.74 9.82 7.80
CA ARG A 121 -8.03 9.58 6.50
C ARG A 121 -7.46 10.85 5.78
N ILE A 122 -8.14 11.96 5.88
CA ILE A 122 -7.79 13.15 5.10
C ILE A 122 -6.51 13.87 5.63
N GLY A 123 -6.03 13.47 6.79
CA GLY A 123 -4.78 14.06 7.31
C GLY A 123 -5.03 15.31 8.13
N ASP A 124 -6.27 15.56 8.37
CA ASP A 124 -6.79 16.68 9.14
C ASP A 124 -6.73 16.36 10.64
N VAL A 125 -6.91 17.37 11.53
CA VAL A 125 -6.96 17.25 13.00
C VAL A 125 -7.86 16.11 13.51
N GLU A 126 -8.60 15.46 12.62
CA GLU A 126 -9.23 14.22 12.95
C GLU A 126 -8.16 13.14 13.30
N LEU A 127 -6.87 13.43 13.02
CA LEU A 127 -5.73 12.63 13.51
C LEU A 127 -5.61 12.81 15.03
N GLN A 128 -5.87 14.04 15.47
CA GLN A 128 -5.97 14.33 16.90
C GLN A 128 -7.11 13.47 17.48
N LYS A 129 -8.17 13.38 16.70
CA LYS A 129 -9.32 12.57 17.04
C LYS A 129 -8.97 11.07 16.98
N TYR A 130 -7.98 10.72 16.16
CA TYR A 130 -7.46 9.34 16.11
C TYR A 130 -6.88 8.97 17.45
N TYR A 131 -6.17 9.90 18.06
CA TYR A 131 -5.65 9.73 19.39
C TYR A 131 -6.82 9.48 20.35
N LEU A 132 -7.87 10.25 20.16
CA LEU A 132 -9.10 10.06 20.92
C LEU A 132 -9.69 8.66 20.67
N GLN A 133 -9.67 8.21 19.40
CA GLN A 133 -10.17 6.88 19.00
C GLN A 133 -9.39 5.75 19.66
N GLN A 134 -8.14 6.00 19.95
CA GLN A 134 -7.31 5.07 20.70
C GLN A 134 -7.92 4.93 22.12
N ILE A 135 -8.12 6.07 22.75
CA ILE A 135 -8.78 6.16 24.06
C ILE A 135 -10.21 5.57 24.02
N VAL A 136 -10.98 5.96 23.01
CA VAL A 136 -12.36 5.52 22.84
C VAL A 136 -12.45 4.01 22.69
N ALA A 137 -11.56 3.42 21.91
CA ALA A 137 -11.54 1.97 21.73
C ALA A 137 -11.29 1.29 23.09
N LYS A 138 -10.44 1.90 23.91
CA LYS A 138 -10.18 1.38 25.25
C LYS A 138 -11.42 1.54 26.13
N ASN A 139 -12.09 2.70 26.02
CA ASN A 139 -13.32 2.99 26.80
C ASN A 139 -14.46 2.05 26.36
N LYS A 140 -14.44 1.73 25.09
CA LYS A 140 -15.38 0.82 24.46
C LYS A 140 -15.18 -0.60 25.04
N GLU A 141 -13.91 -0.99 25.16
CA GLU A 141 -13.52 -2.27 25.76
C GLU A 141 -13.54 -2.23 27.31
N ARG A 142 -13.76 -1.07 27.84
CA ARG A 142 -13.88 -0.83 29.27
C ARG A 142 -15.24 -1.27 29.79
N MET A 143 -16.27 -0.73 29.20
CA MET A 143 -17.62 -0.99 29.63
C MET A 143 -18.25 -2.07 28.77
N PHE A 1 -14.18 -16.91 -2.87
CA PHE A 1 -12.80 -16.71 -3.24
C PHE A 1 -12.68 -16.44 -4.72
N ASP A 2 -12.01 -15.35 -5.00
CA ASP A 2 -11.77 -14.88 -6.34
C ASP A 2 -10.25 -14.87 -6.56
N ASN A 3 -9.73 -13.87 -7.26
CA ASN A 3 -8.34 -13.72 -7.48
C ASN A 3 -7.74 -13.07 -6.23
N LEU A 4 -6.93 -12.09 -6.44
CA LEU A 4 -6.18 -11.38 -5.42
C LEU A 4 -7.11 -10.97 -4.29
N SER A 5 -6.70 -11.29 -3.11
CA SER A 5 -7.49 -11.07 -1.92
C SER A 5 -7.53 -9.60 -1.50
N ARG A 6 -8.26 -9.31 -0.43
CA ARG A 6 -8.39 -7.95 0.06
C ARG A 6 -7.06 -7.32 0.45
N GLN A 7 -6.17 -8.08 1.11
CA GLN A 7 -4.86 -7.52 1.43
C GLN A 7 -4.01 -7.35 0.18
N GLU A 8 -4.22 -8.20 -0.80
CA GLU A 8 -3.51 -8.10 -2.06
C GLU A 8 -3.98 -6.90 -2.85
N LYS A 9 -5.25 -6.60 -2.74
CA LYS A 9 -5.79 -5.40 -3.32
C LYS A 9 -5.24 -4.19 -2.63
N ALA A 10 -5.01 -4.31 -1.36
CA ALA A 10 -4.47 -3.24 -0.61
C ALA A 10 -2.99 -3.02 -0.99
N GLU A 11 -2.22 -4.10 -1.06
CA GLU A 11 -0.81 -4.03 -1.48
C GLU A 11 -0.71 -3.50 -2.91
N ARG A 12 -1.58 -4.03 -3.80
CA ARG A 12 -1.65 -3.49 -5.16
C ARG A 12 -1.91 -1.97 -5.14
N ALA A 13 -2.80 -1.54 -4.27
CA ALA A 13 -3.14 -0.14 -4.16
C ALA A 13 -1.94 0.67 -3.69
N PHE A 14 -1.26 0.16 -2.69
CA PHE A 14 -0.09 0.79 -2.14
C PHE A 14 1.08 0.89 -3.12
N LEU A 15 1.05 0.08 -4.16
CA LEU A 15 2.08 0.16 -5.19
C LEU A 15 1.95 1.43 -6.03
N LYS A 16 0.80 2.10 -5.97
CA LYS A 16 0.54 3.36 -6.72
C LYS A 16 1.21 4.58 -6.05
N HIS A 17 2.28 4.33 -5.32
CA HIS A 17 2.97 5.37 -4.54
C HIS A 17 4.02 6.11 -5.38
N LEU A 18 3.96 5.93 -6.69
CA LEU A 18 4.92 6.53 -7.63
C LEU A 18 6.28 5.84 -7.52
N MET A 19 7.23 6.37 -8.24
CA MET A 19 8.56 5.81 -8.28
C MET A 19 9.41 6.41 -7.15
N ARG A 20 9.16 7.69 -6.89
CA ARG A 20 9.93 8.52 -5.94
C ARG A 20 9.97 7.98 -4.53
N ASP A 21 8.84 7.60 -4.06
CA ASP A 21 8.58 7.21 -2.70
C ASP A 21 9.18 5.87 -2.26
N LYS A 22 10.49 5.78 -2.37
CA LYS A 22 11.28 4.62 -1.95
C LYS A 22 11.06 4.29 -0.48
N ASP A 23 10.92 5.33 0.35
CA ASP A 23 10.62 5.15 1.79
C ASP A 23 9.36 4.34 1.95
N THR A 24 8.37 4.69 1.16
CA THR A 24 7.09 4.07 1.18
C THR A 24 7.18 2.58 0.77
N PHE A 25 8.14 2.27 -0.13
CA PHE A 25 8.39 0.91 -0.55
C PHE A 25 8.81 0.05 0.67
N LEU A 26 9.78 0.53 1.43
CA LEU A 26 10.25 -0.23 2.61
C LEU A 26 9.23 -0.14 3.74
N ASN A 27 8.60 1.02 3.88
CA ASN A 27 7.64 1.29 4.97
C ASN A 27 6.44 0.37 4.93
N TYR A 28 5.90 0.12 3.76
CA TYR A 28 4.76 -0.76 3.68
C TYR A 28 5.25 -2.20 3.77
N TYR A 29 6.39 -2.45 3.13
CA TYR A 29 7.02 -3.76 3.14
C TYR A 29 7.28 -4.29 4.56
N GLU A 30 7.88 -3.47 5.41
CA GLU A 30 8.21 -3.91 6.76
C GLU A 30 7.01 -3.89 7.71
N SER A 31 5.90 -3.34 7.27
CA SER A 31 4.67 -3.37 8.05
C SER A 31 3.98 -4.74 7.86
N VAL A 32 4.43 -5.43 6.85
CA VAL A 32 3.95 -6.72 6.47
C VAL A 32 4.90 -7.79 6.99
N ASP A 33 4.35 -8.81 7.59
CA ASP A 33 5.16 -9.92 8.08
C ASP A 33 4.36 -11.20 8.02
N LYS A 34 3.19 -11.20 8.65
CA LYS A 34 2.32 -12.39 8.61
C LYS A 34 1.42 -12.27 7.40
N ASP A 35 1.27 -11.04 6.98
CA ASP A 35 0.49 -10.60 5.82
C ASP A 35 1.24 -10.99 4.53
N ASN A 36 2.43 -11.59 4.69
CA ASN A 36 3.32 -11.97 3.58
C ASN A 36 2.81 -13.29 2.93
N PHE A 37 1.51 -13.57 3.10
CA PHE A 37 0.86 -14.72 2.50
C PHE A 37 0.58 -14.40 1.04
N THR A 38 0.80 -13.14 0.71
CA THR A 38 0.51 -12.54 -0.55
C THR A 38 1.13 -13.22 -1.74
N ASN A 39 0.65 -12.83 -2.91
CA ASN A 39 1.02 -13.42 -4.16
C ASN A 39 2.49 -13.19 -4.42
N GLN A 40 3.13 -14.15 -5.08
CA GLN A 40 4.56 -14.08 -5.36
C GLN A 40 4.90 -12.92 -6.29
N HIS A 41 3.89 -12.38 -6.90
CA HIS A 41 4.03 -11.23 -7.76
C HIS A 41 4.44 -10.03 -6.95
N PHE A 42 3.89 -9.89 -5.76
CA PHE A 42 4.27 -8.81 -4.86
C PHE A 42 5.73 -8.95 -4.46
N LYS A 43 6.13 -10.19 -4.28
CA LYS A 43 7.51 -10.51 -3.97
C LYS A 43 8.37 -10.18 -5.17
N TYR A 44 7.86 -10.51 -6.33
CA TYR A 44 8.54 -10.22 -7.58
C TYR A 44 8.72 -8.70 -7.73
N VAL A 45 7.69 -7.94 -7.36
CA VAL A 45 7.78 -6.48 -7.31
C VAL A 45 8.95 -6.10 -6.43
N PHE A 46 8.90 -6.58 -5.18
CA PHE A 46 9.98 -6.40 -4.21
C PHE A 46 11.36 -6.70 -4.83
N GLU A 47 11.49 -7.87 -5.44
CA GLU A 47 12.72 -8.34 -6.05
C GLU A 47 13.26 -7.38 -7.11
N VAL A 48 12.47 -7.13 -8.16
CA VAL A 48 12.92 -6.28 -9.28
C VAL A 48 13.24 -4.89 -8.81
N LEU A 49 12.38 -4.35 -7.96
CA LEU A 49 12.58 -3.01 -7.47
C LEU A 49 13.85 -2.93 -6.66
N HIS A 50 14.00 -3.85 -5.71
CA HIS A 50 15.14 -3.87 -4.80
C HIS A 50 16.45 -4.12 -5.58
N ASP A 51 16.38 -4.93 -6.61
CA ASP A 51 17.55 -5.25 -7.44
C ASP A 51 18.11 -4.01 -8.11
N PHE A 52 17.24 -3.18 -8.64
CA PHE A 52 17.68 -1.94 -9.24
C PHE A 52 18.06 -0.99 -8.16
N TYR A 53 17.19 -0.87 -7.18
CA TYR A 53 17.33 0.02 -6.01
C TYR A 53 18.73 -0.12 -5.37
N ALA A 54 19.24 -1.35 -5.36
CA ALA A 54 20.54 -1.64 -4.81
C ALA A 54 21.69 -1.00 -5.61
N GLU A 55 21.58 -1.02 -6.92
CA GLU A 55 22.71 -0.57 -7.75
C GLU A 55 22.41 0.67 -8.57
N ASN A 56 21.25 0.69 -9.07
CA ASN A 56 20.78 1.69 -9.98
C ASN A 56 19.82 2.60 -9.20
N ASP A 57 18.89 3.16 -9.89
CA ASP A 57 17.94 4.07 -9.34
C ASP A 57 16.60 3.34 -9.21
N GLN A 58 15.52 4.06 -9.12
CA GLN A 58 14.22 3.49 -8.87
C GLN A 58 13.61 2.87 -10.15
N TYR A 59 12.55 2.12 -9.94
CA TYR A 59 11.89 1.32 -10.94
C TYR A 59 10.80 2.10 -11.65
N ASN A 60 10.76 2.02 -12.95
CA ASN A 60 9.73 2.67 -13.73
C ASN A 60 8.91 1.63 -14.51
N ILE A 61 7.87 2.04 -15.22
CA ILE A 61 7.03 1.05 -15.89
C ILE A 61 7.63 0.54 -17.19
N SER A 62 8.65 1.22 -17.69
CA SER A 62 9.43 0.70 -18.79
C SER A 62 10.09 -0.64 -18.37
N ASP A 63 10.49 -0.73 -17.09
CA ASP A 63 11.06 -1.97 -16.53
C ASP A 63 9.98 -3.04 -16.51
N ALA A 64 8.81 -2.59 -16.10
CA ALA A 64 7.62 -3.40 -16.00
C ALA A 64 7.29 -4.05 -17.33
N VAL A 65 7.20 -3.28 -18.39
CA VAL A 65 6.87 -3.78 -19.70
C VAL A 65 7.96 -4.73 -20.21
N GLN A 66 9.21 -4.50 -19.80
CA GLN A 66 10.27 -5.42 -20.20
C GLN A 66 10.06 -6.76 -19.54
N TYR A 67 9.34 -6.76 -18.44
CA TYR A 67 8.97 -7.98 -17.77
C TYR A 67 7.82 -8.71 -18.44
N VAL A 68 7.23 -8.15 -19.50
CA VAL A 68 6.12 -8.87 -20.17
C VAL A 68 6.60 -10.08 -21.04
N ASN A 69 7.35 -10.96 -20.42
CA ASN A 69 7.82 -12.14 -21.09
C ASN A 69 7.06 -13.32 -20.56
N SER A 70 6.71 -13.27 -19.29
CA SER A 70 5.70 -14.14 -18.80
C SER A 70 4.44 -13.32 -18.97
N ASN A 71 3.61 -13.71 -19.92
CA ASN A 71 2.48 -12.89 -20.31
C ASN A 71 1.49 -12.66 -19.21
N GLU A 72 0.80 -13.70 -18.79
CA GLU A 72 -0.24 -13.62 -17.75
C GLU A 72 0.20 -12.88 -16.46
N LEU A 73 1.44 -13.09 -16.08
CA LEU A 73 2.05 -12.48 -14.92
C LEU A 73 2.07 -10.94 -15.07
N ARG A 74 2.86 -10.49 -16.01
CA ARG A 74 3.04 -9.11 -16.22
C ARG A 74 1.80 -8.45 -16.80
N GLU A 75 1.03 -9.19 -17.58
CA GLU A 75 -0.20 -8.68 -18.21
C GLU A 75 -1.14 -8.15 -17.16
N THR A 76 -1.53 -9.00 -16.20
CA THR A 76 -2.39 -8.59 -15.14
C THR A 76 -1.81 -7.40 -14.37
N LEU A 77 -0.55 -7.49 -13.98
CA LEU A 77 0.04 -6.37 -13.25
C LEU A 77 0.09 -5.06 -14.11
N ILE A 78 0.26 -5.21 -15.44
CA ILE A 78 0.20 -4.05 -16.36
C ILE A 78 -1.22 -3.52 -16.42
N SER A 79 -2.19 -4.42 -16.46
CA SER A 79 -3.61 -4.06 -16.44
C SER A 79 -3.90 -3.20 -15.20
N LEU A 80 -3.42 -3.69 -14.06
CA LEU A 80 -3.54 -3.02 -12.77
C LEU A 80 -2.74 -1.70 -12.72
N GLU A 81 -1.77 -1.55 -13.63
CA GLU A 81 -0.99 -0.31 -13.75
C GLU A 81 -1.65 0.67 -14.70
N GLN A 82 -2.29 0.16 -15.73
CA GLN A 82 -2.92 0.98 -16.73
C GLN A 82 -4.13 1.67 -16.15
N TYR A 83 -4.89 0.96 -15.34
CA TYR A 83 -5.97 1.57 -14.65
C TYR A 83 -5.50 2.46 -13.55
N ASN A 84 -5.79 3.72 -13.70
CA ASN A 84 -5.24 4.71 -12.81
C ASN A 84 -6.24 5.07 -11.74
N LEU A 85 -6.12 4.39 -10.63
CA LEU A 85 -6.98 4.67 -9.49
C LEU A 85 -6.44 5.84 -8.69
N ASN A 86 -5.17 6.16 -8.91
CA ASN A 86 -4.46 7.22 -8.18
C ASN A 86 -4.80 8.64 -8.60
N ASP A 87 -5.81 8.80 -9.46
CA ASP A 87 -6.37 10.16 -9.71
C ASP A 87 -7.08 10.63 -8.49
N GLU A 88 -7.47 9.67 -7.69
CA GLU A 88 -8.10 9.92 -6.46
C GLU A 88 -7.00 10.08 -5.42
N PRO A 89 -6.94 11.22 -4.73
CA PRO A 89 -6.01 11.42 -3.63
C PRO A 89 -6.23 10.32 -2.61
N TYR A 90 -5.34 9.36 -2.55
CA TYR A 90 -5.55 8.13 -1.80
C TYR A 90 -5.37 8.22 -0.30
N GLU A 91 -5.82 9.27 0.25
CA GLU A 91 -5.72 9.52 1.67
C GLU A 91 -6.61 8.54 2.44
N ASN A 92 -7.87 8.41 2.01
CA ASN A 92 -8.82 7.48 2.64
C ASN A 92 -8.39 6.07 2.34
N GLU A 93 -7.71 5.92 1.23
CA GLU A 93 -7.27 4.63 0.77
C GLU A 93 -6.21 4.11 1.69
N ILE A 94 -5.32 4.99 2.18
CA ILE A 94 -4.30 4.62 3.15
C ILE A 94 -4.97 4.21 4.44
N ASP A 95 -5.95 4.98 4.90
CA ASP A 95 -6.70 4.64 6.13
C ASP A 95 -7.38 3.27 5.99
N ASP A 96 -7.98 3.05 4.82
CA ASP A 96 -8.59 1.76 4.47
C ASP A 96 -7.53 0.68 4.43
N TYR A 97 -6.49 0.92 3.63
CA TYR A 97 -5.34 0.04 3.46
C TYR A 97 -4.79 -0.38 4.80
N VAL A 98 -4.51 0.61 5.64
CA VAL A 98 -4.02 0.38 6.96
C VAL A 98 -4.95 -0.53 7.70
N ASN A 99 -6.25 -0.21 7.71
CA ASN A 99 -7.23 -1.04 8.41
C ASN A 99 -7.21 -2.48 7.85
N VAL A 100 -7.13 -2.62 6.54
CA VAL A 100 -7.14 -3.93 5.84
C VAL A 100 -5.94 -4.80 6.23
N ILE A 101 -4.82 -4.18 6.43
CA ILE A 101 -3.61 -4.89 6.65
C ILE A 101 -3.53 -5.14 8.14
N ASN A 102 -3.89 -4.10 8.83
CA ASN A 102 -3.83 -4.04 10.26
C ASN A 102 -5.12 -4.63 10.87
N GLU A 103 -5.85 -5.42 10.04
CA GLU A 103 -6.91 -6.29 10.55
C GLU A 103 -6.19 -7.42 11.26
N LYS A 104 -4.90 -7.50 10.95
CA LYS A 104 -3.98 -8.41 11.60
C LYS A 104 -3.23 -7.70 12.74
N GLY A 105 -3.87 -6.67 13.27
CA GLY A 105 -3.32 -5.92 14.38
C GLY A 105 -4.40 -5.61 15.40
N GLN A 106 -5.35 -4.77 14.97
CA GLN A 106 -6.54 -4.38 15.76
C GLN A 106 -6.22 -3.46 16.96
N GLU A 107 -7.23 -2.73 17.40
CA GLU A 107 -7.07 -1.72 18.44
C GLU A 107 -6.75 -2.28 19.82
N THR A 108 -5.51 -2.11 20.15
CA THR A 108 -4.92 -2.44 21.42
C THR A 108 -3.55 -1.74 21.43
N ILE A 109 -2.77 -2.03 20.42
CA ILE A 109 -1.57 -1.32 20.10
C ILE A 109 -1.94 -0.22 19.10
N GLU A 110 -2.84 -0.58 18.20
CA GLU A 110 -3.34 0.28 17.13
C GLU A 110 -4.18 1.43 17.64
N SER A 111 -4.57 1.34 18.88
CA SER A 111 -5.28 2.37 19.52
C SER A 111 -4.37 3.60 19.61
N LEU A 112 -3.08 3.33 19.86
CA LEU A 112 -2.01 4.34 19.91
C LEU A 112 -1.87 5.02 18.58
N ASN A 113 -1.77 4.21 17.64
CA ASN A 113 -1.64 4.56 16.25
C ASN A 113 -2.92 5.32 15.75
N HIS A 114 -4.03 5.02 16.31
CA HIS A 114 -5.18 5.83 16.09
C HIS A 114 -5.01 7.26 16.63
N LYS A 115 -4.26 7.40 17.73
CA LYS A 115 -3.87 8.75 18.23
C LYS A 115 -2.92 9.45 17.25
N LEU A 116 -2.23 8.68 16.46
CA LEU A 116 -1.50 9.23 15.32
C LEU A 116 -2.52 9.98 14.43
N ARG A 117 -3.66 9.32 14.18
CA ARG A 117 -4.78 9.96 13.43
C ARG A 117 -5.32 11.22 14.12
N GLU A 118 -5.21 11.24 15.41
CA GLU A 118 -5.56 12.42 16.22
C GLU A 118 -4.72 13.60 15.74
N ALA A 119 -3.44 13.37 15.49
CA ALA A 119 -2.56 14.37 14.85
C ALA A 119 -3.00 14.68 13.39
N THR A 120 -3.55 13.67 12.73
CA THR A 120 -4.09 13.69 11.35
C THR A 120 -5.25 14.67 11.18
N ARG A 121 -5.93 15.01 12.29
CA ARG A 121 -7.00 16.09 12.36
C ARG A 121 -6.70 17.43 11.53
N ILE A 122 -5.64 17.47 10.74
CA ILE A 122 -5.23 18.64 9.97
C ILE A 122 -6.07 18.83 8.71
N GLY A 123 -7.18 18.14 8.63
CA GLY A 123 -8.14 18.42 7.54
C GLY A 123 -8.60 17.22 6.77
N ASP A 124 -8.21 16.08 7.22
CA ASP A 124 -8.71 14.80 6.74
C ASP A 124 -10.00 14.51 7.53
N VAL A 125 -10.83 13.51 7.13
CA VAL A 125 -12.16 13.09 7.70
C VAL A 125 -12.09 12.80 9.25
N GLU A 126 -11.06 13.25 9.84
CA GLU A 126 -10.72 13.04 11.20
C GLU A 126 -11.70 13.68 12.19
N LEU A 127 -12.82 14.23 11.73
CA LEU A 127 -13.91 14.58 12.62
C LEU A 127 -14.62 13.26 12.94
N GLN A 128 -14.78 12.48 11.88
CA GLN A 128 -15.29 11.13 11.91
C GLN A 128 -14.42 10.33 12.87
N LYS A 129 -13.12 10.44 12.65
CA LYS A 129 -12.15 9.77 13.49
C LYS A 129 -11.95 10.51 14.82
N TYR A 130 -12.37 11.78 14.88
CA TYR A 130 -12.24 12.62 16.10
C TYR A 130 -12.93 11.95 17.23
N TYR A 131 -14.11 11.44 16.95
CA TYR A 131 -14.83 10.66 17.94
C TYR A 131 -13.95 9.46 18.40
N LEU A 132 -13.46 8.72 17.45
CA LEU A 132 -12.64 7.52 17.65
C LEU A 132 -11.38 7.85 18.45
N GLN A 133 -10.79 8.93 18.09
CA GLN A 133 -9.58 9.33 18.69
C GLN A 133 -9.76 9.89 20.05
N GLN A 134 -10.78 10.70 20.30
CA GLN A 134 -10.95 11.33 21.62
C GLN A 134 -11.21 10.30 22.67
N ILE A 135 -12.12 9.39 22.37
CA ILE A 135 -12.45 8.31 23.28
C ILE A 135 -11.19 7.48 23.61
N VAL A 136 -10.62 6.91 22.58
CA VAL A 136 -9.51 6.05 22.77
C VAL A 136 -8.24 6.84 23.17
N ALA A 137 -8.22 8.16 22.94
CA ALA A 137 -7.08 9.01 23.37
C ALA A 137 -6.99 8.97 24.84
N LYS A 138 -8.14 9.04 25.47
CA LYS A 138 -8.20 8.98 26.90
C LYS A 138 -7.65 7.66 27.34
N ASN A 139 -8.13 6.58 26.75
CA ASN A 139 -7.64 5.22 27.12
C ASN A 139 -6.15 4.97 26.78
N LYS A 140 -5.73 5.44 25.63
CA LYS A 140 -4.37 5.25 25.11
C LYS A 140 -3.40 6.05 25.99
N GLU A 141 -3.65 7.32 26.12
CA GLU A 141 -2.78 8.22 26.85
C GLU A 141 -2.99 8.12 28.38
N ARG A 142 -3.97 7.28 28.81
CA ARG A 142 -4.28 7.05 30.25
C ARG A 142 -3.14 6.27 30.91
N MET A 143 -2.25 5.75 30.10
CA MET A 143 -1.13 5.01 30.59
C MET A 143 0.02 5.99 30.82
N PHE A 1 -10.95 -22.80 -0.44
CA PHE A 1 -11.01 -21.46 0.00
C PHE A 1 -10.16 -20.58 -0.90
N ASP A 2 -10.77 -19.56 -1.40
CA ASP A 2 -10.09 -18.57 -2.17
C ASP A 2 -10.56 -17.26 -1.71
N ASN A 3 -10.02 -16.83 -0.62
CA ASN A 3 -10.42 -15.60 -0.01
C ASN A 3 -9.24 -14.74 0.24
N LEU A 4 -8.51 -14.47 -0.80
CA LEU A 4 -7.47 -13.51 -0.74
C LEU A 4 -8.13 -12.16 -0.67
N SER A 5 -8.36 -11.74 0.53
CA SER A 5 -9.15 -10.59 0.86
C SER A 5 -8.64 -9.26 0.29
N ARG A 6 -9.43 -8.23 0.56
CA ARG A 6 -9.26 -6.85 0.08
C ARG A 6 -7.88 -6.26 0.42
N GLN A 7 -7.17 -6.88 1.37
CA GLN A 7 -5.81 -6.45 1.74
C GLN A 7 -4.91 -6.36 0.51
N GLU A 8 -4.96 -7.38 -0.37
CA GLU A 8 -4.09 -7.36 -1.54
C GLU A 8 -4.46 -6.23 -2.48
N LYS A 9 -5.75 -5.85 -2.52
CA LYS A 9 -6.15 -4.75 -3.37
C LYS A 9 -5.50 -3.46 -2.88
N ALA A 10 -5.32 -3.37 -1.57
CA ALA A 10 -4.65 -2.23 -0.99
C ALA A 10 -3.18 -2.25 -1.41
N GLU A 11 -2.53 -3.43 -1.33
CA GLU A 11 -1.16 -3.58 -1.85
C GLU A 11 -1.11 -3.19 -3.33
N ARG A 12 -2.06 -3.69 -4.11
CA ARG A 12 -2.13 -3.42 -5.55
C ARG A 12 -2.32 -1.92 -5.83
N ALA A 13 -3.10 -1.28 -5.00
CA ALA A 13 -3.32 0.15 -5.12
C ALA A 13 -2.08 0.92 -4.67
N PHE A 14 -1.44 0.45 -3.63
CA PHE A 14 -0.25 1.08 -3.07
C PHE A 14 0.90 1.07 -4.08
N LEU A 15 1.00 -0.04 -4.79
CA LEU A 15 2.10 -0.32 -5.71
C LEU A 15 2.05 0.52 -7.01
N LYS A 16 0.90 1.13 -7.34
CA LYS A 16 0.78 1.90 -8.61
C LYS A 16 1.59 3.21 -8.58
N HIS A 17 2.06 3.59 -7.42
CA HIS A 17 2.85 4.79 -7.32
C HIS A 17 4.19 4.46 -6.72
N LEU A 18 5.14 4.16 -7.57
CA LEU A 18 6.46 3.88 -7.10
C LEU A 18 7.49 4.44 -8.10
N MET A 19 7.58 5.75 -8.11
CA MET A 19 8.54 6.44 -8.96
C MET A 19 9.78 6.78 -8.14
N ARG A 20 9.74 7.95 -7.52
CA ARG A 20 10.77 8.45 -6.58
C ARG A 20 10.68 7.67 -5.25
N ASP A 21 9.63 6.89 -5.18
CA ASP A 21 9.09 6.23 -4.00
C ASP A 21 9.93 5.09 -3.42
N LYS A 22 11.25 5.23 -3.43
CA LYS A 22 12.14 4.26 -2.72
C LYS A 22 11.70 4.10 -1.25
N ASP A 23 11.32 5.24 -0.65
CA ASP A 23 10.83 5.30 0.72
C ASP A 23 9.57 4.47 0.84
N THR A 24 8.64 4.68 -0.08
CA THR A 24 7.37 4.00 -0.12
C THR A 24 7.56 2.48 -0.27
N PHE A 25 8.51 2.07 -1.13
CA PHE A 25 8.87 0.66 -1.29
C PHE A 25 9.24 0.06 0.06
N LEU A 26 10.13 0.72 0.76
CA LEU A 26 10.57 0.25 2.08
C LEU A 26 9.45 0.36 3.11
N ASN A 27 8.56 1.32 2.95
CA ASN A 27 7.45 1.52 3.89
C ASN A 27 6.46 0.39 3.78
N TYR A 28 6.29 -0.13 2.61
CA TYR A 28 5.37 -1.20 2.37
C TYR A 28 6.07 -2.54 2.66
N TYR A 29 7.33 -2.65 2.27
CA TYR A 29 8.13 -3.84 2.46
C TYR A 29 8.44 -4.13 3.94
N GLU A 30 8.64 -3.08 4.71
CA GLU A 30 8.99 -3.22 6.12
C GLU A 30 7.74 -3.58 6.94
N SER A 31 6.58 -3.26 6.41
CA SER A 31 5.32 -3.46 7.12
C SER A 31 4.81 -4.89 6.98
N VAL A 32 5.45 -5.64 6.12
CA VAL A 32 5.01 -6.96 5.85
C VAL A 32 5.78 -7.91 6.79
N ASP A 33 5.22 -9.07 7.12
CA ASP A 33 5.84 -9.93 8.14
C ASP A 33 5.46 -11.41 7.98
N LYS A 34 4.60 -11.93 8.85
CA LYS A 34 4.18 -13.32 8.75
C LYS A 34 2.94 -13.44 7.89
N ASP A 35 2.06 -12.46 8.00
CA ASP A 35 0.74 -12.40 7.38
C ASP A 35 0.82 -12.07 5.89
N ASN A 36 1.90 -12.49 5.29
CA ASN A 36 2.24 -12.31 3.86
C ASN A 36 1.40 -13.20 2.98
N PHE A 37 0.14 -13.39 3.36
CA PHE A 37 -0.80 -14.24 2.62
C PHE A 37 -1.11 -13.66 1.21
N THR A 38 -0.72 -12.40 1.00
CA THR A 38 -0.80 -11.73 -0.28
C THR A 38 -0.03 -12.58 -1.35
N ASN A 39 -0.44 -12.53 -2.62
CA ASN A 39 0.16 -13.41 -3.63
C ASN A 39 1.62 -13.08 -3.86
N GLN A 40 2.39 -14.08 -4.35
CA GLN A 40 3.83 -13.92 -4.65
C GLN A 40 4.06 -12.96 -5.83
N HIS A 41 2.98 -12.34 -6.29
CA HIS A 41 3.02 -11.29 -7.29
C HIS A 41 3.96 -10.22 -6.78
N PHE A 42 3.70 -9.80 -5.56
CA PHE A 42 4.50 -8.78 -4.90
C PHE A 42 5.92 -9.21 -4.64
N LYS A 43 6.13 -10.51 -4.49
CA LYS A 43 7.44 -11.05 -4.23
C LYS A 43 8.30 -10.86 -5.46
N TYR A 44 7.72 -11.15 -6.64
CA TYR A 44 8.45 -10.95 -7.86
C TYR A 44 8.73 -9.44 -8.07
N VAL A 45 7.74 -8.59 -7.72
CA VAL A 45 7.91 -7.14 -7.88
C VAL A 45 9.06 -6.67 -7.01
N PHE A 46 9.05 -7.12 -5.74
CA PHE A 46 10.15 -6.88 -4.79
C PHE A 46 11.51 -7.20 -5.42
N GLU A 47 11.58 -8.34 -6.09
CA GLU A 47 12.78 -8.80 -6.73
C GLU A 47 13.25 -7.79 -7.79
N VAL A 48 12.34 -7.42 -8.71
CA VAL A 48 12.66 -6.42 -9.75
C VAL A 48 13.07 -5.11 -9.11
N LEU A 49 12.26 -4.66 -8.14
CA LEU A 49 12.48 -3.41 -7.44
C LEU A 49 13.86 -3.36 -6.85
N HIS A 50 14.17 -4.36 -6.04
CA HIS A 50 15.45 -4.47 -5.33
C HIS A 50 16.62 -4.54 -6.34
N ASP A 51 16.36 -5.11 -7.49
CA ASP A 51 17.37 -5.30 -8.52
C ASP A 51 17.78 -3.98 -9.15
N PHE A 52 16.82 -3.13 -9.50
CA PHE A 52 17.17 -1.86 -10.06
C PHE A 52 17.49 -0.85 -8.97
N TYR A 53 16.87 -1.05 -7.78
CA TYR A 53 17.12 -0.26 -6.55
C TYR A 53 18.61 -0.25 -6.29
N ALA A 54 19.25 -1.38 -6.59
CA ALA A 54 20.69 -1.53 -6.42
C ALA A 54 21.46 -0.51 -7.24
N GLU A 55 20.88 -0.07 -8.35
CA GLU A 55 21.55 0.92 -9.15
C GLU A 55 20.91 2.30 -8.95
N ASN A 56 19.63 2.42 -9.24
CA ASN A 56 18.84 3.65 -9.07
C ASN A 56 17.39 3.26 -8.95
N ASP A 57 16.73 3.62 -7.87
CA ASP A 57 15.34 3.18 -7.67
C ASP A 57 14.30 4.12 -8.22
N GLN A 58 13.85 3.81 -9.40
CA GLN A 58 12.62 4.32 -9.98
C GLN A 58 12.00 3.19 -10.76
N TYR A 59 10.76 2.81 -10.48
CA TYR A 59 10.17 1.74 -11.23
C TYR A 59 9.94 2.17 -12.67
N ASN A 60 10.39 1.35 -13.55
CA ASN A 60 10.27 1.58 -14.96
C ASN A 60 9.35 0.53 -15.57
N ILE A 61 8.42 0.98 -16.37
CA ILE A 61 7.44 0.09 -16.97
C ILE A 61 8.05 -0.64 -18.15
N SER A 62 9.21 -0.17 -18.58
CA SER A 62 9.99 -0.80 -19.60
C SER A 62 10.32 -2.24 -19.19
N ASP A 63 10.66 -2.42 -17.89
CA ASP A 63 11.03 -3.76 -17.39
C ASP A 63 9.81 -4.66 -17.47
N ALA A 64 8.65 -4.06 -17.21
CA ALA A 64 7.39 -4.78 -17.27
C ALA A 64 7.13 -5.34 -18.68
N VAL A 65 7.26 -4.52 -19.68
CA VAL A 65 7.04 -4.91 -21.05
C VAL A 65 8.18 -5.84 -21.54
N GLN A 66 9.31 -5.83 -20.84
CA GLN A 66 10.36 -6.81 -21.13
C GLN A 66 9.86 -8.18 -20.71
N TYR A 67 9.15 -8.19 -19.57
CA TYR A 67 8.50 -9.36 -18.99
C TYR A 67 7.26 -9.79 -19.79
N VAL A 68 7.08 -9.27 -20.99
CA VAL A 68 5.88 -9.62 -21.80
C VAL A 68 5.89 -11.08 -22.40
N ASN A 69 6.71 -11.97 -21.86
CA ASN A 69 6.73 -13.38 -22.30
C ASN A 69 6.61 -14.31 -21.08
N SER A 70 7.43 -14.02 -20.12
CA SER A 70 7.62 -14.75 -18.89
C SER A 70 6.45 -14.49 -17.86
N ASN A 71 6.88 -14.46 -16.59
CA ASN A 71 6.33 -14.26 -15.23
C ASN A 71 5.10 -13.39 -15.09
N GLU A 72 4.29 -13.40 -16.13
CA GLU A 72 2.98 -12.68 -16.39
C GLU A 72 2.05 -12.41 -15.15
N LEU A 73 2.57 -12.65 -13.99
CA LEU A 73 2.00 -12.09 -12.76
C LEU A 73 2.16 -10.58 -12.96
N ARG A 74 3.23 -10.29 -13.73
CA ARG A 74 3.56 -9.02 -14.28
C ARG A 74 2.38 -8.45 -15.08
N GLU A 75 1.65 -9.30 -15.78
CA GLU A 75 0.58 -8.83 -16.64
C GLU A 75 -0.53 -8.37 -15.78
N THR A 76 -0.75 -9.08 -14.69
CA THR A 76 -1.68 -8.58 -13.70
C THR A 76 -1.18 -7.18 -13.20
N LEU A 77 0.12 -7.05 -12.97
CA LEU A 77 0.72 -5.76 -12.61
C LEU A 77 0.47 -4.68 -13.69
N ILE A 78 0.45 -5.08 -14.95
CA ILE A 78 0.15 -4.17 -16.05
C ILE A 78 -1.28 -3.61 -15.88
N SER A 79 -2.19 -4.45 -15.38
CA SER A 79 -3.57 -4.02 -15.08
C SER A 79 -3.50 -2.85 -14.07
N LEU A 80 -2.64 -3.02 -13.04
CA LEU A 80 -2.37 -1.98 -12.01
C LEU A 80 -1.72 -0.74 -12.63
N GLU A 81 -0.79 -0.98 -13.55
CA GLU A 81 -0.05 0.07 -14.26
C GLU A 81 -1.04 0.91 -15.08
N GLN A 82 -2.06 0.24 -15.59
CA GLN A 82 -3.15 0.86 -16.35
C GLN A 82 -4.12 1.64 -15.41
N TYR A 83 -3.59 2.30 -14.46
CA TYR A 83 -4.37 3.09 -13.58
C TYR A 83 -4.83 4.37 -14.26
N ASN A 84 -5.88 4.94 -13.78
CA ASN A 84 -6.43 6.15 -14.37
C ASN A 84 -6.06 7.37 -13.53
N LEU A 85 -6.53 8.53 -13.94
CA LEU A 85 -6.14 9.80 -13.32
C LEU A 85 -6.85 10.04 -11.97
N ASN A 86 -7.37 9.01 -11.34
CA ASN A 86 -8.05 9.16 -10.05
C ASN A 86 -7.03 9.36 -8.93
N ASP A 87 -5.75 9.20 -9.25
CA ASP A 87 -4.63 9.32 -8.30
C ASP A 87 -4.40 10.78 -7.83
N GLU A 88 -5.24 11.70 -8.33
CA GLU A 88 -5.21 13.11 -7.94
C GLU A 88 -5.33 13.19 -6.43
N PRO A 89 -4.45 14.01 -5.76
CA PRO A 89 -4.21 14.03 -4.32
C PRO A 89 -4.92 12.94 -3.51
N TYR A 90 -4.58 11.70 -3.83
CA TYR A 90 -5.19 10.51 -3.26
C TYR A 90 -4.25 9.99 -2.19
N GLU A 91 -3.41 10.86 -1.71
CA GLU A 91 -2.36 10.53 -0.77
C GLU A 91 -2.86 10.13 0.65
N ASN A 92 -4.15 9.92 0.75
CA ASN A 92 -4.79 9.38 1.89
C ASN A 92 -4.49 7.88 1.92
N GLU A 93 -4.13 7.31 0.73
CA GLU A 93 -3.88 5.85 0.55
C GLU A 93 -3.24 5.16 1.75
N ILE A 94 -2.20 5.76 2.33
CA ILE A 94 -1.51 5.19 3.52
C ILE A 94 -2.50 5.03 4.70
N ASP A 95 -3.40 5.98 4.85
CA ASP A 95 -4.47 5.96 5.86
C ASP A 95 -5.33 4.74 5.64
N ASP A 96 -5.83 4.61 4.40
CA ASP A 96 -6.65 3.48 3.98
C ASP A 96 -5.87 2.18 4.15
N TYR A 97 -4.70 2.16 3.57
CA TYR A 97 -3.75 1.05 3.56
C TYR A 97 -3.48 0.52 4.97
N VAL A 98 -3.09 1.39 5.87
CA VAL A 98 -2.80 0.99 7.26
C VAL A 98 -4.04 0.37 7.88
N ASN A 99 -5.17 0.98 7.61
CA ASN A 99 -6.46 0.46 8.04
C ASN A 99 -6.72 -0.93 7.44
N VAL A 100 -6.73 -1.03 6.11
CA VAL A 100 -7.12 -2.28 5.37
C VAL A 100 -6.30 -3.49 5.79
N ILE A 101 -5.07 -3.25 6.04
CA ILE A 101 -4.13 -4.27 6.30
C ILE A 101 -4.25 -4.75 7.71
N ASN A 102 -4.44 -3.82 8.59
CA ASN A 102 -4.49 -4.12 9.97
C ASN A 102 -5.96 -4.31 10.42
N GLU A 103 -6.90 -4.30 9.41
CA GLU A 103 -8.30 -4.66 9.67
C GLU A 103 -8.35 -6.14 9.89
N LYS A 104 -7.33 -6.81 9.36
CA LYS A 104 -7.18 -8.26 9.38
C LYS A 104 -6.86 -8.84 10.78
N GLY A 105 -7.72 -8.55 11.72
CA GLY A 105 -7.67 -9.11 13.03
C GLY A 105 -9.04 -9.61 13.39
N GLN A 106 -9.65 -9.01 14.37
CA GLN A 106 -11.04 -9.28 14.73
C GLN A 106 -11.61 -8.04 15.40
N GLU A 107 -11.28 -7.85 16.67
CA GLU A 107 -11.70 -6.66 17.45
C GLU A 107 -10.67 -5.57 17.21
N THR A 108 -10.13 -5.58 16.05
CA THR A 108 -8.98 -4.85 15.67
C THR A 108 -9.35 -3.68 14.75
N ILE A 109 -10.54 -3.70 14.23
CA ILE A 109 -10.92 -2.78 13.17
C ILE A 109 -11.26 -1.45 13.72
N GLU A 110 -11.87 -1.48 14.85
CA GLU A 110 -12.24 -0.28 15.47
C GLU A 110 -11.09 0.33 16.27
N SER A 111 -10.17 -0.52 16.69
CA SER A 111 -8.96 -0.11 17.36
C SER A 111 -8.10 0.70 16.37
N LEU A 112 -8.28 0.37 15.08
CA LEU A 112 -7.65 1.09 13.99
C LEU A 112 -8.04 2.52 14.03
N ASN A 113 -9.28 2.79 14.39
CA ASN A 113 -9.79 4.14 14.44
C ASN A 113 -8.94 4.99 15.36
N HIS A 114 -8.69 4.45 16.55
CA HIS A 114 -7.89 5.15 17.55
C HIS A 114 -6.46 5.31 17.03
N LYS A 115 -5.90 4.23 16.52
CA LYS A 115 -4.53 4.23 16.04
C LYS A 115 -4.31 5.12 14.82
N LEU A 116 -5.26 5.12 13.86
CA LEU A 116 -5.11 5.95 12.67
C LEU A 116 -4.99 7.40 13.05
N ARG A 117 -5.90 7.85 13.91
CA ARG A 117 -5.93 9.23 14.39
C ARG A 117 -4.59 9.57 15.09
N GLU A 118 -4.12 8.65 15.89
CA GLU A 118 -2.92 8.87 16.68
C GLU A 118 -1.66 8.92 15.81
N ALA A 119 -1.57 8.03 14.84
CA ALA A 119 -0.41 7.98 13.94
C ALA A 119 -0.24 9.27 13.16
N THR A 120 -1.31 9.70 12.57
CA THR A 120 -1.33 10.89 11.73
C THR A 120 -1.24 12.20 12.52
N ARG A 121 -1.64 12.14 13.79
CA ARG A 121 -1.67 13.27 14.75
C ARG A 121 -0.39 14.18 14.76
N ILE A 122 0.65 13.77 14.07
CA ILE A 122 1.91 14.51 13.98
C ILE A 122 1.83 15.73 13.02
N GLY A 123 0.63 16.08 12.57
CA GLY A 123 0.47 17.25 11.70
C GLY A 123 -0.26 16.97 10.40
N ASP A 124 -0.89 15.83 10.34
CA ASP A 124 -1.65 15.37 9.18
C ASP A 124 -3.08 15.97 9.14
N VAL A 125 -3.75 15.81 7.99
CA VAL A 125 -5.14 16.18 7.57
C VAL A 125 -6.28 15.92 8.66
N GLU A 126 -5.91 15.83 9.93
CA GLU A 126 -6.72 15.50 11.12
C GLU A 126 -8.11 16.17 11.21
N LEU A 127 -8.38 17.08 10.35
CA LEU A 127 -9.73 17.61 10.14
C LEU A 127 -10.57 16.48 9.47
N GLN A 128 -10.06 16.01 8.34
CA GLN A 128 -10.57 14.86 7.62
C GLN A 128 -10.63 13.68 8.58
N LYS A 129 -9.60 13.55 9.37
CA LYS A 129 -9.55 12.46 10.29
C LYS A 129 -10.36 12.72 11.56
N TYR A 130 -10.72 13.97 11.81
CA TYR A 130 -11.63 14.32 12.90
C TYR A 130 -12.93 13.60 12.68
N TYR A 131 -13.34 13.56 11.43
CA TYR A 131 -14.53 12.77 11.06
C TYR A 131 -14.35 11.29 11.51
N LEU A 132 -13.18 10.72 11.22
CA LEU A 132 -12.82 9.37 11.70
C LEU A 132 -12.73 9.33 13.21
N GLN A 133 -12.32 10.41 13.80
CA GLN A 133 -12.18 10.55 15.22
C GLN A 133 -13.57 10.49 15.90
N GLN A 134 -14.60 10.88 15.17
CA GLN A 134 -15.96 10.71 15.63
C GLN A 134 -16.26 9.21 15.63
N ILE A 135 -15.81 8.53 14.58
CA ILE A 135 -15.90 7.06 14.52
C ILE A 135 -15.12 6.43 15.73
N VAL A 136 -14.02 7.08 16.14
CA VAL A 136 -13.25 6.67 17.33
C VAL A 136 -14.13 6.80 18.57
N ALA A 137 -14.98 7.81 18.59
CA ALA A 137 -15.92 8.00 19.68
C ALA A 137 -16.90 6.84 19.75
N LYS A 138 -17.25 6.30 18.60
CA LYS A 138 -18.09 5.11 18.54
C LYS A 138 -17.31 3.90 19.12
N ASN A 139 -16.01 3.85 18.83
CA ASN A 139 -15.11 2.83 19.40
C ASN A 139 -15.06 2.96 20.93
N LYS A 140 -15.15 4.18 21.40
CA LYS A 140 -15.24 4.47 22.82
C LYS A 140 -16.56 3.90 23.37
N GLU A 141 -17.64 4.15 22.65
CA GLU A 141 -18.97 3.76 23.06
C GLU A 141 -19.23 2.25 22.92
N ARG A 142 -18.24 1.52 22.41
CA ARG A 142 -18.25 0.01 22.39
C ARG A 142 -18.14 -0.60 23.81
N MET A 143 -18.45 0.17 24.80
CA MET A 143 -18.40 -0.26 26.16
C MET A 143 -19.72 -0.89 26.53
N PHE A 1 -9.41 -23.24 2.90
CA PHE A 1 -8.66 -22.13 3.41
C PHE A 1 -9.31 -20.84 3.00
N ASP A 2 -9.59 -20.01 3.96
CA ASP A 2 -10.17 -18.71 3.71
C ASP A 2 -9.36 -17.70 4.47
N ASN A 3 -8.24 -17.35 3.90
CA ASN A 3 -7.31 -16.43 4.52
C ASN A 3 -7.06 -15.28 3.57
N LEU A 4 -8.13 -14.78 2.99
CA LEU A 4 -8.03 -13.67 2.08
C LEU A 4 -7.73 -12.41 2.81
N SER A 5 -6.51 -12.00 2.72
CA SER A 5 -6.08 -10.80 3.34
C SER A 5 -5.98 -9.72 2.27
N ARG A 6 -6.63 -8.59 2.51
CA ARG A 6 -6.66 -7.46 1.55
C ARG A 6 -5.27 -6.88 1.26
N GLN A 7 -4.29 -7.26 2.08
CA GLN A 7 -2.90 -6.80 2.02
C GLN A 7 -2.33 -6.69 0.62
N GLU A 8 -2.49 -7.72 -0.19
CA GLU A 8 -1.88 -7.74 -1.53
C GLU A 8 -2.56 -6.70 -2.45
N LYS A 9 -3.84 -6.46 -2.24
CA LYS A 9 -4.55 -5.47 -3.03
C LYS A 9 -4.14 -4.06 -2.56
N ALA A 10 -3.80 -3.96 -1.28
CA ALA A 10 -3.27 -2.73 -0.71
C ALA A 10 -1.87 -2.49 -1.28
N GLU A 11 -1.03 -3.54 -1.26
CA GLU A 11 0.30 -3.54 -1.86
C GLU A 11 0.20 -3.03 -3.29
N ARG A 12 -0.75 -3.62 -4.02
CA ARG A 12 -1.02 -3.33 -5.43
C ARG A 12 -1.08 -1.83 -5.66
N ALA A 13 -2.01 -1.19 -4.96
CA ALA A 13 -2.25 0.25 -5.10
C ALA A 13 -1.10 1.07 -4.54
N PHE A 14 -0.49 0.62 -3.47
CA PHE A 14 0.57 1.35 -2.82
C PHE A 14 1.79 1.55 -3.74
N LEU A 15 2.02 0.56 -4.57
CA LEU A 15 3.17 0.54 -5.48
C LEU A 15 3.06 1.50 -6.68
N LYS A 16 1.89 2.13 -6.87
CA LYS A 16 1.68 3.05 -8.02
C LYS A 16 2.37 4.42 -7.77
N HIS A 17 3.12 4.52 -6.68
CA HIS A 17 3.71 5.78 -6.21
C HIS A 17 4.98 6.19 -7.02
N LEU A 18 5.07 5.69 -8.26
CA LEU A 18 6.14 5.99 -9.23
C LEU A 18 7.57 5.83 -8.69
N MET A 19 8.55 6.49 -9.35
CA MET A 19 10.01 6.35 -9.02
C MET A 19 10.39 6.94 -7.62
N ARG A 20 9.39 7.33 -6.85
CA ARG A 20 9.52 7.63 -5.43
C ARG A 20 9.65 6.33 -4.61
N ASP A 21 9.87 5.24 -5.32
CA ASP A 21 9.81 3.87 -4.83
C ASP A 21 10.95 3.54 -3.88
N LYS A 22 11.80 4.47 -3.59
CA LYS A 22 12.85 4.26 -2.60
C LYS A 22 12.20 4.26 -1.21
N ASP A 23 11.57 5.38 -0.87
CA ASP A 23 10.87 5.59 0.39
C ASP A 23 9.83 4.52 0.57
N THR A 24 9.00 4.40 -0.43
CA THR A 24 7.91 3.46 -0.44
C THR A 24 8.40 2.03 -0.30
N PHE A 25 9.53 1.70 -0.93
CA PHE A 25 10.07 0.37 -0.82
C PHE A 25 10.28 0.01 0.62
N LEU A 26 11.07 0.79 1.34
CA LEU A 26 11.36 0.43 2.73
C LEU A 26 10.15 0.67 3.63
N ASN A 27 9.35 1.66 3.30
CA ASN A 27 8.20 2.02 4.11
C ASN A 27 7.14 0.94 4.07
N TYR A 28 6.92 0.38 2.91
CA TYR A 28 5.93 -0.61 2.74
C TYR A 28 6.50 -2.00 3.08
N TYR A 29 7.78 -2.21 2.76
CA TYR A 29 8.46 -3.47 3.01
C TYR A 29 8.45 -3.86 4.48
N GLU A 30 8.76 -2.91 5.34
CA GLU A 30 8.83 -3.18 6.75
C GLU A 30 7.48 -3.17 7.47
N SER A 31 6.47 -2.63 6.82
CA SER A 31 5.16 -2.54 7.43
C SER A 31 4.38 -3.84 7.32
N VAL A 32 4.66 -4.61 6.29
CA VAL A 32 3.93 -5.84 6.05
C VAL A 32 4.75 -7.02 6.60
N ASP A 33 4.08 -8.08 6.98
CA ASP A 33 4.75 -9.27 7.56
C ASP A 33 3.93 -10.51 7.30
N LYS A 34 2.63 -10.38 7.39
CA LYS A 34 1.69 -11.47 7.15
C LYS A 34 1.38 -11.64 5.66
N ASP A 35 2.26 -11.10 4.83
CA ASP A 35 2.13 -11.15 3.36
C ASP A 35 2.25 -12.57 2.87
N ASN A 36 2.83 -13.42 3.69
CA ASN A 36 3.32 -14.74 3.32
C ASN A 36 2.20 -15.79 3.07
N PHE A 37 0.97 -15.34 2.91
CA PHE A 37 -0.09 -16.26 2.61
C PHE A 37 0.03 -16.68 1.13
N THR A 38 -0.29 -15.77 0.24
CA THR A 38 -0.05 -15.90 -1.15
C THR A 38 0.71 -14.64 -1.56
N ASN A 39 2.02 -14.71 -1.58
CA ASN A 39 2.82 -13.51 -1.72
C ASN A 39 3.84 -13.59 -2.83
N GLN A 40 3.44 -14.05 -3.97
CA GLN A 40 4.34 -14.02 -5.09
C GLN A 40 4.47 -12.60 -5.57
N HIS A 41 3.44 -11.81 -5.29
CA HIS A 41 3.43 -10.40 -5.59
C HIS A 41 4.53 -9.69 -4.82
N PHE A 42 4.40 -9.70 -3.50
CA PHE A 42 5.34 -9.05 -2.58
C PHE A 42 6.76 -9.56 -2.82
N LYS A 43 6.88 -10.87 -3.09
CA LYS A 43 8.16 -11.51 -3.32
C LYS A 43 8.78 -10.96 -4.57
N TYR A 44 8.02 -10.96 -5.64
CA TYR A 44 8.48 -10.45 -6.89
C TYR A 44 8.81 -8.99 -6.86
N VAL A 45 7.97 -8.21 -6.19
CA VAL A 45 8.23 -6.79 -6.09
C VAL A 45 9.53 -6.57 -5.34
N PHE A 46 9.62 -7.16 -4.16
CA PHE A 46 10.82 -7.14 -3.34
C PHE A 46 12.06 -7.50 -4.14
N GLU A 47 12.02 -8.65 -4.80
CA GLU A 47 13.14 -9.18 -5.57
C GLU A 47 13.63 -8.20 -6.62
N VAL A 48 12.76 -7.88 -7.57
CA VAL A 48 13.12 -7.01 -8.69
C VAL A 48 13.55 -5.65 -8.21
N LEU A 49 12.79 -5.10 -7.28
CA LEU A 49 13.03 -3.75 -6.88
C LEU A 49 14.34 -3.65 -6.10
N HIS A 50 14.52 -4.54 -5.13
CA HIS A 50 15.70 -4.50 -4.28
C HIS A 50 16.96 -4.83 -5.06
N ASP A 51 16.83 -5.65 -6.09
CA ASP A 51 17.98 -6.01 -6.92
C ASP A 51 18.52 -4.80 -7.64
N PHE A 52 17.62 -4.07 -8.27
CA PHE A 52 17.97 -2.87 -8.97
C PHE A 52 18.38 -1.79 -8.03
N TYR A 53 17.51 -1.47 -7.11
CA TYR A 53 17.75 -0.40 -6.12
C TYR A 53 19.10 -0.56 -5.37
N ALA A 54 19.48 -1.80 -5.08
CA ALA A 54 20.76 -2.02 -4.36
C ALA A 54 22.00 -1.89 -5.26
N GLU A 55 21.82 -1.99 -6.56
CA GLU A 55 22.97 -2.03 -7.47
C GLU A 55 22.98 -0.78 -8.37
N ASN A 56 21.83 -0.49 -8.87
CA ASN A 56 21.59 0.54 -9.86
C ASN A 56 20.75 1.63 -9.15
N ASP A 57 19.99 2.40 -9.89
CA ASP A 57 19.11 3.44 -9.35
C ASP A 57 17.79 2.82 -8.89
N GLN A 58 16.76 3.66 -8.76
CA GLN A 58 15.40 3.23 -8.36
C GLN A 58 14.82 2.26 -9.42
N TYR A 59 13.66 1.75 -9.18
CA TYR A 59 13.12 0.82 -10.03
C TYR A 59 12.33 1.52 -11.15
N ASN A 60 12.29 0.92 -12.32
CA ASN A 60 11.68 1.55 -13.47
C ASN A 60 10.45 0.76 -13.95
N ILE A 61 9.55 1.47 -14.60
CA ILE A 61 8.30 0.93 -15.11
C ILE A 61 8.56 -0.06 -16.24
N SER A 62 9.54 0.24 -17.04
CA SER A 62 9.94 -0.59 -18.15
C SER A 62 10.30 -2.01 -17.68
N ASP A 63 10.85 -2.11 -16.46
CA ASP A 63 11.19 -3.40 -15.86
C ASP A 63 9.95 -4.25 -15.71
N ALA A 64 8.87 -3.60 -15.30
CA ALA A 64 7.60 -4.28 -15.15
C ALA A 64 7.09 -4.81 -16.49
N VAL A 65 7.21 -3.99 -17.52
CA VAL A 65 6.78 -4.27 -18.89
C VAL A 65 7.58 -5.43 -19.47
N GLN A 66 8.83 -5.50 -19.12
CA GLN A 66 9.66 -6.62 -19.54
C GLN A 66 9.17 -7.90 -18.89
N TYR A 67 8.69 -7.77 -17.66
CA TYR A 67 8.21 -8.91 -16.91
C TYR A 67 6.83 -9.39 -17.36
N VAL A 68 6.24 -8.79 -18.37
CA VAL A 68 4.86 -9.19 -18.75
C VAL A 68 4.73 -10.54 -19.49
N ASN A 69 5.74 -11.33 -19.48
CA ASN A 69 5.64 -12.62 -20.15
C ASN A 69 5.57 -13.71 -19.12
N SER A 70 6.29 -13.51 -18.07
CA SER A 70 6.29 -14.32 -16.88
C SER A 70 5.06 -13.91 -16.01
N ASN A 71 5.25 -13.91 -14.67
CA ASN A 71 4.40 -13.43 -13.52
C ASN A 71 3.57 -12.20 -13.71
N GLU A 72 3.17 -11.98 -14.93
CA GLU A 72 2.29 -10.90 -15.49
C GLU A 72 1.16 -10.40 -14.57
N LEU A 73 1.13 -10.82 -13.35
CA LEU A 73 0.35 -10.12 -12.36
C LEU A 73 1.04 -8.75 -12.17
N ARG A 74 2.34 -8.75 -12.56
CA ARG A 74 3.16 -7.59 -12.66
C ARG A 74 2.65 -6.67 -13.78
N GLU A 75 1.96 -7.26 -14.75
CA GLU A 75 1.36 -6.52 -15.87
C GLU A 75 0.13 -5.82 -15.32
N THR A 76 -0.59 -6.51 -14.45
CA THR A 76 -1.71 -5.91 -13.73
C THR A 76 -1.21 -4.66 -12.94
N LEU A 77 -0.04 -4.78 -12.31
CA LEU A 77 0.59 -3.65 -11.61
C LEU A 77 0.85 -2.49 -12.60
N ILE A 78 1.35 -2.83 -13.81
CA ILE A 78 1.56 -1.84 -14.88
C ILE A 78 0.24 -1.13 -15.18
N SER A 79 -0.83 -1.89 -15.19
CA SER A 79 -2.16 -1.34 -15.43
C SER A 79 -2.50 -0.23 -14.40
N LEU A 80 -2.09 -0.42 -13.15
CA LEU A 80 -2.24 0.62 -12.11
C LEU A 80 -1.31 1.82 -12.34
N GLU A 81 -0.22 1.57 -13.06
CA GLU A 81 0.74 2.62 -13.43
C GLU A 81 0.10 3.46 -14.57
N GLN A 82 -0.60 2.77 -15.46
CA GLN A 82 -1.35 3.35 -16.63
C GLN A 82 -2.68 3.91 -16.19
N TYR A 83 -2.68 4.41 -15.02
CA TYR A 83 -3.85 4.78 -14.33
C TYR A 83 -4.62 5.94 -14.98
N ASN A 84 -5.91 5.95 -14.71
CA ASN A 84 -6.87 6.89 -15.30
C ASN A 84 -6.83 8.21 -14.51
N LEU A 85 -7.68 9.17 -14.85
CA LEU A 85 -7.67 10.53 -14.25
C LEU A 85 -8.11 10.56 -12.76
N ASN A 86 -8.10 9.42 -12.12
CA ASN A 86 -8.43 9.21 -10.69
C ASN A 86 -7.32 9.71 -9.76
N ASP A 87 -6.52 10.63 -10.27
CA ASP A 87 -5.38 11.19 -9.56
C ASP A 87 -5.80 12.14 -8.44
N GLU A 88 -7.11 12.43 -8.35
CA GLU A 88 -7.64 13.37 -7.35
C GLU A 88 -7.30 12.87 -5.93
N PRO A 89 -7.29 13.76 -4.89
CA PRO A 89 -6.96 13.38 -3.52
C PRO A 89 -7.89 12.30 -2.89
N TYR A 90 -7.70 11.09 -3.36
CA TYR A 90 -8.35 9.89 -2.84
C TYR A 90 -7.32 9.21 -1.95
N GLU A 91 -6.24 9.95 -1.73
CA GLU A 91 -5.06 9.52 -1.02
C GLU A 91 -5.29 9.30 0.50
N ASN A 92 -6.56 9.23 0.90
CA ASN A 92 -6.99 8.75 2.18
C ASN A 92 -6.69 7.24 2.14
N GLU A 93 -6.55 6.77 0.90
CA GLU A 93 -6.05 5.47 0.49
C GLU A 93 -4.94 4.97 1.45
N ILE A 94 -4.03 5.84 1.87
CA ILE A 94 -2.95 5.49 2.84
C ILE A 94 -3.57 5.07 4.18
N ASP A 95 -4.56 5.83 4.61
CA ASP A 95 -5.35 5.56 5.84
C ASP A 95 -6.03 4.18 5.75
N ASP A 96 -6.60 3.90 4.58
CA ASP A 96 -7.24 2.60 4.30
C ASP A 96 -6.18 1.50 4.22
N TYR A 97 -5.15 1.76 3.44
CA TYR A 97 -4.00 0.87 3.23
C TYR A 97 -3.42 0.40 4.54
N VAL A 98 -3.13 1.33 5.42
CA VAL A 98 -2.57 1.01 6.70
C VAL A 98 -3.52 0.16 7.53
N ASN A 99 -4.79 0.46 7.46
CA ASN A 99 -5.83 -0.35 8.13
C ASN A 99 -5.84 -1.77 7.57
N VAL A 100 -5.60 -1.89 6.29
CA VAL A 100 -5.52 -3.19 5.59
C VAL A 100 -4.27 -3.98 5.95
N ILE A 101 -3.22 -3.30 6.19
CA ILE A 101 -2.00 -3.99 6.47
C ILE A 101 -2.00 -4.34 7.95
N ASN A 102 -2.48 -3.41 8.74
CA ASN A 102 -2.58 -3.58 10.16
C ASN A 102 -3.81 -4.42 10.50
N GLU A 103 -4.57 -4.78 9.47
CA GLU A 103 -5.66 -5.75 9.53
C GLU A 103 -5.08 -7.03 10.06
N LYS A 104 -3.84 -7.27 9.69
CA LYS A 104 -3.10 -8.43 10.10
C LYS A 104 -1.87 -7.99 10.91
N GLY A 105 -1.92 -6.78 11.43
CA GLY A 105 -0.81 -6.22 12.14
C GLY A 105 -1.04 -6.26 13.63
N GLN A 106 -1.02 -5.10 14.27
CA GLN A 106 -1.17 -5.02 15.73
C GLN A 106 -1.92 -3.77 16.17
N GLU A 107 -1.17 -2.71 16.45
CA GLU A 107 -1.69 -1.47 17.02
C GLU A 107 -2.63 -0.80 16.05
N THR A 108 -3.86 -0.67 16.45
CA THR A 108 -4.86 -0.20 15.56
C THR A 108 -5.31 1.24 15.77
N ILE A 109 -6.14 1.45 16.78
CA ILE A 109 -6.92 2.68 16.90
C ILE A 109 -6.09 3.98 16.82
N GLU A 110 -5.05 4.10 17.60
CA GLU A 110 -4.30 5.35 17.63
C GLU A 110 -3.36 5.47 16.45
N SER A 111 -2.94 4.34 15.92
CA SER A 111 -2.09 4.32 14.76
C SER A 111 -2.88 4.86 13.56
N LEU A 112 -4.19 4.55 13.55
CA LEU A 112 -5.10 5.05 12.54
C LEU A 112 -5.15 6.57 12.63
N ASN A 113 -5.38 7.09 13.84
CA ASN A 113 -5.46 8.53 14.07
C ASN A 113 -4.18 9.25 13.64
N HIS A 114 -3.04 8.64 13.97
CA HIS A 114 -1.72 9.14 13.57
C HIS A 114 -1.62 9.17 12.03
N LYS A 115 -2.01 8.09 11.41
CA LYS A 115 -1.92 7.95 9.99
C LYS A 115 -2.89 8.90 9.29
N LEU A 116 -4.10 9.00 9.81
CA LEU A 116 -5.16 9.84 9.27
C LEU A 116 -4.71 11.30 9.15
N ARG A 117 -4.11 11.84 10.21
CA ARG A 117 -3.63 13.23 10.15
C ARG A 117 -2.53 13.38 9.08
N GLU A 118 -1.65 12.37 8.99
CA GLU A 118 -0.61 12.39 7.98
C GLU A 118 -1.22 12.22 6.58
N ALA A 119 -2.29 11.46 6.50
CA ALA A 119 -3.05 11.30 5.28
C ALA A 119 -3.62 12.65 4.83
N THR A 120 -4.25 13.38 5.72
CA THR A 120 -4.83 14.68 5.42
C THR A 120 -3.81 15.70 4.95
N ARG A 121 -2.59 15.49 5.35
CA ARG A 121 -1.43 16.22 4.83
C ARG A 121 -1.35 16.16 3.23
N ILE A 122 -2.23 15.36 2.56
CA ILE A 122 -2.31 15.24 1.06
C ILE A 122 -2.90 16.49 0.37
N GLY A 123 -2.50 17.61 0.84
CA GLY A 123 -2.80 18.86 0.15
C GLY A 123 -3.37 19.93 1.02
N ASP A 124 -4.45 19.69 1.72
CA ASP A 124 -4.94 20.73 2.61
C ASP A 124 -4.27 20.60 3.94
N VAL A 125 -3.03 20.99 3.98
CA VAL A 125 -2.22 20.88 5.17
C VAL A 125 -2.78 21.75 6.28
N GLU A 126 -2.73 23.05 6.09
CA GLU A 126 -3.18 23.99 7.10
C GLU A 126 -4.67 23.83 7.41
N LEU A 127 -5.48 23.75 6.36
CA LEU A 127 -6.92 23.71 6.50
C LEU A 127 -7.41 22.38 7.10
N GLN A 128 -7.25 21.29 6.36
CA GLN A 128 -7.77 19.99 6.78
C GLN A 128 -7.18 19.52 8.11
N LYS A 129 -5.86 19.71 8.29
CA LYS A 129 -5.19 19.29 9.52
C LYS A 129 -5.69 20.11 10.72
N TYR A 130 -5.95 21.40 10.50
CA TYR A 130 -6.47 22.28 11.56
C TYR A 130 -7.76 21.70 12.10
N TYR A 131 -8.68 21.40 11.19
CA TYR A 131 -9.95 20.81 11.56
C TYR A 131 -9.76 19.45 12.20
N LEU A 132 -9.16 18.53 11.44
CA LEU A 132 -9.05 17.13 11.84
C LEU A 132 -8.38 16.98 13.18
N GLN A 133 -7.23 17.57 13.30
CA GLN A 133 -6.45 17.43 14.49
C GLN A 133 -7.15 18.05 15.69
N GLN A 134 -7.84 19.16 15.48
CA GLN A 134 -8.61 19.79 16.53
C GLN A 134 -9.73 18.86 17.00
N ILE A 135 -10.43 18.29 16.02
CA ILE A 135 -11.46 17.30 16.27
C ILE A 135 -10.90 16.11 17.04
N VAL A 136 -9.89 15.48 16.45
CA VAL A 136 -9.28 14.26 17.00
C VAL A 136 -8.66 14.47 18.38
N ALA A 137 -7.97 15.59 18.58
CA ALA A 137 -7.36 15.88 19.87
C ALA A 137 -8.42 15.94 20.95
N LYS A 138 -9.50 16.64 20.64
CA LYS A 138 -10.63 16.79 21.52
C LYS A 138 -11.27 15.43 21.75
N ASN A 139 -11.47 14.70 20.67
CA ASN A 139 -12.11 13.38 20.69
C ASN A 139 -11.29 12.37 21.49
N LYS A 140 -9.98 12.51 21.43
CA LYS A 140 -9.05 11.63 22.12
C LYS A 140 -9.22 11.79 23.61
N GLU A 141 -9.10 13.03 24.06
CA GLU A 141 -9.18 13.33 25.48
C GLU A 141 -10.62 13.29 26.00
N ARG A 142 -11.57 13.32 25.07
CA ARG A 142 -12.98 13.23 25.40
C ARG A 142 -13.29 11.82 25.87
N MET A 143 -12.68 10.85 25.19
CA MET A 143 -12.87 9.42 25.42
C MET A 143 -14.29 9.02 25.04
#